data_8FAO
#
_entry.id   8FAO
#
_cell.length_a   103.332
_cell.length_b   145.744
_cell.length_c   103.791
_cell.angle_alpha   90.000
_cell.angle_beta   94.470
_cell.angle_gamma   90.000
#
_symmetry.space_group_name_H-M   'P 1 21 1'
#
loop_
_entity.id
_entity.type
_entity.pdbx_description
1 polymer 'Choloylglycine hydrolase'
2 non-polymer '(5R)-5-[(1R,3aS,3bR,5aR,7R,9aS,9bS,11S,11aR)-7,11-dihydroxy-9a,11a-dimethylhexadecahydro-1H-cyclopenta[a]phenanthren-1-yl]-1-fluorohexan-2-one (non-preferred name)'
3 non-polymer 'NICKEL (II) ION'
4 water water
#
_entity_poly.entity_id   1
_entity_poly.type   'polypeptide(L)'
_entity_poly.pdbx_seq_one_letter_code
;MCTSILYSPKDHYFGRNLDYEIAYGQKVVITPRNYEFKFANLPAEKSHYAMIGIAAVANNTPLYCDAINEKGLGVAGLSF
AGQGKYFPVVEDKKNIASFEFISYILATYETVDQVKENLTDVNISDVSFSKNTPASELHWLVGDKTGKSIVVESDEKGLH
VYDNPVNALTNAPLFPQQLTNLANYAAVVPGQPNNDFLPGVDLKMYSRSLGTHHLPGGMDSESRFVKVCFALNHAPKDSD
EVESVTNFFHILQSVEQVKGMDEVGPNIFEYTMYTSCMNLEKGILYFNCYDDSRISAVDMNKEDLSSSDLIVFDLFKKQD
ISFINHHHHHH
;
_entity_poly.pdbx_strand_id   H,A,B,C,D,E,F,G
#
# COMPACT_ATOMS: atom_id res chain seq x y z
N CYS A 2 9.63 18.85 -7.49
N CYS A 2 9.14 18.01 -9.20
CA CYS A 2 8.80 18.44 -8.62
CA CYS A 2 9.36 18.58 -7.87
C CYS A 2 8.04 17.15 -8.27
C CYS A 2 8.74 17.68 -6.82
N THR A 3 8.55 16.46 -7.26
CA THR A 3 7.89 15.34 -6.60
C THR A 3 7.92 15.49 -5.09
N SER A 4 6.75 15.46 -4.47
CA SER A 4 6.63 15.52 -3.02
C SER A 4 5.89 14.27 -2.55
N ILE A 5 6.26 13.77 -1.38
CA ILE A 5 5.61 12.59 -0.81
C ILE A 5 5.43 12.77 0.70
N LEU A 6 4.49 12.01 1.24
CA LEU A 6 4.35 11.78 2.67
C LEU A 6 4.51 10.29 2.92
N TYR A 7 5.53 9.93 3.68
CA TYR A 7 5.95 8.55 3.89
C TYR A 7 5.72 8.21 5.36
N SER A 8 4.99 7.11 5.62
CA SER A 8 4.50 6.82 6.97
C SER A 8 4.90 5.42 7.45
N PRO A 9 6.20 5.10 7.43
CA PRO A 9 6.59 3.76 7.91
C PRO A 9 6.41 3.57 9.39
N LYS A 10 6.56 4.62 10.20
CA LYS A 10 6.35 4.53 11.64
C LYS A 10 6.21 5.95 12.16
N ASP A 11 7.32 6.68 12.27
CA ASP A 11 7.25 8.12 12.22
C ASP A 11 6.76 8.54 10.83
N HIS A 12 6.63 9.85 10.63
CA HIS A 12 6.08 10.38 9.40
C HIS A 12 7.08 11.35 8.78
N TYR A 13 7.31 11.18 7.49
CA TYR A 13 8.35 11.91 6.75
C TYR A 13 7.71 12.62 5.56
N PHE A 14 8.02 13.90 5.44
CA PHE A 14 7.44 14.78 4.43
C PHE A 14 8.58 15.47 3.70
N GLY A 15 8.54 15.47 2.35
CA GLY A 15 9.69 15.95 1.62
C GLY A 15 9.48 15.95 0.12
N ARG A 16 10.55 16.29 -0.60
CA ARG A 16 10.38 16.51 -2.02
C ARG A 16 11.74 16.54 -2.72
N ASN A 17 11.73 16.15 -3.99
CA ASN A 17 12.78 16.52 -4.93
C ASN A 17 12.47 17.91 -5.41
N LEU A 18 13.50 18.71 -5.67
CA LEU A 18 13.28 19.98 -6.36
C LEU A 18 14.08 19.92 -7.65
N ASP A 19 13.36 19.86 -8.77
CA ASP A 19 13.94 19.73 -10.10
C ASP A 19 13.72 21.03 -10.85
N TYR A 20 14.79 21.63 -11.36
CA TYR A 20 14.64 22.86 -12.13
C TYR A 20 15.96 23.14 -12.83
N GLU A 21 15.97 24.17 -13.66
CA GLU A 21 17.19 24.46 -14.39
C GLU A 21 17.99 25.56 -13.73
N ILE A 22 17.46 26.22 -12.71
CA ILE A 22 18.21 27.26 -12.04
C ILE A 22 17.79 27.33 -10.58
N ALA A 23 18.74 27.67 -9.72
CA ALA A 23 18.49 27.73 -8.30
C ALA A 23 18.14 29.15 -7.86
N TYR A 24 17.39 29.24 -6.76
CA TYR A 24 16.94 30.50 -6.21
C TYR A 24 17.62 30.79 -4.88
N GLY A 25 18.90 30.45 -4.77
CA GLY A 25 19.62 30.65 -3.51
C GLY A 25 18.99 29.98 -2.31
N GLN A 26 18.45 28.78 -2.50
CA GLN A 26 17.76 28.11 -1.41
C GLN A 26 18.74 27.77 -0.27
N LYS A 27 18.24 27.82 0.96
CA LYS A 27 18.98 27.45 2.14
C LYS A 27 18.05 26.68 3.07
N VAL A 28 18.62 25.97 4.04
CA VAL A 28 17.82 25.51 5.18
C VAL A 28 17.54 26.69 6.09
N VAL A 29 16.28 26.92 6.40
CA VAL A 29 15.88 28.08 7.19
C VAL A 29 14.94 27.65 8.28
N ILE A 30 15.32 27.90 9.53
CA ILE A 30 14.39 27.79 10.65
C ILE A 30 13.80 29.17 10.91
N THR A 31 12.48 29.23 10.99
CA THR A 31 11.84 30.46 11.39
C THR A 31 11.34 30.28 12.82
N PRO A 32 11.88 31.02 13.78
CA PRO A 32 11.50 30.81 15.18
C PRO A 32 10.15 31.45 15.47
N ARG A 33 9.62 31.13 16.65
CA ARG A 33 8.23 31.45 16.98
C ARG A 33 7.95 32.94 16.98
N ASN A 34 8.95 33.76 17.26
CA ASN A 34 8.72 35.19 17.36
C ASN A 34 9.37 35.98 16.24
N TYR A 35 9.71 35.32 15.13
CA TYR A 35 9.89 36.06 13.89
C TYR A 35 8.52 36.56 13.44
N GLU A 36 8.44 37.83 13.06
CA GLU A 36 7.15 38.44 12.78
C GLU A 36 6.87 38.34 11.29
N PHE A 37 5.74 37.73 10.94
CA PHE A 37 5.31 37.66 9.56
C PHE A 37 4.46 38.87 9.23
N LYS A 38 4.84 39.56 8.19
CA LYS A 38 4.02 40.61 7.60
C LYS A 38 3.37 39.99 6.38
N PHE A 39 2.07 39.80 6.44
CA PHE A 39 1.32 39.20 5.35
C PHE A 39 0.68 40.30 4.52
N ALA A 40 0.44 40.00 3.24
CA ALA A 40 0.02 41.05 2.32
C ALA A 40 -1.38 41.56 2.63
N ASN A 41 -2.27 40.70 3.10
CA ASN A 41 -3.68 41.06 3.26
C ASN A 41 -4.29 40.38 4.48
N LEU A 42 -3.48 40.12 5.48
CA LEU A 42 -3.88 39.41 6.69
C LEU A 42 -3.10 40.01 7.83
N PRO A 43 -3.62 39.97 9.06
CA PRO A 43 -2.90 40.60 10.18
C PRO A 43 -1.53 39.96 10.37
N ALA A 44 -0.55 40.80 10.67
CA ALA A 44 0.76 40.32 11.07
C ALA A 44 0.64 39.34 12.22
N GLU A 45 1.52 38.34 12.23
CA GLU A 45 1.59 37.36 13.30
C GLU A 45 2.92 37.60 14.00
N LYS A 46 2.86 38.23 15.17
CA LYS A 46 4.09 38.53 15.89
C LYS A 46 4.64 37.29 16.58
N SER A 47 3.79 36.32 16.89
CA SER A 47 4.21 35.04 17.43
C SER A 47 3.32 33.94 16.87
N HIS A 48 3.90 32.75 16.67
CA HIS A 48 3.29 31.67 15.89
C HIS A 48 4.11 30.41 16.09
N TYR A 49 3.73 29.33 15.41
CA TYR A 49 4.53 28.11 15.40
C TYR A 49 5.88 28.33 14.71
N ALA A 50 6.91 27.66 15.22
CA ALA A 50 8.19 27.61 14.54
C ALA A 50 8.14 26.59 13.41
N MET A 51 8.94 26.83 12.36
CA MET A 51 8.98 25.91 11.23
C MET A 51 10.42 25.77 10.77
N ILE A 52 10.72 24.65 10.11
CA ILE A 52 12.00 24.42 9.45
C ILE A 52 11.74 23.94 8.02
N GLY A 53 12.51 24.44 7.08
CA GLY A 53 12.42 23.91 5.74
C GLY A 53 13.48 24.45 4.80
N ILE A 54 13.14 24.50 3.51
CA ILE A 54 14.02 25.00 2.46
C ILE A 54 13.40 26.26 1.90
N ALA A 55 14.18 27.34 1.87
CA ALA A 55 13.63 28.63 1.52
C ALA A 55 14.68 29.48 0.80
N ALA A 56 14.20 30.32 -0.10
CA ALA A 56 14.97 31.48 -0.51
C ALA A 56 14.73 32.57 0.52
N VAL A 57 15.80 33.28 0.90
CA VAL A 57 15.67 34.44 1.77
C VAL A 57 15.81 35.70 0.93
N ALA A 58 14.82 36.57 1.03
CA ALA A 58 14.82 37.86 0.34
C ALA A 58 14.30 38.89 1.32
N ASN A 59 15.01 40.01 1.44
CA ASN A 59 14.69 41.05 2.41
C ASN A 59 14.32 40.47 3.76
N ASN A 60 15.14 39.53 4.23
CA ASN A 60 14.94 38.94 5.57
C ASN A 60 13.57 38.28 5.70
N THR A 61 13.07 37.71 4.62
CA THR A 61 11.80 36.98 4.62
C THR A 61 12.06 35.59 4.08
N PRO A 62 11.58 34.54 4.75
CA PRO A 62 11.74 33.18 4.23
C PRO A 62 10.67 32.88 3.19
N LEU A 63 11.09 32.74 1.93
CA LEU A 63 10.18 32.36 0.85
C LEU A 63 10.33 30.85 0.70
N TYR A 64 9.50 30.10 1.44
CA TYR A 64 9.67 28.67 1.53
C TYR A 64 9.25 27.95 0.25
N CYS A 65 10.03 26.93 -0.12
CA CYS A 65 9.63 25.93 -1.12
C CYS A 65 9.00 24.69 -0.53
N ASP A 66 9.42 24.29 0.68
CA ASP A 66 8.83 23.19 1.43
C ASP A 66 9.33 23.29 2.87
N ALA A 67 8.47 22.95 3.81
CA ALA A 67 8.79 23.11 5.22
C ALA A 67 7.80 22.32 6.05
N ILE A 68 8.14 22.11 7.33
CA ILE A 68 7.26 21.54 8.35
C ILE A 68 7.32 22.44 9.58
N ASN A 69 6.25 22.44 10.39
CA ASN A 69 6.29 23.21 11.63
C ASN A 69 6.49 22.27 12.82
N GLU A 70 6.53 22.87 14.01
CA GLU A 70 6.83 22.16 15.25
C GLU A 70 5.68 21.29 15.74
N LYS A 71 4.50 21.35 15.12
CA LYS A 71 3.38 20.50 15.48
C LYS A 71 3.19 19.32 14.53
N GLY A 72 4.03 19.18 13.51
CA GLY A 72 3.97 18.01 12.65
C GLY A 72 3.14 18.19 11.40
N LEU A 73 2.93 19.41 10.96
CA LEU A 73 2.27 19.71 9.71
C LEU A 73 3.35 20.05 8.68
N GLY A 74 3.15 19.62 7.44
CA GLY A 74 4.07 19.95 6.36
C GLY A 74 3.34 20.50 5.16
N VAL A 75 4.00 21.43 4.45
CA VAL A 75 3.51 21.94 3.17
C VAL A 75 4.68 22.01 2.18
N ALA A 76 4.41 21.68 0.91
CA ALA A 76 5.40 21.72 -0.17
C ALA A 76 4.77 22.40 -1.38
N GLY A 77 5.47 23.37 -1.97
CA GLY A 77 4.98 24.08 -3.14
C GLY A 77 5.66 23.58 -4.40
N LEU A 78 4.84 23.20 -5.39
CA LEU A 78 5.36 22.65 -6.63
C LEU A 78 4.83 23.45 -7.80
N SER A 79 5.65 23.55 -8.83
CA SER A 79 5.28 24.31 -10.03
C SER A 79 3.96 23.79 -10.58
N PHE A 80 3.08 24.74 -10.98
CA PHE A 80 1.78 24.42 -11.55
C PHE A 80 1.56 25.16 -12.86
N ALA A 81 2.65 25.54 -13.51
CA ALA A 81 2.63 26.37 -14.71
C ALA A 81 1.64 25.85 -15.74
N GLY A 82 0.85 26.77 -16.30
CA GLY A 82 -0.12 26.41 -17.31
C GLY A 82 -1.41 25.81 -16.78
N GLN A 83 -1.51 25.56 -15.48
CA GLN A 83 -2.75 25.11 -14.86
C GLN A 83 -3.28 26.08 -13.82
N GLY A 84 -2.42 26.68 -13.04
CA GLY A 84 -2.87 27.46 -11.93
C GLY A 84 -3.38 28.81 -12.34
N LYS A 85 -4.19 29.39 -11.46
CA LYS A 85 -4.59 30.77 -11.63
C LYS A 85 -4.80 31.37 -10.24
N TYR A 86 -4.28 32.58 -10.05
CA TYR A 86 -4.55 33.37 -8.86
C TYR A 86 -5.55 34.50 -9.19
N PHE A 87 -6.19 35.03 -8.15
CA PHE A 87 -7.27 36.00 -8.36
C PHE A 87 -7.03 37.26 -7.54
N PRO A 88 -7.57 38.39 -8.00
CA PRO A 88 -7.40 39.65 -7.26
C PRO A 88 -7.90 39.53 -5.83
N VAL A 89 -7.25 40.28 -4.93
CA VAL A 89 -7.74 40.36 -3.55
C VAL A 89 -9.22 40.76 -3.55
N VAL A 90 -10.00 40.18 -2.63
CA VAL A 90 -11.40 40.56 -2.47
C VAL A 90 -11.76 40.62 -0.99
N GLU A 91 -12.82 41.37 -0.70
CA GLU A 91 -13.27 41.52 0.68
C GLU A 91 -13.98 40.26 1.16
N ASP A 92 -14.60 39.52 0.24
CA ASP A 92 -15.45 38.39 0.59
C ASP A 92 -14.68 37.16 1.09
N LYS A 93 -13.36 37.23 1.21
CA LYS A 93 -12.56 36.03 1.41
C LYS A 93 -11.32 36.37 2.23
N LYS A 94 -10.66 35.31 2.72
CA LYS A 94 -9.38 35.43 3.40
C LYS A 94 -8.28 35.29 2.35
N ASN A 95 -7.53 36.37 2.11
CA ASN A 95 -6.65 36.48 0.94
C ASN A 95 -5.20 36.12 1.28
N ILE A 96 -4.76 34.94 0.85
CA ILE A 96 -3.40 34.48 1.06
C ILE A 96 -2.64 34.58 -0.26
N ALA A 97 -1.55 35.34 -0.27
CA ALA A 97 -0.72 35.40 -1.46
C ALA A 97 0.00 34.09 -1.66
N SER A 98 0.26 33.75 -2.94
CA SER A 98 0.85 32.44 -3.23
C SER A 98 2.23 32.28 -2.59
N PHE A 99 3.07 33.33 -2.65
CA PHE A 99 4.41 33.24 -2.10
C PHE A 99 4.41 33.06 -0.58
N GLU A 100 3.29 33.38 0.09
CA GLU A 100 3.25 33.27 1.54
C GLU A 100 2.43 32.09 2.02
N PHE A 101 1.90 31.26 1.11
CA PHE A 101 0.96 30.22 1.52
C PHE A 101 1.59 29.27 2.52
N ILE A 102 2.83 28.84 2.29
CA ILE A 102 3.46 27.85 3.15
C ILE A 102 3.67 28.44 4.55
N SER A 103 4.22 29.65 4.60
CA SER A 103 4.46 30.33 5.87
C SER A 103 3.18 30.50 6.67
N TYR A 104 2.11 31.00 6.02
CA TYR A 104 0.89 31.28 6.77
C TYR A 104 0.28 30.00 7.33
N ILE A 105 0.25 28.94 6.51
CA ILE A 105 -0.34 27.67 6.96
C ILE A 105 0.44 27.10 8.14
N LEU A 106 1.77 27.04 8.03
CA LEU A 106 2.56 26.40 9.08
C LEU A 106 2.62 27.25 10.35
N ALA A 107 2.51 28.58 10.21
CA ALA A 107 2.55 29.47 11.36
C ALA A 107 1.27 29.36 12.19
N THR A 108 0.16 29.03 11.53
CA THR A 108 -1.18 29.14 12.09
C THR A 108 -1.82 27.82 12.45
N TYR A 109 -1.57 26.73 11.72
CA TYR A 109 -2.32 25.49 11.89
C TYR A 109 -1.40 24.32 12.27
N GLU A 110 -2.04 23.22 12.71
CA GLU A 110 -1.31 22.04 13.18
C GLU A 110 -1.64 20.76 12.45
N THR A 111 -2.84 20.61 11.91
CA THR A 111 -3.25 19.37 11.27
C THR A 111 -3.91 19.65 9.92
N VAL A 112 -3.92 18.61 9.09
CA VAL A 112 -4.53 18.68 7.76
C VAL A 112 -6.03 18.94 7.87
N ASP A 113 -6.68 18.36 8.88
CA ASP A 113 -8.10 18.61 9.09
C ASP A 113 -8.36 20.09 9.37
N GLN A 114 -7.50 20.69 10.21
CA GLN A 114 -7.55 22.13 10.45
C GLN A 114 -7.41 22.92 9.16
N VAL A 115 -6.44 22.54 8.32
CA VAL A 115 -6.24 23.27 7.07
C VAL A 115 -7.47 23.15 6.17
N LYS A 116 -8.00 21.94 6.02
CA LYS A 116 -9.18 21.74 5.18
C LYS A 116 -10.33 22.67 5.59
N GLU A 117 -10.62 22.73 6.88
CA GLU A 117 -11.74 23.55 7.35
C GLU A 117 -11.51 25.01 6.99
N ASN A 118 -10.37 25.56 7.39
CA ASN A 118 -10.06 26.97 7.26
C ASN A 118 -9.72 27.42 5.84
N LEU A 119 -9.75 26.54 4.85
CA LEU A 119 -9.56 26.95 3.48
C LEU A 119 -10.88 27.27 2.79
N THR A 120 -12.02 27.03 3.44
CA THR A 120 -13.31 27.19 2.77
C THR A 120 -13.61 28.64 2.41
N ASP A 121 -12.91 29.60 3.00
CA ASP A 121 -13.14 31.00 2.65
C ASP A 121 -11.88 31.68 2.11
N VAL A 122 -10.94 30.91 1.57
CA VAL A 122 -9.64 31.43 1.19
C VAL A 122 -9.61 31.76 -0.29
N ASN A 123 -8.95 32.86 -0.63
CA ASN A 123 -8.59 33.21 -2.00
C ASN A 123 -7.08 33.27 -2.07
N ILE A 124 -6.51 32.60 -3.06
CA ILE A 124 -5.08 32.72 -3.32
C ILE A 124 -4.92 33.90 -4.27
N SER A 125 -4.30 34.95 -3.79
CA SER A 125 -4.28 36.20 -4.50
C SER A 125 -3.13 36.25 -5.52
N ASP A 126 -3.23 37.22 -6.43
CA ASP A 126 -2.23 37.44 -7.46
C ASP A 126 -1.13 38.38 -6.99
N VAL A 127 -1.07 38.62 -5.69
CA VAL A 127 -0.09 39.55 -5.15
C VAL A 127 1.29 38.93 -5.24
N SER A 128 2.28 39.75 -5.59
CA SER A 128 3.66 39.32 -5.70
C SER A 128 4.46 39.85 -4.52
N PHE A 129 5.49 39.10 -4.15
CA PHE A 129 6.33 39.47 -3.02
C PHE A 129 6.99 40.82 -3.24
N SER A 130 7.36 41.15 -4.48
CA SER A 130 8.00 42.41 -4.81
C SER A 130 8.00 42.56 -6.32
N LYS A 131 8.35 43.75 -6.80
CA LYS A 131 8.36 43.98 -8.23
C LYS A 131 9.43 43.15 -8.92
N ASN A 132 10.54 42.89 -8.24
CA ASN A 132 11.61 42.05 -8.75
C ASN A 132 11.30 40.55 -8.73
N THR A 133 10.27 40.13 -8.01
CA THR A 133 9.91 38.71 -7.92
C THR A 133 8.41 38.54 -8.15
N PRO A 134 7.99 38.47 -9.41
CA PRO A 134 6.58 38.15 -9.70
C PRO A 134 6.25 36.72 -9.24
N ALA A 135 5.00 36.50 -8.86
CA ALA A 135 4.58 35.22 -8.28
C ALA A 135 4.64 34.11 -9.32
N SER A 136 5.25 32.99 -8.96
CA SER A 136 5.24 31.80 -9.81
C SER A 136 3.98 30.97 -9.57
N GLU A 137 3.61 30.18 -10.57
CA GLU A 137 2.43 29.34 -10.44
C GLU A 137 2.76 28.10 -9.62
N LEU A 138 1.98 27.86 -8.57
CA LEU A 138 2.27 26.78 -7.65
C LEU A 138 0.98 26.07 -7.28
N HIS A 139 1.12 24.80 -6.92
CA HIS A 139 0.10 24.09 -6.16
C HIS A 139 0.83 23.40 -5.02
N TRP A 140 0.06 22.87 -4.06
CA TRP A 140 0.64 22.49 -2.78
C TRP A 140 0.16 21.11 -2.35
N LEU A 141 1.12 20.33 -1.81
CA LEU A 141 0.86 19.15 -1.00
C LEU A 141 0.94 19.53 0.48
N VAL A 142 -0.06 19.09 1.25
CA VAL A 142 -0.11 19.32 2.70
C VAL A 142 -0.34 17.97 3.36
N GLY A 143 0.54 17.61 4.30
CA GLY A 143 0.42 16.35 5.01
C GLY A 143 0.78 16.54 6.47
N ASP A 144 0.40 15.57 7.29
CA ASP A 144 0.68 15.67 8.72
C ASP A 144 0.88 14.28 9.29
N LYS A 145 0.97 14.22 10.62
CA LYS A 145 1.34 13.00 11.33
C LYS A 145 0.24 11.96 11.35
N THR A 146 -0.96 12.29 10.89
CA THR A 146 -1.94 11.22 10.71
C THR A 146 -1.65 10.35 9.50
N GLY A 147 -0.64 10.70 8.69
CA GLY A 147 -0.36 9.93 7.49
C GLY A 147 -1.21 10.25 6.30
N LYS A 148 -2.09 11.25 6.39
CA LYS A 148 -2.97 11.67 5.31
C LYS A 148 -2.53 13.01 4.74
N SER A 149 -2.98 13.28 3.50
CA SER A 149 -2.59 14.52 2.85
C SER A 149 -3.75 15.05 1.99
N ILE A 150 -3.66 16.34 1.67
CA ILE A 150 -4.58 17.00 0.76
C ILE A 150 -3.75 17.68 -0.32
N VAL A 151 -4.41 17.98 -1.44
CA VAL A 151 -3.84 18.79 -2.51
C VAL A 151 -4.63 20.09 -2.59
N VAL A 152 -3.94 21.23 -2.63
CA VAL A 152 -4.57 22.54 -2.76
C VAL A 152 -4.22 23.08 -4.14
N GLU A 153 -5.25 23.41 -4.93
CA GLU A 153 -5.03 23.86 -6.30
C GLU A 153 -5.96 25.02 -6.58
N SER A 154 -5.39 26.14 -7.00
CA SER A 154 -6.13 27.30 -7.49
C SER A 154 -6.00 27.34 -9.00
N ASP A 155 -7.10 27.12 -9.72
CA ASP A 155 -7.08 27.07 -11.17
C ASP A 155 -8.18 27.97 -11.75
N GLU A 156 -8.55 27.71 -13.00
CA GLU A 156 -9.52 28.56 -13.70
C GLU A 156 -10.85 28.62 -12.99
N LYS A 157 -11.26 27.51 -12.36
CA LYS A 157 -12.54 27.46 -11.68
C LYS A 157 -12.44 27.79 -10.18
N GLY A 158 -11.33 28.38 -9.74
CA GLY A 158 -11.17 28.79 -8.36
C GLY A 158 -10.33 27.84 -7.53
N LEU A 159 -10.54 27.93 -6.21
CA LEU A 159 -9.80 27.12 -5.25
C LEU A 159 -10.42 25.75 -5.09
N HIS A 160 -9.56 24.72 -5.05
CA HIS A 160 -9.95 23.33 -4.85
C HIS A 160 -9.03 22.67 -3.82
N VAL A 161 -9.63 21.90 -2.92
CA VAL A 161 -8.91 21.10 -1.94
C VAL A 161 -9.35 19.65 -2.10
N TYR A 162 -8.40 18.77 -2.39
CA TYR A 162 -8.68 17.35 -2.60
C TYR A 162 -7.97 16.50 -1.56
N ASP A 163 -8.69 15.52 -1.01
CA ASP A 163 -8.03 14.45 -0.27
C ASP A 163 -7.12 13.70 -1.23
N ASN A 164 -5.92 13.35 -0.74
CA ASN A 164 -4.93 12.69 -1.57
C ASN A 164 -4.77 11.24 -1.15
N PRO A 165 -5.37 10.29 -1.87
CA PRO A 165 -5.24 8.87 -1.50
C PRO A 165 -3.86 8.27 -1.67
N VAL A 166 -2.92 8.91 -2.37
CA VAL A 166 -1.63 8.30 -2.67
C VAL A 166 -0.47 9.05 -2.05
N ASN A 167 -0.72 10.15 -1.35
CA ASN A 167 0.29 10.84 -0.57
C ASN A 167 1.46 11.31 -1.43
N ALA A 168 1.17 11.77 -2.65
CA ALA A 168 2.23 12.26 -3.55
C ALA A 168 1.65 13.29 -4.50
N LEU A 169 2.55 14.09 -5.08
CA LEU A 169 2.15 15.16 -5.99
C LEU A 169 3.33 15.52 -6.87
N THR A 170 3.04 15.86 -8.14
CA THR A 170 4.07 16.35 -9.04
C THR A 170 3.57 17.69 -9.59
N ASN A 171 3.45 17.84 -10.91
CA ASN A 171 3.11 19.11 -11.54
C ASN A 171 1.76 18.99 -12.23
N ALA A 172 1.59 19.45 -13.48
CA ALA A 172 0.34 19.29 -14.24
C ALA A 172 0.08 17.82 -14.56
N PRO A 173 -1.16 17.44 -14.88
CA PRO A 173 -2.39 18.24 -15.03
C PRO A 173 -3.10 18.39 -13.70
N LEU A 174 -4.34 18.84 -13.69
CA LEU A 174 -5.09 19.00 -12.45
C LEU A 174 -5.13 17.69 -11.68
N PHE A 175 -5.19 17.80 -10.37
CA PHE A 175 -5.06 16.61 -9.54
C PHE A 175 -6.07 15.51 -9.87
N PRO A 176 -7.37 15.77 -10.09
CA PRO A 176 -8.26 14.65 -10.45
C PRO A 176 -7.84 13.94 -11.73
N GLN A 177 -7.17 14.63 -12.65
CA GLN A 177 -6.65 13.95 -13.83
C GLN A 177 -5.44 13.08 -13.52
N GLN A 178 -4.54 13.55 -12.66
CA GLN A 178 -3.45 12.69 -12.18
C GLN A 178 -4.01 11.39 -11.60
N LEU A 179 -5.03 11.50 -10.76
CA LEU A 179 -5.63 10.32 -10.13
C LEU A 179 -6.23 9.40 -11.17
N THR A 180 -7.03 9.93 -12.09
CA THR A 180 -7.62 9.11 -13.14
C THR A 180 -6.55 8.33 -13.90
N ASN A 181 -5.44 8.99 -14.21
CA ASN A 181 -4.39 8.34 -15.00
C ASN A 181 -3.79 7.14 -14.26
N LEU A 182 -3.81 7.16 -12.91
CA LEU A 182 -3.28 6.04 -12.14
C LEU A 182 -3.94 4.73 -12.53
N ALA A 183 -5.24 4.76 -12.83
CA ALA A 183 -5.95 3.50 -13.11
C ALA A 183 -5.47 2.84 -14.39
N ASN A 184 -4.84 3.61 -15.28
CA ASN A 184 -4.24 3.07 -16.49
C ASN A 184 -3.10 2.10 -16.20
N TYR A 185 -2.60 2.07 -14.96
CA TYR A 185 -1.46 1.24 -14.60
C TYR A 185 -1.86 0.16 -13.62
N ALA A 186 -3.16 -0.15 -13.58
CA ALA A 186 -3.72 -0.99 -12.53
C ALA A 186 -3.25 -2.43 -12.62
N ALA A 187 -2.69 -2.85 -13.76
CA ALA A 187 -2.17 -4.21 -13.93
C ALA A 187 -0.68 -4.34 -13.59
N VAL A 188 -0.01 -3.24 -13.25
CA VAL A 188 1.39 -3.29 -12.87
C VAL A 188 1.55 -4.06 -11.57
N VAL A 189 2.54 -4.94 -11.51
CA VAL A 189 2.89 -5.65 -10.28
C VAL A 189 4.40 -5.58 -10.11
N PRO A 190 4.90 -5.64 -8.88
CA PRO A 190 6.36 -5.69 -8.70
C PRO A 190 6.97 -6.99 -9.20
N GLY A 191 6.22 -8.08 -9.21
CA GLY A 191 6.77 -9.36 -9.63
C GLY A 191 6.33 -9.74 -11.03
N GLN A 192 6.08 -11.03 -11.21
CA GLN A 192 5.60 -11.62 -12.46
C GLN A 192 4.08 -11.68 -12.45
N PRO A 193 3.39 -11.18 -13.49
CA PRO A 193 1.95 -11.39 -13.56
C PRO A 193 1.62 -12.85 -13.86
N ASN A 194 0.38 -13.23 -13.58
CA ASN A 194 -0.15 -14.49 -14.07
C ASN A 194 -0.53 -14.34 -15.54
N ASN A 195 -0.27 -15.39 -16.33
CA ASN A 195 -0.54 -15.34 -17.78
C ASN A 195 -2.03 -15.52 -18.06
N ASP A 196 -2.77 -14.45 -17.87
CA ASP A 196 -4.10 -14.31 -18.42
C ASP A 196 -4.06 -13.59 -19.76
N PHE A 197 -2.85 -13.38 -20.30
CA PHE A 197 -2.66 -12.65 -21.53
C PHE A 197 -2.91 -13.55 -22.73
N LEU A 198 -2.18 -14.67 -22.82
CA LEU A 198 -2.39 -15.70 -23.83
C LEU A 198 -2.55 -17.03 -23.10
N PRO A 199 -3.74 -17.31 -22.58
CA PRO A 199 -3.96 -18.61 -21.93
C PRO A 199 -3.64 -19.75 -22.88
N GLY A 200 -3.06 -20.80 -22.32
CA GLY A 200 -2.65 -21.94 -23.09
C GLY A 200 -1.28 -21.82 -23.70
N VAL A 201 -0.66 -20.64 -23.70
CA VAL A 201 0.71 -20.46 -24.20
C VAL A 201 1.65 -20.31 -23.01
N ASP A 202 2.78 -21.02 -23.06
CA ASP A 202 3.82 -20.87 -22.05
C ASP A 202 4.77 -19.76 -22.49
N LEU A 203 4.55 -18.56 -22.00
CA LEU A 203 5.50 -17.48 -22.23
C LEU A 203 6.76 -17.71 -21.41
N LYS A 204 7.91 -17.49 -22.02
CA LYS A 204 9.18 -17.53 -21.30
C LYS A 204 9.34 -16.20 -20.57
N MET A 205 9.32 -16.23 -19.24
CA MET A 205 9.50 -15.03 -18.44
C MET A 205 11.00 -14.76 -18.31
N TYR A 206 11.57 -14.08 -19.31
CA TYR A 206 13.01 -13.99 -19.43
C TYR A 206 13.66 -13.02 -18.45
N SER A 207 12.88 -12.17 -17.80
CA SER A 207 13.42 -11.19 -16.87
C SER A 207 12.63 -11.23 -15.58
N ARG A 208 13.31 -10.92 -14.48
CA ARG A 208 12.59 -10.61 -13.26
C ARG A 208 11.75 -9.35 -13.46
N SER A 209 10.63 -9.29 -12.75
CA SER A 209 9.82 -8.09 -12.65
C SER A 209 9.25 -7.64 -14.01
N LEU A 210 8.83 -8.59 -14.85
CA LEU A 210 8.11 -8.17 -16.06
C LEU A 210 6.79 -7.49 -15.73
N GLY A 211 6.29 -7.63 -14.49
CA GLY A 211 5.13 -6.86 -14.07
C GLY A 211 5.33 -5.36 -14.03
N THR A 212 6.59 -4.89 -14.05
CA THR A 212 6.81 -3.45 -14.11
C THR A 212 7.23 -2.98 -15.49
N HIS A 213 7.03 -3.80 -16.50
CA HIS A 213 7.52 -3.44 -17.83
C HIS A 213 6.84 -2.19 -18.38
N HIS A 214 5.61 -1.89 -17.96
CA HIS A 214 4.98 -0.64 -18.39
C HIS A 214 4.99 0.45 -17.31
N LEU A 215 5.78 0.30 -16.25
CA LEU A 215 5.88 1.37 -15.27
C LEU A 215 6.60 2.57 -15.89
N PRO A 216 6.04 3.79 -15.80
CA PRO A 216 6.68 4.94 -16.46
C PRO A 216 8.00 5.34 -15.84
N GLY A 217 8.97 5.66 -16.72
CA GLY A 217 10.24 6.16 -16.27
C GLY A 217 10.63 7.49 -16.88
N GLY A 218 9.69 8.17 -17.53
CA GLY A 218 9.97 9.46 -18.11
C GLY A 218 10.13 10.55 -17.05
N MET A 219 10.60 11.70 -17.54
CA MET A 219 10.83 12.87 -16.71
C MET A 219 9.61 13.76 -16.62
N ASP A 220 8.58 13.48 -17.40
CA ASP A 220 7.40 14.33 -17.40
C ASP A 220 6.64 14.18 -16.08
N SER A 221 5.74 15.13 -15.85
CA SER A 221 5.02 15.20 -14.58
C SER A 221 4.15 13.97 -14.33
N GLU A 222 3.51 13.43 -15.38
CA GLU A 222 2.65 12.25 -15.18
C GLU A 222 3.49 11.01 -14.89
N SER A 223 4.59 10.83 -15.62
CA SER A 223 5.38 9.61 -15.44
C SER A 223 5.93 9.55 -14.03
N ARG A 224 6.51 10.65 -13.55
CA ARG A 224 7.09 10.67 -12.22
C ARG A 224 6.02 10.45 -11.17
N PHE A 225 4.81 10.97 -11.41
CA PHE A 225 3.73 10.78 -10.43
C PHE A 225 3.37 9.31 -10.29
N VAL A 226 3.19 8.60 -11.41
CA VAL A 226 2.81 7.19 -11.37
C VAL A 226 3.89 6.35 -10.71
N LYS A 227 5.15 6.53 -11.12
CA LYS A 227 6.23 5.72 -10.55
C LYS A 227 6.43 6.01 -9.07
N VAL A 228 6.39 7.28 -8.66
CA VAL A 228 6.60 7.57 -7.24
C VAL A 228 5.45 7.05 -6.39
N CYS A 229 4.21 7.05 -6.92
CA CYS A 229 3.11 6.48 -6.14
C CYS A 229 3.39 5.00 -5.85
N PHE A 230 3.94 4.30 -6.85
CA PHE A 230 4.27 2.89 -6.77
C PHE A 230 5.44 2.65 -5.81
N ALA A 231 6.54 3.37 -6.00
CA ALA A 231 7.68 3.28 -5.09
C ALA A 231 7.24 3.53 -3.65
N LEU A 232 6.44 4.58 -3.42
CA LEU A 232 6.01 4.94 -2.06
C LEU A 232 5.08 3.88 -1.49
N ASN A 233 4.16 3.37 -2.30
CA ASN A 233 3.21 2.38 -1.84
C ASN A 233 3.90 1.09 -1.38
N HIS A 234 4.94 0.65 -2.09
CA HIS A 234 5.60 -0.63 -1.81
C HIS A 234 6.87 -0.50 -0.96
N ALA A 235 7.18 0.69 -0.45
CA ALA A 235 8.39 0.89 0.32
C ALA A 235 8.27 0.17 1.68
N PRO A 236 9.38 -0.09 2.36
CA PRO A 236 9.31 -0.81 3.64
C PRO A 236 8.52 -0.04 4.69
N LYS A 237 8.02 -0.77 5.70
CA LYS A 237 7.32 -0.19 6.85
C LYS A 237 7.92 -0.72 8.15
N ASP A 238 7.51 -0.10 9.27
CA ASP A 238 7.95 -0.47 10.63
C ASP A 238 9.45 -0.32 10.81
N SER A 239 10.02 0.74 10.27
CA SER A 239 11.45 0.97 10.33
C SER A 239 11.77 2.06 11.33
N ASP A 240 12.97 2.02 11.86
CA ASP A 240 13.39 3.10 12.76
C ASP A 240 13.90 4.28 11.95
N GLU A 241 14.46 5.26 12.67
CA GLU A 241 14.76 6.56 12.07
C GLU A 241 15.66 6.44 10.84
N VAL A 242 16.86 5.86 11.01
CA VAL A 242 17.84 5.91 9.93
C VAL A 242 17.38 5.09 8.73
N GLU A 243 16.82 3.89 8.97
CA GLU A 243 16.29 3.10 7.86
C GLU A 243 15.18 3.86 7.12
N SER A 244 14.34 4.60 7.85
CA SER A 244 13.22 5.31 7.23
C SER A 244 13.70 6.44 6.33
N VAL A 245 14.62 7.27 6.85
CA VAL A 245 15.26 8.29 6.03
C VAL A 245 15.90 7.65 4.80
N THR A 246 16.59 6.54 4.98
CA THR A 246 17.25 5.90 3.85
C THR A 246 16.24 5.51 2.78
N ASN A 247 15.13 4.89 3.19
CA ASN A 247 14.13 4.48 2.21
C ASN A 247 13.45 5.70 1.58
N PHE A 248 13.19 6.74 2.38
CA PHE A 248 12.65 7.98 1.86
C PHE A 248 13.49 8.53 0.72
N PHE A 249 14.81 8.62 0.89
CA PHE A 249 15.63 9.14 -0.20
C PHE A 249 15.58 8.23 -1.43
N HIS A 250 15.52 6.91 -1.22
CA HIS A 250 15.48 5.98 -2.35
C HIS A 250 14.18 6.09 -3.12
N ILE A 251 13.06 6.24 -2.40
CA ILE A 251 11.77 6.49 -3.04
C ILE A 251 11.88 7.66 -4.01
N LEU A 252 12.46 8.76 -3.54
CA LEU A 252 12.55 9.95 -4.38
C LEU A 252 13.62 9.80 -5.45
N GLN A 253 14.67 9.03 -5.17
CA GLN A 253 15.68 8.78 -6.20
C GLN A 253 15.11 8.02 -7.38
N SER A 254 14.07 7.20 -7.17
CA SER A 254 13.52 6.46 -8.30
C SER A 254 12.86 7.35 -9.32
N VAL A 255 12.66 8.64 -9.02
CA VAL A 255 12.14 9.54 -10.03
C VAL A 255 13.07 10.75 -10.10
N GLU A 256 14.34 10.55 -9.74
CA GLU A 256 15.39 11.55 -9.95
C GLU A 256 15.45 11.98 -11.41
N GLN A 257 15.74 13.26 -11.62
CA GLN A 257 16.00 13.78 -12.96
C GLN A 257 17.49 14.01 -13.13
N VAL A 258 18.16 13.13 -13.91
CA VAL A 258 19.59 13.24 -14.18
C VAL A 258 19.81 14.32 -15.24
N LYS A 259 20.94 15.02 -15.13
CA LYS A 259 21.27 16.05 -16.11
C LYS A 259 21.38 15.46 -17.51
N GLY A 260 20.65 16.07 -18.46
CA GLY A 260 20.60 15.62 -19.84
C GLY A 260 19.30 14.93 -20.24
N MET A 261 18.52 14.45 -19.26
CA MET A 261 17.30 13.69 -19.57
C MET A 261 16.05 14.55 -19.72
N ASP A 262 16.05 15.81 -19.23
CA ASP A 262 14.88 16.70 -19.26
C ASP A 262 15.35 18.06 -19.81
N GLU A 263 15.22 18.22 -21.12
CA GLU A 263 15.72 19.41 -21.81
C GLU A 263 14.60 20.45 -21.89
N VAL A 264 14.85 21.65 -21.36
CA VAL A 264 13.84 22.69 -21.33
C VAL A 264 14.23 23.89 -22.18
N GLY A 265 15.40 23.85 -22.80
CA GLY A 265 15.82 24.83 -23.76
C GLY A 265 17.11 24.33 -24.35
N PRO A 266 17.73 25.12 -25.24
CA PRO A 266 19.01 24.72 -25.85
C PRO A 266 20.09 24.38 -24.82
N ASN A 267 20.42 23.09 -24.65
CA ASN A 267 21.36 22.63 -23.62
C ASN A 267 21.01 23.16 -22.22
N ILE A 268 19.73 23.40 -21.96
CA ILE A 268 19.24 23.78 -20.63
C ILE A 268 18.48 22.59 -20.08
N PHE A 269 18.83 22.13 -18.88
CA PHE A 269 18.25 20.89 -18.38
C PHE A 269 17.67 21.10 -16.99
N GLU A 270 16.48 20.54 -16.78
CA GLU A 270 15.86 20.44 -15.47
C GLU A 270 16.43 19.19 -14.81
N TYR A 271 17.06 19.34 -13.64
CA TYR A 271 17.62 18.21 -12.93
C TYR A 271 17.27 18.34 -11.46
N THR A 272 17.48 17.24 -10.71
CA THR A 272 17.11 17.21 -9.29
C THR A 272 18.17 17.96 -8.51
N MET A 273 17.84 19.19 -8.12
CA MET A 273 18.80 20.09 -7.48
C MET A 273 19.01 19.71 -6.03
N TYR A 274 17.92 19.46 -5.29
CA TYR A 274 18.06 18.97 -3.92
C TYR A 274 16.90 18.05 -3.60
N THR A 275 17.08 17.27 -2.52
CA THR A 275 16.07 16.39 -1.95
C THR A 275 16.00 16.67 -0.45
N SER A 276 14.79 16.87 0.05
CA SER A 276 14.58 17.11 1.47
C SER A 276 13.62 16.08 2.03
N CYS A 277 13.85 15.76 3.31
CA CYS A 277 13.16 14.70 4.05
C CYS A 277 12.98 15.20 5.48
N MET A 278 11.75 15.50 5.88
CA MET A 278 11.49 16.17 7.14
C MET A 278 10.70 15.24 8.04
N ASN A 279 11.26 14.91 9.20
CA ASN A 279 10.58 14.08 10.19
C ASN A 279 9.56 14.92 10.94
N LEU A 280 8.28 14.62 10.74
CA LEU A 280 7.21 15.43 11.32
C LEU A 280 7.18 15.34 12.85
N GLU A 281 7.44 14.15 13.39
CA GLU A 281 7.40 13.98 14.85
C GLU A 281 8.54 14.72 15.53
N LYS A 282 9.74 14.69 14.92
CA LYS A 282 10.96 15.13 15.59
C LYS A 282 11.48 16.47 15.11
N GLY A 283 10.88 17.06 14.07
CA GLY A 283 11.35 18.35 13.58
C GLY A 283 12.74 18.36 12.98
N ILE A 284 13.17 17.25 12.39
CA ILE A 284 14.50 17.12 11.82
C ILE A 284 14.40 17.14 10.30
N LEU A 285 15.17 18.02 9.68
CA LEU A 285 15.24 18.13 8.22
C LEU A 285 16.52 17.47 7.74
N TYR A 286 16.38 16.40 6.94
CA TYR A 286 17.48 15.72 6.25
C TYR A 286 17.55 16.19 4.80
N PHE A 287 18.77 16.28 4.27
CA PHE A 287 18.84 16.73 2.89
C PHE A 287 20.11 16.23 2.22
N ASN A 288 20.05 16.14 0.89
CA ASN A 288 21.24 16.15 0.06
C ASN A 288 20.91 16.94 -1.19
N CYS A 289 21.85 16.97 -2.14
CA CYS A 289 21.69 17.74 -3.37
C CYS A 289 22.42 17.04 -4.52
N TYR A 290 22.25 17.59 -5.72
CA TYR A 290 22.86 16.97 -6.90
C TYR A 290 24.36 16.78 -6.74
N ASP A 291 25.07 17.79 -6.23
CA ASP A 291 26.53 17.67 -6.12
C ASP A 291 26.99 16.89 -4.89
N ASP A 292 26.12 16.60 -3.92
CA ASP A 292 26.57 15.92 -2.70
C ASP A 292 25.56 14.85 -2.31
N SER A 293 25.96 13.60 -2.40
CA SER A 293 25.00 12.55 -2.12
C SER A 293 24.93 12.18 -0.64
N ARG A 294 25.91 12.58 0.16
CA ARG A 294 25.84 12.35 1.60
C ARG A 294 24.65 13.10 2.20
N ILE A 295 23.95 12.47 3.13
CA ILE A 295 22.81 13.11 3.76
C ILE A 295 23.28 13.99 4.91
N SER A 296 22.68 15.18 5.03
CA SER A 296 22.92 16.08 6.14
C SER A 296 21.64 16.23 6.94
N ALA A 297 21.76 16.68 8.19
CA ALA A 297 20.62 16.83 9.08
C ALA A 297 20.71 18.12 9.87
N VAL A 298 19.60 18.85 9.94
CA VAL A 298 19.42 19.99 10.84
C VAL A 298 18.21 19.70 11.72
N ASP A 299 18.39 19.81 13.05
CA ASP A 299 17.32 19.55 14.01
C ASP A 299 16.81 20.88 14.54
N MET A 300 15.58 21.25 14.13
CA MET A 300 14.87 22.42 14.69
C MET A 300 15.04 22.55 16.19
N ASN A 301 14.89 21.45 16.90
CA ASN A 301 14.71 21.55 18.34
C ASN A 301 16.01 21.75 19.09
N LYS A 302 17.14 21.81 18.41
CA LYS A 302 18.40 22.19 19.00
C LYS A 302 18.65 23.68 18.93
N GLU A 303 17.69 24.45 18.42
CA GLU A 303 17.80 25.89 18.37
C GLU A 303 16.83 26.53 19.37
N ASP A 304 17.03 27.81 19.64
CA ASP A 304 16.15 28.52 20.55
C ASP A 304 14.93 28.96 19.74
N LEU A 305 13.84 28.23 19.87
CA LEU A 305 12.67 28.50 19.05
C LEU A 305 11.86 29.67 19.55
N SER A 306 12.28 30.31 20.64
CA SER A 306 11.61 31.50 21.12
C SER A 306 12.25 32.77 20.59
N SER A 307 13.33 32.65 19.82
CA SER A 307 14.00 33.81 19.26
C SER A 307 13.14 34.41 18.15
N SER A 308 13.71 35.36 17.42
CA SER A 308 12.95 36.11 16.43
C SER A 308 13.71 36.35 15.14
N ASP A 309 14.93 35.83 15.00
CA ASP A 309 15.71 35.93 13.76
C ASP A 309 15.72 34.58 13.06
N LEU A 310 15.64 34.63 11.72
CA LEU A 310 15.83 33.41 10.94
C LEU A 310 17.19 32.81 11.27
N ILE A 311 17.22 31.48 11.37
CA ILE A 311 18.46 30.72 11.51
C ILE A 311 18.70 29.98 10.20
N VAL A 312 19.82 30.28 9.54
CA VAL A 312 20.10 29.83 8.18
C VAL A 312 21.24 28.82 8.21
N PHE A 313 21.18 27.83 7.30
CA PHE A 313 22.27 26.87 7.09
C PHE A 313 22.41 26.58 5.61
N ASP A 314 23.61 26.18 5.21
CA ASP A 314 23.83 25.91 3.80
C ASP A 314 23.13 24.62 3.39
N LEU A 315 22.54 24.65 2.19
CA LEU A 315 21.86 23.50 1.61
C LEU A 315 22.72 22.84 0.52
N PHE A 316 23.11 23.61 -0.49
CA PHE A 316 23.95 23.08 -1.56
C PHE A 316 25.39 22.92 -1.07
N LYS A 317 25.97 21.75 -1.32
CA LYS A 317 27.27 21.42 -0.78
C LYS A 317 28.08 20.70 -1.85
N LYS A 318 29.40 20.66 -1.66
CA LYS A 318 30.26 19.94 -2.58
C LYS A 318 30.31 18.46 -2.22
N GLN A 319 30.63 17.63 -3.20
CA GLN A 319 30.60 16.18 -3.01
C GLN A 319 31.53 15.79 -1.88
N ASP A 320 30.97 15.17 -0.84
CA ASP A 320 31.70 14.91 0.40
C ASP A 320 32.14 13.44 0.45
N ILE A 321 33.28 13.17 -0.20
CA ILE A 321 33.78 11.81 -0.42
C ILE A 321 34.59 11.36 0.78
N SER A 322 34.39 10.13 1.20
CA SER A 322 35.15 9.54 2.31
C SER A 322 36.29 8.71 1.73
N PHE A 323 37.51 9.24 1.84
CA PHE A 323 38.68 8.56 1.28
C PHE A 323 39.20 7.51 2.28
N ILE A 324 39.18 6.24 1.87
CA ILE A 324 39.38 5.17 2.83
C ILE A 324 40.87 4.92 3.12
N ASN A 325 41.74 5.08 2.12
CA ASN A 325 43.17 4.78 2.28
C ASN A 325 44.12 5.87 1.76
N CYS B 2 20.80 -6.02 -12.78
N CYS B 2 24.11 -5.52 -12.39
CA CYS B 2 22.07 -5.31 -12.74
CA CYS B 2 22.75 -5.62 -12.86
C CYS B 2 22.27 -4.44 -13.93
C CYS B 2 22.54 -4.59 -13.96
N THR B 3 23.07 -3.40 -13.74
CA THR B 3 23.27 -2.41 -14.78
C THR B 3 24.73 -2.00 -14.71
N SER B 4 25.43 -2.08 -15.85
CA SER B 4 26.83 -1.72 -15.90
C SER B 4 27.03 -0.77 -17.07
N ILE B 5 27.92 0.20 -16.90
CA ILE B 5 28.11 1.25 -17.91
C ILE B 5 29.59 1.59 -18.00
N LEU B 6 29.98 2.07 -19.18
CA LEU B 6 31.24 2.73 -19.41
C LEU B 6 30.93 4.18 -19.78
N TYR B 7 31.53 5.12 -19.06
CA TYR B 7 31.20 6.54 -19.12
C TYR B 7 32.48 7.32 -19.40
N SER B 8 32.45 8.20 -20.41
CA SER B 8 33.66 8.81 -20.94
C SER B 8 33.54 10.33 -21.08
N PRO B 9 33.31 11.04 -19.97
CA PRO B 9 33.31 12.51 -20.07
C PRO B 9 34.67 13.12 -20.38
N LYS B 10 35.76 12.52 -19.90
CA LYS B 10 37.11 13.07 -20.03
C LYS B 10 38.10 11.98 -19.63
N ASP B 11 38.14 11.64 -18.36
CA ASP B 11 38.57 10.32 -17.96
C ASP B 11 37.46 9.31 -18.27
N HIS B 12 37.73 8.03 -18.01
CA HIS B 12 36.82 6.96 -18.33
C HIS B 12 36.48 6.19 -17.08
N TYR B 13 35.19 6.02 -16.84
CA TYR B 13 34.65 5.47 -15.61
C TYR B 13 33.84 4.24 -15.96
N PHE B 14 34.13 3.14 -15.27
CA PHE B 14 33.54 1.84 -15.49
C PHE B 14 32.95 1.37 -14.17
N GLY B 15 31.77 0.75 -14.20
CA GLY B 15 31.16 0.31 -12.96
C GLY B 15 29.72 -0.13 -13.18
N ARG B 16 29.02 -0.33 -12.06
CA ARG B 16 27.73 -1.01 -12.12
C ARG B 16 26.93 -0.79 -10.84
N ASN B 17 25.62 -0.98 -10.99
CA ASN B 17 24.73 -1.30 -9.89
C ASN B 17 24.73 -2.80 -9.70
N LEU B 18 24.74 -3.25 -8.44
CA LEU B 18 24.48 -4.64 -8.14
C LEU B 18 23.11 -4.74 -7.46
N ASP B 19 22.14 -5.29 -8.18
CA ASP B 19 20.76 -5.42 -7.70
C ASP B 19 20.49 -6.90 -7.42
N TYR B 20 20.11 -7.20 -6.18
CA TYR B 20 19.83 -8.60 -5.86
C TYR B 20 19.16 -8.64 -4.51
N GLU B 21 18.72 -9.84 -4.14
CA GLU B 21 17.96 -10.01 -2.92
C GLU B 21 18.80 -10.55 -1.77
N ILE B 22 20.04 -10.95 -2.02
CA ILE B 22 20.91 -11.44 -0.98
C ILE B 22 22.34 -11.09 -1.36
N ALA B 23 23.13 -10.77 -0.36
CA ALA B 23 24.53 -10.42 -0.57
C ALA B 23 25.41 -11.68 -0.49
N TYR B 24 26.58 -11.58 -1.11
CA TYR B 24 27.56 -12.65 -1.13
C TYR B 24 28.85 -12.23 -0.41
N GLY B 25 28.74 -11.40 0.62
CA GLY B 25 29.96 -11.05 1.34
C GLY B 25 30.92 -10.19 0.55
N GLN B 26 30.41 -9.41 -0.40
CA GLN B 26 31.26 -8.54 -1.21
C GLN B 26 31.99 -7.54 -0.33
N LYS B 27 33.27 -7.34 -0.62
CA LYS B 27 34.11 -6.29 -0.07
C LYS B 27 34.84 -5.63 -1.22
N VAL B 28 35.52 -4.52 -0.92
CA VAL B 28 36.50 -4.00 -1.88
C VAL B 28 37.78 -4.82 -1.77
N VAL B 29 38.29 -5.31 -2.90
CA VAL B 29 39.45 -6.19 -2.92
C VAL B 29 40.46 -5.74 -3.96
N ILE B 30 41.68 -5.45 -3.51
CA ILE B 30 42.82 -5.21 -4.38
C ILE B 30 43.62 -6.51 -4.47
N THR B 31 43.80 -7.00 -5.70
CA THR B 31 44.70 -8.14 -5.91
C THR B 31 46.01 -7.60 -6.45
N PRO B 32 47.11 -7.66 -5.67
CA PRO B 32 48.38 -7.08 -6.14
C PRO B 32 49.05 -7.92 -7.21
N ARG B 33 50.18 -7.43 -7.74
CA ARG B 33 50.79 -8.04 -8.92
C ARG B 33 51.30 -9.44 -8.67
N ASN B 34 51.65 -9.77 -7.43
CA ASN B 34 52.31 -11.04 -7.15
C ASN B 34 51.46 -12.00 -6.33
N TYR B 35 50.17 -11.73 -6.22
CA TYR B 35 49.24 -12.76 -5.79
C TYR B 35 49.17 -13.81 -6.91
N GLU B 36 49.29 -15.08 -6.53
CA GLU B 36 49.34 -16.16 -7.51
C GLU B 36 47.92 -16.61 -7.86
N PHE B 37 47.52 -16.40 -9.10
CA PHE B 37 46.25 -16.92 -9.60
C PHE B 37 46.44 -18.38 -10.01
N LYS B 38 45.71 -19.27 -9.37
CA LYS B 38 45.68 -20.68 -9.75
C LYS B 38 44.39 -20.87 -10.52
N PHE B 39 44.49 -20.81 -11.83
CA PHE B 39 43.34 -20.98 -12.69
C PHE B 39 43.00 -22.46 -12.84
N ALA B 40 41.81 -22.75 -13.34
CA ALA B 40 41.30 -24.11 -13.30
C ALA B 40 41.95 -24.99 -14.35
N ASN B 41 41.99 -24.53 -15.60
CA ASN B 41 42.54 -25.28 -16.71
C ASN B 41 43.50 -24.43 -17.55
N LEU B 42 44.08 -23.41 -16.95
CA LEU B 42 45.04 -22.54 -17.60
C LEU B 42 46.26 -22.42 -16.68
N PRO B 43 47.42 -22.07 -17.22
CA PRO B 43 48.61 -21.98 -16.36
C PRO B 43 48.44 -20.92 -15.29
N ALA B 44 48.96 -21.21 -14.09
CA ALA B 44 48.95 -20.23 -13.03
C ALA B 44 49.73 -19.00 -13.46
N GLU B 45 49.43 -17.87 -12.83
CA GLU B 45 50.10 -16.60 -13.14
C GLU B 45 50.61 -16.02 -11.83
N LYS B 46 51.91 -16.22 -11.55
CA LYS B 46 52.49 -15.72 -10.31
C LYS B 46 52.78 -14.22 -10.36
N SER B 47 52.95 -13.66 -11.56
CA SER B 47 53.08 -12.23 -11.75
C SER B 47 52.12 -11.80 -12.85
N HIS B 48 51.43 -10.69 -12.60
CA HIS B 48 50.32 -10.25 -13.45
C HIS B 48 49.98 -8.81 -13.10
N TYR B 49 49.06 -8.24 -13.84
CA TYR B 49 48.58 -6.90 -13.56
C TYR B 49 47.87 -6.87 -12.22
N ALA B 50 48.00 -5.74 -11.51
CA ALA B 50 47.18 -5.52 -10.34
C ALA B 50 45.78 -5.06 -10.75
N MET B 51 44.80 -5.35 -9.89
CA MET B 51 43.42 -4.98 -10.18
C MET B 51 42.72 -4.63 -8.87
N ILE B 52 41.68 -3.80 -8.97
CA ILE B 52 40.86 -3.40 -7.83
C ILE B 52 39.40 -3.55 -8.26
N GLY B 53 38.55 -3.99 -7.34
CA GLY B 53 37.16 -4.15 -7.65
C GLY B 53 36.38 -4.61 -6.43
N ILE B 54 35.15 -5.06 -6.70
CA ILE B 54 34.26 -5.61 -5.69
C ILE B 54 34.26 -7.12 -5.83
N ALA B 55 34.50 -7.83 -4.74
CA ALA B 55 34.61 -9.28 -4.83
C ALA B 55 34.19 -9.93 -3.52
N ALA B 56 33.83 -11.20 -3.63
CA ALA B 56 33.75 -12.07 -2.47
C ALA B 56 35.09 -12.77 -2.34
N VAL B 57 35.51 -12.99 -1.08
CA VAL B 57 36.75 -13.70 -0.78
C VAL B 57 36.36 -15.07 -0.25
N ALA B 58 36.80 -16.11 -0.94
CA ALA B 58 36.58 -17.48 -0.50
C ALA B 58 37.92 -18.19 -0.61
N ASN B 59 38.37 -18.80 0.50
CA ASN B 59 39.65 -19.51 0.58
C ASN B 59 40.77 -18.68 -0.06
N ASN B 60 40.93 -17.46 0.44
CA ASN B 60 41.97 -16.54 -0.04
C ASN B 60 41.98 -16.42 -1.56
N THR B 61 40.79 -16.43 -2.16
CA THR B 61 40.65 -16.28 -3.62
C THR B 61 39.64 -15.19 -3.92
N PRO B 62 40.01 -14.16 -4.69
CA PRO B 62 39.06 -13.09 -5.01
C PRO B 62 38.10 -13.57 -6.10
N LEU B 63 36.81 -13.44 -5.83
CA LEU B 63 35.75 -13.84 -6.75
C LEU B 63 35.05 -12.53 -7.14
N TYR B 64 35.58 -11.88 -8.16
CA TYR B 64 35.17 -10.55 -8.53
C TYR B 64 33.78 -10.56 -9.17
N CYS B 65 32.98 -9.56 -8.79
CA CYS B 65 31.79 -9.16 -9.52
C CYS B 65 32.07 -8.08 -10.57
N ASP B 66 33.01 -7.17 -10.27
CA ASP B 66 33.39 -6.11 -11.19
C ASP B 66 34.73 -5.56 -10.73
N ALA B 67 35.62 -5.29 -11.68
CA ALA B 67 36.94 -4.78 -11.31
C ALA B 67 37.57 -4.08 -12.51
N ILE B 68 38.65 -3.35 -12.24
CA ILE B 68 39.51 -2.77 -13.27
C ILE B 68 40.95 -3.09 -12.92
N ASN B 69 41.83 -3.09 -13.93
CA ASN B 69 43.24 -3.33 -13.65
C ASN B 69 44.05 -2.04 -13.79
N GLU B 70 45.34 -2.12 -13.48
CA GLU B 70 46.20 -0.95 -13.47
C GLU B 70 46.42 -0.33 -14.86
N LYS B 71 46.09 -1.05 -15.93
CA LYS B 71 46.28 -0.54 -17.28
C LYS B 71 45.01 0.06 -17.88
N GLY B 72 43.91 0.07 -17.13
CA GLY B 72 42.73 0.79 -17.58
C GLY B 72 41.73 -0.07 -18.32
N LEU B 73 41.70 -1.36 -18.04
CA LEU B 73 40.72 -2.29 -18.59
C LEU B 73 39.76 -2.65 -17.47
N GLY B 74 38.49 -2.82 -17.80
CA GLY B 74 37.47 -3.14 -16.82
C GLY B 74 36.59 -4.26 -17.32
N VAL B 75 36.17 -5.13 -16.39
CA VAL B 75 35.23 -6.20 -16.68
C VAL B 75 34.21 -6.24 -15.56
N ALA B 76 32.92 -6.34 -15.92
CA ALA B 76 31.84 -6.50 -14.97
C ALA B 76 31.03 -7.73 -15.33
N GLY B 77 30.64 -8.51 -14.32
CA GLY B 77 29.84 -9.71 -14.52
C GLY B 77 28.42 -9.45 -14.05
N LEU B 78 27.46 -9.85 -14.88
CA LEU B 78 26.05 -9.64 -14.58
C LEU B 78 25.29 -10.94 -14.81
N SER B 79 24.19 -11.08 -14.08
CA SER B 79 23.36 -12.26 -14.16
C SER B 79 22.84 -12.46 -15.58
N PHE B 80 22.99 -13.68 -16.07
CA PHE B 80 22.52 -14.07 -17.40
C PHE B 80 21.61 -15.29 -17.28
N ALA B 81 20.96 -15.42 -16.12
CA ALA B 81 20.12 -16.56 -15.81
C ALA B 81 19.11 -16.85 -16.91
N GLY B 82 19.00 -18.13 -17.29
CA GLY B 82 18.05 -18.55 -18.30
C GLY B 82 18.45 -18.29 -19.74
N GLN B 83 19.55 -17.57 -19.97
CA GLN B 83 20.11 -17.36 -21.30
C GLN B 83 21.49 -17.96 -21.47
N GLY B 84 22.29 -18.08 -20.40
CA GLY B 84 23.66 -18.49 -20.57
C GLY B 84 23.80 -19.99 -20.67
N LYS B 85 24.93 -20.44 -21.21
CA LYS B 85 25.30 -21.85 -21.16
C LYS B 85 26.82 -21.94 -21.09
N TYR B 86 27.33 -22.77 -20.18
CA TYR B 86 28.75 -23.08 -20.13
C TYR B 86 28.96 -24.48 -20.69
N PHE B 87 30.20 -24.78 -21.06
CA PHE B 87 30.48 -25.98 -21.82
C PHE B 87 31.59 -26.80 -21.18
N PRO B 88 31.54 -28.12 -21.32
CA PRO B 88 32.59 -28.97 -20.74
C PRO B 88 33.97 -28.58 -21.25
N VAL B 89 34.99 -28.86 -20.42
CA VAL B 89 36.36 -28.53 -20.79
C VAL B 89 36.75 -29.31 -22.05
N VAL B 90 37.45 -28.64 -22.97
CA VAL B 90 37.79 -29.21 -24.27
C VAL B 90 39.23 -28.86 -24.63
N GLU B 91 39.89 -29.77 -25.38
CA GLU B 91 41.31 -29.57 -25.70
C GLU B 91 41.51 -28.64 -26.89
N ASP B 92 40.52 -28.51 -27.77
CA ASP B 92 40.64 -27.65 -28.95
C ASP B 92 40.50 -26.16 -28.64
N LYS B 93 40.42 -25.79 -27.36
CA LYS B 93 39.99 -24.46 -26.98
C LYS B 93 40.69 -24.07 -25.69
N LYS B 94 40.75 -22.77 -25.44
CA LYS B 94 41.30 -22.20 -24.21
C LYS B 94 40.17 -22.04 -23.18
N ASN B 95 40.21 -22.84 -22.11
CA ASN B 95 39.09 -23.00 -21.19
C ASN B 95 39.21 -22.03 -20.01
N ILE B 96 38.28 -21.07 -19.94
CA ILE B 96 38.17 -20.13 -18.81
C ILE B 96 36.87 -20.40 -18.08
N ALA B 97 36.97 -20.71 -16.79
CA ALA B 97 35.78 -20.93 -15.97
C ALA B 97 35.08 -19.61 -15.69
N SER B 98 33.76 -19.67 -15.55
CA SER B 98 32.98 -18.45 -15.45
C SER B 98 33.31 -17.67 -14.19
N PHE B 99 33.59 -18.36 -13.07
CA PHE B 99 33.92 -17.64 -11.85
C PHE B 99 35.26 -16.94 -11.93
N GLU B 100 36.12 -17.30 -12.89
CA GLU B 100 37.44 -16.70 -12.98
C GLU B 100 37.63 -15.83 -14.22
N PHE B 101 36.57 -15.57 -14.97
CA PHE B 101 36.73 -14.81 -16.21
C PHE B 101 37.28 -13.41 -15.93
N ILE B 102 36.69 -12.69 -14.97
CA ILE B 102 37.14 -11.33 -14.68
C ILE B 102 38.59 -11.32 -14.20
N SER B 103 38.96 -12.25 -13.32
CA SER B 103 40.33 -12.31 -12.82
C SER B 103 41.32 -12.58 -13.94
N TYR B 104 41.02 -13.57 -14.78
CA TYR B 104 41.93 -13.95 -15.85
C TYR B 104 42.11 -12.83 -16.87
N ILE B 105 41.01 -12.20 -17.29
CA ILE B 105 41.10 -11.14 -18.29
C ILE B 105 41.86 -9.94 -17.74
N LEU B 106 41.60 -9.57 -16.48
CA LEU B 106 42.24 -8.37 -15.94
C LEU B 106 43.70 -8.63 -15.57
N ALA B 107 44.04 -9.88 -15.23
CA ALA B 107 45.43 -10.26 -14.96
C ALA B 107 46.28 -10.24 -16.22
N THR B 108 45.69 -10.58 -17.37
CA THR B 108 46.42 -10.90 -18.58
C THR B 108 46.41 -9.81 -19.65
N TYR B 109 45.36 -8.99 -19.75
CA TYR B 109 45.18 -8.15 -20.92
C TYR B 109 45.02 -6.68 -20.55
N GLU B 110 45.28 -5.83 -21.54
CA GLU B 110 45.32 -4.37 -21.35
C GLU B 110 44.18 -3.61 -21.98
N THR B 111 43.62 -4.10 -23.10
CA THR B 111 42.67 -3.31 -23.87
C THR B 111 41.57 -4.22 -24.39
N VAL B 112 40.43 -3.59 -24.69
CA VAL B 112 39.30 -4.26 -25.32
C VAL B 112 39.71 -4.95 -26.61
N ASP B 113 40.57 -4.31 -27.41
CA ASP B 113 41.04 -4.93 -28.66
C ASP B 113 41.78 -6.22 -28.39
N GLN B 114 42.70 -6.19 -27.42
CA GLN B 114 43.41 -7.39 -27.02
C GLN B 114 42.45 -8.49 -26.58
N VAL B 115 41.43 -8.13 -25.79
CA VAL B 115 40.47 -9.11 -25.34
C VAL B 115 39.76 -9.75 -26.53
N LYS B 116 39.31 -8.93 -27.48
CA LYS B 116 38.68 -9.46 -28.70
C LYS B 116 39.58 -10.48 -29.39
N GLU B 117 40.83 -10.08 -29.68
CA GLU B 117 41.73 -10.96 -30.40
C GLU B 117 41.89 -12.30 -29.68
N ASN B 118 41.94 -12.27 -28.35
CA ASN B 118 42.24 -13.48 -27.59
C ASN B 118 41.01 -14.29 -27.19
N LEU B 119 39.82 -13.86 -27.56
CA LEU B 119 38.64 -14.66 -27.26
C LEU B 119 38.25 -15.57 -28.40
N THR B 120 38.98 -15.53 -29.50
CA THR B 120 38.60 -16.26 -30.70
C THR B 120 38.77 -17.76 -30.54
N ASP B 121 39.54 -18.21 -29.54
CA ASP B 121 39.75 -19.63 -29.31
C ASP B 121 39.33 -20.04 -27.90
N VAL B 122 38.41 -19.31 -27.29
CA VAL B 122 38.11 -19.44 -25.86
C VAL B 122 36.84 -20.26 -25.66
N ASN B 123 36.84 -21.04 -24.57
CA ASN B 123 35.66 -21.77 -24.10
C ASN B 123 35.36 -21.33 -22.67
N ILE B 124 34.13 -20.89 -22.42
CA ILE B 124 33.69 -20.62 -21.05
C ILE B 124 33.22 -21.95 -20.45
N SER B 125 34.00 -22.47 -19.51
CA SER B 125 33.76 -23.83 -19.06
C SER B 125 32.70 -23.86 -17.96
N ASP B 126 32.17 -25.07 -17.71
CA ASP B 126 31.17 -25.31 -16.68
C ASP B 126 31.79 -25.60 -15.33
N VAL B 127 33.11 -25.43 -15.20
CA VAL B 127 33.79 -25.67 -13.94
C VAL B 127 33.30 -24.67 -12.88
N SER B 128 33.24 -25.15 -11.63
CA SER B 128 32.83 -24.35 -10.48
C SER B 128 34.00 -24.22 -9.51
N PHE B 129 34.01 -23.08 -8.79
CA PHE B 129 35.01 -22.82 -7.77
C PHE B 129 35.14 -23.98 -6.78
N SER B 130 34.02 -24.54 -6.35
CA SER B 130 34.04 -25.75 -5.55
C SER B 130 32.79 -26.53 -5.89
N LYS B 131 32.82 -27.83 -5.60
CA LYS B 131 31.63 -28.65 -5.70
C LYS B 131 30.44 -28.05 -4.98
N ASN B 132 30.69 -27.28 -3.91
CA ASN B 132 29.64 -26.72 -3.05
C ASN B 132 29.40 -25.23 -3.31
N THR B 133 30.05 -24.64 -4.32
CA THR B 133 29.74 -23.29 -4.78
C THR B 133 29.48 -23.37 -6.29
N PRO B 134 28.29 -23.87 -6.69
CA PRO B 134 28.03 -24.02 -8.13
C PRO B 134 28.08 -22.69 -8.85
N ALA B 135 28.46 -22.75 -10.13
CA ALA B 135 28.73 -21.56 -10.92
C ALA B 135 27.44 -20.85 -11.28
N SER B 136 27.35 -19.56 -10.97
CA SER B 136 26.18 -18.83 -11.45
C SER B 136 26.32 -18.51 -12.94
N GLU B 137 25.19 -18.20 -13.55
CA GLU B 137 25.14 -17.85 -14.96
C GLU B 137 25.41 -16.36 -15.14
N LEU B 138 26.43 -16.02 -15.93
CA LEU B 138 26.87 -14.64 -16.10
C LEU B 138 27.08 -14.32 -17.58
N HIS B 139 27.01 -13.03 -17.90
CA HIS B 139 27.63 -12.47 -19.08
C HIS B 139 28.41 -11.23 -18.67
N TRP B 140 29.25 -10.72 -19.54
CA TRP B 140 30.25 -9.75 -19.11
C TRP B 140 30.25 -8.53 -20.01
N LEU B 141 30.59 -7.39 -19.40
CA LEU B 141 30.86 -6.14 -20.10
C LEU B 141 32.34 -5.83 -19.92
N VAL B 142 33.06 -5.70 -21.04
CA VAL B 142 34.47 -5.33 -21.04
C VAL B 142 34.59 -3.94 -21.67
N GLY B 143 35.23 -3.02 -20.95
CA GLY B 143 35.46 -1.70 -21.49
C GLY B 143 36.86 -1.22 -21.14
N ASP B 144 37.31 -0.16 -21.82
CA ASP B 144 38.64 0.35 -21.54
C ASP B 144 38.67 1.85 -21.80
N LYS B 145 39.86 2.45 -21.66
CA LYS B 145 40.08 3.88 -21.80
C LYS B 145 39.88 4.39 -23.22
N THR B 146 39.65 3.53 -24.21
CA THR B 146 39.30 4.06 -25.52
C THR B 146 37.85 4.53 -25.59
N GLY B 147 37.07 4.35 -24.54
CA GLY B 147 35.64 4.61 -24.61
C GLY B 147 34.84 3.57 -25.34
N LYS B 148 35.44 2.44 -25.70
CA LYS B 148 34.71 1.39 -26.40
C LYS B 148 34.53 0.18 -25.49
N SER B 149 33.50 -0.61 -25.76
CA SER B 149 33.27 -1.78 -24.93
C SER B 149 32.84 -2.93 -25.81
N ILE B 150 32.87 -4.13 -25.25
CA ILE B 150 32.34 -5.32 -25.90
C ILE B 150 31.47 -6.06 -24.89
N VAL B 151 30.61 -6.93 -25.40
CA VAL B 151 29.80 -7.83 -24.58
C VAL B 151 30.24 -9.26 -24.86
N VAL B 152 30.42 -10.05 -23.81
CA VAL B 152 30.83 -11.45 -23.92
C VAL B 152 29.69 -12.32 -23.43
N GLU B 153 29.16 -13.17 -24.31
CA GLU B 153 28.02 -14.03 -23.98
C GLU B 153 28.30 -15.44 -24.47
N SER B 154 28.18 -16.41 -23.57
CA SER B 154 28.18 -17.82 -23.93
C SER B 154 26.76 -18.34 -23.75
N ASP B 155 26.14 -18.79 -24.84
CA ASP B 155 24.76 -19.26 -24.79
C ASP B 155 24.68 -20.64 -25.46
N GLU B 156 23.48 -21.06 -25.86
CA GLU B 156 23.27 -22.34 -26.53
C GLU B 156 24.20 -22.50 -27.73
N LYS B 157 24.30 -21.46 -28.55
CA LYS B 157 25.09 -21.52 -29.78
C LYS B 157 26.57 -21.22 -29.58
N GLY B 158 27.08 -21.23 -28.35
CA GLY B 158 28.50 -21.04 -28.11
C GLY B 158 28.85 -19.66 -27.59
N LEU B 159 30.14 -19.34 -27.68
CA LEU B 159 30.65 -18.05 -27.23
C LEU B 159 30.44 -16.98 -28.29
N HIS B 160 30.07 -15.77 -27.85
CA HIS B 160 29.92 -14.64 -28.75
C HIS B 160 30.54 -13.41 -28.12
N VAL B 161 31.10 -12.56 -28.98
CA VAL B 161 31.67 -11.30 -28.59
C VAL B 161 31.09 -10.26 -29.53
N TYR B 162 30.43 -9.25 -28.95
CA TYR B 162 29.77 -8.20 -29.71
C TYR B 162 30.34 -6.85 -29.36
N ASP B 163 30.57 -6.03 -30.38
CA ASP B 163 30.79 -4.61 -30.14
C ASP B 163 29.54 -4.01 -29.50
N ASN B 164 29.75 -3.21 -28.47
CA ASN B 164 28.65 -2.62 -27.72
C ASN B 164 28.57 -1.13 -28.06
N PRO B 165 27.70 -0.73 -28.98
CA PRO B 165 27.62 0.69 -29.36
C PRO B 165 26.99 1.61 -28.33
N VAL B 166 26.46 1.12 -27.20
CA VAL B 166 25.81 1.98 -26.23
C VAL B 166 26.48 1.95 -24.88
N ASN B 167 27.52 1.13 -24.72
CA ASN B 167 28.39 1.13 -23.55
C ASN B 167 27.64 0.82 -22.26
N ALA B 168 26.64 -0.07 -22.35
CA ALA B 168 25.86 -0.46 -21.19
C ALA B 168 25.42 -1.91 -21.37
N LEU B 169 25.00 -2.53 -20.26
CA LEU B 169 24.56 -3.91 -20.25
C LEU B 169 23.69 -4.16 -19.02
N THR B 170 22.65 -5.01 -19.16
CA THR B 170 21.85 -5.46 -18.03
C THR B 170 21.81 -6.99 -18.06
N ASN B 171 20.63 -7.60 -18.06
CA ASN B 171 20.50 -9.06 -17.89
C ASN B 171 19.98 -9.65 -19.20
N ALA B 172 18.93 -10.49 -19.18
CA ALA B 172 18.41 -11.05 -20.40
C ALA B 172 17.66 -9.97 -21.19
N PRO B 173 17.44 -10.16 -22.50
CA PRO B 173 17.79 -11.29 -23.37
C PRO B 173 19.21 -11.20 -23.97
N LEU B 174 19.46 -12.01 -24.99
CA LEU B 174 20.76 -11.97 -25.67
C LEU B 174 20.99 -10.57 -26.21
N PHE B 175 22.27 -10.18 -26.22
CA PHE B 175 22.59 -8.79 -26.53
C PHE B 175 22.04 -8.31 -27.88
N PRO B 176 22.10 -9.06 -28.98
CA PRO B 176 21.45 -8.56 -30.22
C PRO B 176 19.98 -8.21 -30.03
N GLN B 177 19.25 -8.98 -29.21
CA GLN B 177 17.84 -8.65 -28.95
C GLN B 177 17.71 -7.37 -28.14
N GLN B 178 18.61 -7.16 -27.16
CA GLN B 178 18.64 -5.88 -26.43
C GLN B 178 18.77 -4.70 -27.38
N LEU B 179 19.67 -4.78 -28.37
CA LEU B 179 19.86 -3.64 -29.27
C LEU B 179 18.65 -3.42 -30.16
N THR B 180 18.08 -4.51 -30.68
CA THR B 180 16.86 -4.41 -31.47
C THR B 180 15.79 -3.65 -30.72
N ASN B 181 15.60 -3.99 -29.44
CA ASN B 181 14.54 -3.36 -28.66
C ASN B 181 14.78 -1.86 -28.49
N LEU B 182 16.04 -1.40 -28.56
CA LEU B 182 16.30 0.04 -28.48
C LEU B 182 15.59 0.83 -29.58
N ALA B 183 15.45 0.23 -30.77
CA ALA B 183 14.87 0.95 -31.90
C ALA B 183 13.42 1.28 -31.63
N ASN B 184 12.78 0.48 -30.78
CA ASN B 184 11.41 0.71 -30.37
C ASN B 184 11.22 2.05 -29.68
N TYR B 185 12.31 2.75 -29.31
CA TYR B 185 12.23 4.00 -28.57
C TYR B 185 12.90 5.13 -29.34
N ALA B 186 12.98 5.00 -30.66
CA ALA B 186 13.69 5.99 -31.47
C ALA B 186 13.00 7.35 -31.46
N ALA B 187 11.71 7.42 -31.15
CA ALA B 187 10.99 8.68 -31.09
C ALA B 187 11.21 9.45 -29.79
N VAL B 188 11.88 8.86 -28.80
CA VAL B 188 12.07 9.51 -27.50
C VAL B 188 13.05 10.67 -27.65
N VAL B 189 12.71 11.82 -27.07
CA VAL B 189 13.65 12.93 -26.94
C VAL B 189 13.57 13.48 -25.52
N PRO B 190 14.63 14.14 -25.04
CA PRO B 190 14.59 14.70 -23.67
C PRO B 190 13.70 15.92 -23.53
N GLY B 191 13.51 16.69 -24.59
CA GLY B 191 12.62 17.83 -24.47
C GLY B 191 11.23 17.55 -25.02
N GLN B 192 10.73 18.47 -25.82
CA GLN B 192 9.44 18.34 -26.45
C GLN B 192 9.63 18.01 -27.91
N PRO B 193 8.82 17.10 -28.46
CA PRO B 193 8.87 16.84 -29.88
C PRO B 193 8.05 17.85 -30.66
N ASN B 194 8.42 18.04 -31.92
CA ASN B 194 7.53 18.69 -32.87
C ASN B 194 6.27 17.85 -33.07
N ASN B 195 5.12 18.50 -33.14
CA ASN B 195 3.85 17.79 -33.34
C ASN B 195 3.68 17.39 -34.80
N ASP B 196 4.22 16.23 -35.14
CA ASP B 196 3.79 15.49 -36.32
C ASP B 196 2.78 14.42 -35.96
N PHE B 197 2.27 14.44 -34.72
CA PHE B 197 1.29 13.45 -34.27
C PHE B 197 -0.09 13.74 -34.86
N LEU B 198 -0.66 14.91 -34.54
CA LEU B 198 -1.88 15.40 -35.18
C LEU B 198 -1.59 16.76 -35.80
N PRO B 199 -0.99 16.78 -36.98
CA PRO B 199 -0.74 18.06 -37.68
C PRO B 199 -2.03 18.86 -37.81
N GLY B 200 -1.91 20.16 -37.57
CA GLY B 200 -3.06 21.03 -37.61
C GLY B 200 -3.80 21.16 -36.30
N VAL B 201 -3.50 20.31 -35.32
CA VAL B 201 -4.10 20.45 -34.00
C VAL B 201 -3.05 21.05 -33.07
N ASP B 202 -3.44 22.08 -32.32
CA ASP B 202 -2.54 22.67 -31.33
C ASP B 202 -2.69 21.83 -30.07
N LEU B 203 -1.69 21.00 -29.78
CA LEU B 203 -1.68 20.20 -28.56
C LEU B 203 -0.95 20.98 -27.47
N LYS B 204 -1.64 21.31 -26.38
CA LYS B 204 -0.98 21.93 -25.25
C LYS B 204 0.03 20.94 -24.64
N MET B 205 1.30 21.32 -24.68
CA MET B 205 2.37 20.59 -24.03
C MET B 205 2.30 20.91 -22.53
N TYR B 206 1.42 20.18 -21.83
CA TYR B 206 1.09 20.49 -20.44
C TYR B 206 2.23 20.20 -19.46
N SER B 207 3.22 19.40 -19.86
CA SER B 207 4.34 19.09 -18.98
C SER B 207 5.63 19.26 -19.76
N ARG B 208 6.72 19.52 -19.04
CA ARG B 208 8.04 19.45 -19.63
C ARG B 208 8.36 18.00 -19.94
N SER B 209 9.21 17.80 -20.94
CA SER B 209 9.76 16.49 -21.25
C SER B 209 8.67 15.51 -21.66
N LEU B 210 7.67 15.98 -22.42
CA LEU B 210 6.71 15.01 -22.94
C LEU B 210 7.37 14.05 -23.92
N GLY B 211 8.55 14.40 -24.45
CA GLY B 211 9.29 13.46 -25.25
C GLY B 211 9.76 12.23 -24.51
N THR B 212 9.82 12.25 -23.17
CA THR B 212 10.21 11.05 -22.43
C THR B 212 9.01 10.31 -21.85
N HIS B 213 7.80 10.61 -22.34
CA HIS B 213 6.64 10.00 -21.70
C HIS B 213 6.59 8.47 -21.88
N HIS B 214 7.29 7.93 -22.88
CA HIS B 214 7.32 6.49 -23.05
C HIS B 214 8.67 5.89 -22.72
N LEU B 215 9.55 6.65 -22.10
CA LEU B 215 10.80 6.12 -21.59
C LEU B 215 10.51 5.09 -20.49
N PRO B 216 11.12 3.90 -20.54
CA PRO B 216 10.77 2.82 -19.58
C PRO B 216 11.32 3.06 -18.19
N GLY B 217 10.48 2.78 -17.19
CA GLY B 217 10.88 2.95 -15.81
C GLY B 217 10.81 1.70 -14.97
N GLY B 218 10.46 0.58 -15.59
CA GLY B 218 10.35 -0.66 -14.84
C GLY B 218 11.68 -1.17 -14.32
N MET B 219 11.58 -2.17 -13.46
CA MET B 219 12.77 -2.78 -12.86
C MET B 219 13.28 -3.95 -13.68
N ASP B 220 12.60 -4.31 -14.76
CA ASP B 220 13.02 -5.45 -15.56
C ASP B 220 14.24 -5.08 -16.39
N SER B 221 14.87 -6.12 -16.95
CA SER B 221 16.14 -5.96 -17.62
C SER B 221 16.06 -5.03 -18.84
N GLU B 222 15.03 -5.22 -19.68
CA GLU B 222 14.90 -4.37 -20.86
C GLU B 222 14.62 -2.93 -20.49
N SER B 223 13.70 -2.70 -19.55
CA SER B 223 13.40 -1.34 -19.12
C SER B 223 14.68 -0.64 -18.64
N ARG B 224 15.44 -1.29 -17.76
CA ARG B 224 16.64 -0.64 -17.23
C ARG B 224 17.69 -0.45 -18.33
N PHE B 225 17.78 -1.39 -19.28
CA PHE B 225 18.72 -1.21 -20.39
C PHE B 225 18.39 0.03 -21.20
N VAL B 226 17.11 0.19 -21.59
CA VAL B 226 16.74 1.32 -22.44
C VAL B 226 16.95 2.63 -21.68
N LYS B 227 16.51 2.69 -20.43
CA LYS B 227 16.63 3.94 -19.69
C LYS B 227 18.09 4.31 -19.46
N VAL B 228 18.94 3.34 -19.09
CA VAL B 228 20.33 3.71 -18.76
C VAL B 228 21.12 4.07 -20.02
N CYS B 229 20.81 3.44 -21.16
CA CYS B 229 21.43 3.88 -22.41
C CYS B 229 21.13 5.35 -22.67
N PHE B 230 19.89 5.75 -22.43
CA PHE B 230 19.48 7.14 -22.64
C PHE B 230 20.18 8.05 -21.65
N ALA B 231 20.20 7.65 -20.38
CA ALA B 231 20.84 8.46 -19.35
C ALA B 231 22.31 8.65 -19.68
N LEU B 232 22.99 7.56 -20.04
CA LEU B 232 24.42 7.63 -20.28
C LEU B 232 24.74 8.46 -21.52
N ASN B 233 23.91 8.34 -22.57
CA ASN B 233 24.15 9.06 -23.81
C ASN B 233 24.01 10.57 -23.62
N HIS B 234 23.10 10.99 -22.78
CA HIS B 234 22.81 12.41 -22.65
C HIS B 234 23.54 13.05 -21.47
N ALA B 235 24.34 12.29 -20.74
CA ALA B 235 25.01 12.80 -19.56
C ALA B 235 26.08 13.84 -19.92
N PRO B 236 26.40 14.76 -19.01
CA PRO B 236 27.36 15.82 -19.34
C PRO B 236 28.75 15.27 -19.67
N LYS B 237 29.52 16.08 -20.39
CA LYS B 237 30.87 15.68 -20.77
C LYS B 237 31.86 16.74 -20.29
N ASP B 238 33.15 16.45 -20.49
CA ASP B 238 34.27 17.34 -20.22
C ASP B 238 34.43 17.66 -18.75
N SER B 239 33.82 16.88 -17.87
CA SER B 239 33.89 17.20 -16.45
C SER B 239 35.25 16.81 -15.86
N ASP B 240 35.59 17.44 -14.74
CA ASP B 240 36.73 17.08 -13.93
C ASP B 240 36.35 15.89 -13.03
N GLU B 241 37.22 15.52 -12.09
CA GLU B 241 37.07 14.23 -11.43
C GLU B 241 35.79 14.14 -10.61
N VAL B 242 35.64 15.00 -9.62
CA VAL B 242 34.53 14.87 -8.70
C VAL B 242 33.21 15.01 -9.45
N GLU B 243 33.16 15.94 -10.40
CA GLU B 243 31.99 16.17 -11.22
C GLU B 243 31.61 14.93 -12.03
N SER B 244 32.62 14.22 -12.55
CA SER B 244 32.37 13.05 -13.37
C SER B 244 31.84 11.90 -12.54
N VAL B 245 32.49 11.64 -11.39
CA VAL B 245 31.99 10.64 -10.47
C VAL B 245 30.55 10.96 -10.08
N THR B 246 30.27 12.23 -9.81
CA THR B 246 28.94 12.61 -9.38
C THR B 246 27.90 12.28 -10.45
N ASN B 247 28.20 12.60 -11.71
CA ASN B 247 27.27 12.29 -12.79
C ASN B 247 27.15 10.80 -13.03
N PHE B 248 28.25 10.07 -12.86
CA PHE B 248 28.21 8.62 -13.02
C PHE B 248 27.19 8.00 -12.08
N PHE B 249 27.26 8.36 -10.80
CA PHE B 249 26.36 7.80 -9.80
C PHE B 249 24.91 8.15 -10.10
N HIS B 250 24.66 9.38 -10.56
CA HIS B 250 23.31 9.77 -10.94
C HIS B 250 22.81 8.95 -12.14
N ILE B 251 23.68 8.65 -13.10
CA ILE B 251 23.29 7.82 -14.24
C ILE B 251 22.78 6.48 -13.74
N LEU B 252 23.57 5.81 -12.91
CA LEU B 252 23.16 4.50 -12.42
C LEU B 252 21.96 4.63 -11.51
N GLN B 253 21.83 5.77 -10.82
CA GLN B 253 20.65 6.04 -10.01
C GLN B 253 19.38 6.09 -10.83
N SER B 254 19.46 6.51 -12.09
CA SER B 254 18.24 6.62 -12.89
C SER B 254 17.55 5.27 -13.04
N VAL B 255 18.26 4.16 -12.84
CA VAL B 255 17.71 2.81 -12.97
C VAL B 255 17.92 2.02 -11.69
N GLU B 256 17.88 2.68 -10.54
CA GLU B 256 18.06 1.94 -9.33
C GLU B 256 16.75 1.27 -8.88
N GLN B 257 16.89 0.25 -8.05
CA GLN B 257 15.78 -0.59 -7.65
C GLN B 257 15.54 -0.35 -6.17
N VAL B 258 14.44 0.35 -5.84
CA VAL B 258 14.02 0.58 -4.45
C VAL B 258 13.42 -0.70 -3.89
N LYS B 259 13.63 -0.93 -2.59
CA LYS B 259 13.03 -2.09 -1.94
C LYS B 259 11.53 -2.03 -2.05
N GLY B 260 10.93 -3.13 -2.55
CA GLY B 260 9.51 -3.22 -2.73
C GLY B 260 9.05 -3.27 -4.18
N MET B 261 9.85 -2.74 -5.11
CA MET B 261 9.41 -2.61 -6.50
C MET B 261 9.76 -3.78 -7.42
N ASP B 262 10.68 -4.66 -7.01
CA ASP B 262 11.11 -5.79 -7.83
C ASP B 262 11.00 -7.05 -6.97
N GLU B 263 9.85 -7.71 -7.06
CA GLU B 263 9.58 -8.90 -6.25
C GLU B 263 10.02 -10.14 -7.02
N VAL B 264 10.98 -10.87 -6.45
CA VAL B 264 11.56 -12.03 -7.13
C VAL B 264 11.20 -13.32 -6.44
N GLY B 265 10.42 -13.26 -5.37
CA GLY B 265 9.93 -14.42 -4.66
C GLY B 265 8.91 -13.92 -3.66
N PRO B 266 8.24 -14.84 -2.95
CA PRO B 266 7.22 -14.43 -2.00
C PRO B 266 7.75 -13.46 -0.94
N ASN B 267 7.50 -12.16 -1.13
CA ASN B 267 8.02 -11.12 -0.25
C ASN B 267 9.55 -11.11 -0.24
N ILE B 268 10.17 -11.40 -1.38
CA ILE B 268 11.61 -11.32 -1.56
C ILE B 268 11.90 -10.30 -2.66
N PHE B 269 12.78 -9.34 -2.38
CA PHE B 269 12.92 -8.19 -3.27
C PHE B 269 14.35 -8.01 -3.69
N GLU B 270 14.54 -7.76 -4.99
CA GLU B 270 15.83 -7.39 -5.54
C GLU B 270 15.93 -5.87 -5.45
N TYR B 271 17.03 -5.37 -4.86
CA TYR B 271 17.23 -3.94 -4.72
C TYR B 271 18.71 -3.63 -4.93
N THR B 272 19.00 -2.36 -5.24
CA THR B 272 20.36 -1.94 -5.57
C THR B 272 21.22 -1.99 -4.30
N MET B 273 22.06 -3.01 -4.21
CA MET B 273 22.83 -3.26 -2.99
C MET B 273 24.03 -2.34 -2.90
N TYR B 274 24.77 -2.19 -3.99
CA TYR B 274 25.85 -1.21 -4.04
C TYR B 274 26.01 -0.70 -5.46
N THR B 275 26.71 0.41 -5.58
CA THR B 275 27.05 1.04 -6.85
C THR B 275 28.54 1.30 -6.85
N SER B 276 29.23 0.87 -7.91
CA SER B 276 30.67 1.03 -8.01
C SER B 276 31.02 1.86 -9.23
N CYS B 277 32.07 2.67 -9.09
CA CYS B 277 32.52 3.61 -10.11
C CYS B 277 34.04 3.62 -10.09
N MET B 278 34.66 3.14 -11.17
CA MET B 278 36.09 2.88 -11.20
C MET B 278 36.73 3.76 -12.28
N ASN B 279 37.58 4.69 -11.85
CA ASN B 279 38.29 5.54 -12.81
C ASN B 279 39.38 4.70 -13.46
N LEU B 280 39.25 4.47 -14.78
CA LEU B 280 40.20 3.58 -15.46
C LEU B 280 41.60 4.20 -15.51
N GLU B 281 41.68 5.52 -15.69
CA GLU B 281 42.97 6.21 -15.78
C GLU B 281 43.73 6.26 -14.46
N LYS B 282 43.03 6.30 -13.33
CA LYS B 282 43.68 6.57 -12.05
C LYS B 282 43.64 5.41 -11.07
N GLY B 283 42.93 4.33 -11.39
CA GLY B 283 42.89 3.19 -10.48
C GLY B 283 42.17 3.45 -9.19
N ILE B 284 41.16 4.32 -9.20
CA ILE B 284 40.41 4.71 -8.01
C ILE B 284 39.01 4.11 -8.07
N LEU B 285 38.61 3.44 -6.99
CA LEU B 285 37.30 2.81 -6.89
C LEU B 285 36.43 3.65 -5.96
N TYR B 286 35.35 4.21 -6.50
CA TYR B 286 34.34 4.93 -5.73
C TYR B 286 33.12 4.05 -5.52
N PHE B 287 32.50 4.13 -4.34
CA PHE B 287 31.35 3.27 -4.09
C PHE B 287 30.42 3.90 -3.06
N ASN B 288 29.14 3.51 -3.14
CA ASN B 288 28.20 3.61 -2.03
C ASN B 288 27.31 2.36 -2.09
N CYS B 289 26.32 2.29 -1.21
CA CYS B 289 25.53 1.06 -1.06
C CYS B 289 24.13 1.48 -0.63
N TYR B 290 23.21 0.52 -0.54
CA TYR B 290 21.82 0.88 -0.27
C TYR B 290 21.70 1.69 1.03
N ASP B 291 22.42 1.28 2.06
CA ASP B 291 22.28 1.86 3.39
C ASP B 291 23.13 3.09 3.61
N ASP B 292 24.04 3.44 2.70
CA ASP B 292 24.90 4.58 2.91
C ASP B 292 25.10 5.29 1.57
N SER B 293 24.50 6.45 1.42
CA SER B 293 24.60 7.16 0.16
C SER B 293 25.87 8.01 0.04
N ARG B 294 26.57 8.26 1.13
CA ARG B 294 27.86 8.93 0.99
C ARG B 294 28.82 8.07 0.18
N ILE B 295 29.50 8.68 -0.78
CA ILE B 295 30.46 8.01 -1.65
C ILE B 295 31.78 7.83 -0.90
N SER B 296 32.33 6.62 -0.97
CA SER B 296 33.65 6.30 -0.45
C SER B 296 34.59 6.01 -1.62
N ALA B 297 35.91 6.13 -1.37
CA ALA B 297 36.91 5.97 -2.41
C ALA B 297 38.12 5.21 -1.89
N VAL B 298 38.68 4.35 -2.73
CA VAL B 298 39.87 3.58 -2.44
C VAL B 298 40.79 3.67 -3.66
N ASP B 299 41.99 4.20 -3.47
CA ASP B 299 42.97 4.38 -4.55
C ASP B 299 43.90 3.18 -4.55
N MET B 300 43.83 2.38 -5.62
CA MET B 300 44.69 1.20 -5.76
C MET B 300 46.16 1.57 -5.60
N ASN B 301 46.52 2.76 -6.08
CA ASN B 301 47.90 3.17 -6.20
C ASN B 301 48.47 3.72 -4.90
N LYS B 302 47.64 3.98 -3.90
CA LYS B 302 48.13 4.27 -2.57
C LYS B 302 48.59 3.02 -1.82
N GLU B 303 48.54 1.86 -2.45
CA GLU B 303 48.86 0.59 -1.81
C GLU B 303 50.09 -0.03 -2.47
N ASP B 304 50.66 -1.03 -1.80
CA ASP B 304 51.85 -1.69 -2.31
C ASP B 304 51.42 -2.73 -3.33
N LEU B 305 51.56 -2.41 -4.61
CA LEU B 305 51.05 -3.27 -5.67
C LEU B 305 52.00 -4.40 -6.01
N SER B 306 53.24 -4.35 -5.53
CA SER B 306 54.16 -5.44 -5.78
C SER B 306 54.02 -6.56 -4.76
N SER B 307 53.21 -6.38 -3.72
CA SER B 307 53.04 -7.43 -2.71
C SER B 307 52.25 -8.61 -3.26
N SER B 308 51.75 -9.46 -2.35
CA SER B 308 51.10 -10.68 -2.81
C SER B 308 49.94 -11.16 -1.93
N ASP B 309 49.43 -10.36 -1.00
CA ASP B 309 48.20 -10.70 -0.33
C ASP B 309 47.10 -9.73 -0.74
N LEU B 310 45.89 -10.25 -0.82
CA LEU B 310 44.73 -9.39 -1.05
C LEU B 310 44.67 -8.31 0.02
N ILE B 311 44.47 -7.07 -0.45
CA ILE B 311 44.20 -5.94 0.42
C ILE B 311 42.71 -5.67 0.34
N VAL B 312 42.03 -5.68 1.49
CA VAL B 312 40.57 -5.78 1.56
C VAL B 312 40.01 -4.63 2.39
N PHE B 313 38.96 -3.97 1.86
CA PHE B 313 38.27 -2.89 2.55
C PHE B 313 36.77 -3.17 2.57
N ASP B 314 36.09 -2.63 3.57
CA ASP B 314 34.64 -2.82 3.71
C ASP B 314 33.87 -2.11 2.60
N LEU B 315 32.86 -2.79 2.05
CA LEU B 315 31.98 -2.18 1.05
C LEU B 315 30.70 -1.67 1.69
N PHE B 316 29.92 -2.54 2.32
CA PHE B 316 28.67 -2.12 2.94
C PHE B 316 28.92 -1.36 4.23
N LYS B 317 28.35 -0.16 4.33
CA LYS B 317 28.49 0.68 5.50
C LYS B 317 27.13 1.15 5.93
N LYS B 318 27.06 1.63 7.18
CA LYS B 318 25.87 2.26 7.73
C LYS B 318 25.74 3.68 7.19
N GLN B 319 24.52 4.23 7.30
CA GLN B 319 24.24 5.56 6.77
C GLN B 319 25.08 6.60 7.49
N ASP B 320 25.80 7.42 6.72
CA ASP B 320 26.83 8.30 7.27
C ASP B 320 26.30 9.73 7.20
N ILE B 321 25.55 10.13 8.23
CA ILE B 321 24.78 11.36 8.20
C ILE B 321 25.60 12.49 8.78
N SER B 322 25.61 13.62 8.12
CA SER B 322 26.38 14.77 8.58
C SER B 322 25.46 15.69 9.37
N PHE B 323 25.65 15.76 10.69
CA PHE B 323 24.75 16.52 11.54
C PHE B 323 25.24 17.97 11.61
N ILE B 324 24.40 18.90 11.16
CA ILE B 324 24.87 20.26 10.92
C ILE B 324 24.93 21.06 12.20
N ASN B 325 23.79 21.21 12.90
CA ASN B 325 23.71 22.08 14.07
C ASN B 325 23.86 21.26 15.35
N HIS B 326 25.03 20.66 15.50
CA HIS B 326 25.32 19.84 16.67
C HIS B 326 25.56 20.67 17.91
N HIS B 327 25.91 21.95 17.73
CA HIS B 327 26.18 22.87 18.84
C HIS B 327 27.21 22.28 19.81
N HIS B 328 28.18 21.53 19.28
CA HIS B 328 29.34 21.18 20.09
C HIS B 328 30.14 22.44 20.36
N HIS B 329 29.72 23.56 19.75
CA HIS B 329 30.26 24.91 19.83
C HIS B 329 31.76 24.76 20.20
N HIS B 330 32.51 23.97 19.40
CA HIS B 330 33.95 23.64 19.63
C HIS B 330 34.84 24.88 19.75
N CYS C 2 12.80 -26.50 10.05
N CYS C 2 15.86 -27.17 9.47
CA CYS C 2 13.98 -27.32 9.81
CA CYS C 2 14.55 -27.12 10.10
C CYS C 2 14.03 -28.43 10.83
C CYS C 2 14.36 -28.31 11.03
N THR C 3 13.47 -28.15 12.01
CA THR C 3 13.27 -29.16 13.03
C THR C 3 11.84 -29.07 13.50
N SER C 4 11.10 -30.17 13.42
CA SER C 4 9.71 -30.20 13.84
C SER C 4 9.50 -31.31 14.88
N ILE C 5 8.65 -31.03 15.88
CA ILE C 5 8.45 -31.97 16.98
C ILE C 5 6.99 -32.03 17.39
N LEU C 6 6.61 -33.19 17.91
CA LEU C 6 5.33 -33.38 18.60
C LEU C 6 5.63 -33.67 20.07
N TYR C 7 5.11 -32.83 20.96
CA TYR C 7 5.46 -32.86 22.37
C TYR C 7 4.20 -33.06 23.17
N SER C 8 4.22 -34.03 24.08
CA SER C 8 3.01 -34.51 24.75
C SER C 8 3.19 -34.57 26.26
N PRO C 9 3.44 -33.43 26.91
CA PRO C 9 3.54 -33.47 28.38
C PRO C 9 2.21 -33.77 29.07
N LYS C 10 1.13 -33.18 28.59
CA LYS C 10 -0.22 -33.41 29.11
C LYS C 10 -1.15 -33.01 27.97
N ASP C 11 -1.25 -31.71 27.69
CA ASP C 11 -1.72 -31.32 26.37
C ASP C 11 -0.67 -31.73 25.33
N HIS C 12 -0.98 -31.55 24.05
CA HIS C 12 -0.12 -31.95 22.95
C HIS C 12 0.29 -30.72 22.15
N TYR C 13 1.58 -30.58 21.90
CA TYR C 13 2.13 -29.37 21.29
C TYR C 13 2.90 -29.74 20.03
N PHE C 14 2.62 -29.01 18.95
CA PHE C 14 3.16 -29.31 17.62
C PHE C 14 3.81 -28.05 17.07
N GLY C 15 5.03 -28.16 16.55
CA GLY C 15 5.70 -26.96 16.07
C GLY C 15 7.08 -27.24 15.51
N ARG C 16 7.84 -26.16 15.31
CA ARG C 16 9.07 -26.27 14.53
C ARG C 16 9.91 -25.01 14.64
N ASN C 17 11.20 -25.20 14.41
CA ASN C 17 12.12 -24.15 13.99
C ASN C 17 12.08 -24.07 12.48
N LEU C 18 12.09 -22.85 11.96
CA LEU C 18 12.39 -22.62 10.55
C LEU C 18 13.76 -21.96 10.48
N ASP C 19 14.71 -22.68 9.89
CA ASP C 19 16.09 -22.24 9.73
C ASP C 19 16.33 -22.02 8.24
N TYR C 20 16.69 -20.81 7.87
CA TYR C 20 16.97 -20.56 6.46
C TYR C 20 17.76 -19.27 6.34
N GLU C 21 18.19 -18.99 5.12
CA GLU C 21 18.99 -17.81 4.90
C GLU C 21 18.15 -16.63 4.44
N ILE C 22 16.90 -16.86 4.08
CA ILE C 22 16.03 -15.79 3.59
C ILE C 22 14.60 -16.15 3.98
N ALA C 23 13.82 -15.12 4.32
CA ALA C 23 12.42 -15.30 4.68
C ALA C 23 11.53 -15.22 3.45
N TYR C 24 10.33 -15.80 3.58
CA TYR C 24 9.33 -15.77 2.52
C TYR C 24 8.08 -15.01 2.94
N GLY C 25 8.23 -13.97 3.75
CA GLY C 25 7.07 -13.18 4.15
C GLY C 25 6.09 -13.91 5.05
N GLN C 26 6.56 -14.87 5.83
CA GLN C 26 5.68 -15.61 6.72
C GLN C 26 4.92 -14.68 7.65
N LYS C 27 3.65 -15.00 7.87
CA LYS C 27 2.82 -14.33 8.85
C LYS C 27 2.01 -15.41 9.58
N VAL C 28 1.45 -15.05 10.72
CA VAL C 28 0.45 -15.92 11.34
C VAL C 28 -0.86 -15.77 10.59
N VAL C 29 -1.41 -16.90 10.16
CA VAL C 29 -2.55 -16.95 9.25
C VAL C 29 -3.58 -17.93 9.78
N ILE C 30 -4.74 -17.42 10.19
CA ILE C 30 -5.90 -18.26 10.46
C ILE C 30 -6.68 -18.38 9.17
N THR C 31 -6.92 -19.63 8.73
CA THR C 31 -7.82 -19.86 7.60
C THR C 31 -9.14 -20.39 8.13
N PRO C 32 -10.22 -19.63 8.06
CA PRO C 32 -11.48 -20.07 8.67
C PRO C 32 -12.23 -21.05 7.78
N ARG C 33 -13.34 -21.56 8.32
CA ARG C 33 -14.00 -22.73 7.73
C ARG C 33 -14.53 -22.46 6.33
N ASN C 34 -14.96 -21.22 6.05
CA ASN C 34 -15.68 -20.93 4.82
C ASN C 34 -14.86 -20.15 3.80
N TYR C 35 -13.55 -20.04 4.01
CA TYR C 35 -12.63 -19.63 2.95
C TYR C 35 -12.54 -20.75 1.93
N GLU C 36 -12.68 -20.42 0.65
CA GLU C 36 -12.69 -21.46 -0.37
C GLU C 36 -11.28 -21.83 -0.76
N PHE C 37 -10.95 -23.11 -0.59
CA PHE C 37 -9.71 -23.68 -1.13
C PHE C 37 -9.96 -24.12 -2.56
N LYS C 38 -9.08 -23.71 -3.46
CA LYS C 38 -9.16 -24.03 -4.87
C LYS C 38 -7.93 -24.88 -5.19
N PHE C 39 -8.07 -26.20 -5.07
CA PHE C 39 -6.94 -27.11 -5.22
C PHE C 39 -6.64 -27.39 -6.68
N ALA C 40 -5.37 -27.74 -6.97
CA ALA C 40 -4.94 -27.89 -8.36
C ALA C 40 -5.77 -28.93 -9.09
N ASN C 41 -5.83 -30.15 -8.57
CA ASN C 41 -6.48 -31.27 -9.23
C ASN C 41 -7.41 -32.00 -8.28
N LEU C 42 -8.12 -31.26 -7.45
CA LEU C 42 -9.09 -31.84 -6.54
C LEU C 42 -10.28 -30.90 -6.48
N PRO C 43 -11.44 -31.39 -6.04
CA PRO C 43 -12.58 -30.50 -5.83
C PRO C 43 -12.23 -29.36 -4.88
N ALA C 44 -12.66 -28.16 -5.23
CA ALA C 44 -12.65 -27.07 -4.27
C ALA C 44 -13.38 -27.50 -3.00
N GLU C 45 -12.98 -26.92 -1.87
CA GLU C 45 -13.69 -27.15 -0.61
C GLU C 45 -14.08 -25.78 -0.06
N LYS C 46 -15.37 -25.44 -0.23
CA LYS C 46 -15.91 -24.20 0.32
C LYS C 46 -16.19 -24.31 1.81
N SER C 47 -16.22 -25.52 2.36
CA SER C 47 -16.46 -25.72 3.78
C SER C 47 -15.51 -26.80 4.27
N HIS C 48 -14.82 -26.53 5.38
CA HIS C 48 -13.75 -27.40 5.85
C HIS C 48 -13.38 -26.99 7.27
N TYR C 49 -12.41 -27.69 7.83
CA TYR C 49 -11.94 -27.34 9.16
C TYR C 49 -11.14 -26.04 9.11
N ALA C 50 -11.28 -25.23 10.17
CA ALA C 50 -10.45 -24.04 10.30
C ALA C 50 -9.05 -24.42 10.76
N MET C 51 -8.08 -23.57 10.42
CA MET C 51 -6.69 -23.86 10.75
C MET C 51 -5.93 -22.59 11.09
N ILE C 52 -4.91 -22.74 11.93
CA ILE C 52 -3.99 -21.68 12.28
C ILE C 52 -2.57 -22.20 12.03
N GLY C 53 -1.72 -21.34 11.48
CA GLY C 53 -0.34 -21.71 11.28
C GLY C 53 0.49 -20.52 10.87
N ILE C 54 1.73 -20.81 10.52
CA ILE C 54 2.64 -19.86 9.88
C ILE C 54 2.59 -20.11 8.37
N ALA C 55 2.45 -19.04 7.60
CA ALA C 55 2.24 -19.18 6.16
C ALA C 55 2.73 -17.93 5.46
N ALA C 56 3.12 -18.10 4.19
CA ALA C 56 3.26 -16.98 3.27
C ALA C 56 1.92 -16.82 2.56
N VAL C 57 1.53 -15.58 2.32
CA VAL C 57 0.25 -15.28 1.66
C VAL C 57 0.56 -14.75 0.26
N ALA C 58 -0.01 -15.39 -0.75
CA ALA C 58 0.19 -15.06 -2.15
C ALA C 58 -1.16 -15.08 -2.83
N ASN C 59 -1.49 -13.99 -3.53
CA ASN C 59 -2.74 -13.89 -4.28
C ASN C 59 -3.92 -14.39 -3.46
N ASN C 60 -3.95 -13.94 -2.21
CA ASN C 60 -4.97 -14.33 -1.24
C ASN C 60 -5.07 -15.84 -1.09
N THR C 61 -3.92 -16.51 -1.01
CA THR C 61 -3.87 -17.93 -0.72
C THR C 61 -2.84 -18.18 0.37
N PRO C 62 -3.16 -18.97 1.40
CA PRO C 62 -2.13 -19.29 2.41
C PRO C 62 -1.24 -20.43 1.92
N LEU C 63 0.05 -20.15 1.81
CA LEU C 63 1.05 -21.19 1.57
C LEU C 63 1.67 -21.51 2.92
N TYR C 64 1.21 -22.61 3.54
CA TYR C 64 1.57 -22.90 4.92
C TYR C 64 2.95 -23.54 5.01
N CYS C 65 3.70 -23.15 6.03
CA CYS C 65 4.89 -23.88 6.43
C CYS C 65 4.57 -24.94 7.47
N ASP C 66 3.62 -24.63 8.36
CA ASP C 66 3.27 -25.52 9.46
C ASP C 66 1.98 -24.96 10.05
N ALA C 67 1.10 -25.85 10.47
CA ALA C 67 -0.20 -25.40 10.95
C ALA C 67 -0.90 -26.55 11.67
N ILE C 68 -1.92 -26.20 12.44
CA ILE C 68 -2.82 -27.16 13.08
C ILE C 68 -4.24 -26.75 12.71
N ASN C 69 -5.17 -27.70 12.76
CA ASN C 69 -6.57 -27.37 12.53
C ASN C 69 -7.32 -27.44 13.85
N GLU C 70 -8.60 -27.09 13.79
CA GLU C 70 -9.41 -27.01 15.00
C GLU C 70 -9.65 -28.36 15.65
N LYS C 71 -9.41 -29.47 14.95
CA LYS C 71 -9.66 -30.78 15.53
C LYS C 71 -8.44 -31.39 16.22
N GLY C 72 -7.25 -30.81 16.08
CA GLY C 72 -6.06 -31.31 16.74
C GLY C 72 -5.08 -32.06 15.86
N LEU C 73 -5.17 -31.90 14.55
CA LEU C 73 -4.19 -32.45 13.63
C LEU C 73 -3.22 -31.35 13.23
N GLY C 74 -1.95 -31.69 13.09
CA GLY C 74 -0.93 -30.72 12.69
C GLY C 74 -0.06 -31.29 11.59
N VAL C 75 0.41 -30.41 10.72
CA VAL C 75 1.31 -30.78 9.64
C VAL C 75 2.39 -29.72 9.51
N ALA C 76 3.64 -30.15 9.35
CA ALA C 76 4.75 -29.25 9.09
C ALA C 76 5.50 -29.71 7.85
N GLY C 77 5.91 -28.75 7.02
CA GLY C 77 6.71 -29.02 5.85
C GLY C 77 8.15 -28.57 6.09
N LEU C 78 9.08 -29.45 5.78
CA LEU C 78 10.49 -29.20 5.98
C LEU C 78 11.21 -29.48 4.66
N SER C 79 12.34 -28.83 4.48
CA SER C 79 13.05 -28.96 3.22
C SER C 79 13.54 -30.39 3.05
N PHE C 80 13.47 -30.87 1.80
CA PHE C 80 13.86 -32.22 1.45
C PHE C 80 14.72 -32.20 0.20
N ALA C 81 15.44 -31.08 -0.01
CA ALA C 81 16.29 -30.87 -1.16
C ALA C 81 17.26 -32.04 -1.39
N GLY C 82 17.32 -32.50 -2.64
CA GLY C 82 18.20 -33.61 -3.01
C GLY C 82 17.70 -34.98 -2.64
N GLN C 83 16.54 -35.08 -1.99
CA GLN C 83 15.92 -36.36 -1.67
C GLN C 83 14.55 -36.51 -2.30
N GLY C 84 13.75 -35.45 -2.34
CA GLY C 84 12.38 -35.60 -2.75
C GLY C 84 12.24 -35.73 -4.24
N LYS C 85 11.04 -36.12 -4.66
CA LYS C 85 10.67 -36.18 -6.06
C LYS C 85 9.16 -36.07 -6.17
N TYR C 86 8.69 -35.18 -7.02
CA TYR C 86 7.27 -35.03 -7.29
C TYR C 86 6.97 -35.65 -8.65
N PHE C 87 5.71 -36.05 -8.84
CA PHE C 87 5.40 -36.81 -10.04
C PHE C 87 4.28 -36.18 -10.85
N PRO C 88 4.37 -36.26 -12.19
CA PRO C 88 3.32 -35.71 -13.05
C PRO C 88 1.93 -36.18 -12.65
N VAL C 89 0.94 -35.30 -12.83
CA VAL C 89 -0.43 -35.62 -12.48
C VAL C 89 -0.91 -36.84 -13.26
N VAL C 90 -1.51 -37.81 -12.56
CA VAL C 90 -2.03 -39.03 -13.18
C VAL C 90 -3.47 -39.25 -12.75
N GLU C 91 -4.27 -39.83 -13.67
CA GLU C 91 -5.68 -40.07 -13.40
C GLU C 91 -5.88 -41.23 -12.43
N ASP C 92 -4.91 -42.14 -12.34
CA ASP C 92 -5.02 -43.32 -11.49
C ASP C 92 -4.72 -43.05 -10.01
N LYS C 93 -4.51 -41.79 -9.62
CA LYS C 93 -4.22 -41.44 -8.24
C LYS C 93 -4.89 -40.10 -7.91
N LYS C 94 -5.09 -39.85 -6.61
CA LYS C 94 -5.53 -38.54 -6.15
C LYS C 94 -4.31 -37.63 -6.03
N ASN C 95 -4.35 -36.48 -6.71
CA ASN C 95 -3.15 -35.67 -6.94
C ASN C 95 -3.17 -34.44 -6.04
N ILE C 96 -2.32 -34.44 -5.01
CA ILE C 96 -2.11 -33.29 -4.14
C ILE C 96 -0.82 -32.61 -4.57
N ALA C 97 -0.89 -31.32 -4.86
CA ALA C 97 0.32 -30.58 -5.16
C ALA C 97 1.11 -30.36 -3.88
N SER C 98 2.43 -30.19 -4.02
CA SER C 98 3.27 -30.10 -2.83
C SER C 98 2.96 -28.84 -2.02
N PHE C 99 2.62 -27.75 -2.69
CA PHE C 99 2.40 -26.50 -1.98
C PHE C 99 1.07 -26.47 -1.27
N GLU C 100 0.19 -27.43 -1.53
CA GLU C 100 -1.14 -27.45 -0.93
C GLU C 100 -1.32 -28.59 0.06
N PHE C 101 -0.30 -29.42 0.26
CA PHE C 101 -0.43 -30.60 1.10
C PHE C 101 -0.95 -30.24 2.49
N ILE C 102 -0.30 -29.27 3.17
CA ILE C 102 -0.72 -28.88 4.52
C ILE C 102 -2.16 -28.39 4.52
N SER C 103 -2.51 -27.55 3.54
CA SER C 103 -3.85 -26.97 3.45
C SER C 103 -4.91 -28.06 3.24
N TYR C 104 -4.65 -28.98 2.33
CA TYR C 104 -5.66 -30.00 2.04
C TYR C 104 -5.82 -30.95 3.21
N ILE C 105 -4.71 -31.40 3.80
CA ILE C 105 -4.78 -32.36 4.90
C ILE C 105 -5.52 -31.75 6.09
N LEU C 106 -5.10 -30.56 6.52
CA LEU C 106 -5.74 -29.92 7.67
C LEU C 106 -7.17 -29.47 7.39
N ALA C 107 -7.51 -29.24 6.12
CA ALA C 107 -8.89 -28.91 5.77
C ALA C 107 -9.79 -30.14 5.81
N THR C 108 -9.26 -31.32 5.47
CA THR C 108 -10.07 -32.50 5.21
C THR C 108 -10.11 -33.50 6.35
N TYR C 109 -8.99 -33.73 7.04
CA TYR C 109 -8.85 -34.81 8.00
C TYR C 109 -8.66 -34.27 9.42
N GLU C 110 -8.93 -35.15 10.38
CA GLU C 110 -8.84 -34.77 11.78
C GLU C 110 -7.94 -35.69 12.62
N THR C 111 -7.46 -36.82 12.10
CA THR C 111 -6.53 -37.63 12.87
C THR C 111 -5.40 -38.15 11.99
N VAL C 112 -4.32 -38.57 12.65
CA VAL C 112 -3.18 -39.11 11.94
C VAL C 112 -3.54 -40.42 11.25
N ASP C 113 -4.27 -41.31 11.95
CA ASP C 113 -4.66 -42.56 11.32
C ASP C 113 -5.58 -42.30 10.14
N GLN C 114 -6.46 -41.31 10.27
CA GLN C 114 -7.27 -40.89 9.14
C GLN C 114 -6.40 -40.47 7.97
N VAL C 115 -5.36 -39.69 8.24
CA VAL C 115 -4.46 -39.28 7.17
C VAL C 115 -3.73 -40.49 6.62
N LYS C 116 -3.29 -41.39 7.51
CA LYS C 116 -2.53 -42.55 7.06
C LYS C 116 -3.33 -43.39 6.06
N GLU C 117 -4.61 -43.64 6.35
CA GLU C 117 -5.45 -44.44 5.47
C GLU C 117 -5.64 -43.76 4.11
N ASN C 118 -6.01 -42.48 4.12
CA ASN C 118 -6.35 -41.75 2.91
C ASN C 118 -5.13 -41.35 2.07
N LEU C 119 -3.93 -41.76 2.43
CA LEU C 119 -2.78 -41.46 1.60
C LEU C 119 -2.40 -42.63 0.71
N THR C 120 -3.16 -43.72 0.79
CA THR C 120 -2.76 -44.94 0.08
C THR C 120 -2.80 -44.75 -1.44
N ASP C 121 -3.77 -44.00 -1.96
CA ASP C 121 -3.85 -43.78 -3.39
C ASP C 121 -3.36 -42.40 -3.82
N VAL C 122 -2.69 -41.63 -2.95
CA VAL C 122 -2.32 -40.25 -3.25
C VAL C 122 -1.07 -40.21 -4.12
N ASN C 123 -1.00 -39.22 -5.03
CA ASN C 123 0.23 -38.83 -5.70
C ASN C 123 0.55 -37.39 -5.32
N ILE C 124 1.82 -37.13 -5.00
CA ILE C 124 2.30 -35.77 -4.76
C ILE C 124 2.77 -35.20 -6.09
N SER C 125 2.01 -34.24 -6.62
CA SER C 125 2.24 -33.79 -7.99
C SER C 125 3.33 -32.74 -8.06
N ASP C 126 3.93 -32.62 -9.24
CA ASP C 126 4.90 -31.59 -9.53
C ASP C 126 4.27 -30.25 -9.89
N VAL C 127 3.00 -30.03 -9.54
CA VAL C 127 2.35 -28.77 -9.84
C VAL C 127 2.87 -27.67 -8.92
N SER C 128 3.17 -26.51 -9.49
CA SER C 128 3.56 -25.35 -8.72
C SER C 128 2.37 -24.44 -8.46
N PHE C 129 2.54 -23.54 -7.49
CA PHE C 129 1.47 -22.59 -7.18
C PHE C 129 1.26 -21.63 -8.34
N SER C 130 2.34 -21.09 -8.88
CA SER C 130 2.34 -20.36 -10.12
C SER C 130 3.57 -20.79 -10.91
N LYS C 131 3.51 -20.58 -12.23
CA LYS C 131 4.69 -20.77 -13.04
C LYS C 131 5.87 -19.91 -12.57
N ASN C 132 5.60 -18.82 -11.85
CA ASN C 132 6.62 -17.91 -11.33
C ASN C 132 7.08 -18.26 -9.91
N THR C 133 6.57 -19.35 -9.32
CA THR C 133 6.83 -19.71 -7.92
C THR C 133 7.05 -21.22 -7.86
N PRO C 134 8.21 -21.69 -8.35
CA PRO C 134 8.38 -23.14 -8.53
C PRO C 134 8.31 -23.88 -7.19
N ALA C 135 7.84 -25.12 -7.25
CA ALA C 135 7.54 -25.86 -6.02
C ALA C 135 8.84 -26.25 -5.31
N SER C 136 8.97 -25.87 -4.04
CA SER C 136 10.15 -26.28 -3.27
C SER C 136 10.03 -27.74 -2.84
N GLU C 137 11.18 -28.36 -2.62
CA GLU C 137 11.23 -29.78 -2.26
C GLU C 137 10.95 -29.96 -0.77
N LEU C 138 9.91 -30.72 -0.43
CA LEU C 138 9.52 -30.86 0.97
C LEU C 138 9.20 -32.32 1.31
N HIS C 139 9.34 -32.64 2.60
CA HIS C 139 8.68 -33.79 3.22
C HIS C 139 7.93 -33.25 4.43
N TRP C 140 7.11 -34.08 5.08
CA TRP C 140 6.16 -33.56 6.04
C TRP C 140 6.11 -34.42 7.30
N LEU C 141 5.88 -33.76 8.42
CA LEU C 141 5.56 -34.39 9.70
C LEU C 141 4.09 -34.14 10.03
N VAL C 142 3.37 -35.20 10.40
CA VAL C 142 1.97 -35.12 10.76
C VAL C 142 1.82 -35.71 12.15
N GLY C 143 1.29 -34.92 13.09
CA GLY C 143 1.00 -35.41 14.43
C GLY C 143 -0.40 -35.02 14.84
N ASP C 144 -0.81 -35.53 16.00
CA ASP C 144 -2.17 -35.28 16.51
C ASP C 144 -2.19 -35.52 18.01
N LYS C 145 -3.37 -35.32 18.62
CA LYS C 145 -3.51 -35.41 20.08
C LYS C 145 -3.40 -36.83 20.60
N THR C 146 -3.29 -37.85 19.75
CA THR C 146 -2.97 -39.15 20.32
C THR C 146 -1.50 -39.28 20.64
N GLY C 147 -0.71 -38.25 20.36
CA GLY C 147 0.71 -38.28 20.66
C GLY C 147 1.53 -39.08 19.68
N LYS C 148 0.95 -39.46 18.55
CA LYS C 148 1.65 -40.23 17.54
C LYS C 148 1.82 -39.36 16.31
N SER C 149 2.75 -39.74 15.45
CA SER C 149 3.03 -38.96 14.25
C SER C 149 3.45 -39.87 13.12
N ILE C 150 3.36 -39.35 11.91
CA ILE C 150 3.87 -40.02 10.72
C ILE C 150 4.77 -39.03 9.96
N VAL C 151 5.57 -39.60 9.08
CA VAL C 151 6.44 -38.88 8.18
C VAL C 151 5.95 -39.19 6.76
N VAL C 152 5.65 -38.14 5.98
CA VAL C 152 5.21 -38.29 4.61
C VAL C 152 6.34 -37.87 3.68
N GLU C 153 6.82 -38.80 2.85
CA GLU C 153 7.95 -38.57 1.99
C GLU C 153 7.64 -39.10 0.58
N SER C 154 8.03 -38.31 -0.41
CA SER C 154 7.91 -38.65 -1.83
C SER C 154 9.31 -38.56 -2.42
N ASP C 155 9.87 -39.68 -2.83
CA ASP C 155 11.23 -39.71 -3.39
C ASP C 155 11.22 -40.45 -4.72
N GLU C 156 12.42 -40.81 -5.19
CA GLU C 156 12.61 -41.51 -6.47
C GLU C 156 11.78 -42.79 -6.60
N LYS C 157 11.35 -43.39 -5.50
CA LYS C 157 10.59 -44.63 -5.51
C LYS C 157 9.11 -44.40 -5.19
N GLY C 158 8.66 -43.16 -5.17
CA GLY C 158 7.26 -42.87 -4.97
C GLY C 158 6.98 -42.33 -3.57
N LEU C 159 5.74 -42.52 -3.15
CA LEU C 159 5.22 -41.95 -1.91
C LEU C 159 5.29 -42.99 -0.81
N HIS C 160 5.87 -42.60 0.33
CA HIS C 160 5.97 -43.45 1.52
C HIS C 160 5.41 -42.70 2.72
N VAL C 161 4.78 -43.45 3.62
CA VAL C 161 4.30 -42.96 4.90
C VAL C 161 4.85 -43.89 5.97
N TYR C 162 5.55 -43.33 6.95
CA TYR C 162 6.20 -44.10 8.01
C TYR C 162 5.66 -43.69 9.36
N ASP C 163 5.40 -44.67 10.22
CA ASP C 163 5.21 -44.36 11.64
C ASP C 163 6.46 -43.72 12.19
N ASN C 164 6.30 -42.71 13.03
CA ASN C 164 7.44 -41.99 13.56
C ASN C 164 7.57 -42.26 15.04
N PRO C 165 8.52 -43.09 15.48
CA PRO C 165 8.58 -43.47 16.90
C PRO C 165 9.23 -42.42 17.78
N VAL C 166 9.88 -41.41 17.20
CA VAL C 166 10.54 -40.38 17.98
C VAL C 166 9.85 -39.04 17.91
N ASN C 167 8.82 -38.89 17.06
CA ASN C 167 8.00 -37.69 17.04
C ASN C 167 8.81 -36.44 16.67
N ALA C 168 9.72 -36.58 15.72
CA ALA C 168 10.54 -35.46 15.28
C ALA C 168 10.91 -35.67 13.81
N LEU C 169 11.43 -34.60 13.19
CA LEU C 169 11.87 -34.67 11.80
C LEU C 169 12.75 -33.47 11.51
N THR C 170 13.79 -33.68 10.67
CA THR C 170 14.60 -32.58 10.16
C THR C 170 14.58 -32.65 8.62
N ASN C 171 15.73 -32.73 7.98
CA ASN C 171 15.85 -32.64 6.52
C ASN C 171 16.29 -33.99 5.99
N ALA C 172 17.33 -34.08 5.16
CA ALA C 172 17.82 -35.35 4.63
C ALA C 172 18.60 -36.12 5.72
N PRO C 173 18.77 -37.45 5.55
CA PRO C 173 18.37 -38.31 4.42
C PRO C 173 16.95 -38.82 4.55
N LEU C 174 16.59 -39.86 3.79
CA LEU C 174 15.29 -40.48 3.91
C LEU C 174 15.03 -40.91 5.35
N PHE C 175 13.78 -40.89 5.76
CA PHE C 175 13.47 -41.19 7.15
C PHE C 175 14.02 -42.53 7.65
N PRO C 176 13.86 -43.67 6.95
CA PRO C 176 14.48 -44.91 7.48
C PRO C 176 15.96 -44.78 7.77
N GLN C 177 16.68 -44.02 6.95
CA GLN C 177 18.10 -43.77 7.19
C GLN C 177 18.29 -42.89 8.42
N GLN C 178 17.40 -41.92 8.66
CA GLN C 178 17.47 -41.13 9.89
C GLN C 178 17.33 -42.02 11.13
N LEU C 179 16.37 -42.96 11.09
CA LEU C 179 16.11 -43.80 12.26
C LEU C 179 17.27 -44.75 12.55
N THR C 180 17.81 -45.37 11.50
CA THR C 180 19.00 -46.18 11.61
C THR C 180 20.11 -45.43 12.34
N ASN C 181 20.34 -44.18 11.93
CA ASN C 181 21.45 -43.42 12.47
C ASN C 181 21.27 -43.15 13.97
N LEU C 182 20.04 -43.23 14.47
CA LEU C 182 19.77 -42.95 15.87
C LEU C 182 20.40 -43.99 16.78
N ALA C 183 20.38 -45.26 16.34
CA ALA C 183 20.95 -46.34 17.15
C ALA C 183 22.48 -46.23 17.29
N ASN C 184 23.14 -45.42 16.45
CA ASN C 184 24.56 -45.13 16.66
C ASN C 184 24.83 -44.43 17.98
N TYR C 185 23.79 -43.88 18.61
CA TYR C 185 23.94 -43.10 19.84
C TYR C 185 23.29 -43.81 21.01
N ALA C 186 23.05 -45.11 20.87
CA ALA C 186 22.39 -45.90 21.91
C ALA C 186 23.13 -45.86 23.22
N ALA C 187 24.42 -45.55 23.23
CA ALA C 187 25.18 -45.51 24.48
C ALA C 187 25.07 -44.17 25.22
N VAL C 188 24.35 -43.18 24.67
CA VAL C 188 24.26 -41.86 25.26
C VAL C 188 23.32 -41.91 26.46
N VAL C 189 23.71 -41.27 27.55
CA VAL C 189 22.81 -41.06 28.70
C VAL C 189 22.96 -39.65 29.20
N PRO C 190 21.90 -39.10 29.81
CA PRO C 190 21.98 -37.73 30.33
C PRO C 190 22.92 -37.58 31.53
N GLY C 191 23.14 -38.62 32.31
CA GLY C 191 24.03 -38.48 33.46
C GLY C 191 25.40 -39.10 33.21
N GLN C 192 25.90 -39.80 34.22
CA GLN C 192 27.16 -40.51 34.06
C GLN C 192 26.89 -41.99 33.83
N PRO C 193 27.60 -42.62 32.90
CA PRO C 193 27.45 -44.05 32.71
C PRO C 193 28.18 -44.85 33.77
N ASN C 194 27.77 -46.08 33.93
CA ASN C 194 28.62 -47.02 34.66
C ASN C 194 29.90 -47.28 33.87
N ASN C 195 31.00 -47.48 34.58
CA ASN C 195 32.28 -47.70 33.90
C ASN C 195 32.37 -49.14 33.44
N ASP C 196 31.81 -49.41 32.27
CA ASP C 196 32.11 -50.63 31.55
C ASP C 196 33.12 -50.39 30.44
N PHE C 197 33.65 -49.17 30.36
CA PHE C 197 34.65 -48.84 29.35
C PHE C 197 35.99 -49.47 29.72
N LEU C 198 36.50 -49.17 30.91
CA LEU C 198 37.76 -49.74 31.39
C LEU C 198 37.52 -50.30 32.78
N PRO C 199 36.81 -51.42 32.88
CA PRO C 199 36.53 -52.00 34.20
C PRO C 199 37.81 -52.27 34.97
N GLY C 200 37.79 -51.95 36.26
CA GLY C 200 38.98 -52.06 37.06
C GLY C 200 39.81 -50.80 37.17
N VAL C 201 39.53 -49.78 36.35
CA VAL C 201 40.21 -48.50 36.40
C VAL C 201 39.24 -47.47 36.97
N ASP C 202 39.69 -46.69 37.95
CA ASP C 202 38.87 -45.57 38.42
C ASP C 202 39.07 -44.41 37.46
N LEU C 203 38.07 -44.14 36.64
CA LEU C 203 38.04 -42.95 35.79
C LEU C 203 37.58 -41.76 36.61
N LYS C 204 38.38 -40.70 36.67
CA LYS C 204 37.91 -39.47 37.30
C LYS C 204 36.84 -38.85 36.40
N MET C 205 35.59 -38.92 36.84
CA MET C 205 34.48 -38.30 36.14
C MET C 205 34.56 -36.78 36.37
N TYR C 206 35.45 -36.13 35.62
CA TYR C 206 35.80 -34.73 35.86
C TYR C 206 34.68 -33.73 35.53
N SER C 207 33.60 -34.17 34.91
CA SER C 207 32.55 -33.26 34.47
C SER C 207 31.21 -33.96 34.64
N ARG C 208 30.17 -33.17 34.88
CA ARG C 208 28.82 -33.69 34.83
C ARG C 208 28.47 -34.06 33.40
N SER C 209 27.54 -35.01 33.27
CA SER C 209 26.95 -35.38 31.99
C SER C 209 27.98 -35.85 30.97
N LEU C 210 29.00 -36.58 31.42
CA LEU C 210 29.93 -37.16 30.45
C LEU C 210 29.21 -38.15 29.57
N GLY C 211 28.07 -38.67 30.02
CA GLY C 211 27.23 -39.50 29.17
C GLY C 211 26.79 -38.85 27.87
N THR C 212 26.76 -37.51 27.81
CA THR C 212 26.37 -36.82 26.58
C THR C 212 27.58 -36.32 25.79
N HIS C 213 28.78 -36.81 26.10
CA HIS C 213 29.95 -36.27 25.43
C HIS C 213 29.90 -36.47 23.92
N HIS C 214 29.20 -37.49 23.44
CA HIS C 214 29.14 -37.74 22.01
C HIS C 214 27.77 -37.39 21.42
N LEU C 215 26.96 -36.66 22.17
CA LEU C 215 25.72 -36.12 21.62
C LEU C 215 26.05 -35.09 20.54
N PRO C 216 25.42 -35.17 19.37
CA PRO C 216 25.81 -34.28 18.25
C PRO C 216 25.31 -32.86 18.45
N GLY C 217 26.19 -31.89 18.24
CA GLY C 217 25.81 -30.50 18.35
C GLY C 217 25.91 -29.70 17.07
N GLY C 218 26.04 -30.41 15.93
CA GLY C 218 26.17 -29.77 14.65
C GLY C 218 24.87 -29.14 14.13
N MET C 219 25.03 -28.35 13.08
CA MET C 219 23.98 -27.62 12.41
C MET C 219 23.34 -28.45 11.31
N ASP C 220 23.98 -29.56 10.91
CA ASP C 220 23.52 -30.43 9.84
C ASP C 220 22.28 -31.21 10.26
N SER C 221 21.65 -31.84 9.26
CA SER C 221 20.32 -32.41 9.46
C SER C 221 20.35 -33.60 10.42
N GLU C 222 21.36 -34.48 10.30
CA GLU C 222 21.41 -35.66 11.17
C GLU C 222 21.73 -35.26 12.62
N SER C 223 22.65 -34.33 12.82
CA SER C 223 22.98 -33.88 14.17
C SER C 223 21.76 -33.32 14.87
N ARG C 224 21.09 -32.34 14.26
CA ARG C 224 19.89 -31.78 14.88
C ARG C 224 18.81 -32.85 15.08
N PHE C 225 18.75 -33.85 14.21
CA PHE C 225 17.76 -34.90 14.42
C PHE C 225 18.05 -35.68 15.71
N VAL C 226 19.30 -36.09 15.89
CA VAL C 226 19.67 -36.93 17.02
C VAL C 226 19.52 -36.15 18.33
N LYS C 227 20.03 -34.92 18.37
CA LYS C 227 19.97 -34.16 19.61
C LYS C 227 18.53 -33.82 20.00
N VAL C 228 17.69 -33.47 19.02
CA VAL C 228 16.32 -33.07 19.33
C VAL C 228 15.50 -34.27 19.77
N CYS C 229 15.76 -35.45 19.19
CA CYS C 229 15.10 -36.67 19.67
C CYS C 229 15.41 -36.89 21.15
N PHE C 230 16.68 -36.73 21.53
CA PHE C 230 17.11 -36.78 22.92
C PHE C 230 16.41 -35.74 23.77
N ALA C 231 16.51 -34.47 23.37
CA ALA C 231 15.93 -33.40 24.17
C ALA C 231 14.43 -33.55 24.33
N LEU C 232 13.75 -34.03 23.28
CA LEU C 232 12.28 -34.20 23.36
C LEU C 232 11.92 -35.38 24.24
N ASN C 233 12.66 -36.49 24.11
CA ASN C 233 12.36 -37.68 24.90
C ASN C 233 12.50 -37.40 26.40
N HIS C 234 13.47 -36.57 26.78
CA HIS C 234 13.78 -36.38 28.19
C HIS C 234 13.13 -35.15 28.81
N ALA C 235 12.32 -34.41 28.05
CA ALA C 235 11.74 -33.19 28.55
C ALA C 235 10.72 -33.47 29.65
N PRO C 236 10.48 -32.49 30.53
CA PRO C 236 9.50 -32.71 31.59
C PRO C 236 8.14 -33.05 31.02
N LYS C 237 7.38 -33.82 31.79
CA LYS C 237 6.03 -34.24 31.48
C LYS C 237 5.12 -33.71 32.58
N ASP C 238 3.82 -33.78 32.32
CA ASP C 238 2.79 -33.48 33.31
C ASP C 238 2.75 -32.00 33.66
N SER C 239 3.06 -31.12 32.71
CA SER C 239 3.07 -29.69 32.95
C SER C 239 1.79 -29.04 32.44
N ASP C 240 1.43 -27.92 33.06
CA ASP C 240 0.31 -27.09 32.62
C ASP C 240 0.75 -26.19 31.47
N GLU C 241 -0.16 -25.32 31.04
CA GLU C 241 -0.02 -24.67 29.74
C GLU C 241 1.31 -23.92 29.62
N VAL C 242 1.55 -22.97 30.53
CA VAL C 242 2.71 -22.09 30.37
C VAL C 242 4.01 -22.86 30.57
N GLU C 243 4.07 -23.78 31.54
CA GLU C 243 5.28 -24.57 31.71
C GLU C 243 5.54 -25.45 30.49
N SER C 244 4.49 -26.04 29.90
CA SER C 244 4.69 -26.88 28.72
C SER C 244 5.22 -26.06 27.57
N VAL C 245 4.62 -24.89 27.34
CA VAL C 245 5.08 -24.01 26.27
C VAL C 245 6.54 -23.62 26.50
N THR C 246 6.89 -23.30 27.74
CA THR C 246 8.27 -22.97 28.06
C THR C 246 9.21 -24.10 27.68
N ASN C 247 8.89 -25.32 28.14
CA ASN C 247 9.70 -26.50 27.84
C ASN C 247 9.81 -26.72 26.34
N PHE C 248 8.67 -26.63 25.64
CA PHE C 248 8.67 -26.82 24.19
C PHE C 248 9.72 -25.95 23.52
N PHE C 249 9.73 -24.65 23.86
CA PHE C 249 10.67 -23.75 23.22
C PHE C 249 12.11 -24.13 23.56
N HIS C 250 12.36 -24.56 24.79
CA HIS C 250 13.70 -25.00 25.15
C HIS C 250 14.14 -26.23 24.36
N ILE C 251 13.23 -27.17 24.11
CA ILE C 251 13.58 -28.34 23.30
C ILE C 251 14.10 -27.89 21.95
N LEU C 252 13.37 -26.99 21.28
CA LEU C 252 13.76 -26.56 19.94
C LEU C 252 14.99 -25.67 19.97
N GLN C 253 15.19 -24.91 21.05
CA GLN C 253 16.39 -24.09 21.14
C GLN C 253 17.65 -24.94 21.33
N SER C 254 17.51 -26.19 21.79
CA SER C 254 18.71 -27.01 21.94
C SER C 254 19.34 -27.29 20.58
N VAL C 255 18.59 -27.12 19.50
CA VAL C 255 19.12 -27.33 18.15
C VAL C 255 18.97 -26.05 17.32
N GLU C 256 19.04 -24.90 17.97
CA GLU C 256 18.91 -23.69 17.18
C GLU C 256 20.21 -23.41 16.44
N GLN C 257 20.09 -22.72 15.31
CA GLN C 257 21.21 -22.32 14.47
C GLN C 257 21.47 -20.83 14.68
N VAL C 258 22.61 -20.52 15.28
CA VAL C 258 23.04 -19.14 15.49
C VAL C 258 23.65 -18.62 14.20
N LYS C 259 23.45 -17.32 13.93
CA LYS C 259 24.06 -16.69 12.78
C LYS C 259 25.57 -16.93 12.80
N GLY C 260 26.11 -17.45 11.69
CA GLY C 260 27.53 -17.70 11.54
C GLY C 260 27.93 -19.16 11.58
N MET C 261 27.07 -20.02 12.12
CA MET C 261 27.44 -21.40 12.36
C MET C 261 27.17 -22.31 11.18
N ASP C 262 26.22 -21.95 10.30
CA ASP C 262 25.79 -22.81 9.19
C ASP C 262 25.91 -22.01 7.89
N GLU C 263 27.01 -22.21 7.17
CA GLU C 263 27.25 -21.44 5.96
C GLU C 263 26.76 -22.22 4.75
N VAL C 264 25.91 -21.59 3.96
CA VAL C 264 25.22 -22.25 2.86
C VAL C 264 25.51 -21.58 1.52
N GLY C 265 26.22 -20.45 1.52
CA GLY C 265 26.79 -19.88 0.34
C GLY C 265 27.87 -18.93 0.80
N PRO C 266 28.44 -18.16 -0.11
CA PRO C 266 29.50 -17.22 0.26
C PRO C 266 29.02 -16.12 1.22
N ASN C 267 29.41 -16.20 2.50
CA ASN C 267 28.91 -15.31 3.56
C ASN C 267 27.38 -15.32 3.65
N ILE C 268 26.76 -16.44 3.32
CA ILE C 268 25.32 -16.61 3.45
C ILE C 268 25.09 -17.67 4.51
N PHE C 269 24.19 -17.39 5.46
CA PHE C 269 24.04 -18.21 6.66
C PHE C 269 22.59 -18.60 6.88
N GLU C 270 22.36 -19.87 7.12
CA GLU C 270 21.08 -20.37 7.59
C GLU C 270 21.05 -20.24 9.12
N TYR C 271 20.01 -19.60 9.63
CA TYR C 271 19.82 -19.39 11.07
C TYR C 271 18.35 -19.61 11.39
N THR C 272 18.07 -19.77 12.69
CA THR C 272 16.70 -20.06 13.17
C THR C 272 15.86 -18.78 13.11
N MET C 273 15.02 -18.67 12.08
CA MET C 273 14.30 -17.43 11.82
C MET C 273 13.08 -17.28 12.70
N TYR C 274 12.33 -18.37 12.91
CA TYR C 274 11.25 -18.37 13.89
C TYR C 274 11.07 -19.77 14.49
N THR C 275 10.33 -19.79 15.59
CA THR C 275 9.93 -21.01 16.27
C THR C 275 8.44 -20.92 16.55
N SER C 276 7.71 -21.94 16.19
CA SER C 276 6.28 -21.95 16.43
C SER C 276 5.95 -23.14 17.31
N CYS C 277 4.94 -22.96 18.16
CA CYS C 277 4.48 -23.97 19.09
C CYS C 277 2.96 -23.89 19.13
N MET C 278 2.28 -24.96 18.69
CA MET C 278 0.83 -24.95 18.53
C MET C 278 0.19 -25.99 19.44
N ASN C 279 -0.67 -25.53 20.33
CA ASN C 279 -1.38 -26.42 21.24
C ASN C 279 -2.52 -27.07 20.46
N LEU C 280 -2.45 -28.40 20.28
CA LEU C 280 -3.43 -29.10 19.45
C LEU C 280 -4.83 -29.08 20.06
N GLU C 281 -4.91 -29.17 21.39
CA GLU C 281 -6.21 -29.20 22.07
C GLU C 281 -6.87 -27.83 22.06
N LYS C 282 -6.09 -26.77 22.21
CA LYS C 282 -6.62 -25.43 22.45
C LYS C 282 -6.55 -24.52 21.23
N GLY C 283 -5.88 -24.94 20.16
CA GLY C 283 -5.84 -24.10 18.98
C GLY C 283 -5.12 -22.78 19.19
N ILE C 284 -4.10 -22.74 20.04
CA ILE C 284 -3.31 -21.55 20.30
C ILE C 284 -1.95 -21.73 19.64
N LEU C 285 -1.54 -20.71 18.89
CA LEU C 285 -0.22 -20.67 18.28
C LEU C 285 0.66 -19.75 19.13
N TYR C 286 1.79 -20.29 19.59
CA TYR C 286 2.81 -19.52 20.28
C TYR C 286 4.00 -19.37 19.35
N PHE C 287 4.67 -18.23 19.40
CA PHE C 287 5.80 -18.06 18.50
C PHE C 287 6.80 -17.07 19.07
N ASN C 288 8.04 -17.21 18.61
CA ASN C 288 9.00 -16.12 18.63
C ASN C 288 9.86 -16.25 17.39
N CYS C 289 10.92 -15.47 17.31
CA CYS C 289 11.69 -15.34 16.09
C CYS C 289 13.10 -14.91 16.49
N TYR C 290 14.01 -14.93 15.52
CA TYR C 290 15.42 -14.71 15.86
C TYR C 290 15.62 -13.38 16.57
N ASP C 291 14.85 -12.36 16.18
CA ASP C 291 15.11 -11.02 16.66
C ASP C 291 14.31 -10.68 17.91
N ASP C 292 13.24 -11.41 18.21
CA ASP C 292 12.43 -11.13 19.40
C ASP C 292 12.29 -12.42 20.19
N SER C 293 12.92 -12.48 21.35
CA SER C 293 12.87 -13.74 22.09
C SER C 293 11.64 -13.88 22.96
N ARG C 294 10.88 -12.81 23.16
CA ARG C 294 9.65 -12.92 23.93
C ARG C 294 8.64 -13.75 23.16
N ILE C 295 7.84 -14.52 23.89
CA ILE C 295 6.88 -15.44 23.26
C ILE C 295 5.55 -14.72 23.07
N SER C 296 4.99 -14.81 21.86
CA SER C 296 3.66 -14.27 21.59
C SER C 296 2.69 -15.39 21.30
N ALA C 297 1.41 -15.11 21.51
CA ALA C 297 0.38 -16.12 21.39
C ALA C 297 -0.81 -15.56 20.61
N VAL C 298 -1.32 -16.35 19.67
CA VAL C 298 -2.55 -16.07 18.94
C VAL C 298 -3.49 -17.25 19.16
N ASP C 299 -4.74 -16.97 19.56
CA ASP C 299 -5.72 -18.02 19.86
C ASP C 299 -6.76 -18.08 18.73
N MET C 300 -6.73 -19.18 17.98
CA MET C 300 -7.64 -19.37 16.85
C MET C 300 -9.09 -19.16 17.25
N ASN C 301 -9.45 -19.52 18.49
CA ASN C 301 -10.86 -19.56 18.86
C ASN C 301 -11.41 -18.21 19.26
N LYS C 302 -10.55 -17.21 19.49
CA LYS C 302 -11.01 -15.86 19.71
C LYS C 302 -11.47 -15.18 18.43
N GLU C 303 -11.28 -15.83 17.28
CA GLU C 303 -11.70 -15.31 15.99
C GLU C 303 -12.95 -16.03 15.52
N ASP C 304 -13.67 -15.39 14.61
CA ASP C 304 -14.91 -15.94 14.05
C ASP C 304 -14.55 -16.97 12.98
N LEU C 305 -14.59 -18.26 13.35
CA LEU C 305 -14.13 -19.30 12.46
C LEU C 305 -15.12 -19.64 11.36
N SER C 306 -16.34 -19.11 11.42
CA SER C 306 -17.31 -19.31 10.35
C SER C 306 -17.10 -18.37 9.17
N SER C 307 -16.23 -17.38 9.29
CA SER C 307 -16.06 -16.39 8.24
C SER C 307 -15.32 -17.00 7.04
N SER C 308 -15.09 -16.19 6.02
CA SER C 308 -14.47 -16.70 4.81
C SER C 308 -13.17 -16.00 4.43
N ASP C 309 -12.65 -15.11 5.26
CA ASP C 309 -11.46 -14.34 4.90
C ASP C 309 -10.26 -14.74 5.77
N LEU C 310 -9.08 -14.74 5.16
CA LEU C 310 -7.86 -15.01 5.91
C LEU C 310 -7.67 -13.97 7.00
N ILE C 311 -7.34 -14.44 8.20
CA ILE C 311 -7.08 -13.57 9.36
C ILE C 311 -5.59 -13.68 9.66
N VAL C 312 -4.89 -12.55 9.66
CA VAL C 312 -3.45 -12.54 9.52
C VAL C 312 -2.84 -11.65 10.61
N PHE C 313 -1.76 -12.13 11.23
CA PHE C 313 -1.03 -11.40 12.26
C PHE C 313 0.45 -11.42 11.94
N ASP C 314 1.18 -10.48 12.51
CA ASP C 314 2.60 -10.36 12.23
C ASP C 314 3.36 -11.43 12.98
N LEU C 315 4.28 -12.12 12.28
CA LEU C 315 5.17 -13.09 12.92
C LEU C 315 6.48 -12.42 13.34
N PHE C 316 7.19 -11.80 12.39
CA PHE C 316 8.52 -11.28 12.67
C PHE C 316 8.45 -9.94 13.38
N LYS C 317 9.14 -9.84 14.53
CA LYS C 317 9.05 -8.70 15.43
C LYS C 317 10.43 -8.25 15.87
N LYS C 318 10.50 -7.01 16.38
CA LYS C 318 11.69 -6.45 16.97
C LYS C 318 11.85 -6.93 18.41
N GLN C 319 13.08 -6.86 18.93
CA GLN C 319 13.35 -7.35 20.26
C GLN C 319 12.58 -6.56 21.30
N ASP C 320 11.81 -7.27 22.12
CA ASP C 320 10.86 -6.65 23.04
C ASP C 320 11.46 -6.69 24.44
N ILE C 321 12.35 -5.73 24.71
CA ILE C 321 13.05 -5.69 25.98
C ILE C 321 12.19 -4.99 27.03
N SER C 322 12.22 -5.51 28.25
CA SER C 322 11.50 -4.95 29.38
C SER C 322 12.49 -4.20 30.25
N PHE C 323 12.43 -2.87 30.24
CA PHE C 323 13.39 -2.04 30.96
C PHE C 323 12.92 -1.86 32.39
N ILE C 324 13.70 -2.37 33.33
CA ILE C 324 13.23 -2.49 34.70
C ILE C 324 13.28 -1.14 35.41
N ASN C 325 14.34 -0.37 35.20
CA ASN C 325 14.48 0.90 35.92
C ASN C 325 14.66 2.12 34.99
N CYS D 2 1.73 -6.49 -42.48
N CYS D 2 0.76 -8.67 -44.13
CA CYS D 2 1.51 -7.87 -42.87
CA CYS D 2 1.91 -8.54 -43.23
C CYS D 2 1.37 -8.81 -41.67
C CYS D 2 1.65 -9.28 -41.94
N THR D 3 0.42 -9.74 -41.76
CA THR D 3 0.03 -10.51 -40.59
C THR D 3 -0.64 -11.78 -41.07
N SER D 4 -0.11 -12.92 -40.68
CA SER D 4 -0.69 -14.20 -41.03
C SER D 4 -1.07 -14.94 -39.75
N ILE D 5 -2.26 -15.56 -39.75
CA ILE D 5 -2.76 -16.32 -38.60
C ILE D 5 -3.28 -17.68 -39.05
N LEU D 6 -3.28 -18.61 -38.09
CA LEU D 6 -4.01 -19.88 -38.18
C LEU D 6 -5.05 -19.93 -37.06
N TYR D 7 -6.32 -19.99 -37.44
CA TYR D 7 -7.47 -19.86 -36.55
C TYR D 7 -8.23 -21.17 -36.51
N SER D 8 -8.39 -21.74 -35.32
CA SER D 8 -8.91 -23.10 -35.18
C SER D 8 -10.18 -23.18 -34.32
N PRO D 9 -11.29 -22.51 -34.72
CA PRO D 9 -12.50 -22.57 -33.89
C PRO D 9 -13.24 -23.90 -33.94
N LYS D 10 -13.28 -24.55 -35.10
CA LYS D 10 -13.87 -25.88 -35.29
C LYS D 10 -13.21 -26.46 -36.52
N ASP D 11 -13.54 -25.91 -37.69
CA ASP D 11 -12.68 -26.03 -38.84
C ASP D 11 -11.41 -25.20 -38.59
N HIS D 12 -10.48 -25.24 -39.55
CA HIS D 12 -9.20 -24.58 -39.43
C HIS D 12 -9.04 -23.62 -40.60
N TYR D 13 -8.76 -22.34 -40.28
CA TYR D 13 -8.71 -21.25 -41.25
C TYR D 13 -7.33 -20.60 -41.24
N PHE D 14 -6.78 -20.42 -42.44
CA PHE D 14 -5.43 -19.91 -42.65
C PHE D 14 -5.52 -18.72 -43.60
N GLY D 15 -4.83 -17.62 -43.27
CA GLY D 15 -4.95 -16.43 -44.10
C GLY D 15 -4.05 -15.31 -43.60
N ARG D 16 -4.22 -14.14 -44.20
CA ARG D 16 -3.35 -13.02 -43.85
C ARG D 16 -3.92 -11.71 -44.36
N ASN D 17 -3.47 -10.61 -43.74
CA ASN D 17 -3.50 -9.30 -44.36
C ASN D 17 -2.26 -9.17 -45.21
N LEU D 18 -2.38 -8.59 -46.39
CA LEU D 18 -1.21 -8.19 -47.13
C LEU D 18 -1.18 -6.68 -47.11
N ASP D 19 -0.17 -6.12 -46.46
CA ASP D 19 0.01 -4.68 -46.36
C ASP D 19 1.25 -4.28 -47.14
N TYR D 20 1.11 -3.32 -48.04
CA TYR D 20 2.25 -2.80 -48.77
C TYR D 20 1.83 -1.50 -49.43
N GLU D 21 2.79 -0.87 -50.12
CA GLU D 21 2.52 0.36 -50.85
C GLU D 21 2.58 0.16 -52.36
N ILE D 22 2.99 -1.02 -52.84
CA ILE D 22 2.99 -1.32 -54.27
C ILE D 22 2.30 -2.66 -54.51
N ALA D 23 1.53 -2.73 -55.58
CA ALA D 23 0.82 -3.96 -55.90
C ALA D 23 1.67 -4.84 -56.81
N TYR D 24 1.37 -6.13 -56.82
CA TYR D 24 2.11 -7.10 -57.64
C TYR D 24 1.14 -7.94 -58.43
N GLY D 25 0.16 -7.30 -59.06
CA GLY D 25 -0.77 -7.97 -59.95
C GLY D 25 -1.47 -9.17 -59.37
N GLN D 26 -1.65 -9.21 -58.06
CA GLN D 26 -2.21 -10.39 -57.41
C GLN D 26 -3.61 -10.68 -57.91
N LYS D 27 -3.91 -11.98 -58.02
CA LYS D 27 -5.23 -12.48 -58.36
C LYS D 27 -5.43 -13.75 -57.54
N VAL D 28 -6.65 -14.28 -57.56
CA VAL D 28 -6.90 -15.60 -56.98
C VAL D 28 -6.55 -16.65 -58.01
N VAL D 29 -5.69 -17.60 -57.64
CA VAL D 29 -5.16 -18.57 -58.58
C VAL D 29 -5.31 -19.95 -57.99
N ILE D 30 -6.03 -20.82 -58.69
CA ILE D 30 -6.08 -22.24 -58.39
C ILE D 30 -5.07 -22.92 -59.30
N THR D 31 -4.24 -23.79 -58.73
CA THR D 31 -3.31 -24.57 -59.52
C THR D 31 -3.75 -26.02 -59.47
N PRO D 32 -4.25 -26.59 -60.56
CA PRO D 32 -4.83 -27.95 -60.49
C PRO D 32 -3.76 -29.03 -60.40
N ARG D 33 -4.21 -30.26 -60.14
CA ARG D 33 -3.31 -31.33 -59.76
C ARG D 33 -2.27 -31.63 -60.84
N ASN D 34 -2.59 -31.37 -62.12
CA ASN D 34 -1.74 -31.74 -63.24
C ASN D 34 -1.12 -30.53 -63.96
N TYR D 35 -1.07 -29.37 -63.32
CA TYR D 35 -0.19 -28.32 -63.80
C TYR D 35 1.25 -28.71 -63.48
N GLU D 36 2.17 -28.50 -64.43
CA GLU D 36 3.53 -28.98 -64.26
C GLU D 36 4.39 -27.88 -63.64
N PHE D 37 4.83 -28.11 -62.40
CA PHE D 37 5.79 -27.23 -61.76
C PHE D 37 7.18 -27.57 -62.27
N LYS D 38 7.86 -26.57 -62.85
CA LYS D 38 9.26 -26.69 -63.23
C LYS D 38 10.10 -25.90 -62.20
N PHE D 39 10.65 -26.61 -61.22
CA PHE D 39 11.45 -25.97 -60.18
C PHE D 39 12.88 -25.76 -60.66
N ALA D 40 13.55 -24.76 -60.05
CA ALA D 40 14.88 -24.36 -60.51
C ALA D 40 15.91 -25.46 -60.32
N ASN D 41 15.79 -26.21 -59.23
CA ASN D 41 16.83 -27.17 -58.87
C ASN D 41 16.24 -28.41 -58.24
N LEU D 42 14.97 -28.68 -58.50
CA LEU D 42 14.26 -29.84 -57.98
C LEU D 42 13.63 -30.54 -59.17
N PRO D 43 13.30 -31.82 -59.05
CA PRO D 43 12.61 -32.51 -60.14
C PRO D 43 11.25 -31.88 -60.43
N ALA D 44 10.97 -31.69 -61.73
CA ALA D 44 9.65 -31.20 -62.12
C ALA D 44 8.58 -32.19 -61.70
N GLU D 45 7.46 -31.65 -61.21
CA GLU D 45 6.33 -32.47 -60.76
C GLU D 45 5.18 -32.28 -61.76
N LYS D 46 4.88 -33.32 -62.52
CA LYS D 46 3.79 -33.22 -63.50
C LYS D 46 2.44 -33.42 -62.84
N SER D 47 2.38 -34.27 -61.82
CA SER D 47 1.20 -34.40 -60.97
C SER D 47 1.58 -34.14 -59.52
N HIS D 48 0.66 -33.54 -58.78
CA HIS D 48 0.93 -33.06 -57.42
C HIS D 48 -0.39 -32.61 -56.80
N TYR D 49 -0.35 -32.26 -55.50
CA TYR D 49 -1.55 -31.75 -54.85
C TYR D 49 -2.01 -30.45 -55.49
N ALA D 50 -3.33 -30.26 -55.51
CA ALA D 50 -3.90 -29.02 -56.00
C ALA D 50 -3.91 -27.96 -54.89
N MET D 51 -4.03 -26.70 -55.28
CA MET D 51 -3.90 -25.64 -54.30
C MET D 51 -4.66 -24.41 -54.78
N ILE D 52 -5.10 -23.61 -53.82
CA ILE D 52 -5.74 -22.33 -54.10
C ILE D 52 -5.15 -21.28 -53.18
N GLY D 53 -4.94 -20.08 -53.72
CA GLY D 53 -4.35 -19.03 -52.94
C GLY D 53 -4.36 -17.75 -53.72
N ILE D 54 -3.54 -16.81 -53.27
CA ILE D 54 -3.39 -15.50 -53.89
C ILE D 54 -2.00 -15.47 -54.50
N ALA D 55 -1.92 -15.03 -55.76
CA ALA D 55 -0.66 -15.13 -56.49
C ALA D 55 -0.62 -14.08 -57.59
N ALA D 56 0.59 -13.64 -57.90
CA ALA D 56 0.84 -13.04 -59.20
C ALA D 56 1.07 -14.15 -60.22
N VAL D 57 0.75 -13.88 -61.47
CA VAL D 57 0.96 -14.85 -62.55
C VAL D 57 1.86 -14.20 -63.59
N ALA D 58 3.00 -14.83 -63.84
CA ALA D 58 3.97 -14.29 -64.79
C ALA D 58 4.50 -15.44 -65.64
N ASN D 59 4.45 -15.27 -66.97
CA ASN D 59 4.87 -16.31 -67.92
C ASN D 59 4.28 -17.66 -67.53
N ASN D 60 2.96 -17.65 -67.28
CA ASN D 60 2.20 -18.86 -66.94
C ASN D 60 2.74 -19.58 -65.71
N THR D 61 3.25 -18.82 -64.73
CA THR D 61 3.70 -19.40 -63.46
C THR D 61 3.02 -18.71 -62.29
N PRO D 62 2.45 -19.47 -61.34
CA PRO D 62 1.86 -18.83 -60.15
C PRO D 62 2.93 -18.48 -59.12
N LEU D 63 3.04 -17.18 -58.81
CA LEU D 63 3.95 -16.69 -57.76
C LEU D 63 3.09 -16.37 -56.54
N TYR D 64 2.94 -17.37 -55.67
CA TYR D 64 1.98 -17.30 -54.56
C TYR D 64 2.49 -16.39 -53.43
N CYS D 65 1.58 -15.59 -52.90
CA CYS D 65 1.80 -14.85 -51.66
C CYS D 65 1.38 -15.67 -50.44
N ASP D 66 0.35 -16.50 -50.58
CA ASP D 66 -0.18 -17.34 -49.52
C ASP D 66 -1.19 -18.29 -50.16
N ALA D 67 -1.22 -19.53 -49.70
CA ALA D 67 -2.14 -20.49 -50.30
C ALA D 67 -2.29 -21.68 -49.38
N ILE D 68 -3.25 -22.53 -49.73
CA ILE D 68 -3.46 -23.81 -49.08
C ILE D 68 -3.64 -24.88 -50.15
N ASN D 69 -3.30 -26.13 -49.82
CA ASN D 69 -3.44 -27.19 -50.79
C ASN D 69 -4.66 -28.03 -50.44
N GLU D 70 -4.88 -29.11 -51.18
CA GLU D 70 -6.14 -29.83 -51.03
C GLU D 70 -6.16 -30.76 -49.83
N LYS D 71 -5.03 -30.98 -49.17
CA LYS D 71 -4.99 -31.87 -48.02
C LYS D 71 -5.01 -31.11 -46.68
N GLY D 72 -5.26 -29.81 -46.71
CA GLY D 72 -5.31 -29.05 -45.47
C GLY D 72 -3.98 -28.53 -44.96
N LEU D 73 -3.03 -28.27 -45.84
CA LEU D 73 -1.76 -27.63 -45.50
C LEU D 73 -1.77 -26.22 -46.06
N GLY D 74 -1.15 -25.29 -45.34
CA GLY D 74 -1.18 -23.90 -45.75
C GLY D 74 0.17 -23.24 -45.52
N VAL D 75 0.51 -22.31 -46.40
CA VAL D 75 1.77 -21.58 -46.33
C VAL D 75 1.51 -20.14 -46.72
N ALA D 76 2.04 -19.21 -45.93
CA ALA D 76 2.02 -17.79 -46.22
C ALA D 76 3.43 -17.23 -46.18
N GLY D 77 3.75 -16.37 -47.14
CA GLY D 77 5.02 -15.68 -47.19
C GLY D 77 4.82 -14.22 -46.79
N LEU D 78 5.74 -13.72 -45.98
CA LEU D 78 5.65 -12.38 -45.43
C LEU D 78 7.03 -11.74 -45.53
N SER D 79 7.05 -10.46 -45.83
CA SER D 79 8.30 -9.71 -45.95
C SER D 79 9.19 -9.99 -44.76
N PHE D 80 10.48 -10.08 -45.05
CA PHE D 80 11.50 -10.33 -44.05
C PHE D 80 12.68 -9.41 -44.33
N ALA D 81 12.40 -8.27 -44.95
CA ALA D 81 13.43 -7.33 -45.36
C ALA D 81 14.35 -6.98 -44.19
N GLY D 82 15.65 -7.01 -44.46
CA GLY D 82 16.64 -6.72 -43.45
C GLY D 82 17.01 -7.87 -42.54
N GLN D 83 16.21 -8.94 -42.51
CA GLN D 83 16.54 -10.12 -41.72
C GLN D 83 16.95 -11.31 -42.55
N GLY D 84 16.30 -11.51 -43.69
CA GLY D 84 16.45 -12.74 -44.42
C GLY D 84 17.80 -12.83 -45.11
N LYS D 85 18.24 -14.06 -45.36
CA LYS D 85 19.37 -14.30 -46.24
C LYS D 85 19.13 -15.59 -46.99
N TYR D 86 19.28 -15.51 -48.31
CA TYR D 86 19.29 -16.65 -49.20
C TYR D 86 20.73 -17.05 -49.52
N PHE D 87 20.91 -18.32 -49.87
CA PHE D 87 22.25 -18.87 -50.07
C PHE D 87 22.39 -19.51 -51.45
N PRO D 88 23.60 -19.48 -52.01
CA PRO D 88 23.82 -20.13 -53.31
C PRO D 88 23.49 -21.62 -53.26
N VAL D 89 23.03 -22.12 -54.41
CA VAL D 89 22.74 -23.54 -54.60
C VAL D 89 23.94 -24.37 -54.19
N VAL D 90 23.69 -25.42 -53.41
CA VAL D 90 24.76 -26.22 -52.82
C VAL D 90 24.51 -27.69 -53.13
N GLU D 91 25.61 -28.43 -53.28
CA GLU D 91 25.56 -29.73 -53.95
C GLU D 91 25.18 -30.87 -53.05
N ASP D 92 24.65 -30.61 -51.86
CA ASP D 92 24.25 -31.72 -51.00
C ASP D 92 22.91 -31.49 -50.32
N LYS D 93 22.10 -30.51 -50.78
CA LYS D 93 20.85 -30.14 -50.13
C LYS D 93 19.72 -30.10 -51.16
N LYS D 94 18.50 -30.06 -50.66
CA LYS D 94 17.30 -29.82 -51.48
C LYS D 94 17.11 -28.31 -51.57
N ASN D 95 17.44 -27.74 -52.72
CA ASN D 95 17.49 -26.29 -52.91
C ASN D 95 16.14 -25.79 -53.42
N ILE D 96 15.39 -25.10 -52.56
CA ILE D 96 14.15 -24.44 -52.94
C ILE D 96 14.41 -22.96 -53.10
N ALA D 97 14.08 -22.40 -54.25
CA ALA D 97 14.17 -20.96 -54.41
C ALA D 97 13.04 -20.28 -53.63
N SER D 98 13.25 -19.01 -53.27
CA SER D 98 12.33 -18.35 -52.36
C SER D 98 10.95 -18.22 -52.98
N PHE D 99 10.88 -17.79 -54.25
CA PHE D 99 9.59 -17.57 -54.93
C PHE D 99 8.80 -18.85 -55.16
N GLU D 100 9.43 -20.02 -55.04
CA GLU D 100 8.74 -21.27 -55.31
C GLU D 100 8.51 -22.09 -54.04
N PHE D 101 8.82 -21.52 -52.87
CA PHE D 101 8.69 -22.28 -51.62
C PHE D 101 7.25 -22.69 -51.36
N ILE D 102 6.31 -21.75 -51.48
CA ILE D 102 4.90 -22.04 -51.26
C ILE D 102 4.43 -23.13 -52.23
N SER D 103 4.70 -22.94 -53.52
CA SER D 103 4.36 -23.94 -54.53
C SER D 103 4.94 -25.31 -54.17
N TYR D 104 6.24 -25.36 -53.89
CA TYR D 104 6.87 -26.65 -53.69
C TYR D 104 6.34 -27.35 -52.44
N ILE D 105 6.14 -26.60 -51.37
CA ILE D 105 5.68 -27.21 -50.13
C ILE D 105 4.25 -27.72 -50.30
N LEU D 106 3.38 -26.91 -50.91
CA LEU D 106 1.99 -27.31 -51.04
C LEU D 106 1.81 -28.40 -52.10
N ALA D 107 2.67 -28.39 -53.14
CA ALA D 107 2.60 -29.44 -54.16
C ALA D 107 2.99 -30.81 -53.63
N THR D 108 3.83 -30.87 -52.60
CA THR D 108 4.54 -32.09 -52.24
C THR D 108 4.12 -32.69 -50.90
N TYR D 109 3.81 -31.87 -49.90
CA TYR D 109 3.53 -32.37 -48.57
C TYR D 109 2.09 -32.06 -48.17
N GLU D 110 1.68 -32.64 -47.05
CA GLU D 110 0.31 -32.46 -46.60
C GLU D 110 0.16 -31.98 -45.15
N THR D 111 1.16 -32.16 -44.28
CA THR D 111 1.06 -31.74 -42.89
C THR D 111 2.30 -30.99 -42.43
N VAL D 112 2.16 -30.27 -41.31
CA VAL D 112 3.27 -29.53 -40.74
C VAL D 112 4.35 -30.48 -40.25
N ASP D 113 3.95 -31.54 -39.55
CA ASP D 113 4.94 -32.52 -39.09
C ASP D 113 5.74 -33.07 -40.26
N GLN D 114 5.07 -33.36 -41.37
CA GLN D 114 5.77 -33.84 -42.56
C GLN D 114 6.70 -32.77 -43.15
N VAL D 115 6.26 -31.50 -43.14
CA VAL D 115 7.14 -30.43 -43.60
C VAL D 115 8.36 -30.30 -42.69
N LYS D 116 8.17 -30.47 -41.37
CA LYS D 116 9.31 -30.39 -40.46
C LYS D 116 10.36 -31.43 -40.79
N GLU D 117 9.95 -32.71 -40.88
CA GLU D 117 10.91 -33.79 -41.14
C GLU D 117 11.66 -33.60 -42.44
N ASN D 118 11.10 -32.86 -43.40
CA ASN D 118 11.69 -32.76 -44.73
C ASN D 118 12.34 -31.42 -45.01
N LEU D 119 12.30 -30.48 -44.09
CA LEU D 119 13.11 -29.27 -44.26
C LEU D 119 14.52 -29.46 -43.74
N THR D 120 14.84 -30.61 -43.13
CA THR D 120 16.17 -30.80 -42.54
C THR D 120 17.30 -30.82 -43.56
N ASP D 121 17.02 -31.09 -44.83
CA ASP D 121 18.06 -31.04 -45.86
C ASP D 121 17.91 -29.82 -46.77
N VAL D 122 17.07 -28.85 -46.42
CA VAL D 122 16.71 -27.81 -47.37
C VAL D 122 17.69 -26.65 -47.26
N ASN D 123 17.93 -26.01 -48.41
CA ASN D 123 18.58 -24.71 -48.51
C ASN D 123 17.67 -23.79 -49.31
N ILE D 124 17.32 -22.64 -48.74
CA ILE D 124 16.55 -21.64 -49.49
C ILE D 124 17.56 -20.91 -50.37
N SER D 125 17.43 -21.07 -51.68
CA SER D 125 18.49 -20.57 -52.53
C SER D 125 18.25 -19.11 -52.93
N ASP D 126 19.29 -18.48 -53.47
CA ASP D 126 19.25 -17.10 -53.96
C ASP D 126 18.74 -17.00 -55.39
N VAL D 127 18.18 -18.08 -55.93
CA VAL D 127 17.67 -18.06 -57.31
C VAL D 127 16.48 -17.13 -57.40
N SER D 128 16.51 -16.22 -58.38
CA SER D 128 15.36 -15.38 -58.68
C SER D 128 14.57 -15.94 -59.85
N PHE D 129 13.33 -15.47 -59.97
CA PHE D 129 12.43 -15.99 -61.00
C PHE D 129 12.83 -15.51 -62.38
N SER D 130 13.21 -14.24 -62.51
CA SER D 130 13.69 -13.69 -63.76
C SER D 130 14.64 -12.53 -63.45
N LYS D 131 15.24 -11.97 -64.51
CA LYS D 131 16.19 -10.88 -64.32
C LYS D 131 15.48 -9.60 -63.90
N ASN D 132 14.30 -9.35 -64.45
CA ASN D 132 13.46 -8.25 -64.01
C ASN D 132 12.56 -8.62 -62.84
N THR D 133 12.97 -9.58 -61.99
CA THR D 133 12.19 -9.98 -60.81
C THR D 133 13.15 -10.58 -59.78
N PRO D 134 13.99 -9.75 -59.19
CA PRO D 134 14.86 -10.24 -58.11
C PRO D 134 14.03 -10.80 -56.96
N ALA D 135 14.57 -11.82 -56.31
CA ALA D 135 13.86 -12.47 -55.23
C ALA D 135 13.62 -11.49 -54.10
N SER D 136 12.44 -11.54 -53.52
CA SER D 136 12.20 -10.69 -52.36
C SER D 136 12.54 -11.47 -51.08
N GLU D 137 12.81 -10.70 -50.02
CA GLU D 137 13.15 -11.29 -48.73
C GLU D 137 11.87 -11.70 -48.02
N LEU D 138 11.69 -13.00 -47.83
CA LEU D 138 10.50 -13.55 -47.22
C LEU D 138 10.88 -14.47 -46.07
N HIS D 139 9.94 -14.65 -45.15
CA HIS D 139 9.93 -15.80 -44.27
C HIS D 139 8.49 -16.27 -44.28
N TRP D 140 8.26 -17.46 -43.73
CA TRP D 140 7.02 -18.19 -44.00
C TRP D 140 6.37 -18.71 -42.72
N LEU D 141 5.04 -18.65 -42.70
CA LEU D 141 4.19 -19.37 -41.77
C LEU D 141 3.57 -20.61 -42.44
N VAL D 142 3.68 -21.77 -41.78
CA VAL D 142 3.11 -23.02 -42.28
C VAL D 142 2.17 -23.58 -41.21
N GLY D 143 0.89 -23.69 -41.54
CA GLY D 143 -0.08 -24.32 -40.66
C GLY D 143 -0.86 -25.42 -41.37
N ASP D 144 -1.54 -26.24 -40.58
CA ASP D 144 -2.37 -27.30 -41.16
C ASP D 144 -3.62 -27.51 -40.30
N LYS D 145 -4.40 -28.55 -40.64
CA LYS D 145 -5.65 -28.88 -39.93
C LYS D 145 -5.43 -29.42 -38.54
N THR D 146 -4.21 -29.67 -38.10
CA THR D 146 -4.02 -30.11 -36.72
C THR D 146 -4.02 -28.95 -35.73
N GLY D 147 -4.11 -27.70 -36.20
CA GLY D 147 -4.07 -26.54 -35.33
C GLY D 147 -2.69 -26.10 -34.89
N LYS D 148 -1.63 -26.75 -35.36
CA LYS D 148 -0.27 -26.38 -35.06
C LYS D 148 0.38 -25.72 -36.28
N SER D 149 1.36 -24.87 -36.02
CA SER D 149 2.05 -24.19 -37.10
C SER D 149 3.53 -24.09 -36.77
N ILE D 150 4.30 -23.75 -37.81
CA ILE D 150 5.73 -23.55 -37.69
C ILE D 150 6.08 -22.31 -38.48
N VAL D 151 7.27 -21.77 -38.18
CA VAL D 151 7.82 -20.60 -38.84
C VAL D 151 9.12 -21.02 -39.51
N VAL D 152 9.30 -20.59 -40.75
CA VAL D 152 10.47 -20.95 -41.54
C VAL D 152 11.24 -19.68 -41.85
N GLU D 153 12.49 -19.62 -41.39
CA GLU D 153 13.31 -18.40 -41.51
C GLU D 153 14.70 -18.80 -41.98
N SER D 154 15.10 -18.24 -43.10
CA SER D 154 16.47 -18.34 -43.58
C SER D 154 17.13 -17.01 -43.27
N ASP D 155 18.17 -17.04 -42.45
CA ASP D 155 18.86 -15.80 -42.13
C ASP D 155 20.37 -15.97 -42.19
N GLU D 156 21.12 -15.01 -41.61
CA GLU D 156 22.57 -15.03 -41.73
C GLU D 156 23.15 -16.34 -41.22
N LYS D 157 22.47 -16.99 -40.28
CA LYS D 157 22.99 -18.21 -39.69
C LYS D 157 22.38 -19.46 -40.32
N GLY D 158 21.71 -19.33 -41.45
CA GLY D 158 21.14 -20.47 -42.16
C GLY D 158 19.64 -20.60 -42.02
N LEU D 159 19.15 -21.80 -42.30
CA LEU D 159 17.73 -22.10 -42.26
C LEU D 159 17.30 -22.46 -40.84
N HIS D 160 16.17 -21.92 -40.39
CA HIS D 160 15.62 -22.23 -39.07
C HIS D 160 14.15 -22.57 -39.19
N VAL D 161 13.72 -23.60 -38.48
CA VAL D 161 12.32 -24.02 -38.41
C VAL D 161 11.92 -23.98 -36.94
N TYR D 162 11.00 -23.09 -36.59
CA TYR D 162 10.56 -22.93 -35.20
C TYR D 162 9.13 -23.44 -35.05
N ASP D 163 8.85 -24.13 -33.95
CA ASP D 163 7.47 -24.35 -33.57
C ASP D 163 6.82 -23.02 -33.20
N ASN D 164 5.57 -22.83 -33.61
CA ASN D 164 4.93 -21.54 -33.39
C ASN D 164 3.81 -21.68 -32.36
N PRO D 165 4.07 -21.33 -31.10
CA PRO D 165 3.03 -21.53 -30.06
C PRO D 165 1.89 -20.53 -30.11
N VAL D 166 1.93 -19.52 -30.97
CA VAL D 166 0.86 -18.53 -31.05
C VAL D 166 0.19 -18.48 -32.42
N ASN D 167 0.63 -19.30 -33.38
CA ASN D 167 -0.05 -19.42 -34.68
C ASN D 167 -0.23 -18.07 -35.36
N ALA D 168 0.79 -17.21 -35.26
CA ALA D 168 0.76 -15.93 -35.92
C ALA D 168 2.17 -15.55 -36.34
N LEU D 169 2.27 -14.64 -37.30
CA LEU D 169 3.56 -14.18 -37.82
C LEU D 169 3.37 -12.81 -38.47
N THR D 170 4.37 -11.94 -38.32
CA THR D 170 4.39 -10.65 -39.01
C THR D 170 5.72 -10.56 -39.75
N ASN D 171 6.51 -9.51 -39.50
CA ASN D 171 7.73 -9.21 -40.25
C ASN D 171 8.93 -9.37 -39.32
N ALA D 172 9.92 -8.44 -39.34
CA ALA D 172 11.07 -8.48 -38.45
C ALA D 172 10.62 -8.25 -37.01
N PRO D 173 11.44 -8.63 -36.03
CA PRO D 173 12.77 -9.27 -36.12
C PRO D 173 12.72 -10.79 -36.26
N LEU D 174 13.81 -11.52 -36.00
CA LEU D 174 13.78 -12.97 -36.01
C LEU D 174 12.70 -13.50 -35.08
N PHE D 175 12.21 -14.71 -35.39
CA PHE D 175 11.07 -15.23 -34.64
C PHE D 175 11.32 -15.41 -33.13
N PRO D 176 12.48 -15.88 -32.67
CA PRO D 176 12.68 -15.95 -31.21
C PRO D 176 12.67 -14.60 -30.55
N GLN D 177 13.02 -13.52 -31.26
CA GLN D 177 12.90 -12.22 -30.61
C GLN D 177 11.44 -11.76 -30.56
N GLN D 178 10.63 -12.18 -31.55
CA GLN D 178 9.20 -11.88 -31.48
C GLN D 178 8.57 -12.52 -30.26
N LEU D 179 8.87 -13.79 -30.01
CA LEU D 179 8.27 -14.48 -28.87
C LEU D 179 8.74 -13.89 -27.54
N THR D 180 10.03 -13.61 -27.42
CA THR D 180 10.54 -12.91 -26.23
C THR D 180 9.74 -11.65 -25.97
N ASN D 181 9.58 -10.80 -27.00
CA ASN D 181 8.82 -9.56 -26.82
C ASN D 181 7.42 -9.83 -26.31
N LEU D 182 6.80 -10.95 -26.73
CA LEU D 182 5.46 -11.29 -26.26
C LEU D 182 5.36 -11.23 -24.76
N ALA D 183 6.40 -11.69 -24.05
CA ALA D 183 6.32 -11.74 -22.59
C ALA D 183 6.30 -10.36 -21.96
N ASN D 184 6.67 -9.31 -22.69
CA ASN D 184 6.57 -7.97 -22.12
C ASN D 184 5.13 -7.54 -21.90
N TYR D 185 4.16 -8.29 -22.41
CA TYR D 185 2.76 -7.96 -22.25
C TYR D 185 2.02 -9.01 -21.43
N ALA D 186 2.77 -9.81 -20.66
CA ALA D 186 2.16 -10.87 -19.87
C ALA D 186 1.08 -10.35 -18.90
N ALA D 187 1.06 -9.06 -18.60
CA ALA D 187 0.06 -8.58 -17.64
C ALA D 187 -1.24 -8.14 -18.29
N VAL D 188 -1.26 -8.02 -19.62
CA VAL D 188 -2.47 -7.65 -20.33
C VAL D 188 -3.58 -8.65 -20.06
N VAL D 189 -4.80 -8.14 -19.87
CA VAL D 189 -6.01 -8.95 -19.72
C VAL D 189 -7.14 -8.26 -20.43
N PRO D 190 -8.13 -9.03 -20.91
CA PRO D 190 -9.23 -8.41 -21.67
C PRO D 190 -10.23 -7.67 -20.80
N GLY D 191 -10.27 -7.93 -19.50
CA GLY D 191 -11.18 -7.25 -18.62
C GLY D 191 -10.43 -6.32 -17.69
N GLN D 192 -10.80 -6.30 -16.43
CA GLN D 192 -10.15 -5.45 -15.46
C GLN D 192 -9.15 -6.25 -14.65
N PRO D 193 -7.95 -5.71 -14.42
CA PRO D 193 -7.01 -6.37 -13.50
C PRO D 193 -7.37 -6.15 -12.04
N ASN D 194 -6.95 -7.09 -11.20
CA ASN D 194 -6.94 -6.85 -9.75
C ASN D 194 -5.92 -5.78 -9.43
N ASN D 195 -6.24 -4.92 -8.47
CA ASN D 195 -5.33 -3.84 -8.11
C ASN D 195 -4.30 -4.39 -7.12
N ASP D 196 -3.22 -4.94 -7.66
CA ASP D 196 -1.98 -5.15 -6.92
C ASP D 196 -0.95 -4.09 -7.30
N PHE D 197 -1.37 -3.04 -8.02
CA PHE D 197 -0.50 -1.92 -8.37
C PHE D 197 -0.26 -1.04 -7.16
N LEU D 198 -1.33 -0.51 -6.59
CA LEU D 198 -1.32 0.30 -5.38
C LEU D 198 -2.27 -0.33 -4.38
N PRO D 199 -1.89 -1.45 -3.78
CA PRO D 199 -2.75 -2.08 -2.75
C PRO D 199 -3.16 -1.09 -1.68
N GLY D 200 -4.42 -1.18 -1.27
CA GLY D 200 -4.93 -0.27 -0.25
C GLY D 200 -5.46 1.05 -0.78
N VAL D 201 -5.42 1.27 -2.09
CA VAL D 201 -5.95 2.49 -2.70
C VAL D 201 -7.07 2.09 -3.67
N ASP D 202 -8.21 2.78 -3.58
CA ASP D 202 -9.30 2.53 -4.51
C ASP D 202 -9.04 3.30 -5.80
N LEU D 203 -8.67 2.60 -6.87
CA LEU D 203 -8.56 3.22 -8.18
C LEU D 203 -9.92 3.22 -8.87
N LYS D 204 -10.31 4.37 -9.40
CA LYS D 204 -11.54 4.42 -10.19
C LYS D 204 -11.27 3.76 -11.53
N MET D 205 -11.83 2.57 -11.73
CA MET D 205 -11.75 1.90 -13.01
C MET D 205 -12.77 2.57 -13.94
N TYR D 206 -12.35 3.69 -14.53
CA TYR D 206 -13.24 4.60 -15.24
C TYR D 206 -13.66 4.10 -16.61
N SER D 207 -12.99 3.08 -17.14
CA SER D 207 -13.29 2.57 -18.47
C SER D 207 -13.28 1.06 -18.44
N ARG D 208 -14.08 0.46 -19.31
CA ARG D 208 -13.98 -0.97 -19.51
C ARG D 208 -12.62 -1.32 -20.11
N SER D 209 -12.25 -2.59 -19.94
CA SER D 209 -11.06 -3.18 -20.55
C SER D 209 -9.80 -2.35 -20.28
N LEU D 210 -9.68 -1.82 -19.07
CA LEU D 210 -8.42 -1.18 -18.72
C LEU D 210 -7.28 -2.18 -18.68
N GLY D 211 -7.57 -3.48 -18.65
CA GLY D 211 -6.51 -4.47 -18.76
C GLY D 211 -5.79 -4.50 -20.10
N THR D 212 -6.34 -3.85 -21.12
CA THR D 212 -5.69 -3.76 -22.42
C THR D 212 -5.08 -2.38 -22.67
N HIS D 213 -4.93 -1.55 -21.63
CA HIS D 213 -4.45 -0.19 -21.85
C HIS D 213 -3.08 -0.15 -22.49
N HIS D 214 -2.26 -1.20 -22.30
CA HIS D 214 -0.93 -1.27 -22.87
C HIS D 214 -0.85 -2.25 -24.04
N LEU D 215 -1.97 -2.58 -24.64
CA LEU D 215 -1.92 -3.43 -25.82
C LEU D 215 -1.48 -2.59 -27.01
N PRO D 216 -0.47 -3.02 -27.78
CA PRO D 216 0.03 -2.19 -28.89
C PRO D 216 -0.99 -2.01 -30.01
N GLY D 217 -1.14 -0.78 -30.49
CA GLY D 217 -1.94 -0.52 -31.67
C GLY D 217 -1.18 0.07 -32.85
N GLY D 218 0.14 0.01 -32.79
CA GLY D 218 0.95 0.57 -33.84
C GLY D 218 0.93 -0.28 -35.11
N MET D 219 1.44 0.31 -36.19
CA MET D 219 1.46 -0.35 -37.48
C MET D 219 2.73 -1.14 -37.71
N ASP D 220 3.68 -1.01 -36.80
CA ASP D 220 4.96 -1.68 -36.93
C ASP D 220 4.79 -3.18 -36.64
N SER D 221 5.86 -3.92 -36.93
CA SER D 221 5.75 -5.38 -37.02
C SER D 221 5.57 -6.03 -35.64
N GLU D 222 6.27 -5.51 -34.62
CA GLU D 222 6.09 -6.07 -33.27
C GLU D 222 4.71 -5.73 -32.71
N SER D 223 4.21 -4.52 -32.96
CA SER D 223 2.89 -4.14 -32.44
C SER D 223 1.79 -5.01 -33.02
N ARG D 224 1.82 -5.24 -34.34
CA ARG D 224 0.78 -6.08 -34.94
C ARG D 224 0.93 -7.52 -34.49
N PHE D 225 2.16 -7.97 -34.27
CA PHE D 225 2.33 -9.34 -33.83
C PHE D 225 1.72 -9.55 -32.46
N VAL D 226 1.93 -8.59 -31.53
CA VAL D 226 1.44 -8.77 -30.17
C VAL D 226 -0.07 -8.68 -30.14
N LYS D 227 -0.64 -7.65 -30.79
CA LYS D 227 -2.09 -7.48 -30.77
C LYS D 227 -2.80 -8.65 -31.44
N VAL D 228 -2.31 -9.12 -32.59
CA VAL D 228 -3.01 -10.20 -33.27
C VAL D 228 -2.89 -11.52 -32.50
N CYS D 229 -1.76 -11.76 -31.82
CA CYS D 229 -1.67 -12.95 -30.97
C CYS D 229 -2.78 -12.92 -29.93
N PHE D 230 -3.04 -11.74 -29.39
CA PHE D 230 -4.05 -11.58 -28.36
C PHE D 230 -5.45 -11.75 -28.94
N ALA D 231 -5.75 -11.04 -30.03
CA ALA D 231 -7.04 -11.19 -30.70
C ALA D 231 -7.30 -12.65 -31.05
N LEU D 232 -6.31 -13.33 -31.61
CA LEU D 232 -6.49 -14.71 -32.04
C LEU D 232 -6.74 -15.63 -30.85
N ASN D 233 -5.96 -15.46 -29.78
CA ASN D 233 -6.12 -16.32 -28.61
C ASN D 233 -7.49 -16.17 -27.95
N HIS D 234 -8.11 -14.98 -28.00
CA HIS D 234 -9.37 -14.74 -27.30
C HIS D 234 -10.58 -14.76 -28.23
N ALA D 235 -10.41 -15.13 -29.50
CA ALA D 235 -11.51 -15.15 -30.43
C ALA D 235 -12.46 -16.30 -30.10
N PRO D 236 -13.71 -16.24 -30.55
CA PRO D 236 -14.65 -17.32 -30.24
C PRO D 236 -14.21 -18.65 -30.85
N LYS D 237 -14.54 -19.73 -30.16
CA LYS D 237 -14.40 -21.09 -30.67
C LYS D 237 -15.79 -21.68 -30.92
N ASP D 238 -15.81 -22.90 -31.48
CA ASP D 238 -17.05 -23.69 -31.63
C ASP D 238 -18.08 -23.02 -32.56
N SER D 239 -17.64 -22.35 -33.60
CA SER D 239 -18.54 -21.65 -34.50
C SER D 239 -18.66 -22.39 -35.83
N ASP D 240 -19.82 -22.25 -36.47
CA ASP D 240 -20.04 -22.79 -37.80
C ASP D 240 -19.26 -21.95 -38.82
N GLU D 241 -19.44 -22.23 -40.11
CA GLU D 241 -18.58 -21.68 -41.15
C GLU D 241 -18.63 -20.16 -41.18
N VAL D 242 -19.82 -19.60 -41.39
CA VAL D 242 -19.94 -18.18 -41.63
C VAL D 242 -19.49 -17.38 -40.41
N GLU D 243 -19.85 -17.83 -39.21
CA GLU D 243 -19.43 -17.14 -37.99
C GLU D 243 -17.90 -17.17 -37.85
N SER D 244 -17.30 -18.34 -38.07
CA SER D 244 -15.85 -18.50 -38.03
C SER D 244 -15.15 -17.59 -39.03
N VAL D 245 -15.66 -17.53 -40.26
CA VAL D 245 -15.07 -16.66 -41.26
C VAL D 245 -15.25 -15.19 -40.88
N THR D 246 -16.40 -14.83 -40.31
CA THR D 246 -16.58 -13.44 -39.90
C THR D 246 -15.60 -13.06 -38.79
N ASN D 247 -15.41 -13.96 -37.82
CA ASN D 247 -14.46 -13.72 -36.74
C ASN D 247 -13.02 -13.65 -37.24
N PHE D 248 -12.66 -14.46 -38.24
CA PHE D 248 -11.32 -14.43 -38.81
C PHE D 248 -11.02 -13.06 -39.39
N PHE D 249 -11.98 -12.48 -40.12
CA PHE D 249 -11.76 -11.15 -40.67
C PHE D 249 -11.70 -10.09 -39.58
N HIS D 250 -12.45 -10.27 -38.50
CA HIS D 250 -12.41 -9.28 -37.43
C HIS D 250 -11.05 -9.27 -36.76
N ILE D 251 -10.50 -10.46 -36.49
CA ILE D 251 -9.16 -10.61 -35.94
C ILE D 251 -8.15 -9.83 -36.77
N LEU D 252 -8.13 -10.08 -38.08
CA LEU D 252 -7.15 -9.41 -38.93
C LEU D 252 -7.49 -7.93 -39.09
N GLN D 253 -8.77 -7.58 -38.99
CA GLN D 253 -9.14 -6.16 -39.06
C GLN D 253 -8.59 -5.36 -37.88
N SER D 254 -8.42 -5.99 -36.73
CA SER D 254 -7.92 -5.25 -35.57
C SER D 254 -6.46 -4.83 -35.71
N VAL D 255 -5.70 -5.43 -36.65
CA VAL D 255 -4.33 -5.01 -36.93
C VAL D 255 -4.20 -4.55 -38.38
N GLU D 256 -5.29 -4.08 -38.97
CA GLU D 256 -5.18 -3.59 -40.32
C GLU D 256 -4.49 -2.23 -40.35
N GLN D 257 -3.97 -1.88 -41.52
CA GLN D 257 -3.25 -0.63 -41.71
C GLN D 257 -4.09 0.26 -42.61
N VAL D 258 -4.67 1.31 -42.01
CA VAL D 258 -5.45 2.31 -42.75
C VAL D 258 -4.49 3.26 -43.46
N LYS D 259 -4.90 3.73 -44.64
CA LYS D 259 -4.05 4.65 -45.40
C LYS D 259 -3.75 5.91 -44.59
N GLY D 260 -2.46 6.23 -44.43
CA GLY D 260 -2.01 7.41 -43.71
C GLY D 260 -1.28 7.11 -42.42
N MET D 261 -1.45 5.90 -41.86
CA MET D 261 -0.88 5.59 -40.57
C MET D 261 0.52 5.00 -40.65
N ASP D 262 0.91 4.41 -41.79
CA ASP D 262 2.23 3.78 -41.97
C ASP D 262 2.91 4.44 -43.17
N GLU D 263 3.67 5.49 -42.91
CA GLU D 263 4.33 6.22 -43.98
C GLU D 263 5.67 5.57 -44.29
N VAL D 264 5.87 5.23 -45.57
CA VAL D 264 7.08 4.56 -46.02
C VAL D 264 7.84 5.38 -47.04
N GLY D 265 7.29 6.50 -47.48
CA GLY D 265 7.97 7.50 -48.27
C GLY D 265 7.14 8.78 -48.27
N PRO D 266 7.57 9.80 -49.01
CA PRO D 266 6.78 11.06 -49.06
C PRO D 266 5.39 10.86 -49.66
N ASN D 267 4.36 11.00 -48.82
CA ASN D 267 2.98 10.67 -49.20
C ASN D 267 2.90 9.29 -49.86
N ILE D 268 3.67 8.34 -49.32
CA ILE D 268 3.62 6.94 -49.75
C ILE D 268 3.35 6.08 -48.53
N PHE D 269 2.30 5.26 -48.60
CA PHE D 269 1.78 4.58 -47.41
C PHE D 269 1.66 3.08 -47.65
N GLU D 270 2.11 2.30 -46.67
CA GLU D 270 1.79 0.89 -46.59
C GLU D 270 0.38 0.78 -46.02
N TYR D 271 -0.47 -0.01 -46.67
CA TYR D 271 -1.84 -0.18 -46.18
C TYR D 271 -2.29 -1.58 -46.51
N THR D 272 -3.41 -1.99 -45.93
CA THR D 272 -3.90 -3.37 -46.06
C THR D 272 -4.60 -3.51 -47.40
N MET D 273 -3.88 -4.11 -48.33
CA MET D 273 -4.32 -4.26 -49.72
C MET D 273 -5.39 -5.32 -49.86
N TYR D 274 -5.21 -6.48 -49.23
CA TYR D 274 -6.25 -7.49 -49.23
C TYR D 274 -6.16 -8.31 -47.97
N THR D 275 -7.26 -8.97 -47.62
CA THR D 275 -7.31 -9.99 -46.57
C THR D 275 -7.82 -11.28 -47.18
N SER D 276 -7.17 -12.38 -46.87
CA SER D 276 -7.54 -13.68 -47.40
C SER D 276 -7.83 -14.62 -46.25
N CYS D 277 -8.85 -15.48 -46.42
CA CYS D 277 -9.23 -16.43 -45.38
C CYS D 277 -9.49 -17.77 -46.05
N MET D 278 -8.74 -18.80 -45.68
CA MET D 278 -8.73 -20.06 -46.42
C MET D 278 -9.11 -21.19 -45.48
N ASN D 279 -10.24 -21.83 -45.74
CA ASN D 279 -10.67 -23.00 -44.98
C ASN D 279 -9.84 -24.21 -45.39
N LEU D 280 -9.14 -24.81 -44.42
CA LEU D 280 -8.23 -25.91 -44.73
C LEU D 280 -8.97 -27.23 -44.99
N GLU D 281 -10.09 -27.45 -44.31
CA GLU D 281 -10.88 -28.65 -44.53
C GLU D 281 -11.56 -28.62 -45.89
N LYS D 282 -12.18 -27.50 -46.24
CA LYS D 282 -13.11 -27.42 -47.36
C LYS D 282 -12.52 -26.73 -48.58
N GLY D 283 -11.29 -26.26 -48.54
CA GLY D 283 -10.67 -25.70 -49.75
C GLY D 283 -11.36 -24.48 -50.31
N ILE D 284 -11.79 -23.54 -49.45
CA ILE D 284 -12.46 -22.32 -49.86
C ILE D 284 -11.62 -21.12 -49.48
N LEU D 285 -11.41 -20.22 -50.44
CA LEU D 285 -10.67 -18.99 -50.23
C LEU D 285 -11.66 -17.84 -50.17
N TYR D 286 -11.81 -17.24 -48.99
CA TYR D 286 -12.55 -16.01 -48.83
C TYR D 286 -11.59 -14.84 -48.87
N PHE D 287 -12.09 -13.68 -49.25
CA PHE D 287 -11.19 -12.55 -49.34
C PHE D 287 -12.00 -11.26 -49.36
N ASN D 288 -11.34 -10.16 -49.02
CA ASN D 288 -11.76 -8.83 -49.44
C ASN D 288 -10.51 -7.99 -49.65
N CYS D 289 -10.69 -6.70 -49.85
CA CYS D 289 -9.58 -5.82 -50.19
C CYS D 289 -9.90 -4.43 -49.67
N TYR D 290 -8.92 -3.54 -49.77
CA TYR D 290 -9.11 -2.21 -49.19
C TYR D 290 -10.33 -1.52 -49.77
N ASP D 291 -10.50 -1.58 -51.09
CA ASP D 291 -11.58 -0.83 -51.75
C ASP D 291 -12.94 -1.50 -51.64
N ASP D 292 -13.03 -2.76 -51.21
CA ASP D 292 -14.30 -3.47 -51.17
C ASP D 292 -14.35 -4.32 -49.91
N SER D 293 -15.21 -3.94 -48.98
CA SER D 293 -15.28 -4.68 -47.72
C SER D 293 -16.14 -5.94 -47.80
N ARG D 294 -16.98 -6.11 -48.83
CA ARG D 294 -17.80 -7.30 -48.94
C ARG D 294 -16.92 -8.52 -49.14
N ILE D 295 -17.26 -9.61 -48.48
CA ILE D 295 -16.48 -10.83 -48.52
C ILE D 295 -16.89 -11.67 -49.73
N SER D 296 -15.94 -11.89 -50.66
CA SER D 296 -16.09 -12.81 -51.77
C SER D 296 -15.51 -14.18 -51.43
N ALA D 297 -15.89 -15.20 -52.21
CA ALA D 297 -15.41 -16.57 -51.96
C ALA D 297 -15.19 -17.33 -53.27
N VAL D 298 -14.15 -18.16 -53.28
CA VAL D 298 -13.83 -19.05 -54.39
C VAL D 298 -13.60 -20.43 -53.83
N ASP D 299 -14.32 -21.43 -54.35
CA ASP D 299 -14.24 -22.79 -53.85
C ASP D 299 -13.40 -23.63 -54.80
N MET D 300 -12.30 -24.19 -54.28
CA MET D 300 -11.42 -25.01 -55.10
C MET D 300 -12.14 -26.17 -55.74
N ASN D 301 -13.14 -26.72 -55.07
CA ASN D 301 -13.77 -27.96 -55.55
C ASN D 301 -14.85 -27.71 -56.59
N LYS D 302 -15.27 -26.46 -56.80
CA LYS D 302 -16.11 -26.16 -57.94
C LYS D 302 -15.40 -26.39 -59.28
N GLU D 303 -14.08 -26.56 -59.27
CA GLU D 303 -13.31 -26.72 -60.50
C GLU D 303 -12.84 -28.16 -60.67
N ASP D 304 -12.26 -28.44 -61.84
CA ASP D 304 -11.77 -29.78 -62.16
C ASP D 304 -10.31 -29.84 -61.72
N LEU D 305 -10.07 -30.47 -60.57
CA LEU D 305 -8.73 -30.46 -59.99
C LEU D 305 -7.73 -31.23 -60.85
N SER D 306 -8.22 -32.10 -61.74
CA SER D 306 -7.36 -32.88 -62.60
C SER D 306 -7.02 -32.17 -63.91
N SER D 307 -7.50 -30.94 -64.10
CA SER D 307 -7.11 -30.15 -65.27
C SER D 307 -5.64 -29.78 -65.14
N SER D 308 -5.18 -28.86 -65.99
CA SER D 308 -3.75 -28.61 -66.06
C SER D 308 -3.42 -27.15 -66.32
N ASP D 309 -4.40 -26.26 -66.27
CA ASP D 309 -4.14 -24.84 -66.45
C ASP D 309 -4.51 -24.08 -65.18
N LEU D 310 -3.81 -22.97 -64.96
CA LEU D 310 -4.18 -22.08 -63.87
C LEU D 310 -5.58 -21.55 -64.11
N ILE D 311 -6.39 -21.56 -63.06
CA ILE D 311 -7.71 -20.93 -63.04
C ILE D 311 -7.63 -19.67 -62.20
N VAL D 312 -8.03 -18.53 -62.77
CA VAL D 312 -7.69 -17.20 -62.27
C VAL D 312 -8.95 -16.37 -62.11
N PHE D 313 -9.08 -15.71 -60.94
CA PHE D 313 -10.18 -14.81 -60.65
C PHE D 313 -9.64 -13.46 -60.15
N ASP D 314 -10.50 -12.45 -60.19
CA ASP D 314 -10.11 -11.12 -59.74
C ASP D 314 -10.06 -11.06 -58.22
N LEU D 315 -8.99 -10.48 -57.68
CA LEU D 315 -8.89 -10.25 -56.25
C LEU D 315 -9.43 -8.87 -55.90
N PHE D 316 -8.82 -7.85 -56.46
CA PHE D 316 -9.19 -6.48 -56.16
C PHE D 316 -10.49 -6.12 -56.86
N LYS D 317 -11.41 -5.54 -56.12
CA LYS D 317 -12.75 -5.23 -56.60
C LYS D 317 -13.12 -3.80 -56.21
N LYS D 318 -14.22 -3.31 -56.77
CA LYS D 318 -14.76 -2.02 -56.41
C LYS D 318 -15.69 -2.18 -55.21
N GLN D 319 -15.99 -1.07 -54.53
CA GLN D 319 -16.84 -1.16 -53.35
C GLN D 319 -18.26 -1.60 -53.72
N ASP D 320 -18.70 -2.72 -53.15
CA ASP D 320 -19.96 -3.37 -53.52
C ASP D 320 -21.05 -3.05 -52.49
N ILE D 321 -21.60 -1.83 -52.60
CA ILE D 321 -22.57 -1.31 -51.64
C ILE D 321 -23.97 -1.79 -52.00
N SER D 322 -24.65 -2.38 -51.03
CA SER D 322 -26.02 -2.86 -51.18
C SER D 322 -27.00 -1.73 -50.87
N PHE D 323 -27.50 -1.04 -51.91
CA PHE D 323 -28.44 0.06 -51.70
C PHE D 323 -29.84 -0.47 -51.37
N ILE D 324 -30.51 0.20 -50.43
CA ILE D 324 -31.65 -0.38 -49.72
C ILE D 324 -32.99 0.25 -50.10
N ASN D 325 -33.00 1.50 -50.55
CA ASN D 325 -34.26 2.17 -50.88
C ASN D 325 -34.16 3.07 -52.13
N CYS E 2 28.28 -21.20 34.13
N CYS E 2 27.95 -24.30 33.25
CA CYS E 2 28.53 -22.49 33.51
CA CYS E 2 28.12 -22.85 33.21
C CYS E 2 29.19 -22.31 32.18
C CYS E 2 29.02 -22.47 32.06
N THR E 3 28.68 -21.34 31.43
CA THR E 3 29.31 -20.90 30.20
C THR E 3 29.37 -19.39 30.20
N SER E 4 30.58 -18.85 30.22
CA SER E 4 30.81 -17.41 30.27
C SER E 4 31.59 -17.00 29.03
N ILE E 5 31.19 -15.86 28.42
CA ILE E 5 31.83 -15.35 27.22
C ILE E 5 32.05 -13.84 27.33
N LEU E 6 33.01 -13.36 26.52
CA LEU E 6 33.17 -11.94 26.24
C LEU E 6 32.99 -11.74 24.74
N TYR E 7 32.02 -10.91 24.37
CA TYR E 7 31.61 -10.75 22.98
C TYR E 7 31.84 -9.31 22.56
N SER E 8 32.55 -9.12 21.44
CA SER E 8 33.10 -7.82 21.11
C SER E 8 32.67 -7.31 19.74
N PRO E 9 31.37 -7.26 19.43
CA PRO E 9 31.01 -6.86 18.05
C PRO E 9 31.25 -5.38 17.78
N LYS E 10 31.04 -4.50 18.76
CA LYS E 10 31.33 -3.08 18.62
C LYS E 10 31.52 -2.56 20.03
N ASP E 11 30.43 -2.43 20.79
CA ASP E 11 30.55 -2.45 22.23
C ASP E 11 30.98 -3.84 22.68
N HIS E 12 31.15 -4.00 24.00
CA HIS E 12 31.75 -5.20 24.58
C HIS E 12 30.78 -5.78 25.62
N TYR E 13 30.42 -7.06 25.45
CA TYR E 13 29.38 -7.67 26.25
C TYR E 13 29.94 -8.88 26.98
N PHE E 14 29.76 -8.88 28.29
CA PHE E 14 30.28 -9.90 29.18
C PHE E 14 29.10 -10.52 29.90
N GLY E 15 29.05 -11.85 29.97
CA GLY E 15 27.97 -12.53 30.68
C GLY E 15 28.11 -14.04 30.62
N ARG E 16 27.04 -14.75 30.99
CA ARG E 16 27.13 -16.18 31.22
C ARG E 16 25.75 -16.82 31.34
N ASN E 17 25.68 -18.11 31.00
CA ASN E 17 24.62 -18.98 31.48
C ASN E 17 24.97 -19.44 32.89
N LEU E 18 23.97 -19.54 33.74
CA LEU E 18 24.15 -20.23 35.00
C LEU E 18 23.31 -21.49 34.94
N ASP E 19 23.98 -22.64 34.83
CA ASP E 19 23.33 -23.94 34.75
C ASP E 19 23.51 -24.64 36.09
N TYR E 20 22.42 -25.06 36.71
CA TYR E 20 22.55 -25.81 37.96
C TYR E 20 21.22 -26.48 38.25
N GLU E 21 21.15 -27.18 39.37
CA GLU E 21 19.93 -27.87 39.72
C GLU E 21 19.20 -27.19 40.85
N ILE E 22 19.79 -26.15 41.46
CA ILE E 22 19.13 -25.45 42.57
C ILE E 22 19.57 -23.99 42.53
N ALA E 23 18.61 -23.09 42.73
CA ALA E 23 18.89 -21.66 42.76
C ALA E 23 19.36 -21.23 44.15
N TYR E 24 20.20 -20.20 44.18
CA TYR E 24 20.74 -19.65 45.41
C TYR E 24 20.15 -18.29 45.76
N GLY E 25 18.89 -18.05 45.43
CA GLY E 25 18.27 -16.75 45.68
C GLY E 25 18.83 -15.61 44.86
N GLN E 26 19.47 -15.90 43.73
CA GLN E 26 20.11 -14.85 42.93
C GLN E 26 19.13 -13.74 42.59
N LYS E 27 19.66 -12.52 42.58
CA LYS E 27 18.91 -11.33 42.22
C LYS E 27 19.85 -10.39 41.47
N VAL E 28 19.28 -9.45 40.72
CA VAL E 28 20.07 -8.36 40.17
C VAL E 28 20.44 -7.42 41.30
N VAL E 29 21.73 -7.23 41.54
CA VAL E 29 22.20 -6.40 42.65
C VAL E 29 23.18 -5.38 42.11
N ILE E 30 22.90 -4.10 42.38
CA ILE E 30 23.84 -3.00 42.18
C ILE E 30 24.49 -2.70 43.51
N THR E 31 25.81 -2.67 43.53
CA THR E 31 26.49 -2.23 44.75
C THR E 31 27.05 -0.85 44.48
N PRO E 32 26.52 0.20 45.12
CA PRO E 32 27.02 1.55 44.86
C PRO E 32 28.40 1.76 45.48
N ARG E 33 28.98 2.93 45.18
CA ARG E 33 30.38 3.20 45.50
C ARG E 33 30.68 3.25 46.99
N ASN E 34 29.71 3.58 47.83
CA ASN E 34 29.98 3.77 49.25
C ASN E 34 29.34 2.68 50.12
N TYR E 35 28.82 1.62 49.51
CA TYR E 35 28.57 0.39 50.27
C TYR E 35 29.90 -0.10 50.80
N GLU E 36 29.97 -0.35 52.10
CA GLU E 36 31.26 -0.67 52.70
C GLU E 36 31.53 -2.15 52.53
N PHE E 37 32.66 -2.48 51.90
CA PHE E 37 33.08 -3.86 51.77
C PHE E 37 33.98 -4.19 52.94
N LYS E 38 33.57 -5.17 53.74
CA LYS E 38 34.39 -5.71 54.81
C LYS E 38 34.95 -7.05 54.34
N PHE E 39 36.16 -7.02 53.80
CA PHE E 39 36.83 -8.23 53.32
C PHE E 39 37.43 -9.01 54.48
N ALA E 40 37.65 -10.31 54.24
CA ALA E 40 38.09 -11.21 55.32
C ALA E 40 39.49 -10.87 55.81
N ASN E 41 40.44 -10.72 54.89
CA ASN E 41 41.83 -10.54 55.29
C ASN E 41 42.47 -9.37 54.55
N LEU E 42 41.66 -8.37 54.22
CA LEU E 42 42.13 -7.18 53.54
C LEU E 42 41.42 -5.99 54.18
N PRO E 43 42.01 -4.80 54.12
CA PRO E 43 41.35 -3.62 54.69
C PRO E 43 40.02 -3.35 54.01
N ALA E 44 39.07 -2.87 54.81
CA ALA E 44 37.75 -2.54 54.31
C ALA E 44 37.84 -1.45 53.25
N GLU E 45 36.86 -1.43 52.36
CA GLU E 45 36.76 -0.37 51.36
C GLU E 45 35.41 0.30 51.51
N LYS E 46 35.40 1.47 52.16
CA LYS E 46 34.22 2.30 52.29
C LYS E 46 33.88 3.07 51.02
N SER E 47 34.80 3.11 50.06
CA SER E 47 34.59 3.80 48.79
C SER E 47 35.38 3.04 47.73
N HIS E 48 34.75 2.84 46.56
CA HIS E 48 35.26 1.90 45.56
C HIS E 48 34.40 2.06 44.30
N TYR E 49 34.75 1.34 43.25
CA TYR E 49 33.91 1.36 42.07
C TYR E 49 32.53 0.78 42.36
N ALA E 50 31.53 1.26 41.62
CA ALA E 50 30.21 0.64 41.67
C ALA E 50 30.13 -0.54 40.73
N MET E 51 29.26 -1.51 41.05
CA MET E 51 29.11 -2.68 40.20
C MET E 51 27.63 -3.06 40.09
N ILE E 52 27.33 -3.77 39.01
CA ILE E 52 26.04 -4.39 38.78
C ILE E 52 26.30 -5.84 38.35
N GLY E 53 25.45 -6.76 38.81
CA GLY E 53 25.63 -8.15 38.49
C GLY E 53 24.49 -9.00 39.02
N ILE E 54 24.71 -10.31 39.00
CA ILE E 54 23.78 -11.27 39.59
C ILE E 54 24.43 -11.79 40.87
N ALA E 55 23.74 -11.65 42.00
CA ALA E 55 24.32 -12.00 43.28
C ALA E 55 23.27 -12.62 44.19
N ALA E 56 23.72 -13.53 45.05
CA ALA E 56 22.93 -13.90 46.23
C ALA E 56 23.22 -12.90 47.33
N VAL E 57 22.19 -12.50 48.06
CA VAL E 57 22.36 -11.50 49.12
C VAL E 57 22.21 -12.21 50.46
N ALA E 58 23.29 -12.27 51.21
CA ALA E 58 23.30 -12.89 52.52
C ALA E 58 23.82 -11.87 53.51
N ASN E 59 23.04 -11.63 54.58
CA ASN E 59 23.42 -10.68 55.63
C ASN E 59 23.88 -9.35 55.03
N ASN E 60 23.05 -8.81 54.13
CA ASN E 60 23.30 -7.51 53.49
C ASN E 60 24.68 -7.46 52.84
N THR E 61 25.10 -8.61 52.31
CA THR E 61 26.38 -8.74 51.62
C THR E 61 26.13 -9.34 50.25
N PRO E 62 26.69 -8.78 49.19
CA PRO E 62 26.44 -9.34 47.85
C PRO E 62 27.49 -10.39 47.49
N LEU E 63 27.06 -11.64 47.41
CA LEU E 63 27.90 -12.72 46.94
C LEU E 63 27.63 -12.88 45.44
N TYR E 64 28.48 -12.28 44.61
CA TYR E 64 28.23 -12.23 43.18
C TYR E 64 28.61 -13.54 42.50
N CYS E 65 27.78 -13.95 41.55
CA CYS E 65 28.12 -15.00 40.59
C CYS E 65 28.75 -14.44 39.32
N ASP E 66 28.40 -13.22 38.93
CA ASP E 66 28.99 -12.55 37.79
C ASP E 66 28.56 -11.09 37.82
N ALA E 67 29.49 -10.20 37.51
CA ALA E 67 29.16 -8.78 37.57
C ALA E 67 30.16 -8.01 36.72
N ILE E 68 29.86 -6.72 36.53
CA ILE E 68 30.73 -5.75 35.89
C ILE E 68 30.73 -4.49 36.75
N ASN E 69 31.80 -3.71 36.66
CA ASN E 69 31.87 -2.45 37.40
C ASN E 69 31.73 -1.28 36.44
N GLU E 70 31.65 -0.07 37.03
CA GLU E 70 31.37 1.13 36.26
C GLU E 70 32.47 1.50 35.28
N LYS E 71 33.66 0.91 35.39
CA LYS E 71 34.77 1.24 34.49
C LYS E 71 34.94 0.22 33.39
N GLY E 72 34.06 -0.79 33.29
CA GLY E 72 34.07 -1.71 32.17
C GLY E 72 34.85 -2.99 32.37
N LEU E 73 35.14 -3.36 33.60
CA LEU E 73 35.75 -4.64 33.93
C LEU E 73 34.66 -5.63 34.30
N GLY E 74 34.81 -6.88 33.88
CA GLY E 74 33.85 -7.92 34.22
C GLY E 74 34.53 -9.14 34.81
N VAL E 75 33.80 -9.82 35.70
CA VAL E 75 34.27 -11.07 36.32
C VAL E 75 33.09 -12.02 36.47
N ALA E 76 33.27 -13.28 36.07
CA ALA E 76 32.26 -14.32 36.26
C ALA E 76 32.88 -15.50 36.99
N GLY E 77 32.22 -15.99 38.04
CA GLY E 77 32.65 -17.18 38.74
C GLY E 77 31.91 -18.40 38.22
N LEU E 78 32.66 -19.44 37.85
CA LEU E 78 32.10 -20.69 37.36
C LEU E 78 32.57 -21.85 38.23
N SER E 79 31.72 -22.87 38.33
CA SER E 79 32.05 -24.03 39.14
C SER E 79 33.33 -24.72 38.64
N PHE E 80 34.17 -25.14 39.58
CA PHE E 80 35.46 -25.77 39.31
C PHE E 80 35.66 -26.99 40.20
N ALA E 81 34.55 -27.64 40.57
CA ALA E 81 34.54 -28.85 41.40
C ALA E 81 35.53 -29.90 40.93
N GLY E 82 36.31 -30.44 41.86
CA GLY E 82 37.27 -31.46 41.54
C GLY E 82 38.57 -30.99 40.94
N GLN E 83 38.69 -29.72 40.56
CA GLN E 83 39.96 -29.20 40.08
C GLN E 83 40.57 -28.14 40.98
N GLY E 84 39.75 -27.36 41.65
CA GLY E 84 40.26 -26.23 42.39
C GLY E 84 40.79 -26.63 43.76
N LYS E 85 41.62 -25.75 44.30
CA LYS E 85 42.08 -25.89 45.66
C LYS E 85 42.34 -24.48 46.19
N TYR E 86 41.80 -24.19 47.36
CA TYR E 86 42.14 -22.97 48.05
C TYR E 86 43.18 -23.26 49.13
N PHE E 87 43.92 -22.23 49.50
CA PHE E 87 45.00 -22.42 50.45
C PHE E 87 44.79 -21.58 51.70
N PRO E 88 45.33 -21.98 52.84
CA PRO E 88 45.16 -21.17 54.06
C PRO E 88 45.87 -19.83 53.96
N VAL E 89 45.33 -18.86 54.72
CA VAL E 89 45.87 -17.51 54.74
C VAL E 89 47.33 -17.54 55.12
N VAL E 90 48.17 -16.84 54.36
CA VAL E 90 49.60 -16.81 54.60
C VAL E 90 50.05 -15.36 54.77
N GLU E 91 51.19 -15.18 55.43
CA GLU E 91 51.64 -13.85 55.78
C GLU E 91 52.14 -13.08 54.56
N ASP E 92 52.86 -13.76 53.68
CA ASP E 92 53.58 -13.13 52.57
C ASP E 92 52.70 -12.74 51.39
N LYS E 93 51.39 -13.00 51.44
CA LYS E 93 50.58 -12.86 50.24
C LYS E 93 49.35 -12.00 50.53
N LYS E 94 48.70 -11.60 49.44
CA LYS E 94 47.45 -10.83 49.47
C LYS E 94 46.29 -11.82 49.42
N ASN E 95 45.59 -11.96 50.54
CA ASN E 95 44.66 -13.09 50.73
C ASN E 95 43.24 -12.68 50.34
N ILE E 96 42.76 -13.22 49.23
CA ILE E 96 41.40 -13.00 48.78
C ILE E 96 40.63 -14.28 48.99
N ALA E 97 39.56 -14.20 49.77
CA ALA E 97 38.62 -15.32 49.86
C ALA E 97 37.88 -15.52 48.54
N SER E 98 37.52 -16.78 48.27
CA SER E 98 36.88 -17.13 47.00
C SER E 98 35.52 -16.43 46.87
N PHE E 99 34.71 -16.45 47.93
CA PHE E 99 33.39 -15.83 47.85
C PHE E 99 33.48 -14.32 47.63
N GLU E 100 34.65 -13.72 47.83
CA GLU E 100 34.79 -12.28 47.69
C GLU E 100 35.70 -11.89 46.53
N PHE E 101 36.10 -12.84 45.69
CA PHE E 101 37.02 -12.50 44.60
C PHE E 101 36.37 -11.53 43.61
N ILE E 102 35.14 -11.79 43.18
CA ILE E 102 34.48 -10.91 42.22
C ILE E 102 34.31 -9.50 42.81
N SER E 103 33.77 -9.41 44.02
CA SER E 103 33.58 -8.11 44.68
C SER E 103 34.89 -7.33 44.80
N TYR E 104 35.96 -8.01 45.22
CA TYR E 104 37.21 -7.30 45.44
C TYR E 104 37.80 -6.80 44.13
N ILE E 105 37.77 -7.64 43.09
CA ILE E 105 38.40 -7.27 41.83
C ILE E 105 37.66 -6.09 41.21
N LEU E 106 36.33 -6.12 41.25
CA LEU E 106 35.56 -5.06 40.63
C LEU E 106 35.64 -3.77 41.44
N ALA E 107 35.66 -3.88 42.79
CA ALA E 107 35.73 -2.69 43.62
C ALA E 107 37.02 -1.93 43.37
N THR E 108 38.10 -2.65 43.04
CA THR E 108 39.46 -2.14 43.11
C THR E 108 40.10 -1.86 41.76
N TYR E 109 39.75 -2.60 40.71
CA TYR E 109 40.50 -2.55 39.46
C TYR E 109 39.59 -2.19 38.28
N GLU E 110 40.24 -1.82 37.18
CA GLU E 110 39.58 -1.30 36.01
C GLU E 110 39.82 -2.08 34.75
N THR E 111 40.92 -2.84 34.67
CA THR E 111 41.33 -3.44 33.40
C THR E 111 41.93 -4.81 33.64
N VAL E 112 41.86 -5.64 32.59
CA VAL E 112 42.43 -6.97 32.64
C VAL E 112 43.93 -6.89 32.95
N ASP E 113 44.64 -5.96 32.30
CA ASP E 113 46.08 -5.82 32.55
C ASP E 113 46.33 -5.41 34.00
N GLN E 114 45.58 -4.42 34.49
CA GLN E 114 45.70 -4.07 35.90
C GLN E 114 45.49 -5.29 36.80
N VAL E 115 44.52 -6.15 36.47
CA VAL E 115 44.28 -7.34 37.30
C VAL E 115 45.44 -8.33 37.18
N LYS E 116 45.94 -8.55 35.95
CA LYS E 116 47.09 -9.44 35.77
C LYS E 116 48.25 -9.00 36.66
N GLU E 117 48.63 -7.73 36.57
CA GLU E 117 49.73 -7.21 37.39
C GLU E 117 49.47 -7.41 38.88
N ASN E 118 48.23 -7.28 39.32
CA ASN E 118 48.01 -7.26 40.75
C ASN E 118 47.74 -8.62 41.36
N LEU E 119 47.60 -9.68 40.54
CA LEU E 119 47.41 -11.02 41.06
C LEU E 119 48.71 -11.73 41.38
N THR E 120 49.85 -11.13 41.06
CA THR E 120 51.12 -11.83 41.27
C THR E 120 51.37 -12.11 42.75
N ASP E 121 50.79 -11.32 43.64
CA ASP E 121 50.97 -11.49 45.07
C ASP E 121 49.84 -12.29 45.73
N VAL E 122 48.86 -12.77 44.96
CA VAL E 122 47.57 -13.12 45.54
C VAL E 122 47.54 -14.59 45.96
N ASN E 123 46.83 -14.85 47.05
CA ASN E 123 46.50 -16.20 47.50
C ASN E 123 44.98 -16.26 47.60
N ILE E 124 44.35 -17.22 46.91
CA ILE E 124 42.92 -17.42 47.05
C ILE E 124 42.71 -18.27 48.30
N SER E 125 42.13 -17.69 49.34
CA SER E 125 42.13 -18.32 50.64
C SER E 125 40.94 -19.27 50.82
N ASP E 126 41.09 -20.20 51.78
CA ASP E 126 40.08 -21.19 52.09
C ASP E 126 38.96 -20.66 52.99
N VAL E 127 38.93 -19.36 53.26
CA VAL E 127 37.96 -18.80 54.18
C VAL E 127 36.55 -18.88 53.58
N SER E 128 35.56 -19.18 54.41
CA SER E 128 34.16 -19.24 54.01
C SER E 128 33.40 -18.02 54.50
N PHE E 129 32.26 -17.77 53.84
CA PHE E 129 31.45 -16.61 54.19
C PHE E 129 30.89 -16.73 55.62
N SER E 130 30.35 -17.90 55.96
CA SER E 130 29.80 -18.14 57.30
C SER E 130 29.77 -19.65 57.53
N LYS E 131 29.38 -20.04 58.75
CA LYS E 131 29.34 -21.48 59.06
C LYS E 131 28.27 -22.18 58.24
N ASN E 132 27.16 -21.50 58.00
CA ASN E 132 26.06 -22.03 57.20
C ASN E 132 26.35 -22.02 55.69
N THR E 133 27.50 -21.52 55.26
CA THR E 133 27.76 -21.24 53.84
C THR E 133 29.21 -21.56 53.48
N PRO E 134 29.58 -22.85 53.48
CA PRO E 134 30.94 -23.23 53.06
C PRO E 134 31.24 -22.81 51.64
N ALA E 135 32.52 -22.55 51.37
CA ALA E 135 32.91 -21.97 50.09
C ALA E 135 32.85 -23.00 48.97
N SER E 136 32.18 -22.65 47.89
CA SER E 136 32.17 -23.55 46.75
C SER E 136 33.45 -23.40 45.93
N GLU E 137 33.74 -24.40 45.12
CA GLU E 137 34.94 -24.40 44.28
C GLU E 137 34.68 -23.63 42.98
N LEU E 138 35.48 -22.60 42.71
CA LEU E 138 35.25 -21.74 41.57
C LEU E 138 36.54 -21.50 40.81
N HIS E 139 36.39 -21.18 39.53
CA HIS E 139 37.40 -20.43 38.79
C HIS E 139 36.70 -19.28 38.07
N TRP E 140 37.49 -18.31 37.60
CA TRP E 140 36.94 -17.03 37.14
C TRP E 140 37.39 -16.67 35.73
N LEU E 141 36.46 -16.15 34.95
CA LEU E 141 36.77 -15.42 33.73
C LEU E 141 36.75 -13.93 34.05
N VAL E 142 37.74 -13.22 33.55
CA VAL E 142 37.84 -11.76 33.73
C VAL E 142 38.02 -11.17 32.34
N GLY E 143 37.13 -10.25 31.95
CA GLY E 143 37.24 -9.59 30.66
C GLY E 143 37.09 -8.08 30.80
N ASP E 144 37.35 -7.37 29.70
CA ASP E 144 37.24 -5.91 29.72
C ASP E 144 37.04 -5.41 28.31
N LYS E 145 36.84 -4.09 28.20
CA LYS E 145 36.53 -3.46 26.91
C LYS E 145 37.69 -3.46 25.92
N THR E 146 38.86 -4.00 26.26
CA THR E 146 39.84 -4.26 25.21
C THR E 146 39.50 -5.49 24.36
N GLY E 147 38.46 -6.24 24.72
CA GLY E 147 38.15 -7.46 24.01
C GLY E 147 39.02 -8.63 24.36
N LYS E 148 39.78 -8.53 25.45
CA LYS E 148 40.65 -9.59 25.92
C LYS E 148 40.24 -10.03 27.32
N SER E 149 40.52 -11.29 27.62
CA SER E 149 40.12 -11.89 28.88
C SER E 149 41.25 -12.71 29.44
N ILE E 150 41.20 -12.95 30.74
CA ILE E 150 42.09 -13.89 31.41
C ILE E 150 41.25 -14.90 32.16
N VAL E 151 41.86 -16.05 32.43
CA VAL E 151 41.29 -17.08 33.29
C VAL E 151 42.13 -17.16 34.55
N VAL E 152 41.46 -17.18 35.69
CA VAL E 152 42.11 -17.26 37.00
C VAL E 152 41.75 -18.61 37.61
N GLU E 153 42.75 -19.45 37.87
CA GLU E 153 42.52 -20.79 38.41
C GLU E 153 43.49 -21.03 39.56
N SER E 154 42.94 -21.33 40.73
CA SER E 154 43.72 -21.80 41.86
C SER E 154 43.51 -23.32 41.93
N ASP E 155 44.57 -24.08 41.74
CA ASP E 155 44.48 -25.53 41.82
C ASP E 155 45.58 -26.04 42.74
N GLU E 156 45.88 -27.34 42.64
CA GLU E 156 46.84 -27.98 43.53
C GLU E 156 48.22 -27.37 43.42
N LYS E 157 48.57 -26.82 42.26
CA LYS E 157 49.86 -26.19 42.07
C LYS E 157 49.84 -24.69 42.37
N GLY E 158 48.80 -24.17 43.01
CA GLY E 158 48.73 -22.75 43.31
C GLY E 158 47.89 -21.95 42.34
N LEU E 159 48.10 -20.63 42.39
CA LEU E 159 47.36 -19.69 41.56
C LEU E 159 47.95 -19.58 40.17
N HIS E 160 47.09 -19.59 39.15
CA HIS E 160 47.49 -19.48 37.74
C HIS E 160 46.59 -18.48 37.02
N VAL E 161 47.20 -17.69 36.16
CA VAL E 161 46.52 -16.63 35.42
C VAL E 161 46.89 -16.82 33.96
N TYR E 162 45.91 -17.25 33.14
CA TYR E 162 46.15 -17.51 31.73
C TYR E 162 45.48 -16.46 30.87
N ASP E 163 46.16 -16.03 29.81
CA ASP E 163 45.48 -15.29 28.76
C ASP E 163 44.48 -16.23 28.10
N ASN E 164 43.33 -15.69 27.73
CA ASN E 164 42.27 -16.51 27.16
C ASN E 164 42.11 -16.14 25.70
N PRO E 165 42.68 -16.90 24.78
CA PRO E 165 42.58 -16.53 23.36
C PRO E 165 41.21 -16.73 22.73
N VAL E 166 40.31 -17.52 23.32
CA VAL E 166 38.98 -17.74 22.74
C VAL E 166 37.87 -17.02 23.50
N ASN E 167 38.18 -16.32 24.59
CA ASN E 167 37.22 -15.45 25.29
C ASN E 167 35.99 -16.20 25.80
N ALA E 168 36.20 -17.43 26.27
CA ALA E 168 35.10 -18.25 26.78
C ALA E 168 35.64 -19.11 27.92
N LEU E 169 34.72 -19.61 28.75
CA LEU E 169 35.10 -20.47 29.87
C LEU E 169 33.89 -21.29 30.29
N THR E 170 34.14 -22.56 30.68
CA THR E 170 33.11 -23.42 31.26
C THR E 170 33.66 -23.93 32.60
N ASN E 171 33.69 -25.24 32.82
CA ASN E 171 34.04 -25.82 34.12
C ASN E 171 35.35 -26.59 33.97
N ALA E 172 35.43 -27.85 34.39
CA ALA E 172 36.62 -28.66 34.30
C ALA E 172 36.85 -29.12 32.85
N PRO E 173 38.10 -29.44 32.48
CA PRO E 173 39.34 -29.54 33.25
C PRO E 173 40.13 -28.23 33.37
N LEU E 174 41.39 -28.31 33.81
CA LEU E 174 42.24 -27.12 33.89
C LEU E 174 42.28 -26.41 32.55
N PHE E 175 42.38 -25.08 32.60
CA PHE E 175 42.22 -24.32 31.37
C PHE E 175 43.22 -24.69 30.28
N PRO E 176 44.50 -24.97 30.56
CA PRO E 176 45.37 -25.41 29.45
C PRO E 176 44.85 -26.66 28.75
N GLN E 177 44.18 -27.56 29.47
CA GLN E 177 43.61 -28.74 28.83
C GLN E 177 42.43 -28.37 27.94
N GLN E 178 41.59 -27.45 28.39
CA GLN E 178 40.48 -26.99 27.56
C GLN E 178 40.98 -26.45 26.24
N LEU E 179 42.07 -25.67 26.27
CA LEU E 179 42.60 -25.12 25.03
C LEU E 179 43.14 -26.22 24.12
N THR E 180 43.93 -27.15 24.67
CA THR E 180 44.48 -28.25 23.88
C THR E 180 43.39 -29.03 23.15
N ASN E 181 42.24 -29.23 23.80
CA ASN E 181 41.14 -29.98 23.20
C ASN E 181 40.56 -29.31 21.94
N LEU E 182 40.69 -27.98 21.82
CA LEU E 182 40.16 -27.27 20.66
C LEU E 182 40.82 -27.72 19.36
N ALA E 183 42.11 -28.10 19.40
CA ALA E 183 42.79 -28.58 18.21
C ALA E 183 42.16 -29.86 17.69
N ASN E 184 41.44 -30.58 18.54
CA ASN E 184 40.78 -31.79 18.09
C ASN E 184 39.67 -31.51 17.10
N TYR E 185 39.27 -30.24 16.97
CA TYR E 185 38.14 -29.84 16.13
C TYR E 185 38.57 -28.90 15.02
N ALA E 186 39.87 -28.84 14.74
CA ALA E 186 40.39 -27.87 13.79
C ALA E 186 39.85 -28.07 12.38
N ALA E 187 39.31 -29.27 12.06
CA ALA E 187 38.68 -29.52 10.77
C ALA E 187 37.27 -28.95 10.67
N VAL E 188 36.68 -28.53 11.77
CA VAL E 188 35.30 -28.07 11.74
C VAL E 188 35.21 -26.79 10.92
N VAL E 189 34.16 -26.71 10.11
CA VAL E 189 33.84 -25.51 9.31
C VAL E 189 32.34 -25.33 9.28
N PRO E 190 31.89 -24.07 9.22
CA PRO E 190 30.43 -23.81 9.22
C PRO E 190 29.72 -24.28 7.97
N GLY E 191 30.42 -24.39 6.84
CA GLY E 191 29.82 -24.82 5.60
C GLY E 191 30.13 -26.25 5.24
N GLN E 192 30.59 -26.47 4.01
CA GLN E 192 30.96 -27.80 3.55
C GLN E 192 32.47 -27.93 3.46
N PRO E 193 33.03 -29.04 3.91
CA PRO E 193 34.45 -29.30 3.67
C PRO E 193 34.70 -29.64 2.21
N ASN E 194 35.92 -29.42 1.77
CA ASN E 194 36.37 -30.00 0.53
C ASN E 194 36.78 -31.45 0.78
N ASN E 195 36.52 -32.30 -0.20
CA ASN E 195 36.71 -33.74 -0.04
C ASN E 195 38.17 -34.10 -0.27
N ASP E 196 38.94 -34.07 0.81
CA ASP E 196 40.25 -34.70 0.89
C ASP E 196 40.20 -35.97 1.72
N PHE E 197 38.98 -36.45 1.98
CA PHE E 197 38.73 -37.68 2.72
C PHE E 197 38.94 -38.90 1.82
N LEU E 198 38.12 -39.03 0.77
CA LEU E 198 38.21 -40.10 -0.22
C LEU E 198 38.45 -39.44 -1.58
N PRO E 199 39.67 -38.97 -1.83
CA PRO E 199 39.98 -38.35 -3.13
C PRO E 199 39.62 -39.26 -4.29
N GLY E 200 38.90 -38.70 -5.25
CA GLY E 200 38.47 -39.46 -6.41
C GLY E 200 37.08 -40.02 -6.29
N VAL E 201 36.48 -39.91 -5.11
CA VAL E 201 35.12 -40.36 -4.87
C VAL E 201 34.22 -39.15 -4.74
N ASP E 202 33.06 -39.23 -5.35
CA ASP E 202 32.09 -38.14 -5.37
C ASP E 202 31.08 -38.39 -4.27
N LEU E 203 31.28 -37.74 -3.12
CA LEU E 203 30.41 -37.90 -1.98
C LEU E 203 29.25 -36.91 -2.09
N LYS E 204 28.02 -37.42 -2.13
CA LYS E 204 26.86 -36.55 -2.10
C LYS E 204 26.78 -35.86 -0.73
N MET E 205 26.88 -34.53 -0.74
CA MET E 205 26.74 -33.73 0.47
C MET E 205 25.25 -33.49 0.69
N TYR E 206 24.61 -34.51 1.27
CA TYR E 206 23.15 -34.63 1.38
C TYR E 206 22.54 -33.59 2.31
N SER E 207 23.35 -32.87 3.08
CA SER E 207 22.81 -31.94 4.05
C SER E 207 23.71 -30.72 4.08
N ARG E 208 23.11 -29.57 4.38
CA ARG E 208 23.88 -28.38 4.60
C ARG E 208 24.75 -28.56 5.84
N SER E 209 25.87 -27.82 5.88
CA SER E 209 26.72 -27.76 7.08
C SER E 209 27.21 -29.14 7.52
N LEU E 210 27.63 -29.98 6.57
CA LEU E 210 28.30 -31.21 6.96
C LEU E 210 29.63 -30.95 7.65
N GLY E 211 30.16 -29.74 7.57
CA GLY E 211 31.36 -29.42 8.30
C GLY E 211 31.18 -29.24 9.79
N THR E 212 29.95 -29.14 10.30
CA THR E 212 29.75 -29.13 11.74
C THR E 212 29.30 -30.48 12.24
N HIS E 213 29.45 -31.52 11.43
CA HIS E 213 28.92 -32.82 11.81
C HIS E 213 29.55 -33.33 13.12
N HIS E 214 30.79 -32.96 13.40
CA HIS E 214 31.43 -33.40 14.63
C HIS E 214 31.53 -32.29 15.67
N LEU E 215 30.79 -31.21 15.49
CA LEU E 215 30.72 -30.18 16.52
C LEU E 215 30.01 -30.75 17.75
N PRO E 216 30.58 -30.61 18.94
CA PRO E 216 29.96 -31.24 20.12
C PRO E 216 28.65 -30.58 20.53
N GLY E 217 27.71 -31.41 20.95
CA GLY E 217 26.46 -30.90 21.50
C GLY E 217 26.15 -31.38 22.89
N GLY E 218 27.08 -32.04 23.56
CA GLY E 218 26.78 -32.54 24.89
C GLY E 218 26.63 -31.43 25.93
N MET E 219 26.10 -31.82 27.09
CA MET E 219 26.00 -30.87 28.19
C MET E 219 27.24 -30.84 29.05
N ASP E 220 28.21 -31.69 28.79
CA ASP E 220 29.39 -31.70 29.61
C ASP E 220 30.25 -30.46 29.33
N SER E 221 31.17 -30.21 30.26
CA SER E 221 31.96 -28.97 30.25
C SER E 221 32.80 -28.81 28.99
N GLU E 222 33.35 -29.90 28.46
CA GLU E 222 34.20 -29.78 27.29
C GLU E 222 33.37 -29.54 26.03
N SER E 223 32.23 -30.23 25.89
CA SER E 223 31.37 -30.05 24.72
C SER E 223 30.88 -28.61 24.62
N ARG E 224 30.50 -28.01 25.74
CA ARG E 224 29.96 -26.65 25.70
C ARG E 224 31.06 -25.63 25.46
N PHE E 225 32.24 -25.86 26.05
CA PHE E 225 33.38 -25.00 25.76
C PHE E 225 33.69 -24.96 24.27
N VAL E 226 33.80 -26.14 23.66
CA VAL E 226 34.15 -26.22 22.24
C VAL E 226 33.07 -25.54 21.41
N LYS E 227 31.79 -25.82 21.71
CA LYS E 227 30.73 -25.28 20.86
C LYS E 227 30.58 -23.76 21.03
N VAL E 228 30.60 -23.27 22.27
CA VAL E 228 30.44 -21.83 22.46
C VAL E 228 31.62 -21.07 21.86
N CYS E 229 32.82 -21.66 21.84
CA CYS E 229 33.96 -21.00 21.22
C CYS E 229 33.68 -20.76 19.74
N PHE E 230 33.18 -21.80 19.08
CA PHE E 230 32.78 -21.75 17.68
C PHE E 230 31.68 -20.70 17.47
N ALA E 231 30.58 -20.82 18.21
CA ALA E 231 29.48 -19.86 18.10
C ALA E 231 29.96 -18.44 18.33
N LEU E 232 30.78 -18.24 19.37
CA LEU E 232 31.28 -16.90 19.66
C LEU E 232 32.19 -16.41 18.53
N ASN E 233 33.02 -17.28 17.98
CA ASN E 233 34.00 -16.83 16.99
C ASN E 233 33.32 -16.41 15.70
N HIS E 234 32.23 -17.07 15.33
CA HIS E 234 31.61 -16.86 14.03
C HIS E 234 30.43 -15.91 14.07
N ALA E 235 30.12 -15.35 15.24
CA ALA E 235 28.95 -14.53 15.42
C ALA E 235 29.12 -13.18 14.72
N PRO E 236 28.01 -12.50 14.43
CA PRO E 236 28.09 -11.21 13.72
C PRO E 236 28.92 -10.19 14.47
N LYS E 237 29.44 -9.23 13.69
CA LYS E 237 30.30 -8.17 14.19
C LYS E 237 29.72 -6.83 13.74
N ASP E 238 30.19 -5.76 14.37
CA ASP E 238 29.89 -4.36 13.95
C ASP E 238 28.39 -4.04 14.05
N SER E 239 27.78 -4.40 15.17
CA SER E 239 26.34 -4.29 15.33
C SER E 239 25.99 -3.33 16.45
N ASP E 240 24.80 -2.72 16.35
CA ASP E 240 24.33 -1.77 17.35
C ASP E 240 23.82 -2.51 18.59
N GLU E 241 23.21 -1.76 19.52
CA GLU E 241 22.96 -2.28 20.86
C GLU E 241 22.01 -3.48 20.86
N VAL E 242 20.79 -3.32 20.35
CA VAL E 242 19.80 -4.38 20.45
C VAL E 242 20.24 -5.60 19.65
N GLU E 243 20.87 -5.39 18.50
CA GLU E 243 21.24 -6.54 17.69
C GLU E 243 22.39 -7.30 18.35
N SER E 244 23.33 -6.57 18.98
CA SER E 244 24.41 -7.19 19.72
C SER E 244 23.87 -8.08 20.84
N VAL E 245 22.99 -7.52 21.67
CA VAL E 245 22.40 -8.28 22.77
C VAL E 245 21.68 -9.52 22.24
N THR E 246 20.92 -9.36 21.17
CA THR E 246 20.20 -10.49 20.59
C THR E 246 21.15 -11.61 20.22
N ASN E 247 22.25 -11.27 19.55
CA ASN E 247 23.19 -12.28 19.13
C ASN E 247 23.90 -12.89 20.33
N PHE E 248 24.24 -12.08 21.32
CA PHE E 248 24.83 -12.58 22.55
C PHE E 248 24.01 -13.71 23.15
N PHE E 249 22.71 -13.48 23.36
CA PHE E 249 21.86 -14.51 23.95
C PHE E 249 21.81 -15.76 23.09
N HIS E 250 21.79 -15.60 21.76
CA HIS E 250 21.77 -16.78 20.88
C HIS E 250 23.07 -17.58 20.98
N ILE E 251 24.20 -16.89 21.18
CA ILE E 251 25.47 -17.58 21.35
C ILE E 251 25.39 -18.50 22.56
N LEU E 252 24.96 -17.95 23.69
CA LEU E 252 24.86 -18.74 24.90
C LEU E 252 23.77 -19.79 24.79
N GLN E 253 22.71 -19.49 24.05
CA GLN E 253 21.65 -20.46 23.82
C GLN E 253 22.15 -21.69 23.08
N SER E 254 23.17 -21.54 22.23
CA SER E 254 23.63 -22.70 21.48
C SER E 254 24.18 -23.77 22.41
N VAL E 255 24.41 -23.44 23.69
CA VAL E 255 24.93 -24.40 24.66
C VAL E 255 24.06 -24.36 25.91
N GLU E 256 22.80 -23.98 25.75
CA GLU E 256 21.88 -24.07 26.88
C GLU E 256 21.65 -25.52 27.27
N GLN E 257 21.36 -25.72 28.55
CA GLN E 257 21.06 -27.03 29.11
C GLN E 257 19.56 -27.09 29.37
N VAL E 258 18.87 -27.87 28.58
CA VAL E 258 17.43 -28.08 28.71
C VAL E 258 17.16 -29.09 29.81
N LYS E 259 16.06 -28.88 30.55
CA LYS E 259 15.68 -29.82 31.59
C LYS E 259 15.57 -31.23 31.03
N GLY E 260 16.22 -32.18 31.70
CA GLY E 260 16.19 -33.56 31.32
C GLY E 260 17.43 -34.06 30.60
N MET E 261 18.27 -33.17 30.09
CA MET E 261 19.43 -33.62 29.34
C MET E 261 20.70 -33.75 30.17
N ASP E 262 20.76 -33.14 31.35
CA ASP E 262 21.94 -33.21 32.22
C ASP E 262 21.48 -33.74 33.59
N GLU E 263 21.61 -35.05 33.79
CA GLU E 263 21.09 -35.70 35.00
C GLU E 263 22.20 -35.81 36.02
N VAL E 264 22.01 -35.17 37.18
CA VAL E 264 23.04 -35.12 38.21
C VAL E 264 22.64 -35.86 39.46
N GLY E 265 21.43 -36.40 39.50
CA GLY E 265 21.05 -37.41 40.45
C GLY E 265 19.70 -37.91 40.02
N PRO E 266 19.11 -38.82 40.79
CA PRO E 266 17.82 -39.41 40.39
C PRO E 266 16.78 -38.36 40.09
N ASN E 267 16.53 -38.09 38.81
CA ASN E 267 15.44 -37.23 38.38
C ASN E 267 15.72 -35.76 38.72
N ILE E 268 17.00 -35.42 38.90
CA ILE E 268 17.48 -34.08 39.23
C ILE E 268 18.35 -33.59 38.08
N PHE E 269 18.04 -32.41 37.57
CA PHE E 269 18.64 -31.95 36.33
C PHE E 269 19.33 -30.62 36.52
N GLU E 270 20.56 -30.52 36.02
CA GLU E 270 21.24 -29.25 35.84
C GLU E 270 20.71 -28.62 34.56
N TYR E 271 20.06 -27.45 34.67
CA TYR E 271 19.48 -26.75 33.52
C TYR E 271 19.90 -25.29 33.56
N THR E 272 19.69 -24.59 32.45
CA THR E 272 20.13 -23.19 32.34
C THR E 272 19.15 -22.30 33.11
N MET E 273 19.55 -21.87 34.30
CA MET E 273 18.64 -21.13 35.18
C MET E 273 18.44 -19.70 34.72
N TYR E 274 19.53 -18.99 34.45
CA TYR E 274 19.46 -17.65 33.89
C TYR E 274 20.61 -17.42 32.92
N THR E 275 20.43 -16.40 32.08
CA THR E 275 21.46 -15.92 31.16
C THR E 275 21.61 -14.42 31.40
N SER E 276 22.82 -13.98 31.68
CA SER E 276 23.09 -12.56 31.90
C SER E 276 23.98 -12.01 30.80
N CYS E 277 23.72 -10.77 30.40
CA CYS E 277 24.46 -10.08 29.36
C CYS E 277 24.69 -8.64 29.80
N MET E 278 25.94 -8.27 30.09
CA MET E 278 26.23 -6.94 30.62
C MET E 278 27.09 -6.15 29.65
N ASN E 279 26.56 -5.01 29.16
CA ASN E 279 27.31 -4.09 28.31
C ASN E 279 28.36 -3.37 29.14
N LEU E 280 29.63 -3.66 28.85
CA LEU E 280 30.74 -3.08 29.61
C LEU E 280 30.82 -1.56 29.47
N GLU E 281 30.48 -1.02 28.28
CA GLU E 281 30.60 0.41 28.06
C GLU E 281 29.48 1.17 28.77
N LYS E 282 28.27 0.64 28.75
CA LYS E 282 27.11 1.37 29.22
C LYS E 282 26.66 0.99 30.62
N GLY E 283 27.18 -0.10 31.17
CA GLY E 283 26.75 -0.49 32.50
C GLY E 283 25.33 -1.00 32.56
N ILE E 284 24.90 -1.72 31.52
CA ILE E 284 23.55 -2.25 31.45
C ILE E 284 23.60 -3.77 31.53
N LEU E 285 22.85 -4.33 32.46
CA LEU E 285 22.71 -5.76 32.64
C LEU E 285 21.40 -6.21 31.95
N TYR E 286 21.53 -7.02 30.92
CA TYR E 286 20.41 -7.70 30.27
C TYR E 286 20.29 -9.12 30.80
N PHE E 287 19.06 -9.61 30.98
CA PHE E 287 18.92 -10.96 31.50
C PHE E 287 17.63 -11.61 31.06
N ASN E 288 17.65 -12.95 30.96
CA ASN E 288 16.42 -13.73 31.04
C ASN E 288 16.70 -14.97 31.90
N CYS E 289 15.71 -15.85 32.01
CA CYS E 289 15.80 -17.06 32.83
C CYS E 289 15.03 -18.19 32.17
N TYR E 290 15.11 -19.37 32.77
CA TYR E 290 14.50 -20.56 32.17
C TYR E 290 13.01 -20.37 31.96
N ASP E 291 12.33 -19.74 32.92
CA ASP E 291 10.88 -19.59 32.88
C ASP E 291 10.40 -18.37 32.12
N ASP E 292 11.27 -17.43 31.73
CA ASP E 292 10.84 -16.23 31.01
C ASP E 292 11.86 -15.91 29.92
N SER E 293 11.50 -16.12 28.66
CA SER E 293 12.50 -15.88 27.63
C SER E 293 12.60 -14.42 27.22
N ARG E 294 11.66 -13.59 27.64
CA ARG E 294 11.73 -12.16 27.34
C ARG E 294 12.94 -11.55 28.03
N ILE E 295 13.70 -10.75 27.30
CA ILE E 295 14.87 -10.10 27.89
C ILE E 295 14.42 -8.86 28.69
N SER E 296 14.97 -8.72 29.89
CA SER E 296 14.81 -7.58 30.77
C SER E 296 16.16 -6.87 30.90
N ALA E 297 16.11 -5.63 31.41
CA ALA E 297 17.31 -4.79 31.44
C ALA E 297 17.29 -3.87 32.65
N VAL E 298 18.44 -3.73 33.29
CA VAL E 298 18.66 -2.80 34.38
C VAL E 298 19.90 -1.97 34.04
N ASP E 299 19.78 -0.65 34.12
CA ASP E 299 20.88 0.28 33.85
C ASP E 299 21.42 0.79 35.19
N MET E 300 22.63 0.33 35.55
CA MET E 300 23.37 0.84 36.71
C MET E 300 23.29 2.35 36.83
N ASN E 301 23.37 3.03 35.70
CA ASN E 301 23.58 4.47 35.70
C ASN E 301 22.29 5.25 35.91
N LYS E 302 21.13 4.60 35.96
CA LYS E 302 19.90 5.29 36.32
C LYS E 302 19.67 5.32 37.82
N GLU E 303 20.60 4.80 38.62
CA GLU E 303 20.49 4.75 40.06
C GLU E 303 21.51 5.70 40.68
N ASP E 304 21.29 6.02 41.97
CA ASP E 304 22.24 6.82 42.73
C ASP E 304 23.47 5.99 43.12
N LEU E 305 24.50 6.02 42.28
CA LEU E 305 25.73 5.24 42.50
C LEU E 305 26.54 5.74 43.69
N SER E 306 26.24 6.93 44.22
CA SER E 306 26.92 7.43 45.40
C SER E 306 26.30 6.94 46.70
N SER E 307 25.19 6.21 46.63
CA SER E 307 24.60 5.71 47.85
C SER E 307 25.46 4.61 48.45
N SER E 308 24.95 4.02 49.53
CA SER E 308 25.69 3.04 50.28
C SER E 308 24.89 1.78 50.57
N ASP E 309 23.69 1.68 50.03
CA ASP E 309 22.81 0.53 50.23
C ASP E 309 22.69 -0.25 48.93
N LEU E 310 22.53 -1.56 49.06
CA LEU E 310 22.37 -2.39 47.86
C LEU E 310 21.04 -2.07 47.20
N ILE E 311 21.06 -2.01 45.88
CA ILE E 311 19.85 -1.82 45.07
C ILE E 311 19.59 -3.15 44.37
N VAL E 312 18.45 -3.75 44.69
CA VAL E 312 18.16 -5.13 44.29
C VAL E 312 16.94 -5.12 43.37
N PHE E 313 16.97 -6.00 42.37
CA PHE E 313 15.88 -6.20 41.42
C PHE E 313 15.64 -7.69 41.24
N ASP E 314 14.41 -8.04 40.92
CA ASP E 314 14.09 -9.45 40.71
C ASP E 314 14.78 -9.97 39.45
N LEU E 315 15.34 -11.18 39.55
CA LEU E 315 15.94 -11.84 38.40
C LEU E 315 15.02 -12.91 37.81
N PHE E 316 14.51 -13.80 38.64
CA PHE E 316 13.63 -14.86 38.15
C PHE E 316 12.21 -14.34 38.03
N LYS E 317 11.62 -14.55 36.86
CA LYS E 317 10.29 -14.07 36.53
C LYS E 317 9.49 -15.20 35.90
N LYS E 318 8.17 -15.04 35.91
CA LYS E 318 7.29 -15.94 35.17
C LYS E 318 7.30 -15.58 33.68
N GLN E 319 6.85 -16.55 32.87
CA GLN E 319 6.86 -16.39 31.40
C GLN E 319 6.00 -15.22 30.99
N ASP E 320 6.61 -14.26 30.30
CA ASP E 320 5.93 -13.01 29.96
C ASP E 320 5.43 -13.08 28.52
N ILE E 321 4.25 -13.68 28.36
CA ILE E 321 3.67 -13.93 27.04
C ILE E 321 2.92 -12.71 26.53
N SER E 322 3.12 -12.38 25.25
CA SER E 322 2.43 -11.29 24.59
C SER E 322 1.23 -11.84 23.82
N PHE E 323 0.03 -11.51 24.27
CA PHE E 323 -1.19 -12.03 23.66
C PHE E 323 -1.64 -11.12 22.52
N ILE E 324 -1.71 -11.67 21.31
CA ILE E 324 -1.76 -10.83 20.13
C ILE E 324 -3.19 -10.44 19.78
N ASN E 325 -4.09 -11.40 19.70
CA ASN E 325 -5.45 -11.07 19.28
C ASN E 325 -6.36 -10.95 20.51
N HIS E 326 -6.08 -9.89 21.27
CA HIS E 326 -6.87 -9.51 22.44
C HIS E 326 -8.19 -8.84 22.08
N HIS E 327 -8.32 -8.35 20.85
CA HIS E 327 -9.53 -7.69 20.36
C HIS E 327 -9.97 -6.58 21.34
N HIS E 328 -8.99 -5.75 21.75
CA HIS E 328 -9.30 -4.56 22.53
C HIS E 328 -9.67 -3.35 21.68
N HIS E 329 -9.22 -3.32 20.42
CA HIS E 329 -9.58 -2.28 19.45
C HIS E 329 -9.32 -0.88 19.99
N HIS E 330 -8.10 -0.67 20.49
CA HIS E 330 -7.72 0.67 20.97
C HIS E 330 -7.74 1.71 19.85
N CYS F 2 -19.41 4.15 -29.27
CA CYS F 2 -18.19 3.98 -28.47
C CYS F 2 -17.05 4.76 -29.06
N THR F 3 -17.03 4.85 -30.38
CA THR F 3 -16.11 5.73 -31.10
C THR F 3 -16.91 6.46 -32.16
N SER F 4 -16.93 7.78 -32.09
CA SER F 4 -17.66 8.61 -33.03
C SER F 4 -16.71 9.61 -33.66
N ILE F 5 -16.89 9.88 -34.95
CA ILE F 5 -15.99 10.78 -35.66
C ILE F 5 -16.76 11.67 -36.63
N LEU F 6 -16.13 12.79 -36.98
CA LEU F 6 -16.53 13.63 -38.10
C LEU F 6 -15.36 13.69 -39.07
N TYR F 7 -15.60 13.28 -40.31
CA TYR F 7 -14.57 13.11 -41.32
C TYR F 7 -14.90 14.05 -42.48
N SER F 8 -13.94 14.89 -42.87
CA SER F 8 -14.18 15.99 -43.81
C SER F 8 -13.25 15.96 -45.01
N PRO F 9 -13.29 14.89 -45.83
CA PRO F 9 -12.36 14.84 -46.97
C PRO F 9 -12.75 15.79 -48.09
N LYS F 10 -14.05 15.90 -48.37
CA LYS F 10 -14.61 16.82 -49.35
C LYS F 10 -16.05 17.06 -48.90
N ASP F 11 -16.90 16.06 -49.07
CA ASP F 11 -18.14 15.99 -48.33
C ASP F 11 -17.82 15.79 -46.85
N HIS F 12 -18.85 15.57 -46.03
CA HIS F 12 -18.69 15.47 -44.59
C HIS F 12 -19.46 14.25 -44.09
N TYR F 13 -18.77 13.38 -43.36
CA TYR F 13 -19.30 12.09 -42.94
C TYR F 13 -19.25 12.01 -41.42
N PHE F 14 -20.37 11.62 -40.84
CA PHE F 14 -20.55 11.63 -39.40
C PHE F 14 -21.01 10.24 -39.01
N GLY F 15 -20.37 9.66 -38.00
CA GLY F 15 -20.73 8.29 -37.71
C GLY F 15 -20.04 7.76 -36.48
N ARG F 16 -20.29 6.49 -36.20
CA ARG F 16 -19.79 5.90 -34.96
C ARG F 16 -19.71 4.40 -35.12
N ASN F 17 -18.80 3.79 -34.36
CA ASN F 17 -18.93 2.41 -33.93
C ASN F 17 -19.84 2.37 -32.72
N LEU F 18 -20.69 1.37 -32.64
CA LEU F 18 -21.41 1.12 -31.40
C LEU F 18 -20.91 -0.20 -30.86
N ASP F 19 -20.19 -0.15 -29.74
CA ASP F 19 -19.60 -1.33 -29.12
C ASP F 19 -20.33 -1.64 -27.82
N TYR F 20 -20.79 -2.88 -27.66
CA TYR F 20 -21.52 -3.22 -26.44
C TYR F 20 -21.72 -4.73 -26.40
N GLU F 21 -22.26 -5.19 -25.26
CA GLU F 21 -22.56 -6.60 -25.07
C GLU F 21 -24.06 -6.89 -25.10
N ILE F 22 -24.91 -5.88 -25.02
CA ILE F 22 -26.36 -6.02 -25.11
C ILE F 22 -26.86 -5.17 -26.28
N ALA F 23 -27.69 -5.75 -27.13
CA ALA F 23 -28.33 -5.02 -28.21
C ALA F 23 -29.65 -4.45 -27.73
N TYR F 24 -30.08 -3.35 -28.35
CA TYR F 24 -31.30 -2.63 -28.00
C TYR F 24 -32.24 -2.52 -29.20
N GLY F 25 -32.35 -3.60 -29.97
CA GLY F 25 -33.26 -3.62 -31.11
C GLY F 25 -33.07 -2.47 -32.07
N GLN F 26 -31.82 -2.07 -32.29
CA GLN F 26 -31.59 -0.96 -33.19
C GLN F 26 -32.07 -1.31 -34.60
N LYS F 27 -32.43 -0.26 -35.35
CA LYS F 27 -32.81 -0.35 -36.74
C LYS F 27 -32.44 0.98 -37.37
N VAL F 28 -32.42 1.03 -38.69
CA VAL F 28 -32.32 2.31 -39.36
C VAL F 28 -33.68 2.98 -39.25
N VAL F 29 -33.72 4.29 -38.99
CA VAL F 29 -34.99 4.97 -38.76
C VAL F 29 -34.94 6.35 -39.38
N ILE F 30 -35.78 6.60 -40.38
CA ILE F 30 -36.01 7.94 -40.86
C ILE F 30 -37.17 8.53 -40.06
N THR F 31 -36.99 9.76 -39.62
CA THR F 31 -38.06 10.49 -38.95
C THR F 31 -38.44 11.65 -39.85
N PRO F 32 -39.59 11.61 -40.50
CA PRO F 32 -39.95 12.65 -41.47
C PRO F 32 -40.40 13.92 -40.77
N ARG F 33 -40.56 14.97 -41.57
CA ARG F 33 -40.78 16.33 -41.06
C ARG F 33 -42.03 16.46 -40.22
N ASN F 34 -43.02 15.59 -40.42
CA ASN F 34 -44.32 15.75 -39.77
C ASN F 34 -44.62 14.60 -38.82
N TYR F 35 -43.58 13.94 -38.32
CA TYR F 35 -43.77 13.09 -37.14
C TYR F 35 -43.94 14.01 -35.94
N GLU F 36 -44.81 13.63 -35.01
CA GLU F 36 -45.10 14.47 -33.85
C GLU F 36 -44.20 14.06 -32.69
N PHE F 37 -43.29 14.95 -32.33
CA PHE F 37 -42.38 14.72 -31.19
C PHE F 37 -43.08 15.18 -29.92
N LYS F 38 -43.41 14.23 -29.06
CA LYS F 38 -43.94 14.52 -27.73
C LYS F 38 -42.75 14.60 -26.77
N PHE F 39 -42.28 15.81 -26.49
CA PHE F 39 -41.15 16.04 -25.59
C PHE F 39 -41.62 16.14 -24.15
N ALA F 40 -40.89 15.47 -23.25
CA ALA F 40 -41.34 15.33 -21.86
C ALA F 40 -41.56 16.67 -21.17
N ASN F 41 -40.76 17.69 -21.49
CA ASN F 41 -40.87 18.96 -20.78
C ASN F 41 -40.64 20.15 -21.71
N LEU F 42 -40.85 19.98 -23.00
CA LEU F 42 -40.73 21.04 -23.98
C LEU F 42 -41.95 21.00 -24.90
N PRO F 43 -42.21 22.07 -25.65
CA PRO F 43 -43.40 22.08 -26.51
C PRO F 43 -43.31 21.03 -27.60
N ALA F 44 -44.44 20.37 -27.86
CA ALA F 44 -44.53 19.36 -28.91
C ALA F 44 -44.14 19.98 -30.26
N GLU F 45 -43.36 19.23 -31.03
CA GLU F 45 -42.89 19.66 -32.35
C GLU F 45 -43.57 18.79 -33.40
N LYS F 46 -44.58 19.34 -34.07
CA LYS F 46 -45.31 18.62 -35.09
C LYS F 46 -44.77 18.89 -36.48
N SER F 47 -43.97 19.93 -36.65
CA SER F 47 -43.33 20.26 -37.92
C SER F 47 -41.88 20.61 -37.62
N HIS F 48 -40.95 19.92 -38.28
CA HIS F 48 -39.54 19.99 -37.90
C HIS F 48 -38.71 19.37 -39.02
N TYR F 49 -37.39 19.54 -38.91
CA TYR F 49 -36.47 18.92 -39.87
C TYR F 49 -36.61 17.41 -39.86
N ALA F 50 -36.45 16.80 -41.04
CA ALA F 50 -36.42 15.35 -41.11
C ALA F 50 -35.02 14.87 -40.74
N MET F 51 -34.92 13.61 -40.35
CA MET F 51 -33.64 13.09 -39.89
C MET F 51 -33.58 11.60 -40.15
N ILE F 52 -32.35 11.07 -40.28
CA ILE F 52 -32.11 9.65 -40.47
C ILE F 52 -31.01 9.19 -39.54
N GLY F 53 -31.20 8.05 -38.90
CA GLY F 53 -30.13 7.48 -38.09
C GLY F 53 -30.40 6.05 -37.69
N ILE F 54 -29.64 5.60 -36.70
CA ILE F 54 -29.84 4.31 -36.04
C ILE F 54 -30.59 4.56 -34.74
N ALA F 55 -31.66 3.81 -34.50
CA ALA F 55 -32.49 4.05 -33.33
C ALA F 55 -33.21 2.77 -32.94
N ALA F 56 -33.62 2.72 -31.68
CA ALA F 56 -34.61 1.75 -31.24
C ALA F 56 -35.96 2.45 -31.25
N VAL F 57 -37.00 1.70 -31.63
CA VAL F 57 -38.35 2.23 -31.69
C VAL F 57 -39.12 1.57 -30.56
N ALA F 58 -39.55 2.37 -29.59
CA ALA F 58 -40.45 1.92 -28.54
C ALA F 58 -41.66 2.85 -28.52
N ASN F 59 -42.85 2.27 -28.31
CA ASN F 59 -44.10 3.01 -28.27
C ASN F 59 -44.15 4.05 -29.37
N ASN F 60 -43.78 3.66 -30.59
CA ASN F 60 -43.75 4.55 -31.74
C ASN F 60 -42.87 5.78 -31.50
N THR F 61 -41.80 5.62 -30.72
CA THR F 61 -40.87 6.71 -30.49
C THR F 61 -39.49 6.30 -30.97
N PRO F 62 -38.81 7.15 -31.76
CA PRO F 62 -37.43 6.85 -32.17
C PRO F 62 -36.45 7.24 -31.07
N LEU F 63 -35.82 6.24 -30.47
CA LEU F 63 -34.78 6.47 -29.46
C LEU F 63 -33.45 6.35 -30.18
N TYR F 64 -32.90 7.49 -30.58
CA TYR F 64 -31.72 7.49 -31.43
C TYR F 64 -30.44 7.24 -30.64
N CYS F 65 -29.50 6.49 -31.26
CA CYS F 65 -28.10 6.45 -30.85
C CYS F 65 -27.24 7.46 -31.59
N ASP F 66 -27.52 7.66 -32.88
CA ASP F 66 -26.76 8.57 -33.72
C ASP F 66 -27.63 8.85 -34.93
N ALA F 67 -27.55 10.07 -35.45
CA ALA F 67 -28.36 10.44 -36.61
C ALA F 67 -27.89 11.78 -37.16
N ILE F 68 -28.39 12.11 -38.35
CA ILE F 68 -28.18 13.42 -38.95
C ILE F 68 -29.54 13.91 -39.41
N ASN F 69 -29.63 15.22 -39.66
CA ASN F 69 -30.86 15.78 -40.20
C ASN F 69 -30.60 16.36 -41.57
N GLU F 70 -31.71 16.69 -42.27
CA GLU F 70 -31.68 17.13 -43.67
C GLU F 70 -30.90 18.41 -43.88
N LYS F 71 -30.53 19.13 -42.83
CA LYS F 71 -29.74 20.34 -42.99
C LYS F 71 -28.24 20.10 -42.84
N GLY F 72 -27.83 18.88 -42.51
CA GLY F 72 -26.43 18.60 -42.35
C GLY F 72 -25.88 18.79 -40.95
N LEU F 73 -26.68 18.50 -39.93
CA LEU F 73 -26.20 18.51 -38.55
C LEU F 73 -26.27 17.07 -38.07
N GLY F 74 -25.21 16.64 -37.37
CA GLY F 74 -25.13 15.29 -36.83
C GLY F 74 -24.95 15.30 -35.33
N VAL F 75 -25.56 14.33 -34.67
CA VAL F 75 -25.46 14.18 -33.22
C VAL F 75 -25.39 12.69 -32.93
N ALA F 76 -24.37 12.28 -32.15
CA ALA F 76 -24.19 10.90 -31.71
C ALA F 76 -24.09 10.85 -30.19
N GLY F 77 -24.70 9.82 -29.61
CA GLY F 77 -24.67 9.61 -28.17
C GLY F 77 -23.86 8.38 -27.82
N LEU F 78 -22.92 8.56 -26.89
CA LEU F 78 -22.00 7.53 -26.44
C LEU F 78 -22.12 7.37 -24.93
N SER F 79 -21.83 6.15 -24.46
CA SER F 79 -21.90 5.88 -23.04
C SER F 79 -20.97 6.80 -22.26
N PHE F 80 -21.47 7.28 -21.12
CA PHE F 80 -20.72 8.12 -20.19
C PHE F 80 -20.86 7.60 -18.77
N ALA F 81 -20.96 6.28 -18.62
CA ALA F 81 -21.17 5.66 -17.31
C ALA F 81 -20.07 6.05 -16.33
N GLY F 82 -20.47 6.32 -15.09
CA GLY F 82 -19.51 6.70 -14.08
C GLY F 82 -19.03 8.13 -14.16
N GLN F 83 -19.33 8.85 -15.24
CA GLN F 83 -18.89 10.23 -15.37
C GLN F 83 -20.01 11.23 -15.44
N GLY F 84 -21.20 10.85 -15.94
CA GLY F 84 -22.26 11.81 -16.19
C GLY F 84 -23.21 11.97 -15.02
N LYS F 85 -23.85 13.14 -14.94
CA LYS F 85 -24.96 13.35 -14.01
C LYS F 85 -26.05 14.16 -14.70
N TYR F 86 -27.28 13.68 -14.59
CA TYR F 86 -28.48 14.42 -14.96
C TYR F 86 -29.06 15.11 -13.73
N PHE F 87 -30.01 16.02 -13.95
CA PHE F 87 -30.54 16.86 -12.90
C PHE F 87 -32.06 16.97 -13.01
N PRO F 88 -32.76 17.19 -11.89
CA PRO F 88 -34.21 17.31 -11.94
C PRO F 88 -34.66 18.49 -12.79
N VAL F 89 -35.88 18.38 -13.33
CA VAL F 89 -36.45 19.46 -14.13
C VAL F 89 -36.44 20.75 -13.31
N VAL F 90 -35.90 21.81 -13.89
CA VAL F 90 -35.69 23.08 -13.20
C VAL F 90 -36.59 24.14 -13.82
N GLU F 91 -36.99 25.11 -13.01
CA GLU F 91 -37.99 26.07 -13.45
C GLU F 91 -37.44 27.01 -14.53
N ASP F 92 -36.16 27.32 -14.48
CA ASP F 92 -35.62 28.43 -15.26
C ASP F 92 -34.87 28.01 -16.52
N LYS F 93 -34.89 26.73 -16.89
CA LYS F 93 -34.04 26.25 -17.97
C LYS F 93 -34.83 25.40 -18.97
N LYS F 94 -34.26 25.26 -20.17
CA LYS F 94 -34.80 24.37 -21.20
C LYS F 94 -34.47 22.92 -20.82
N ASN F 95 -35.49 22.16 -20.43
CA ASN F 95 -35.27 20.83 -19.87
C ASN F 95 -35.43 19.78 -20.95
N ILE F 96 -34.29 19.25 -21.41
CA ILE F 96 -34.23 18.17 -22.40
C ILE F 96 -33.89 16.89 -21.66
N ALA F 97 -34.69 15.85 -21.86
CA ALA F 97 -34.36 14.58 -21.24
C ALA F 97 -33.29 13.88 -22.08
N SER F 98 -32.44 13.11 -21.40
CA SER F 98 -31.28 12.54 -22.09
C SER F 98 -31.71 11.68 -23.27
N PHE F 99 -32.74 10.85 -23.08
CA PHE F 99 -33.16 9.93 -24.13
C PHE F 99 -33.70 10.64 -25.36
N GLU F 100 -33.95 11.96 -25.29
CA GLU F 100 -34.51 12.69 -26.41
C GLU F 100 -33.61 13.82 -26.89
N PHE F 101 -32.38 13.90 -26.37
CA PHE F 101 -31.48 14.98 -26.79
C PHE F 101 -31.19 14.95 -28.28
N ILE F 102 -30.96 13.76 -28.84
CA ILE F 102 -30.65 13.65 -30.27
C ILE F 102 -31.84 14.11 -31.11
N SER F 103 -33.03 13.54 -30.84
CA SER F 103 -34.24 13.92 -31.57
C SER F 103 -34.47 15.43 -31.50
N TYR F 104 -34.41 16.01 -30.30
CA TYR F 104 -34.71 17.42 -30.17
C TYR F 104 -33.69 18.28 -30.91
N ILE F 105 -32.39 17.98 -30.76
CA ILE F 105 -31.39 18.85 -31.37
C ILE F 105 -31.48 18.78 -32.88
N LEU F 106 -31.76 17.59 -33.42
CA LEU F 106 -31.78 17.43 -34.87
C LEU F 106 -33.07 17.95 -35.47
N ALA F 107 -34.19 17.86 -34.74
CA ALA F 107 -35.44 18.40 -35.24
C ALA F 107 -35.47 19.92 -35.23
N THR F 108 -34.59 20.57 -34.46
CA THR F 108 -34.70 21.99 -34.16
C THR F 108 -33.61 22.85 -34.79
N TYR F 109 -32.40 22.33 -34.97
CA TYR F 109 -31.28 23.19 -35.31
C TYR F 109 -30.62 22.71 -36.59
N GLU F 110 -29.70 23.55 -37.10
CA GLU F 110 -29.01 23.30 -38.36
C GLU F 110 -27.49 23.27 -38.23
N THR F 111 -26.91 24.18 -37.46
CA THR F 111 -25.46 24.29 -37.39
C THR F 111 -24.99 24.06 -35.96
N VAL F 112 -23.77 23.53 -35.85
CA VAL F 112 -23.19 23.31 -34.53
C VAL F 112 -23.05 24.65 -33.81
N ASP F 113 -22.74 25.71 -34.55
CA ASP F 113 -22.65 27.05 -33.96
C ASP F 113 -23.97 27.47 -33.33
N GLN F 114 -25.06 27.11 -33.96
CA GLN F 114 -26.37 27.47 -33.43
C GLN F 114 -26.78 26.57 -32.28
N VAL F 115 -26.25 25.34 -32.24
CA VAL F 115 -26.49 24.50 -31.07
C VAL F 115 -25.75 25.04 -29.85
N LYS F 116 -24.53 25.57 -30.05
CA LYS F 116 -23.80 26.17 -28.94
C LYS F 116 -24.58 27.34 -28.33
N GLU F 117 -25.10 28.25 -29.16
CA GLU F 117 -25.79 29.41 -28.63
C GLU F 117 -27.02 29.00 -27.83
N ASN F 118 -27.71 27.94 -28.27
CA ASN F 118 -28.99 27.57 -27.68
C ASN F 118 -28.86 26.54 -26.56
N LEU F 119 -27.64 26.10 -26.24
CA LEU F 119 -27.44 25.20 -25.12
C LEU F 119 -27.21 25.92 -23.80
N THR F 120 -26.91 27.22 -23.85
CA THR F 120 -26.47 27.94 -22.66
C THR F 120 -27.52 27.99 -21.56
N ASP F 121 -28.80 27.78 -21.90
CA ASP F 121 -29.87 27.77 -20.91
C ASP F 121 -30.51 26.40 -20.77
N VAL F 122 -29.85 25.33 -21.29
CA VAL F 122 -30.41 23.98 -21.27
C VAL F 122 -29.95 23.25 -20.02
N ASN F 123 -30.83 22.37 -19.54
CA ASN F 123 -30.53 21.43 -18.47
C ASN F 123 -30.91 20.05 -18.97
N ILE F 124 -29.97 19.10 -18.89
CA ILE F 124 -30.26 17.74 -19.32
C ILE F 124 -30.89 17.03 -18.12
N SER F 125 -32.15 16.67 -18.26
CA SER F 125 -32.95 16.23 -17.13
C SER F 125 -32.76 14.74 -16.88
N ASP F 126 -33.19 14.31 -15.70
CA ASP F 126 -33.15 12.92 -15.26
C ASP F 126 -34.37 12.12 -15.69
N VAL F 127 -35.22 12.69 -16.54
CA VAL F 127 -36.44 12.00 -16.98
C VAL F 127 -36.08 10.79 -17.84
N SER F 128 -36.74 9.66 -17.60
CA SER F 128 -36.53 8.48 -18.42
C SER F 128 -37.74 8.23 -19.31
N PHE F 129 -37.63 7.18 -20.13
CA PHE F 129 -38.71 6.77 -21.02
C PHE F 129 -39.79 6.00 -20.28
N SER F 130 -39.40 5.15 -19.32
CA SER F 130 -40.36 4.32 -18.58
C SER F 130 -39.76 3.89 -17.23
N THR F 133 -37.99 1.61 -18.72
CA THR F 133 -36.62 1.77 -19.22
C THR F 133 -35.92 3.07 -18.74
N PRO F 134 -35.07 2.94 -17.71
CA PRO F 134 -34.40 4.10 -17.13
C PRO F 134 -33.40 4.75 -18.07
N ALA F 135 -33.11 6.02 -17.82
CA ALA F 135 -32.27 6.81 -18.71
C ALA F 135 -30.81 6.39 -18.56
N SER F 136 -30.16 6.08 -19.68
CA SER F 136 -28.76 5.70 -19.60
C SER F 136 -27.86 6.95 -19.57
N GLU F 137 -26.65 6.75 -19.08
CA GLU F 137 -25.70 7.85 -18.95
C GLU F 137 -24.99 8.04 -20.28
N LEU F 138 -25.22 9.17 -20.94
CA LEU F 138 -24.63 9.47 -22.22
C LEU F 138 -23.91 10.81 -22.16
N HIS F 139 -22.99 11.00 -23.11
CA HIS F 139 -22.61 12.32 -23.59
C HIS F 139 -22.68 12.30 -25.11
N TRP F 140 -22.52 13.46 -25.74
CA TRP F 140 -22.83 13.59 -27.17
C TRP F 140 -21.72 14.29 -27.92
N LEU F 141 -21.44 13.80 -29.13
CA LEU F 141 -20.69 14.53 -30.14
C LEU F 141 -21.68 15.17 -31.12
N VAL F 142 -21.50 16.45 -31.40
CA VAL F 142 -22.33 17.19 -32.36
C VAL F 142 -21.40 17.76 -33.43
N GLY F 143 -21.74 17.53 -34.71
CA GLY F 143 -20.93 18.04 -35.80
C GLY F 143 -21.78 18.44 -37.00
N ASP F 144 -21.20 19.23 -37.89
CA ASP F 144 -21.95 19.73 -39.05
C ASP F 144 -21.01 19.88 -40.25
N LYS F 145 -21.57 20.40 -41.36
CA LYS F 145 -20.90 20.50 -42.65
C LYS F 145 -19.80 21.55 -42.67
N THR F 146 -19.57 22.27 -41.58
CA THR F 146 -18.39 23.13 -41.47
C THR F 146 -17.12 22.35 -41.15
N GLY F 147 -17.23 21.05 -40.91
CA GLY F 147 -16.09 20.29 -40.48
C GLY F 147 -15.67 20.53 -39.04
N LYS F 148 -16.50 21.19 -38.25
CA LYS F 148 -16.22 21.42 -36.85
C LYS F 148 -17.26 20.71 -36.00
N SER F 149 -16.92 20.45 -34.74
CA SER F 149 -17.80 19.67 -33.88
C SER F 149 -17.63 20.11 -32.43
N ILE F 150 -18.61 19.73 -31.61
CA ILE F 150 -18.60 20.08 -30.18
C ILE F 150 -18.91 18.83 -29.36
N VAL F 151 -18.49 18.88 -28.10
CA VAL F 151 -18.78 17.85 -27.12
C VAL F 151 -19.72 18.42 -26.07
N VAL F 152 -20.79 17.68 -25.79
CA VAL F 152 -21.81 18.09 -24.85
C VAL F 152 -21.78 17.05 -23.72
N GLU F 153 -21.35 17.47 -22.53
CA GLU F 153 -21.25 16.56 -21.39
C GLU F 153 -21.98 17.15 -20.20
N SER F 154 -22.85 16.36 -19.58
CA SER F 154 -23.49 16.75 -18.32
C SER F 154 -22.86 15.92 -17.20
N ASP F 155 -22.10 16.57 -16.33
CA ASP F 155 -21.47 15.88 -15.22
C ASP F 155 -21.89 16.54 -13.90
N GLU F 156 -21.25 16.09 -12.80
CA GLU F 156 -21.64 16.55 -11.47
C GLU F 156 -21.52 18.05 -11.33
N LYS F 157 -20.74 18.70 -12.18
CA LYS F 157 -20.59 20.14 -12.15
C LYS F 157 -21.47 20.85 -13.18
N GLY F 158 -22.44 20.17 -13.76
CA GLY F 158 -23.38 20.83 -14.64
C GLY F 158 -23.12 20.54 -16.10
N LEU F 159 -23.75 21.36 -16.95
CA LEU F 159 -23.69 21.17 -18.40
C LEU F 159 -22.50 21.91 -18.97
N HIS F 160 -21.68 21.20 -19.74
CA HIS F 160 -20.53 21.81 -20.39
C HIS F 160 -20.61 21.57 -21.89
N VAL F 161 -20.07 22.51 -22.64
CA VAL F 161 -19.95 22.41 -24.09
C VAL F 161 -18.51 22.77 -24.44
N TYR F 162 -17.84 21.86 -25.15
CA TYR F 162 -16.44 22.04 -25.50
C TYR F 162 -16.28 22.05 -27.00
N ASP F 163 -15.52 23.02 -27.52
CA ASP F 163 -15.03 22.95 -28.90
C ASP F 163 -14.19 21.68 -29.07
N ASN F 164 -14.48 20.91 -30.13
CA ASN F 164 -13.75 19.66 -30.28
C ASN F 164 -12.67 19.80 -31.37
N PRO F 165 -11.40 19.94 -31.01
CA PRO F 165 -10.35 20.13 -32.02
C PRO F 165 -9.90 18.87 -32.74
N VAL F 166 -10.43 17.70 -32.41
CA VAL F 166 -9.99 16.46 -33.05
C VAL F 166 -11.16 15.73 -33.69
N ASN F 167 -12.38 16.24 -33.55
CA ASN F 167 -13.56 15.73 -34.22
C ASN F 167 -13.77 14.24 -33.95
N ALA F 168 -13.57 13.84 -32.70
CA ALA F 168 -13.77 12.46 -32.27
C ALA F 168 -14.20 12.45 -30.81
N LEU F 169 -14.76 11.32 -30.39
CA LEU F 169 -15.20 11.14 -29.01
C LEU F 169 -15.40 9.66 -28.73
N THR F 170 -14.96 9.22 -27.55
CA THR F 170 -15.26 7.89 -27.05
C THR F 170 -16.04 8.00 -25.75
N ASN F 171 -15.59 7.33 -24.69
CA ASN F 171 -16.35 7.24 -23.44
C ASN F 171 -15.64 8.08 -22.37
N ALA F 172 -15.38 7.54 -21.17
CA ALA F 172 -14.72 8.28 -20.09
C ALA F 172 -13.23 8.42 -20.36
N PRO F 173 -12.55 9.41 -19.72
CA PRO F 173 -13.04 10.38 -18.73
C PRO F 173 -13.61 11.65 -19.35
N LEU F 174 -13.75 12.71 -18.56
CA LEU F 174 -14.30 13.97 -19.04
C LEU F 174 -13.49 14.46 -20.23
N PHE F 175 -14.14 15.21 -21.13
CA PHE F 175 -13.47 15.56 -22.38
C PHE F 175 -12.16 16.32 -22.20
N PRO F 176 -12.06 17.35 -21.35
CA PRO F 176 -10.74 17.99 -21.16
C PRO F 176 -9.63 17.01 -20.77
N GLN F 177 -9.92 15.94 -20.02
CA GLN F 177 -8.88 14.98 -19.69
C GLN F 177 -8.46 14.16 -20.90
N GLN F 178 -9.44 13.72 -21.70
CA GLN F 178 -9.15 13.10 -22.99
C GLN F 178 -8.18 13.94 -23.81
N LEU F 179 -8.49 15.22 -23.96
CA LEU F 179 -7.64 16.08 -24.79
C LEU F 179 -6.23 16.17 -24.24
N THR F 180 -6.10 16.31 -22.91
CA THR F 180 -4.77 16.42 -22.31
C THR F 180 -3.96 15.16 -22.54
N ASN F 181 -4.60 14.00 -22.39
CA ASN F 181 -3.93 12.74 -22.61
C ASN F 181 -3.37 12.63 -24.03
N LEU F 182 -3.96 13.33 -25.01
CA LEU F 182 -3.41 13.30 -26.37
C LEU F 182 -1.98 13.82 -26.41
N ALA F 183 -1.67 14.82 -25.57
CA ALA F 183 -0.33 15.40 -25.61
C ALA F 183 0.73 14.40 -25.19
N ASN F 184 0.34 13.35 -24.46
CA ASN F 184 1.26 12.28 -24.13
C ASN F 184 1.75 11.51 -25.36
N TYR F 185 1.12 11.68 -26.52
CA TYR F 185 1.51 10.94 -27.72
C TYR F 185 2.10 11.86 -28.78
N ALA F 186 2.61 13.01 -28.35
CA ALA F 186 3.16 14.00 -29.26
C ALA F 186 4.37 13.49 -30.05
N ALA F 187 5.06 12.45 -29.58
CA ALA F 187 6.21 11.93 -30.33
C ALA F 187 5.85 10.95 -31.44
N VAL F 188 4.59 10.50 -31.50
CA VAL F 188 4.16 9.52 -32.50
C VAL F 188 4.20 10.12 -33.90
N VAL F 189 4.71 9.35 -34.86
CA VAL F 189 4.64 9.73 -36.28
C VAL F 189 4.32 8.49 -37.11
N PRO F 190 3.70 8.68 -38.28
CA PRO F 190 3.35 7.52 -39.12
C PRO F 190 4.55 6.81 -39.72
N GLY F 191 5.71 7.45 -39.79
CA GLY F 191 6.88 6.86 -40.40
C GLY F 191 7.97 6.55 -39.40
N GLN F 192 9.21 6.90 -39.76
CA GLN F 192 10.35 6.71 -38.86
C GLN F 192 10.72 8.05 -38.26
N PRO F 193 10.90 8.14 -36.94
CA PRO F 193 11.43 9.38 -36.35
C PRO F 193 12.91 9.54 -36.70
N ASN F 194 13.38 10.77 -36.58
CA ASN F 194 14.82 11.00 -36.55
C ASN F 194 15.37 10.51 -35.23
N ASN F 195 16.58 9.97 -35.25
CA ASN F 195 17.13 9.44 -34.02
C ASN F 195 17.74 10.58 -33.22
N ASP F 196 16.91 11.26 -32.43
CA ASP F 196 17.39 12.10 -31.34
C ASP F 196 17.25 11.41 -29.98
N PHE F 197 17.02 10.09 -29.99
CA PHE F 197 16.97 9.26 -28.80
C PHE F 197 18.38 8.95 -28.28
N LEU F 198 19.22 8.37 -29.14
CA LEU F 198 20.62 8.11 -28.84
C LEU F 198 21.42 8.72 -29.98
N PRO F 199 21.59 10.04 -29.99
CA PRO F 199 22.44 10.66 -31.02
C PRO F 199 23.82 10.02 -31.03
N GLY F 200 24.33 9.78 -32.23
CA GLY F 200 25.62 9.16 -32.38
C GLY F 200 25.60 7.64 -32.42
N VAL F 201 24.44 7.04 -32.23
CA VAL F 201 24.26 5.59 -32.30
C VAL F 201 23.40 5.28 -33.51
N ASP F 202 23.78 4.26 -34.27
CA ASP F 202 23.00 3.83 -35.43
C ASP F 202 21.98 2.80 -34.97
N LEU F 203 20.71 3.18 -34.97
CA LEU F 203 19.67 2.28 -34.48
C LEU F 203 19.24 1.29 -35.58
N LYS F 204 19.04 0.05 -35.16
CA LYS F 204 18.53 -1.00 -36.05
C LYS F 204 17.05 -0.73 -36.31
N MET F 205 16.78 0.12 -37.31
CA MET F 205 15.39 0.38 -37.67
C MET F 205 14.75 -0.77 -38.42
N TYR F 206 14.43 -1.85 -37.67
CA TYR F 206 14.14 -3.16 -38.22
C TYR F 206 12.73 -3.29 -38.79
N SER F 207 11.89 -2.28 -38.63
CA SER F 207 10.51 -2.35 -39.06
C SER F 207 10.11 -1.00 -39.58
N ARG F 208 9.19 -1.00 -40.52
CA ARG F 208 8.54 0.23 -40.92
C ARG F 208 7.66 0.71 -39.77
N SER F 209 7.40 2.02 -39.77
CA SER F 209 6.46 2.67 -38.89
C SER F 209 6.82 2.48 -37.42
N LEU F 210 8.12 2.37 -37.11
CA LEU F 210 8.53 2.40 -35.71
C LEU F 210 8.05 3.66 -35.01
N GLY F 211 7.62 4.69 -35.76
CA GLY F 211 7.06 5.89 -35.15
C GLY F 211 5.69 5.69 -34.53
N THR F 212 5.03 4.56 -34.80
CA THR F 212 3.77 4.22 -34.17
C THR F 212 3.91 3.14 -33.11
N HIS F 213 5.13 2.86 -32.65
CA HIS F 213 5.31 1.73 -31.75
C HIS F 213 4.62 1.97 -30.41
N HIS F 214 4.43 3.22 -29.99
CA HIS F 214 3.72 3.48 -28.76
C HIS F 214 2.28 3.95 -28.99
N LEU F 215 1.75 3.73 -30.19
CA LEU F 215 0.37 4.09 -30.47
C LEU F 215 -0.57 3.11 -29.75
N PRO F 216 -1.57 3.61 -29.00
CA PRO F 216 -2.47 2.73 -28.23
C PRO F 216 -3.32 1.82 -29.12
N GLY F 217 -3.35 0.53 -28.77
CA GLY F 217 -4.26 -0.40 -29.40
C GLY F 217 -5.27 -1.08 -28.49
N GLY F 218 -5.33 -0.69 -27.22
CA GLY F 218 -6.28 -1.28 -26.30
C GLY F 218 -7.73 -1.03 -26.70
N MET F 219 -8.61 -1.81 -26.06
CA MET F 219 -10.05 -1.66 -26.22
C MET F 219 -10.65 -0.64 -25.29
N ASP F 220 -9.87 -0.06 -24.39
CA ASP F 220 -10.44 0.85 -23.42
C ASP F 220 -10.70 2.20 -24.09
N SER F 221 -11.35 3.07 -23.33
CA SER F 221 -11.88 4.31 -23.89
C SER F 221 -10.79 5.30 -24.26
N GLU F 222 -9.75 5.46 -23.43
CA GLU F 222 -8.68 6.40 -23.81
C GLU F 222 -7.89 5.90 -25.00
N SER F 223 -7.67 4.57 -25.10
CA SER F 223 -6.85 4.00 -26.16
C SER F 223 -7.50 4.19 -27.52
N ARG F 224 -8.78 3.83 -27.61
CA ARG F 224 -9.51 4.04 -28.86
C ARG F 224 -9.55 5.51 -29.23
N PHE F 225 -9.67 6.40 -28.24
CA PHE F 225 -9.69 7.83 -28.55
C PHE F 225 -8.37 8.26 -29.18
N VAL F 226 -7.25 7.87 -28.59
CA VAL F 226 -5.96 8.29 -29.12
C VAL F 226 -5.75 7.70 -30.51
N LYS F 227 -6.05 6.41 -30.69
CA LYS F 227 -5.83 5.80 -32.01
C LYS F 227 -6.71 6.45 -33.07
N VAL F 228 -8.00 6.62 -32.77
CA VAL F 228 -8.93 7.10 -33.79
C VAL F 228 -8.62 8.54 -34.18
N CYS F 229 -8.18 9.36 -33.22
CA CYS F 229 -7.78 10.73 -33.55
C CYS F 229 -6.67 10.72 -34.61
N PHE F 230 -5.72 9.80 -34.43
CA PHE F 230 -4.58 9.69 -35.31
C PHE F 230 -4.99 9.16 -36.68
N ALA F 231 -5.70 8.03 -36.69
CA ALA F 231 -6.29 7.51 -37.93
C ALA F 231 -7.09 8.59 -38.67
N LEU F 232 -8.01 9.25 -37.96
CA LEU F 232 -8.84 10.28 -38.61
C LEU F 232 -7.99 11.42 -39.15
N ASN F 233 -7.01 11.89 -38.36
CA ASN F 233 -6.20 13.02 -38.79
C ASN F 233 -5.36 12.70 -40.02
N HIS F 234 -4.92 11.45 -40.18
CA HIS F 234 -4.01 11.08 -41.26
C HIS F 234 -4.72 10.43 -42.44
N ALA F 235 -6.04 10.37 -42.41
CA ALA F 235 -6.80 9.75 -43.49
C ALA F 235 -6.71 10.57 -44.79
N PRO F 236 -6.95 9.94 -45.94
CA PRO F 236 -6.92 10.67 -47.21
C PRO F 236 -7.99 11.76 -47.29
N LYS F 237 -7.65 12.86 -47.96
CA LYS F 237 -8.59 13.95 -48.20
C LYS F 237 -8.88 14.08 -49.71
N ASP F 238 -9.76 15.02 -50.03
CA ASP F 238 -10.15 15.38 -51.40
C ASP F 238 -10.53 14.16 -52.23
N SER F 239 -11.55 13.43 -51.78
CA SER F 239 -11.93 12.18 -52.40
C SER F 239 -13.43 12.12 -52.67
N ASP F 240 -13.81 11.35 -53.68
CA ASP F 240 -15.19 11.24 -54.10
C ASP F 240 -16.00 10.47 -53.05
N GLU F 241 -17.25 10.13 -53.39
CA GLU F 241 -18.16 9.59 -52.41
C GLU F 241 -17.73 8.21 -51.93
N VAL F 242 -17.56 7.27 -52.86
CA VAL F 242 -17.32 5.89 -52.48
C VAL F 242 -15.97 5.75 -51.78
N GLU F 243 -14.97 6.48 -52.24
CA GLU F 243 -13.66 6.39 -51.60
C GLU F 243 -13.69 6.99 -50.21
N SER F 244 -14.39 8.12 -50.06
CA SER F 244 -14.59 8.71 -48.75
C SER F 244 -15.23 7.70 -47.80
N VAL F 245 -16.32 7.08 -48.23
CA VAL F 245 -17.02 6.12 -47.38
C VAL F 245 -16.11 4.94 -47.06
N THR F 246 -15.26 4.54 -47.99
CA THR F 246 -14.40 3.40 -47.73
C THR F 246 -13.38 3.74 -46.66
N ASN F 247 -12.82 4.97 -46.73
CA ASN F 247 -11.81 5.38 -45.78
C ASN F 247 -12.41 5.56 -44.39
N PHE F 248 -13.61 6.14 -44.32
CA PHE F 248 -14.34 6.31 -43.06
C PHE F 248 -14.52 4.99 -42.34
N PHE F 249 -14.91 3.94 -43.06
CA PHE F 249 -15.11 2.65 -42.39
C PHE F 249 -13.77 2.05 -41.96
N HIS F 250 -12.70 2.29 -42.72
CA HIS F 250 -11.39 1.81 -42.30
C HIS F 250 -10.92 2.56 -41.04
N ILE F 251 -11.22 3.85 -40.94
CA ILE F 251 -10.85 4.58 -39.73
C ILE F 251 -11.44 3.91 -38.51
N LEU F 252 -12.73 3.59 -38.57
CA LEU F 252 -13.42 3.04 -37.40
C LEU F 252 -13.02 1.60 -37.15
N GLN F 253 -12.65 0.87 -38.19
CA GLN F 253 -12.22 -0.51 -38.02
C GLN F 253 -10.91 -0.60 -37.27
N SER F 254 -10.06 0.43 -37.36
CA SER F 254 -8.80 0.38 -36.65
C SER F 254 -8.99 0.45 -35.14
N VAL F 255 -10.16 0.88 -34.65
CA VAL F 255 -10.47 0.87 -33.22
C VAL F 255 -11.67 -0.01 -32.94
N GLU F 256 -11.80 -1.04 -33.76
CA GLU F 256 -12.83 -2.07 -33.60
C GLU F 256 -12.55 -2.95 -32.39
N GLN F 257 -13.62 -3.36 -31.71
CA GLN F 257 -13.51 -4.32 -30.61
C GLN F 257 -13.97 -5.68 -31.11
N VAL F 258 -13.02 -6.59 -31.28
CA VAL F 258 -13.29 -7.96 -31.70
C VAL F 258 -13.76 -8.75 -30.50
N LYS F 259 -14.68 -9.69 -30.73
CA LYS F 259 -15.19 -10.54 -29.67
C LYS F 259 -14.08 -11.27 -28.94
N GLY F 260 -14.02 -11.12 -27.61
CA GLY F 260 -13.02 -11.77 -26.79
C GLY F 260 -11.99 -10.83 -26.19
N MET F 261 -11.79 -9.67 -26.80
CA MET F 261 -10.76 -8.73 -26.37
C MET F 261 -11.22 -7.77 -25.27
N ASP F 262 -12.51 -7.48 -25.17
CA ASP F 262 -13.04 -6.56 -24.14
C ASP F 262 -14.05 -7.32 -23.28
N GLU F 263 -13.59 -7.81 -22.13
CA GLU F 263 -14.41 -8.65 -21.25
C GLU F 263 -15.09 -7.78 -20.20
N VAL F 264 -16.42 -7.68 -20.27
CA VAL F 264 -17.20 -6.87 -19.33
C VAL F 264 -17.93 -7.72 -18.32
N GLY F 265 -17.77 -9.05 -18.36
CA GLY F 265 -18.39 -9.94 -17.42
C GLY F 265 -17.88 -11.35 -17.61
N PRO F 266 -18.40 -12.30 -16.84
CA PRO F 266 -17.98 -13.70 -17.03
C PRO F 266 -18.36 -14.24 -18.39
N ASN F 267 -17.37 -14.35 -19.28
CA ASN F 267 -17.56 -14.77 -20.67
C ASN F 267 -18.59 -13.91 -21.41
N ILE F 268 -18.69 -12.63 -21.02
CA ILE F 268 -19.54 -11.66 -21.68
C ILE F 268 -18.64 -10.56 -22.22
N PHE F 269 -18.82 -10.20 -23.50
CA PHE F 269 -17.85 -9.37 -24.20
C PHE F 269 -18.52 -8.19 -24.90
N GLU F 270 -17.93 -7.03 -24.73
CA GLU F 270 -18.27 -5.85 -25.51
C GLU F 270 -17.55 -5.93 -26.85
N TYR F 271 -18.30 -5.73 -27.93
CA TYR F 271 -17.75 -5.83 -29.28
C TYR F 271 -18.48 -4.84 -30.15
N THR F 272 -17.93 -4.58 -31.34
CA THR F 272 -18.51 -3.61 -32.25
C THR F 272 -19.74 -4.21 -32.92
N MET F 273 -20.91 -3.68 -32.57
CA MET F 273 -22.14 -4.27 -33.08
C MET F 273 -22.48 -3.72 -34.45
N TYR F 274 -22.27 -2.43 -34.68
CA TYR F 274 -22.51 -1.88 -36.00
C TYR F 274 -21.66 -0.64 -36.17
N THR F 275 -21.52 -0.22 -37.43
CA THR F 275 -20.75 0.95 -37.80
C THR F 275 -21.57 1.78 -38.77
N SER F 276 -21.86 3.03 -38.42
CA SER F 276 -22.70 3.89 -39.23
C SER F 276 -21.87 5.05 -39.77
N CYS F 277 -22.16 5.43 -41.01
CA CYS F 277 -21.44 6.50 -41.69
C CYS F 277 -22.50 7.31 -42.42
N MET F 278 -22.59 8.60 -42.12
CA MET F 278 -23.69 9.42 -42.59
C MET F 278 -23.16 10.64 -43.31
N ASN F 279 -23.55 10.81 -44.57
CA ASN F 279 -23.14 11.94 -45.38
C ASN F 279 -24.04 13.14 -45.10
N LEU F 280 -23.46 14.22 -44.56
CA LEU F 280 -24.27 15.37 -44.16
C LEU F 280 -24.79 16.16 -45.36
N GLU F 281 -23.98 16.29 -46.42
CA GLU F 281 -24.43 17.01 -47.61
C GLU F 281 -25.57 16.29 -48.31
N LYS F 282 -25.52 14.95 -48.34
CA LYS F 282 -26.39 14.14 -49.20
C LYS F 282 -27.44 13.34 -48.44
N GLY F 283 -27.45 13.37 -47.11
CA GLY F 283 -28.48 12.69 -46.35
C GLY F 283 -28.51 11.19 -46.50
N ILE F 284 -27.36 10.53 -46.71
CA ILE F 284 -27.28 9.10 -46.90
C ILE F 284 -26.62 8.46 -45.68
N LEU F 285 -27.13 7.28 -45.31
CA LEU F 285 -26.65 6.54 -44.14
C LEU F 285 -26.06 5.23 -44.62
N TYR F 286 -24.75 5.12 -44.62
CA TYR F 286 -24.12 3.83 -44.85
C TYR F 286 -23.91 3.13 -43.52
N PHE F 287 -23.96 1.80 -43.56
CA PHE F 287 -23.79 1.04 -42.33
C PHE F 287 -23.34 -0.37 -42.69
N ASN F 288 -22.73 -1.03 -41.71
CA ASN F 288 -22.56 -2.47 -41.70
C ASN F 288 -22.60 -2.91 -40.24
N CYS F 289 -22.44 -4.20 -39.99
CA CYS F 289 -22.55 -4.69 -38.63
C CYS F 289 -21.56 -5.82 -38.40
N TYR F 290 -21.60 -6.41 -37.20
CA TYR F 290 -20.58 -7.39 -36.87
C TYR F 290 -20.68 -8.62 -37.75
N ASP F 291 -21.89 -9.02 -38.13
CA ASP F 291 -22.09 -10.27 -38.84
C ASP F 291 -22.11 -10.10 -40.35
N ASP F 292 -22.20 -8.88 -40.86
CA ASP F 292 -22.23 -8.61 -42.29
C ASP F 292 -21.28 -7.46 -42.57
N SER F 293 -20.16 -7.77 -43.23
CA SER F 293 -19.14 -6.77 -43.52
C SER F 293 -19.47 -5.92 -44.74
N ARG F 294 -20.46 -6.29 -45.53
CA ARG F 294 -20.83 -5.51 -46.69
C ARG F 294 -21.56 -4.24 -46.27
N ILE F 295 -21.18 -3.12 -46.88
CA ILE F 295 -21.79 -1.83 -46.58
C ILE F 295 -23.13 -1.72 -47.30
N SER F 296 -24.17 -1.36 -46.56
CA SER F 296 -25.46 -1.00 -47.12
C SER F 296 -25.61 0.52 -47.10
N ALA F 297 -26.61 1.01 -47.84
CA ALA F 297 -26.89 2.44 -47.85
C ALA F 297 -28.40 2.66 -47.82
N VAL F 298 -28.81 3.74 -47.18
CA VAL F 298 -30.18 4.22 -47.20
C VAL F 298 -30.11 5.72 -47.48
N ASP F 299 -30.79 6.17 -48.54
CA ASP F 299 -30.83 7.58 -48.89
C ASP F 299 -32.13 8.18 -48.37
N MET F 300 -32.00 9.12 -47.44
CA MET F 300 -33.18 9.74 -46.83
C MET F 300 -34.02 10.47 -47.87
N ASN F 301 -33.36 11.08 -48.86
CA ASN F 301 -34.05 11.90 -49.85
C ASN F 301 -34.82 11.08 -50.88
N LYS F 302 -34.71 9.75 -50.86
CA LYS F 302 -35.52 8.90 -51.73
C LYS F 302 -36.83 8.48 -51.05
N GLU F 303 -37.25 9.20 -50.02
CA GLU F 303 -38.47 8.93 -49.27
C GLU F 303 -39.31 10.21 -49.16
N ASP F 304 -40.58 10.04 -48.75
CA ASP F 304 -41.53 11.14 -48.63
C ASP F 304 -41.31 11.84 -47.30
N LEU F 305 -40.34 12.74 -47.28
CA LEU F 305 -39.98 13.43 -46.04
C LEU F 305 -41.11 14.29 -45.49
N SER F 306 -42.22 14.41 -46.23
CA SER F 306 -43.39 15.11 -45.71
C SER F 306 -44.32 14.20 -44.93
N SER F 307 -44.06 12.88 -44.89
CA SER F 307 -44.98 11.96 -44.23
C SER F 307 -45.00 12.20 -42.72
N SER F 308 -45.73 11.36 -42.00
CA SER F 308 -45.89 11.53 -40.57
C SER F 308 -45.60 10.26 -39.79
N ASP F 309 -45.32 9.15 -40.46
CA ASP F 309 -44.93 7.93 -39.80
C ASP F 309 -43.41 7.73 -39.89
N LEU F 310 -42.88 6.89 -39.02
CA LEU F 310 -41.48 6.53 -39.10
C LEU F 310 -41.25 5.50 -40.20
N ILE F 311 -40.15 5.65 -40.94
CA ILE F 311 -39.72 4.68 -41.95
C ILE F 311 -38.55 3.89 -41.39
N VAL F 312 -38.77 2.60 -41.17
CA VAL F 312 -37.84 1.74 -40.48
C VAL F 312 -37.28 0.71 -41.45
N PHE F 313 -35.96 0.53 -41.44
CA PHE F 313 -35.28 -0.53 -42.18
C PHE F 313 -34.49 -1.39 -41.21
N ASP F 314 -33.97 -2.50 -41.73
CA ASP F 314 -33.17 -3.40 -40.92
C ASP F 314 -31.73 -2.92 -40.83
N LEU F 315 -31.12 -3.18 -39.68
CA LEU F 315 -29.72 -2.84 -39.45
C LEU F 315 -28.84 -4.08 -39.43
N PHE F 316 -29.20 -5.06 -38.62
CA PHE F 316 -28.40 -6.25 -38.45
C PHE F 316 -28.77 -7.25 -39.53
N LYS F 317 -27.77 -7.67 -40.32
CA LYS F 317 -27.96 -8.55 -41.45
C LYS F 317 -26.97 -9.71 -41.36
N LYS F 318 -27.28 -10.79 -42.06
CA LYS F 318 -26.38 -11.92 -42.09
C LYS F 318 -25.23 -11.64 -43.04
N GLN F 319 -24.13 -12.38 -42.86
CA GLN F 319 -22.98 -12.23 -43.75
C GLN F 319 -23.40 -12.41 -45.19
N ASP F 320 -23.12 -11.39 -46.02
CA ASP F 320 -23.55 -11.35 -47.42
C ASP F 320 -22.36 -11.67 -48.32
N ILE F 321 -22.02 -12.95 -48.38
CA ILE F 321 -20.88 -13.42 -49.15
C ILE F 321 -21.22 -13.43 -50.64
N SER F 322 -20.23 -13.11 -51.48
CA SER F 322 -20.38 -13.04 -52.93
C SER F 322 -19.62 -14.22 -53.53
N PHE F 323 -20.33 -15.32 -53.78
CA PHE F 323 -19.69 -16.52 -54.29
C PHE F 323 -19.33 -16.33 -55.76
N ILE F 324 -18.05 -16.52 -56.08
CA ILE F 324 -17.48 -16.06 -57.34
C ILE F 324 -17.56 -17.12 -58.42
N ASN F 325 -17.16 -18.35 -58.13
CA ASN F 325 -17.13 -19.42 -59.13
C ASN F 325 -18.36 -20.31 -58.96
N HIS F 326 -19.52 -19.70 -59.22
CA HIS F 326 -20.79 -20.39 -59.07
C HIS F 326 -21.08 -21.35 -60.23
N HIS F 327 -20.40 -21.17 -61.36
CA HIS F 327 -20.57 -22.02 -62.54
C HIS F 327 -22.05 -22.13 -62.94
N HIS F 328 -22.78 -21.02 -62.82
CA HIS F 328 -24.14 -20.92 -63.36
C HIS F 328 -24.14 -20.74 -64.87
N HIS F 329 -23.02 -20.26 -65.42
CA HIS F 329 -22.77 -20.06 -66.85
C HIS F 329 -24.01 -19.45 -67.52
N HIS F 330 -24.33 -18.23 -67.07
CA HIS F 330 -25.40 -17.40 -67.63
C HIS F 330 -25.05 -16.93 -69.05
N CYS G 2 -38.80 12.59 18.27
N CYS G 2 -40.22 14.36 20.44
CA CYS G 2 -39.51 13.69 18.90
CA CYS G 2 -39.31 13.99 19.38
C CYS G 2 -39.12 15.02 18.27
C CYS G 2 -38.98 15.19 18.51
N THR G 3 -37.87 15.10 17.79
CA THR G 3 -37.40 16.25 17.01
C THR G 3 -36.77 15.72 15.72
N SER G 4 -37.37 16.03 14.58
CA SER G 4 -36.84 15.60 13.28
C SER G 4 -36.37 16.80 12.48
N ILE G 5 -35.26 16.65 11.73
CA ILE G 5 -34.68 17.73 10.95
C ILE G 5 -34.16 17.25 9.61
N LEU G 6 -34.03 18.21 8.69
CA LEU G 6 -33.33 18.04 7.43
C LEU G 6 -32.23 19.10 7.39
N TYR G 7 -30.99 18.66 7.34
CA TYR G 7 -29.81 19.51 7.34
C TYR G 7 -29.19 19.41 5.95
N SER G 8 -28.84 20.56 5.37
CA SER G 8 -28.42 20.63 3.98
C SER G 8 -27.13 21.43 3.81
N PRO G 9 -26.06 21.03 4.50
CA PRO G 9 -24.80 21.81 4.38
C PRO G 9 -24.06 21.61 3.07
N LYS G 10 -24.35 20.55 2.31
CA LYS G 10 -23.67 20.17 1.08
C LYS G 10 -24.34 18.89 0.57
N ASP G 11 -24.03 17.77 1.21
CA ASP G 11 -24.96 16.66 1.19
C ASP G 11 -26.19 17.01 2.05
N HIS G 12 -27.17 16.11 2.04
CA HIS G 12 -28.43 16.32 2.73
C HIS G 12 -28.59 15.22 3.77
N TYR G 13 -28.96 15.62 5.00
CA TYR G 13 -29.00 14.74 6.14
C TYR G 13 -30.37 14.79 6.79
N PHE G 14 -30.97 13.61 6.97
CA PHE G 14 -32.31 13.46 7.52
C PHE G 14 -32.24 12.61 8.76
N GLY G 15 -32.78 13.11 9.87
CA GLY G 15 -32.69 12.34 11.08
C GLY G 15 -33.65 12.85 12.14
N ARG G 16 -33.48 12.32 13.36
CA ARG G 16 -34.34 12.68 14.48
C ARG G 16 -33.73 12.22 15.79
N ASN G 17 -34.13 12.92 16.86
CA ASN G 17 -34.08 12.41 18.22
C ASN G 17 -35.35 11.60 18.47
N LEU G 18 -35.24 10.44 19.14
CA LEU G 18 -36.42 9.75 19.64
C LEU G 18 -36.42 9.88 21.16
N ASP G 19 -37.34 10.69 21.67
CA ASP G 19 -37.49 10.93 23.10
C ASP G 19 -38.72 10.16 23.58
N TYR G 20 -38.55 9.31 24.57
CA TYR G 20 -39.71 8.61 25.10
C TYR G 20 -39.32 7.96 26.42
N GLU G 21 -40.28 7.28 27.03
CA GLU G 21 -40.10 6.62 28.31
C GLU G 21 -40.19 5.10 28.22
N ILE G 22 -40.71 4.55 27.11
CA ILE G 22 -40.69 3.12 26.87
C ILE G 22 -40.07 2.84 25.51
N ALA G 23 -39.27 1.77 25.44
CA ALA G 23 -38.66 1.32 24.21
C ALA G 23 -39.63 0.40 23.45
N TYR G 24 -39.32 0.19 22.17
CA TYR G 24 -40.16 -0.62 21.30
C TYR G 24 -39.29 -1.53 20.44
N GLY G 25 -38.18 -2.01 21.01
CA GLY G 25 -37.30 -2.94 20.31
C GLY G 25 -36.71 -2.41 19.03
N GLN G 26 -36.42 -1.11 18.98
CA GLN G 26 -35.89 -0.50 17.77
C GLN G 26 -34.51 -1.06 17.45
N LYS G 27 -34.32 -1.41 16.18
CA LYS G 27 -33.02 -1.83 15.66
C LYS G 27 -32.79 -1.07 14.37
N VAL G 28 -31.53 -1.03 13.91
CA VAL G 28 -31.27 -0.57 12.56
C VAL G 28 -31.70 -1.64 11.57
N VAL G 29 -32.55 -1.28 10.61
CA VAL G 29 -33.14 -2.25 9.69
C VAL G 29 -32.99 -1.74 8.27
N ILE G 30 -32.27 -2.51 7.43
CA ILE G 30 -32.28 -2.32 5.99
C ILE G 30 -33.34 -3.23 5.40
N THR G 31 -34.20 -2.68 4.55
CA THR G 31 -35.15 -3.47 3.81
C THR G 31 -34.74 -3.46 2.35
N PRO G 32 -34.45 -4.63 1.76
CA PRO G 32 -33.94 -4.67 0.39
C PRO G 32 -35.06 -4.55 -0.64
N ARG G 33 -34.64 -4.42 -1.91
CA ARG G 33 -35.56 -4.12 -3.00
C ARG G 33 -36.60 -5.20 -3.21
N ASN G 34 -36.29 -6.44 -2.83
CA ASN G 34 -37.15 -7.56 -3.17
C ASN G 34 -37.85 -8.16 -1.97
N TYR G 35 -37.62 -7.64 -0.76
CA TYR G 35 -38.52 -7.91 0.35
C TYR G 35 -39.95 -7.53 -0.04
N GLU G 36 -40.92 -8.36 0.34
CA GLU G 36 -42.30 -8.16 -0.10
C GLU G 36 -43.13 -7.46 0.98
N PHE G 37 -43.71 -6.32 0.62
CA PHE G 37 -44.59 -5.57 1.50
C PHE G 37 -46.03 -6.05 1.31
N LYS G 38 -46.63 -6.50 2.40
CA LYS G 38 -48.05 -6.84 2.40
C LYS G 38 -48.77 -5.66 3.04
N PHE G 39 -49.25 -4.74 2.22
CA PHE G 39 -49.95 -3.59 2.76
C PHE G 39 -51.37 -3.96 3.12
N ALA G 40 -51.94 -3.20 4.06
CA ALA G 40 -53.24 -3.56 4.62
C ALA G 40 -54.34 -3.49 3.56
N ASN G 41 -54.31 -2.47 2.71
CA ASN G 41 -55.40 -2.17 1.80
C ASN G 41 -54.88 -1.64 0.47
N LEU G 42 -53.66 -2.02 0.12
CA LEU G 42 -53.02 -1.70 -1.14
C LEU G 42 -52.38 -2.97 -1.68
N PRO G 43 -52.12 -3.03 -2.99
CA PRO G 43 -51.45 -4.21 -3.55
C PRO G 43 -50.11 -4.49 -2.87
N ALA G 44 -49.70 -5.76 -2.95
CA ALA G 44 -48.36 -6.13 -2.50
C ALA G 44 -47.31 -5.54 -3.42
N GLU G 45 -46.16 -5.21 -2.84
CA GLU G 45 -45.03 -4.66 -3.57
C GLU G 45 -43.89 -5.67 -3.46
N LYS G 46 -43.82 -6.59 -4.43
CA LYS G 46 -42.77 -7.59 -4.42
C LYS G 46 -41.42 -6.98 -4.79
N SER G 47 -41.44 -5.93 -5.60
CA SER G 47 -40.25 -5.21 -6.02
C SER G 47 -40.45 -3.73 -5.72
N HIS G 48 -39.40 -3.06 -5.26
CA HIS G 48 -39.49 -1.67 -4.81
C HIS G 48 -38.13 -1.12 -4.43
N TYR G 49 -38.09 0.13 -3.96
CA TYR G 49 -36.83 0.74 -3.56
C TYR G 49 -36.32 0.15 -2.25
N ALA G 50 -35.01 -0.01 -2.15
CA ALA G 50 -34.40 -0.37 -0.87
C ALA G 50 -34.43 0.83 0.08
N MET G 51 -34.32 0.55 1.38
CA MET G 51 -34.49 1.58 2.39
C MET G 51 -33.85 1.14 3.70
N ILE G 52 -33.34 2.13 4.45
CA ILE G 52 -32.60 1.91 5.68
C ILE G 52 -33.14 2.86 6.74
N GLY G 53 -33.18 2.42 7.98
CA GLY G 53 -33.61 3.28 9.06
C GLY G 53 -33.68 2.56 10.39
N ILE G 54 -34.46 3.13 11.29
CA ILE G 54 -34.71 2.57 12.62
C ILE G 54 -36.13 2.02 12.62
N ALA G 55 -36.28 0.76 13.02
CA ALA G 55 -37.60 0.14 13.00
C ALA G 55 -37.70 -0.88 14.11
N ALA G 56 -38.93 -1.10 14.57
CA ALA G 56 -39.24 -2.36 15.22
C ALA G 56 -39.47 -3.40 14.13
N VAL G 57 -39.07 -4.64 14.39
CA VAL G 57 -39.39 -5.75 13.50
C VAL G 57 -40.41 -6.62 14.20
N ALA G 58 -41.55 -6.84 13.55
CA ALA G 58 -42.62 -7.64 14.11
C ALA G 58 -43.18 -8.52 13.01
N ASN G 59 -43.18 -9.84 13.23
CA ASN G 59 -43.64 -10.78 12.23
C ASN G 59 -42.98 -10.52 10.87
N ASN G 60 -41.66 -10.39 10.90
CA ASN G 60 -40.86 -10.13 9.69
C ASN G 60 -41.42 -8.93 8.92
N THR G 61 -41.88 -7.91 9.65
CA THR G 61 -42.34 -6.66 9.09
C THR G 61 -41.56 -5.51 9.71
N PRO G 62 -41.00 -4.61 8.91
CA PRO G 62 -40.32 -3.44 9.48
C PRO G 62 -41.34 -2.36 9.83
N LEU G 63 -41.41 -2.04 11.10
CA LEU G 63 -42.28 -0.96 11.60
C LEU G 63 -41.38 0.24 11.84
N TYR G 64 -41.17 1.04 10.79
CA TYR G 64 -40.15 2.07 10.81
C TYR G 64 -40.55 3.27 11.67
N CYS G 65 -39.60 3.76 12.47
CA CYS G 65 -39.71 5.05 13.15
C CYS G 65 -39.25 6.18 12.24
N ASP G 66 -38.22 5.92 11.46
CA ASP G 66 -37.69 6.91 10.52
C ASP G 66 -36.75 6.16 9.59
N ALA G 67 -36.70 6.63 8.35
CA ALA G 67 -35.91 5.92 7.35
C ALA G 67 -35.74 6.82 6.14
N ILE G 68 -34.77 6.45 5.30
CA ILE G 68 -34.57 7.01 3.97
C ILE G 68 -34.50 5.85 2.97
N ASN G 69 -34.79 6.14 1.69
CA ASN G 69 -34.65 5.11 0.66
C ASN G 69 -33.43 5.40 -0.21
N GLU G 70 -33.18 4.48 -1.16
CA GLU G 70 -31.98 4.47 -1.99
C GLU G 70 -31.91 5.63 -2.98
N LYS G 71 -33.03 6.34 -3.22
CA LYS G 71 -33.02 7.50 -4.12
C LYS G 71 -32.83 8.82 -3.39
N GLY G 72 -33.04 8.86 -2.07
CA GLY G 72 -32.85 10.06 -1.30
C GLY G 72 -34.11 10.70 -0.74
N LEU G 73 -35.18 9.94 -0.59
CA LEU G 73 -36.37 10.41 0.09
C LEU G 73 -36.28 9.98 1.54
N GLY G 74 -36.78 10.83 2.44
CA GLY G 74 -36.73 10.53 3.86
C GLY G 74 -38.05 10.80 4.54
N VAL G 75 -38.52 9.87 5.37
CA VAL G 75 -39.72 10.07 6.17
C VAL G 75 -39.39 9.76 7.63
N ALA G 76 -39.91 10.59 8.54
CA ALA G 76 -39.83 10.33 9.97
C ALA G 76 -41.23 10.44 10.54
N GLY G 77 -41.54 9.58 11.50
CA GLY G 77 -42.82 9.62 12.19
C GLY G 77 -42.60 10.14 13.61
N LEU G 78 -43.45 11.10 13.99
CA LEU G 78 -43.37 11.71 15.31
C LEU G 78 -44.72 11.59 15.96
N SER G 79 -44.70 11.48 17.29
CA SER G 79 -45.94 11.36 18.04
C SER G 79 -46.83 12.57 17.78
N PHE G 80 -48.13 12.31 17.66
CA PHE G 80 -49.14 13.32 17.41
C PHE G 80 -50.34 13.13 18.33
N ALA G 81 -50.10 12.57 19.51
CA ALA G 81 -51.15 12.28 20.47
C ALA G 81 -51.97 13.54 20.77
N GLY G 82 -53.29 13.37 20.83
CA GLY G 82 -54.19 14.48 21.08
C GLY G 82 -54.49 15.36 19.89
N GLN G 83 -53.81 15.15 18.76
CA GLN G 83 -54.05 15.95 17.57
C GLN G 83 -54.51 15.13 16.37
N GLY G 84 -53.94 13.95 16.18
CA GLY G 84 -54.17 13.21 14.96
C GLY G 84 -55.45 12.42 14.99
N LYS G 85 -56.02 12.20 13.80
CA LYS G 85 -57.18 11.34 13.65
C LYS G 85 -56.98 10.47 12.42
N TYR G 86 -57.21 9.18 12.56
CA TYR G 86 -57.24 8.26 11.43
C TYR G 86 -58.69 7.95 11.09
N PHE G 87 -58.90 7.52 9.83
CA PHE G 87 -60.26 7.37 9.32
C PHE G 87 -60.49 6.00 8.71
N PRO G 88 -61.73 5.52 8.75
CA PRO G 88 -62.03 4.17 8.22
C PRO G 88 -61.73 4.08 6.73
N VAL G 89 -61.35 2.87 6.32
CA VAL G 89 -61.03 2.63 4.92
C VAL G 89 -62.20 3.01 4.02
N VAL G 90 -61.90 3.66 2.89
CA VAL G 90 -62.92 4.17 1.99
C VAL G 90 -62.59 3.75 0.56
N GLU G 91 -63.64 3.50 -0.23
CA GLU G 91 -63.43 3.07 -1.60
C GLU G 91 -62.80 4.17 -2.45
N ASP G 92 -63.30 5.41 -2.32
CA ASP G 92 -62.88 6.47 -3.21
C ASP G 92 -61.44 6.92 -3.03
N LYS G 93 -60.70 6.42 -2.05
CA LYS G 93 -59.37 6.95 -1.75
C LYS G 93 -58.35 5.81 -1.58
N LYS G 94 -57.08 6.21 -1.63
CA LYS G 94 -55.94 5.31 -1.47
C LYS G 94 -55.59 5.21 0.02
N ASN G 95 -55.84 4.04 0.62
CA ASN G 95 -55.79 3.87 2.07
C ASN G 95 -54.43 3.34 2.50
N ILE G 96 -53.71 4.13 3.30
CA ILE G 96 -52.43 3.75 3.89
C ILE G 96 -52.59 3.75 5.40
N ALA G 97 -52.40 2.59 6.04
CA ALA G 97 -52.47 2.55 7.49
C ALA G 97 -51.29 3.32 8.08
N SER G 98 -51.50 3.86 9.29
CA SER G 98 -50.48 4.71 9.89
C SER G 98 -49.15 4.00 10.04
N PHE G 99 -49.18 2.70 10.36
CA PHE G 99 -47.93 2.03 10.67
C PHE G 99 -47.11 1.75 9.41
N GLU G 100 -47.78 1.62 8.26
CA GLU G 100 -47.09 1.32 7.01
C GLU G 100 -46.72 2.56 6.21
N PHE G 101 -47.07 3.77 6.70
CA PHE G 101 -46.88 4.98 5.90
C PHE G 101 -45.43 5.18 5.47
N ILE G 102 -44.47 5.00 6.40
CA ILE G 102 -43.08 5.24 6.03
C ILE G 102 -42.61 4.19 5.01
N SER G 103 -42.92 2.91 5.27
CA SER G 103 -42.68 1.85 4.29
C SER G 103 -43.22 2.22 2.91
N TYR G 104 -44.53 2.47 2.80
CA TYR G 104 -45.13 2.68 1.49
C TYR G 104 -44.49 3.83 0.74
N ILE G 105 -44.42 5.00 1.39
CA ILE G 105 -43.86 6.19 0.73
C ILE G 105 -42.43 5.90 0.26
N LEU G 106 -41.59 5.36 1.15
CA LEU G 106 -40.19 5.15 0.80
C LEU G 106 -40.02 4.06 -0.25
N ALA G 107 -40.93 3.09 -0.30
CA ALA G 107 -40.85 2.02 -1.28
C ALA G 107 -41.32 2.47 -2.66
N THR G 108 -42.24 3.44 -2.72
CA THR G 108 -42.89 3.81 -3.97
C THR G 108 -42.37 5.10 -4.60
N TYR G 109 -41.93 6.09 -3.82
CA TYR G 109 -41.65 7.41 -4.37
C TYR G 109 -40.19 7.79 -4.16
N GLU G 110 -39.76 8.87 -4.82
CA GLU G 110 -38.38 9.31 -4.72
C GLU G 110 -38.19 10.79 -4.41
N THR G 111 -39.20 11.64 -4.57
CA THR G 111 -39.09 13.08 -4.31
C THR G 111 -40.27 13.58 -3.50
N VAL G 112 -40.01 14.63 -2.72
CA VAL G 112 -41.07 15.29 -1.96
C VAL G 112 -42.17 15.76 -2.91
N ASP G 113 -41.77 16.43 -4.00
CA ASP G 113 -42.70 16.77 -5.08
C ASP G 113 -43.60 15.60 -5.45
N GLN G 114 -43.00 14.44 -5.72
CA GLN G 114 -43.79 13.27 -6.04
C GLN G 114 -44.75 12.92 -4.90
N VAL G 115 -44.26 12.96 -3.66
CA VAL G 115 -45.12 12.62 -2.53
C VAL G 115 -46.31 13.57 -2.47
N LYS G 116 -46.08 14.89 -2.53
CA LYS G 116 -47.21 15.81 -2.47
C LYS G 116 -48.21 15.51 -3.57
N GLU G 117 -47.71 15.21 -4.78
CA GLU G 117 -48.59 14.89 -5.89
C GLU G 117 -49.49 13.72 -5.53
N ASN G 118 -48.92 12.62 -5.04
CA ASN G 118 -49.68 11.40 -4.86
C ASN G 118 -50.45 11.33 -3.54
N LEU G 119 -50.28 12.30 -2.65
CA LEU G 119 -51.06 12.31 -1.43
C LEU G 119 -52.47 12.86 -1.64
N THR G 120 -52.73 13.46 -2.79
CA THR G 120 -53.99 14.17 -3.02
C THR G 120 -55.22 13.26 -2.91
N ASP G 121 -55.08 11.96 -3.14
CA ASP G 121 -56.21 11.04 -3.09
C ASP G 121 -56.08 10.02 -1.97
N VAL G 122 -55.46 10.39 -0.85
CA VAL G 122 -55.03 9.43 0.16
C VAL G 122 -55.82 9.61 1.45
N ASN G 123 -56.07 8.48 2.10
CA ASN G 123 -56.67 8.44 3.43
C ASN G 123 -55.74 7.65 4.34
N ILE G 124 -55.21 8.31 5.36
CA ILE G 124 -54.50 7.59 6.42
C ILE G 124 -55.54 6.82 7.21
N SER G 125 -55.55 5.49 7.08
CA SER G 125 -56.62 4.71 7.67
C SER G 125 -56.33 4.40 9.14
N ASP G 126 -57.35 3.91 9.84
CA ASP G 126 -57.24 3.56 11.24
C ASP G 126 -56.87 2.10 11.48
N VAL G 127 -56.46 1.38 10.44
CA VAL G 127 -56.08 -0.02 10.61
C VAL G 127 -54.80 -0.12 11.43
N SER G 128 -54.84 -0.94 12.48
CA SER G 128 -53.66 -1.18 13.31
C SER G 128 -52.94 -2.46 12.87
N PHE G 129 -51.66 -2.54 13.23
CA PHE G 129 -50.81 -3.62 12.73
C PHE G 129 -51.33 -4.98 13.20
N SER G 130 -51.83 -5.03 14.43
CA SER G 130 -52.36 -6.24 15.05
C SER G 130 -53.34 -5.82 16.14
N LYS G 131 -54.20 -6.74 16.55
CA LYS G 131 -55.08 -6.46 17.68
C LYS G 131 -54.29 -6.17 18.95
N ASN G 132 -53.05 -6.66 19.04
CA ASN G 132 -52.22 -6.50 20.23
C ASN G 132 -51.20 -5.36 20.09
N THR G 133 -51.24 -4.60 18.99
CA THR G 133 -50.54 -3.31 18.91
C THR G 133 -51.40 -2.31 18.15
N PRO G 134 -52.32 -1.65 18.84
CA PRO G 134 -53.15 -0.62 18.18
C PRO G 134 -52.31 0.55 17.71
N ALA G 135 -52.77 1.22 16.66
CA ALA G 135 -51.95 2.21 15.98
C ALA G 135 -51.71 3.42 16.87
N SER G 136 -50.48 3.92 16.89
CA SER G 136 -50.20 5.13 17.63
C SER G 136 -50.43 6.36 16.77
N GLU G 137 -50.72 7.47 17.44
CA GLU G 137 -51.03 8.71 16.76
C GLU G 137 -49.74 9.32 16.24
N LEU G 138 -49.65 9.52 14.93
CA LEU G 138 -48.43 9.97 14.31
C LEU G 138 -48.73 11.10 13.33
N HIS G 139 -47.74 11.99 13.15
CA HIS G 139 -47.60 12.83 11.97
C HIS G 139 -46.17 12.67 11.48
N TRP G 140 -45.88 13.18 10.28
CA TRP G 140 -44.67 12.81 9.54
C TRP G 140 -43.98 14.03 8.95
N LEU G 141 -42.66 13.99 8.94
CA LEU G 141 -41.83 14.87 8.13
C LEU G 141 -41.29 14.09 6.95
N VAL G 142 -41.27 14.73 5.77
CA VAL G 142 -40.80 14.11 4.53
C VAL G 142 -39.81 15.06 3.88
N GLY G 143 -38.58 14.59 3.64
CA GLY G 143 -37.56 15.41 3.02
C GLY G 143 -36.79 14.65 1.96
N ASP G 144 -36.21 15.39 1.02
CA ASP G 144 -35.42 14.75 -0.02
C ASP G 144 -34.17 15.58 -0.26
N LYS G 145 -33.44 15.27 -1.33
CA LYS G 145 -32.15 15.88 -1.59
C LYS G 145 -32.24 17.27 -2.20
N THR G 146 -33.45 17.81 -2.42
CA THR G 146 -33.53 19.19 -2.85
C THR G 146 -33.43 20.19 -1.70
N GLY G 147 -33.29 19.71 -0.45
CA GLY G 147 -33.22 20.58 0.70
C GLY G 147 -34.55 21.12 1.19
N LYS G 148 -35.66 20.61 0.67
CA LYS G 148 -37.00 21.05 1.03
C LYS G 148 -37.78 19.88 1.60
N SER G 149 -38.85 20.19 2.34
CA SER G 149 -39.58 19.13 3.03
C SER G 149 -41.05 19.52 3.18
N ILE G 150 -41.86 18.52 3.53
CA ILE G 150 -43.28 18.71 3.80
C ILE G 150 -43.63 18.05 5.12
N VAL G 151 -44.73 18.51 5.72
CA VAL G 151 -45.29 17.92 6.94
C VAL G 151 -46.62 17.28 6.57
N VAL G 152 -46.85 16.06 7.05
CA VAL G 152 -48.06 15.31 6.73
C VAL G 152 -48.83 15.07 8.01
N GLU G 153 -50.01 15.67 8.10
CA GLU G 153 -50.82 15.59 9.31
C GLU G 153 -52.22 15.18 8.92
N SER G 154 -52.69 14.12 9.56
CA SER G 154 -54.09 13.71 9.50
C SER G 154 -54.72 14.06 10.83
N ASP G 155 -55.72 14.93 10.83
CA ASP G 155 -56.35 15.40 12.06
C ASP G 155 -57.87 15.33 11.94
N GLU G 156 -58.56 16.07 12.81
CA GLU G 156 -60.03 16.09 12.83
C GLU G 156 -60.63 16.47 11.48
N LYS G 157 -59.96 17.36 10.73
CA LYS G 157 -60.47 17.84 9.45
C LYS G 157 -59.85 17.12 8.27
N GLY G 158 -59.27 15.94 8.47
CA GLY G 158 -58.73 15.14 7.39
C GLY G 158 -57.23 15.26 7.21
N LEU G 159 -56.79 14.86 6.03
CA LEU G 159 -55.38 14.84 5.68
C LEU G 159 -54.94 16.23 5.26
N HIS G 160 -53.72 16.60 5.67
CA HIS G 160 -53.14 17.89 5.31
C HIS G 160 -51.68 17.69 4.98
N VAL G 161 -51.22 18.39 3.95
CA VAL G 161 -49.82 18.41 3.55
C VAL G 161 -49.40 19.86 3.55
N TYR G 162 -48.27 20.16 4.20
CA TYR G 162 -47.78 21.53 4.29
C TYR G 162 -46.35 21.60 3.81
N ASP G 163 -46.01 22.66 3.09
CA ASP G 163 -44.61 22.99 2.87
C ASP G 163 -43.97 23.38 4.20
N ASN G 164 -42.72 22.93 4.41
CA ASN G 164 -42.04 23.15 5.69
C ASN G 164 -40.87 24.11 5.51
N PRO G 165 -41.09 25.42 5.70
CA PRO G 165 -40.02 26.39 5.49
C PRO G 165 -38.87 26.29 6.46
N VAL G 166 -38.99 25.54 7.56
CA VAL G 166 -37.93 25.51 8.55
C VAL G 166 -37.26 24.15 8.66
N ASN G 167 -37.80 23.12 8.00
CA ASN G 167 -37.15 21.82 7.84
C ASN G 167 -36.97 21.11 9.18
N ALA G 168 -37.98 21.27 10.03
CA ALA G 168 -37.98 20.66 11.35
C ALA G 168 -39.42 20.35 11.73
N LEU G 169 -39.56 19.44 12.67
CA LEU G 169 -40.86 19.04 13.17
C LEU G 169 -40.66 18.48 14.56
N THR G 170 -41.63 18.72 15.43
CA THR G 170 -41.66 18.07 16.73
C THR G 170 -43.00 17.37 16.90
N ASN G 171 -43.76 17.72 17.93
CA ASN G 171 -45.02 17.05 18.21
C ASN G 171 -46.18 18.02 18.06
N ALA G 172 -47.05 18.13 19.07
CA ALA G 172 -48.19 19.04 18.99
C ALA G 172 -47.72 20.49 19.15
N PRO G 173 -48.53 21.48 18.71
CA PRO G 173 -49.88 21.42 18.11
C PRO G 173 -49.84 21.24 16.59
N LEU G 174 -50.96 21.50 15.91
CA LEU G 174 -51.04 21.44 14.45
C LEU G 174 -49.97 22.32 13.83
N PHE G 175 -49.48 21.89 12.65
CA PHE G 175 -48.29 22.54 12.08
C PHE G 175 -48.47 24.03 11.81
N PRO G 176 -49.62 24.54 11.30
CA PRO G 176 -49.72 26.01 11.16
C PRO G 176 -49.58 26.73 12.50
N GLN G 177 -50.04 26.15 13.59
CA GLN G 177 -49.83 26.76 14.90
C GLN G 177 -48.35 26.75 15.29
N GLN G 178 -47.60 25.74 14.87
CA GLN G 178 -46.16 25.69 15.15
C GLN G 178 -45.40 26.78 14.40
N LEU G 179 -45.75 27.01 13.13
CA LEU G 179 -45.08 28.07 12.38
C LEU G 179 -45.41 29.44 12.94
N THR G 180 -46.70 29.70 13.19
CA THR G 180 -47.13 30.97 13.77
C THR G 180 -46.33 31.31 15.03
N ASN G 181 -46.12 30.31 15.89
CA ASN G 181 -45.43 30.56 17.14
C ASN G 181 -44.00 31.06 16.92
N LEU G 182 -43.40 30.74 15.78
CA LEU G 182 -42.03 31.17 15.51
C LEU G 182 -41.93 32.69 15.43
N ALA G 183 -42.97 33.34 14.94
CA ALA G 183 -42.95 34.79 14.84
C ALA G 183 -42.78 35.44 16.21
N ASN G 184 -43.24 34.77 17.28
CA ASN G 184 -43.02 35.29 18.63
C ASN G 184 -41.53 35.42 18.99
N TYR G 185 -40.63 34.84 18.18
CA TYR G 185 -39.21 34.84 18.49
C TYR G 185 -38.39 35.64 17.50
N ALA G 186 -39.04 36.46 16.67
CA ALA G 186 -38.37 37.13 15.55
C ALA G 186 -37.28 38.10 15.98
N ALA G 187 -37.21 38.45 17.25
CA ALA G 187 -36.16 39.36 17.70
C ALA G 187 -34.89 38.63 18.12
N VAL G 188 -34.94 37.30 18.24
CA VAL G 188 -33.76 36.53 18.65
C VAL G 188 -32.64 36.67 17.64
N VAL G 189 -31.44 36.94 18.13
CA VAL G 189 -30.26 37.03 17.27
C VAL G 189 -29.18 36.22 17.97
N PRO G 190 -28.25 35.60 17.24
CA PRO G 190 -27.18 34.86 17.92
C PRO G 190 -26.21 35.75 18.65
N GLY G 191 -26.06 37.02 18.23
CA GLY G 191 -25.11 37.91 18.86
C GLY G 191 -25.75 38.87 19.84
N GLN G 192 -25.38 40.15 19.77
CA GLN G 192 -26.03 41.11 20.65
C GLN G 192 -27.06 41.93 19.90
N PRO G 193 -28.25 42.18 20.43
CA PRO G 193 -29.18 43.10 19.76
C PRO G 193 -28.69 44.53 19.91
N ASN G 194 -29.11 45.37 18.96
CA ASN G 194 -28.96 46.80 19.14
C ASN G 194 -30.01 47.27 20.14
N ASN G 195 -29.63 48.22 21.00
CA ASN G 195 -30.53 48.74 22.03
C ASN G 195 -31.49 49.78 21.43
N ASP G 196 -32.59 49.28 20.87
CA ASP G 196 -33.80 50.08 20.65
C ASP G 196 -34.83 49.86 21.76
N PHE G 197 -34.45 49.18 22.83
CA PHE G 197 -35.30 48.92 23.96
C PHE G 197 -35.43 50.17 24.84
N LEU G 198 -34.31 50.74 25.26
CA LEU G 198 -34.26 51.97 26.04
C LEU G 198 -33.29 52.93 25.37
N PRO G 199 -33.69 53.55 24.27
CA PRO G 199 -32.79 54.50 23.61
C PRO G 199 -32.34 55.58 24.58
N GLY G 200 -31.09 55.97 24.45
CA GLY G 200 -30.49 56.96 25.32
C GLY G 200 -29.91 56.40 26.60
N VAL G 201 -30.06 55.10 26.84
CA VAL G 201 -29.58 54.44 28.06
C VAL G 201 -28.47 53.49 27.67
N ASP G 202 -27.39 53.48 28.46
CA ASP G 202 -26.26 52.60 28.19
C ASP G 202 -26.47 51.27 28.90
N LEU G 203 -26.95 50.27 28.16
CA LEU G 203 -27.13 48.94 28.72
C LEU G 203 -25.81 48.19 28.69
N LYS G 204 -25.37 47.74 29.86
CA LYS G 204 -24.18 46.90 29.94
C LYS G 204 -24.55 45.51 29.44
N MET G 205 -24.01 45.14 28.28
CA MET G 205 -24.14 43.78 27.77
C MET G 205 -23.13 42.90 28.50
N TYR G 206 -23.54 42.46 29.69
CA TYR G 206 -22.70 41.71 30.60
C TYR G 206 -22.40 40.30 30.09
N SER G 207 -23.05 39.81 29.04
CA SER G 207 -22.85 38.44 28.59
C SER G 207 -22.95 38.40 27.08
N ARG G 208 -22.27 37.42 26.50
CA ARG G 208 -22.39 37.16 25.08
C ARG G 208 -23.76 36.55 24.77
N SER G 209 -24.19 36.73 23.52
CA SER G 209 -25.41 36.11 23.02
C SER G 209 -26.67 36.49 23.81
N LEU G 210 -26.70 37.69 24.38
CA LEU G 210 -27.94 38.15 25.00
C LEU G 210 -29.07 38.22 24.00
N GLY G 211 -28.76 38.14 22.70
CA GLY G 211 -29.81 37.97 21.71
C GLY G 211 -30.53 36.63 21.80
N THR G 212 -29.96 35.65 22.50
CA THR G 212 -30.63 34.36 22.69
C THR G 212 -31.25 34.26 24.09
N HIS G 213 -31.29 35.35 24.85
CA HIS G 213 -31.81 35.24 26.22
C HIS G 213 -33.22 34.67 26.26
N HIS G 214 -34.03 34.88 25.22
CA HIS G 214 -35.41 34.37 25.26
C HIS G 214 -35.61 33.12 24.40
N LEU G 215 -34.52 32.50 23.96
CA LEU G 215 -34.63 31.25 23.22
C LEU G 215 -35.19 30.15 24.13
N PRO G 216 -36.19 29.40 23.69
CA PRO G 216 -36.75 28.35 24.56
C PRO G 216 -35.81 27.17 24.78
N GLY G 217 -35.72 26.73 26.03
CA GLY G 217 -34.92 25.58 26.39
C GLY G 217 -35.67 24.47 27.08
N GLY G 218 -36.99 24.58 27.10
CA GLY G 218 -37.79 23.55 27.73
C GLY G 218 -37.86 22.27 26.92
N MET G 219 -38.44 21.26 27.55
CA MET G 219 -38.55 19.94 26.97
C MET G 219 -39.84 19.76 26.21
N ASP G 220 -40.75 20.72 26.30
CA ASP G 220 -42.02 20.58 25.61
C ASP G 220 -41.83 20.77 24.10
N SER G 221 -42.92 20.49 23.38
CA SER G 221 -42.89 20.36 21.92
C SER G 221 -42.59 21.69 21.22
N GLU G 222 -43.26 22.78 21.63
CA GLU G 222 -43.04 24.09 21.02
C GLU G 222 -41.64 24.59 21.31
N SER G 223 -41.20 24.47 22.57
CA SER G 223 -39.85 24.90 22.93
C SER G 223 -38.81 24.22 22.04
N ARG G 224 -38.87 22.88 21.94
CA ARG G 224 -37.87 22.16 21.15
C ARG G 224 -37.97 22.58 19.68
N PHE G 225 -39.17 22.83 19.18
CA PHE G 225 -39.35 23.24 17.79
C PHE G 225 -38.67 24.57 17.54
N VAL G 226 -38.97 25.57 18.36
CA VAL G 226 -38.39 26.89 18.15
C VAL G 226 -36.87 26.81 18.21
N LYS G 227 -36.33 26.11 19.22
CA LYS G 227 -34.88 26.10 19.37
C LYS G 227 -34.20 25.30 18.27
N VAL G 228 -34.80 24.19 17.84
CA VAL G 228 -34.17 23.38 16.82
C VAL G 228 -34.17 24.11 15.48
N CYS G 229 -35.25 24.85 15.19
CA CYS G 229 -35.29 25.67 13.98
C CYS G 229 -34.11 26.64 13.97
N PHE G 230 -33.81 27.21 15.13
CA PHE G 230 -32.76 28.22 15.22
C PHE G 230 -31.39 27.57 15.06
N ALA G 231 -31.15 26.50 15.81
CA ALA G 231 -29.90 25.75 15.66
C ALA G 231 -29.71 25.28 14.22
N LEU G 232 -30.75 24.71 13.61
CA LEU G 232 -30.65 24.22 12.24
C LEU G 232 -30.34 25.35 11.27
N ASN G 233 -31.04 26.47 11.41
CA ASN G 233 -30.84 27.60 10.51
C ASN G 233 -29.41 28.14 10.56
N HIS G 234 -28.83 28.24 11.76
CA HIS G 234 -27.54 28.92 11.90
C HIS G 234 -26.35 27.95 11.90
N ALA G 235 -26.59 26.66 11.65
CA ALA G 235 -25.51 25.69 11.65
C ALA G 235 -24.64 25.86 10.41
N PRO G 236 -23.35 25.53 10.49
CA PRO G 236 -22.44 25.79 9.38
C PRO G 236 -22.87 25.06 8.11
N LYS G 237 -22.40 25.58 6.98
CA LYS G 237 -22.61 25.01 5.64
C LYS G 237 -21.26 24.74 4.99
N ASP G 238 -21.30 24.17 3.79
CA ASP G 238 -20.09 23.93 2.97
C ASP G 238 -19.05 23.10 3.72
N SER G 239 -19.41 21.84 3.99
CA SER G 239 -18.60 21.05 4.91
C SER G 239 -18.55 19.60 4.47
N ASP G 240 -17.49 18.92 4.92
CA ASP G 240 -17.22 17.53 4.59
C ASP G 240 -18.29 16.60 5.15
N GLU G 241 -18.16 15.30 4.85
CA GLU G 241 -19.10 14.31 5.38
C GLU G 241 -19.04 14.25 6.91
N VAL G 242 -17.83 14.08 7.46
CA VAL G 242 -17.70 13.88 8.89
C VAL G 242 -18.00 15.17 9.65
N GLU G 243 -17.51 16.31 9.16
CA GLU G 243 -17.82 17.58 9.82
C GLU G 243 -19.32 17.82 9.82
N SER G 244 -20.00 17.41 8.74
CA SER G 244 -21.43 17.63 8.61
C SER G 244 -22.21 16.76 9.58
N VAL G 245 -21.82 15.49 9.73
CA VAL G 245 -22.50 14.60 10.67
C VAL G 245 -22.24 15.05 12.10
N THR G 246 -21.03 15.55 12.37
CA THR G 246 -20.75 16.09 13.69
C THR G 246 -21.71 17.21 14.04
N ASN G 247 -21.93 18.13 13.08
CA ASN G 247 -22.81 19.26 13.34
C ASN G 247 -24.23 18.79 13.52
N PHE G 248 -24.66 17.83 12.69
CA PHE G 248 -26.02 17.30 12.76
C PHE G 248 -26.35 16.81 14.16
N PHE G 249 -25.44 16.03 14.75
CA PHE G 249 -25.70 15.56 16.12
C PHE G 249 -25.68 16.69 17.12
N HIS G 250 -24.91 17.75 16.86
CA HIS G 250 -24.90 18.87 17.80
C HIS G 250 -26.22 19.64 17.75
N ILE G 251 -26.78 19.80 16.54
CA ILE G 251 -28.09 20.43 16.40
C ILE G 251 -29.13 19.71 17.24
N LEU G 252 -29.21 18.38 17.11
CA LEU G 252 -30.21 17.64 17.86
C LEU G 252 -29.88 17.58 19.35
N GLN G 253 -28.58 17.64 19.69
CA GLN G 253 -28.18 17.61 21.09
C GLN G 253 -28.69 18.84 21.83
N SER G 254 -28.70 19.99 21.17
CA SER G 254 -29.14 21.21 21.85
C SER G 254 -30.57 21.09 22.35
N VAL G 255 -31.36 20.16 21.82
CA VAL G 255 -32.72 19.96 22.28
C VAL G 255 -32.92 18.54 22.77
N GLU G 256 -31.87 17.91 23.29
CA GLU G 256 -32.04 16.59 23.84
C GLU G 256 -32.80 16.68 25.16
N GLN G 257 -33.46 15.59 25.52
CA GLN G 257 -34.13 15.52 26.83
C GLN G 257 -33.29 14.64 27.74
N VAL G 258 -32.67 15.27 28.74
CA VAL G 258 -31.91 14.55 29.75
C VAL G 258 -32.86 13.85 30.72
N LYS G 259 -32.45 12.71 31.25
CA LYS G 259 -33.26 11.99 32.23
C LYS G 259 -33.52 12.85 33.46
N GLY G 260 -34.80 13.05 33.78
CA GLY G 260 -35.24 13.83 34.93
C GLY G 260 -35.92 15.14 34.57
N MET G 261 -35.73 15.61 33.35
CA MET G 261 -36.20 16.93 32.99
C MET G 261 -37.62 16.92 32.44
N ASP G 262 -38.14 15.76 32.05
CA ASP G 262 -39.43 15.66 31.39
C ASP G 262 -40.18 14.50 32.06
N GLU G 263 -40.98 14.84 33.06
CA GLU G 263 -41.67 13.86 33.87
C GLU G 263 -43.03 13.57 33.26
N VAL G 264 -43.27 12.31 32.91
CA VAL G 264 -44.53 11.88 32.30
C VAL G 264 -45.29 10.92 33.19
N GLY G 265 -44.72 10.48 34.30
CA GLY G 265 -45.44 9.74 35.29
C GLY G 265 -44.66 9.79 36.59
N PRO G 266 -45.22 9.20 37.63
CA PRO G 266 -44.51 9.16 38.93
C PRO G 266 -43.14 8.50 38.80
N ASN G 267 -42.09 9.32 38.84
CA ASN G 267 -40.71 8.88 38.59
C ASN G 267 -40.51 8.23 37.22
N ILE G 268 -41.35 8.56 36.23
CA ILE G 268 -41.19 8.11 34.84
C ILE G 268 -40.82 9.32 34.00
N PHE G 269 -39.80 9.16 33.14
CA PHE G 269 -39.24 10.29 32.41
C PHE G 269 -39.08 9.99 30.94
N GLU G 270 -39.48 10.96 30.11
CA GLU G 270 -39.23 10.92 28.67
C GLU G 270 -37.83 11.48 28.42
N TYR G 271 -36.97 10.68 27.76
CA TYR G 271 -35.58 11.05 27.52
C TYR G 271 -35.18 10.62 26.12
N THR G 272 -34.04 11.12 25.65
CA THR G 272 -33.65 10.90 24.26
C THR G 272 -32.99 9.52 24.14
N MET G 273 -33.75 8.52 23.72
CA MET G 273 -33.19 7.17 23.64
C MET G 273 -32.21 7.01 22.48
N TYR G 274 -32.47 7.63 21.33
CA TYR G 274 -31.51 7.53 20.25
C TYR G 274 -31.55 8.75 19.35
N THR G 275 -30.54 8.85 18.49
CA THR G 275 -30.41 9.94 17.53
C THR G 275 -29.91 9.34 16.24
N SER G 276 -30.67 9.55 15.16
CA SER G 276 -30.32 9.03 13.84
C SER G 276 -29.99 10.19 12.91
N CYS G 277 -29.11 9.90 11.96
CA CYS G 277 -28.60 10.91 11.03
C CYS G 277 -28.30 10.20 9.72
N MET G 278 -29.15 10.38 8.73
CA MET G 278 -29.08 9.63 7.48
C MET G 278 -28.66 10.53 6.33
N ASN G 279 -27.51 10.22 5.72
CA ASN G 279 -27.12 10.86 4.48
C ASN G 279 -28.03 10.40 3.36
N LEU G 280 -28.69 11.36 2.71
CA LEU G 280 -29.64 11.03 1.64
C LEU G 280 -28.91 10.61 0.38
N GLU G 281 -27.82 11.29 0.04
CA GLU G 281 -27.09 10.94 -1.17
C GLU G 281 -26.43 9.58 -1.05
N LYS G 282 -25.70 9.35 0.04
CA LYS G 282 -24.80 8.20 0.19
C LYS G 282 -25.45 6.98 0.86
N GLY G 283 -26.69 7.09 1.33
CA GLY G 283 -27.36 5.98 1.99
C GLY G 283 -26.68 5.43 3.23
N ILE G 284 -26.06 6.30 4.03
CA ILE G 284 -25.39 5.92 5.27
C ILE G 284 -26.22 6.41 6.46
N LEU G 285 -26.43 5.54 7.45
CA LEU G 285 -27.17 5.90 8.65
C LEU G 285 -26.21 5.96 9.82
N TYR G 286 -26.07 7.14 10.41
CA TYR G 286 -25.28 7.27 11.63
C TYR G 286 -26.21 7.33 12.82
N PHE G 287 -25.72 6.90 13.98
CA PHE G 287 -26.60 6.82 15.13
C PHE G 287 -25.80 6.72 16.42
N ASN G 288 -26.35 7.31 17.48
CA ASN G 288 -25.92 6.97 18.83
C ASN G 288 -27.18 6.82 19.67
N CYS G 289 -27.01 6.65 20.97
CA CYS G 289 -28.17 6.46 21.83
C CYS G 289 -27.83 7.05 23.20
N TYR G 290 -28.79 7.00 24.12
CA TYR G 290 -28.57 7.63 25.41
C TYR G 290 -27.33 7.07 26.09
N ASP G 291 -27.14 5.75 26.02
CA ASP G 291 -26.11 5.13 26.84
C ASP G 291 -24.76 5.06 26.18
N ASP G 292 -24.66 5.41 24.90
CA ASP G 292 -23.41 5.34 24.15
C ASP G 292 -23.30 6.59 23.30
N SER G 293 -22.40 7.49 23.68
CA SER G 293 -22.26 8.73 22.93
C SER G 293 -21.42 8.58 21.67
N ARG G 294 -20.70 7.46 21.50
CA ARG G 294 -19.96 7.24 20.27
C ARG G 294 -20.93 6.98 19.11
N ILE G 295 -20.59 7.51 17.94
CA ILE G 295 -21.44 7.43 16.76
C ILE G 295 -21.12 6.18 15.96
N SER G 296 -22.13 5.38 15.66
CA SER G 296 -22.02 4.19 14.82
C SER G 296 -22.65 4.47 13.46
N ALA G 297 -22.28 3.66 12.46
CA ALA G 297 -22.70 3.88 11.08
C ALA G 297 -22.95 2.55 10.38
N VAL G 298 -24.03 2.50 9.62
CA VAL G 298 -24.36 1.39 8.73
C VAL G 298 -24.57 1.95 7.33
N ASP G 299 -23.86 1.42 6.34
CA ASP G 299 -24.01 1.84 4.95
C ASP G 299 -24.93 0.87 4.23
N MET G 300 -26.09 1.38 3.79
CA MET G 300 -27.00 0.59 2.96
C MET G 300 -26.31 -0.06 1.77
N ASN G 301 -25.37 0.65 1.15
CA ASN G 301 -24.81 0.24 -0.13
C ASN G 301 -23.68 -0.77 0.00
N LYS G 302 -23.34 -1.18 1.23
CA LYS G 302 -22.47 -2.32 1.46
C LYS G 302 -23.26 -3.61 1.61
N GLU G 303 -24.51 -3.65 1.15
CA GLU G 303 -25.33 -4.84 1.34
C GLU G 303 -26.04 -5.21 0.04
N ASP G 304 -26.47 -6.46 0.00
CA ASP G 304 -27.10 -6.97 -1.20
C ASP G 304 -28.50 -6.41 -1.33
N LEU G 305 -28.62 -5.25 -1.98
CA LEU G 305 -29.92 -4.57 -2.06
C LEU G 305 -30.93 -5.30 -2.92
N SER G 306 -30.54 -6.35 -3.63
CA SER G 306 -31.52 -7.13 -4.38
C SER G 306 -31.94 -8.38 -3.63
N SER G 307 -31.55 -8.51 -2.36
CA SER G 307 -31.99 -9.62 -1.52
C SER G 307 -33.47 -9.44 -1.19
N SER G 308 -34.00 -10.31 -0.31
CA SER G 308 -35.41 -10.27 0.00
C SER G 308 -35.68 -10.42 1.50
N ASP G 309 -34.64 -10.45 2.33
CA ASP G 309 -34.80 -10.57 3.77
C ASP G 309 -34.30 -9.30 4.45
N LEU G 310 -34.89 -9.01 5.61
CA LEU G 310 -34.45 -7.88 6.42
C LEU G 310 -33.00 -8.09 6.87
N ILE G 311 -32.21 -7.02 6.79
CA ILE G 311 -30.87 -6.97 7.36
C ILE G 311 -30.94 -6.06 8.58
N VAL G 312 -30.61 -6.59 9.75
CA VAL G 312 -30.91 -5.95 11.03
C VAL G 312 -29.65 -5.83 11.85
N PHE G 313 -29.41 -4.65 12.42
CA PHE G 313 -28.26 -4.40 13.28
C PHE G 313 -28.74 -3.86 14.62
N ASP G 314 -27.90 -3.98 15.64
CA ASP G 314 -28.22 -3.45 16.95
C ASP G 314 -28.14 -1.92 16.94
N LEU G 315 -29.11 -1.29 17.59
CA LEU G 315 -29.11 0.17 17.76
C LEU G 315 -28.58 0.54 19.13
N PHE G 316 -29.25 0.07 20.18
CA PHE G 316 -28.87 0.44 21.54
C PHE G 316 -27.60 -0.28 21.96
N LYS G 317 -26.62 0.50 22.41
CA LYS G 317 -25.32 -0.04 22.80
C LYS G 317 -24.92 0.50 24.17
N LYS G 318 -23.94 -0.17 24.77
CA LYS G 318 -23.38 0.32 26.02
C LYS G 318 -22.31 1.35 25.72
N GLN G 319 -21.97 2.15 26.73
CA GLN G 319 -21.03 3.25 26.53
C GLN G 319 -19.68 2.70 26.07
N ASP G 320 -19.18 3.24 24.97
CA ASP G 320 -17.95 2.77 24.34
C ASP G 320 -16.81 3.73 24.66
N ILE G 321 -16.34 3.64 25.91
CA ILE G 321 -15.30 4.54 26.43
C ILE G 321 -13.91 4.09 25.95
N SER G 322 -13.15 5.04 25.40
CA SER G 322 -11.84 4.79 24.82
C SER G 322 -10.78 5.20 25.84
N PHE G 323 -10.34 4.22 26.65
CA PHE G 323 -9.36 4.48 27.71
C PHE G 323 -7.99 4.76 27.12
N ILE G 324 -7.44 5.94 27.43
CA ILE G 324 -6.24 6.41 26.76
C ILE G 324 -4.99 5.75 27.35
N ASN G 325 -4.78 5.85 28.65
CA ASN G 325 -3.53 5.38 29.25
C ASN G 325 -3.74 4.08 30.03
N HIS G 326 -4.20 3.06 29.28
CA HIS G 326 -4.34 1.72 29.83
C HIS G 326 -2.99 1.10 30.22
N HIS G 327 -1.91 1.56 29.60
CA HIS G 327 -0.56 0.99 29.81
C HIS G 327 -0.54 -0.52 29.60
N HIS G 328 -1.29 -1.00 28.58
CA HIS G 328 -1.25 -2.41 28.22
C HIS G 328 0.07 -2.81 27.56
N HIS G 329 0.77 -1.85 26.96
CA HIS G 329 2.05 -2.06 26.30
C HIS G 329 2.00 -3.26 25.36
N HIS G 330 1.10 -3.17 24.37
CA HIS G 330 1.00 -4.22 23.37
C HIS G 330 2.24 -4.20 22.49
N HIS G 331 3.04 -5.26 22.55
CA HIS G 331 4.37 -5.36 21.94
C HIS G 331 5.28 -4.19 22.36
N CYS H 2 -17.44 26.92 30.27
N CYS H 2 -19.45 28.94 28.99
CA CYS H 2 -18.34 28.06 30.42
CA CYS H 2 -18.86 27.99 29.92
C CYS H 2 -19.44 27.69 31.40
C CYS H 2 -19.87 27.57 30.96
N THR H 3 -19.66 26.38 31.53
CA THR H 3 -20.61 25.81 32.49
C THR H 3 -19.86 24.75 33.29
N SER H 4 -19.81 24.91 34.60
CA SER H 4 -19.12 23.96 35.44
C SER H 4 -20.09 23.41 36.47
N ILE H 5 -19.98 22.13 36.79
CA ILE H 5 -20.92 21.50 37.70
C ILE H 5 -20.17 20.54 38.63
N LEU H 6 -20.80 20.27 39.76
CA LEU H 6 -20.40 19.21 40.68
C LEU H 6 -21.59 18.27 40.77
N TYR H 7 -21.41 17.04 40.29
CA TYR H 7 -22.47 16.05 40.21
C TYR H 7 -22.20 14.94 41.24
N SER H 8 -23.17 14.67 42.10
CA SER H 8 -23.02 13.77 43.25
C SER H 8 -24.01 12.61 43.24
N PRO H 9 -24.03 11.78 42.19
CA PRO H 9 -25.00 10.67 42.18
C PRO H 9 -24.64 9.55 43.16
N LYS H 10 -23.35 9.22 43.29
CA LYS H 10 -22.86 8.28 44.29
C LYS H 10 -21.41 8.64 44.58
N ASP H 11 -20.52 8.35 43.64
CA ASP H 11 -19.28 9.07 43.51
C ASP H 11 -19.57 10.55 43.17
N HIS H 12 -18.51 11.32 42.98
CA HIS H 12 -18.62 12.76 42.81
C HIS H 12 -17.84 13.19 41.57
N TYR H 13 -18.48 13.99 40.73
CA TYR H 13 -17.96 14.30 39.40
C TYR H 13 -17.91 15.81 39.23
N PHE H 14 -16.79 16.28 38.71
CA PHE H 14 -16.53 17.71 38.63
C PHE H 14 -15.95 17.99 37.26
N GLY H 15 -16.60 18.86 36.49
CA GLY H 15 -16.17 19.15 35.15
C GLY H 15 -16.92 20.31 34.55
N ARG H 16 -16.74 20.48 33.25
CA ARG H 16 -17.22 21.71 32.64
C ARG H 16 -17.30 21.56 31.13
N ASN H 17 -18.18 22.35 30.53
CA ASN H 17 -18.06 22.73 29.13
C ASN H 17 -17.06 23.87 29.03
N LEU H 18 -16.28 23.89 27.97
CA LEU H 18 -15.49 25.08 27.63
C LEU H 18 -16.01 25.59 26.29
N ASP H 19 -16.67 26.75 26.32
CA ASP H 19 -17.24 27.37 25.15
C ASP H 19 -16.40 28.59 24.78
N TYR H 20 -15.88 28.63 23.55
CA TYR H 20 -15.10 29.77 23.11
C TYR H 20 -14.97 29.73 21.60
N GLU H 21 -14.36 30.78 21.05
CA GLU H 21 -14.17 30.90 19.60
C GLU H 21 -12.71 30.73 19.18
N ILE H 22 -11.78 30.71 20.13
CA ILE H 22 -10.36 30.51 19.88
C ILE H 22 -9.83 29.49 20.87
N ALA H 23 -8.96 28.59 20.39
CA ALA H 23 -8.36 27.57 21.23
C ALA H 23 -7.02 28.04 21.79
N TYR H 24 -6.72 27.58 22.99
CA TYR H 24 -5.46 27.91 23.65
C TYR H 24 -4.61 26.65 23.76
N GLY H 25 -4.56 25.87 22.67
CA GLY H 25 -3.88 24.60 22.62
C GLY H 25 -3.94 23.81 23.90
N GLN H 26 -5.12 23.32 24.27
CA GLN H 26 -5.27 22.63 25.53
C GLN H 26 -5.01 21.14 25.36
N LYS H 27 -4.58 20.50 26.44
CA LYS H 27 -4.31 19.08 26.45
C LYS H 27 -4.64 18.54 27.84
N VAL H 28 -4.83 17.23 27.93
CA VAL H 28 -4.89 16.61 29.24
C VAL H 28 -3.50 16.64 29.85
N VAL H 29 -3.40 17.03 31.12
CA VAL H 29 -2.10 17.23 31.75
C VAL H 29 -2.17 16.69 33.16
N ILE H 30 -1.27 15.77 33.48
CA ILE H 30 -1.10 15.29 34.84
C ILE H 30 0.14 15.95 35.42
N THR H 31 -0.02 16.64 36.54
CA THR H 31 1.09 17.28 37.23
C THR H 31 1.43 16.45 38.45
N PRO H 32 2.55 15.72 38.46
CA PRO H 32 2.84 14.80 39.57
C PRO H 32 3.36 15.53 40.80
N ARG H 33 3.43 14.79 41.92
CA ARG H 33 3.63 15.36 43.24
C ARG H 33 4.92 16.17 43.37
N ASN H 34 5.91 15.91 42.52
CA ASN H 34 7.22 16.53 42.69
C ASN H 34 7.62 17.41 41.51
N TYR H 35 6.65 17.90 40.74
CA TYR H 35 6.91 18.99 39.81
C TYR H 35 7.07 20.29 40.60
N GLU H 36 8.04 21.11 40.19
CA GLU H 36 8.39 22.32 40.93
C GLU H 36 7.49 23.46 40.48
N PHE H 37 6.57 23.88 41.34
CA PHE H 37 5.79 25.08 41.08
C PHE H 37 6.61 26.31 41.46
N LYS H 38 6.87 27.19 40.49
CA LYS H 38 7.50 28.48 40.75
C LYS H 38 6.38 29.52 40.80
N PHE H 39 5.86 29.75 42.01
CA PHE H 39 4.75 30.69 42.20
C PHE H 39 5.26 32.13 42.19
N ALA H 40 4.62 32.96 41.36
CA ALA H 40 5.13 34.30 41.06
C ALA H 40 5.33 35.17 42.30
N ASN H 41 4.61 34.91 43.39
CA ASN H 41 4.87 35.65 44.63
C ASN H 41 4.62 34.80 45.86
N LEU H 42 4.91 33.50 45.77
CA LEU H 42 4.66 32.59 46.87
C LEU H 42 5.76 31.53 46.88
N PRO H 43 6.07 30.96 48.05
CA PRO H 43 7.13 29.95 48.11
C PRO H 43 6.89 28.81 47.13
N ALA H 44 7.91 28.51 46.32
CA ALA H 44 7.84 27.38 45.40
C ALA H 44 7.48 26.12 46.16
N GLU H 45 6.60 25.31 45.57
CA GLU H 45 6.21 24.01 46.12
C GLU H 45 6.82 22.94 45.22
N LYS H 46 7.96 22.38 45.65
CA LYS H 46 8.62 21.32 44.92
C LYS H 46 8.03 19.95 45.21
N SER H 47 7.29 19.82 46.32
CA SER H 47 6.57 18.60 46.66
C SER H 47 5.16 18.99 47.07
N HIS H 48 4.15 18.37 46.47
CA HIS H 48 2.75 18.78 46.62
C HIS H 48 1.85 17.63 46.19
N TYR H 49 0.54 17.90 46.11
CA TYR H 49 -0.39 16.91 45.61
C TYR H 49 -0.29 16.79 44.10
N ALA H 50 -0.66 15.63 43.58
CA ALA H 50 -0.73 15.46 42.14
C ALA H 50 -2.12 15.82 41.65
N MET H 51 -2.20 16.26 40.40
CA MET H 51 -3.46 16.74 39.85
C MET H 51 -3.54 16.35 38.39
N ILE H 52 -4.77 16.18 37.92
CA ILE H 52 -5.05 15.92 36.52
C ILE H 52 -6.15 16.86 36.05
N GLY H 53 -5.97 17.45 34.88
CA GLY H 53 -7.03 18.28 34.34
C GLY H 53 -6.75 18.67 32.90
N ILE H 54 -7.52 19.64 32.44
CA ILE H 54 -7.28 20.24 31.13
C ILE H 54 -6.43 21.49 31.34
N ALA H 55 -5.35 21.59 30.58
CA ALA H 55 -4.41 22.69 30.77
C ALA H 55 -3.73 23.00 29.45
N ALA H 56 -3.25 24.23 29.36
CA ALA H 56 -2.25 24.58 28.37
C ALA H 56 -0.90 24.53 29.07
N VAL H 57 0.13 24.13 28.33
CA VAL H 57 1.49 24.09 28.84
C VAL H 57 2.32 25.08 28.06
N ALA H 58 3.06 25.92 28.79
CA ALA H 58 3.96 26.90 28.19
C ALA H 58 5.16 27.03 29.11
N ASN H 59 6.35 26.96 28.52
CA ASN H 59 7.60 26.95 29.28
C ASN H 59 7.57 25.89 30.37
N ASN H 60 7.17 24.67 30.00
CA ASN H 60 7.04 23.56 30.94
C ASN H 60 6.20 23.94 32.15
N THR H 61 5.24 24.82 31.97
CA THR H 61 4.38 25.25 33.06
C THR H 61 2.93 24.91 32.73
N PRO H 62 2.19 24.25 33.66
CA PRO H 62 0.80 23.89 33.40
C PRO H 62 -0.19 24.97 33.80
N LEU H 63 -0.89 25.55 32.82
CA LEU H 63 -1.91 26.57 33.06
C LEU H 63 -3.26 25.88 32.93
N TYR H 64 -3.87 25.54 34.07
CA TYR H 64 -5.05 24.70 34.08
C TYR H 64 -6.32 25.49 33.81
N CYS H 65 -7.20 24.90 33.02
CA CYS H 65 -8.56 25.39 32.86
C CYS H 65 -9.46 24.86 33.97
N ASP H 66 -9.32 23.58 34.29
CA ASP H 66 -10.10 22.88 35.29
C ASP H 66 -9.32 21.62 35.68
N ALA H 67 -9.37 21.25 36.94
CA ALA H 67 -8.57 20.09 37.35
C ALA H 67 -9.06 19.59 38.69
N ILE H 68 -8.54 18.42 39.05
CA ILE H 68 -8.81 17.78 40.34
C ILE H 68 -7.49 17.20 40.83
N ASN H 69 -7.34 17.10 42.15
CA ASN H 69 -6.12 16.55 42.72
C ASN H 69 -6.41 15.14 43.25
N GLU H 70 -5.36 14.50 43.75
CA GLU H 70 -5.44 13.11 44.19
C GLU H 70 -6.24 12.94 45.48
N LYS H 71 -6.58 14.03 46.16
CA LYS H 71 -7.33 13.99 47.40
C LYS H 71 -8.82 14.32 47.20
N GLY H 72 -9.25 14.56 45.97
CA GLY H 72 -10.65 14.79 45.71
C GLY H 72 -11.10 16.23 45.81
N LEU H 73 -10.24 17.18 45.48
CA LEU H 73 -10.60 18.59 45.38
C LEU H 73 -10.60 18.98 43.90
N GLY H 74 -11.57 19.78 43.49
CA GLY H 74 -11.61 20.27 42.13
C GLY H 74 -11.76 21.77 42.06
N VAL H 75 -11.10 22.37 41.07
CA VAL H 75 -11.23 23.80 40.78
C VAL H 75 -11.41 23.95 39.29
N ALA H 76 -12.39 24.75 38.88
CA ALA H 76 -12.61 25.05 37.48
C ALA H 76 -12.59 26.55 37.30
N GLY H 77 -11.98 27.01 36.21
CA GLY H 77 -11.88 28.43 35.92
C GLY H 77 -12.76 28.79 34.74
N LEU H 78 -13.65 29.74 34.97
CA LEU H 78 -14.55 30.23 33.94
C LEU H 78 -14.33 31.72 33.76
N SER H 79 -14.57 32.20 32.54
CA SER H 79 -14.34 33.61 32.24
C SER H 79 -15.22 34.51 33.10
N PHE H 80 -14.68 35.67 33.48
CA PHE H 80 -15.41 36.66 34.27
C PHE H 80 -15.24 38.06 33.68
N ALA H 81 -15.09 38.14 32.37
CA ALA H 81 -14.83 39.41 31.71
C ALA H 81 -15.93 40.43 31.99
N GLY H 82 -15.52 41.65 32.29
CA GLY H 82 -16.46 42.70 32.64
C GLY H 82 -16.87 42.71 34.08
N GLN H 83 -16.57 41.64 34.82
CA GLN H 83 -16.99 41.52 36.21
C GLN H 83 -15.83 41.41 37.18
N GLY H 84 -14.69 40.88 36.74
CA GLY H 84 -13.59 40.61 37.65
C GLY H 84 -12.62 41.77 37.76
N LYS H 85 -11.96 41.83 38.91
CA LYS H 85 -10.90 42.81 39.14
C LYS H 85 -9.77 42.10 39.85
N TYR H 86 -8.54 42.33 39.38
CA TYR H 86 -7.32 41.85 40.00
C TYR H 86 -6.60 43.02 40.66
N PHE H 87 -5.91 42.74 41.76
CA PHE H 87 -5.28 43.83 42.50
C PHE H 87 -3.77 43.64 42.60
N PRO H 88 -3.01 44.74 42.66
CA PRO H 88 -1.54 44.63 42.72
C PRO H 88 -1.08 43.83 43.92
N VAL H 89 0.17 43.34 43.83
CA VAL H 89 0.75 42.58 44.93
C VAL H 89 0.82 43.44 46.18
N VAL H 90 0.40 42.90 47.32
CA VAL H 90 0.42 43.60 48.59
C VAL H 90 1.08 42.72 49.64
N GLU H 91 1.63 43.36 50.67
CA GLU H 91 2.37 42.63 51.69
C GLU H 91 1.44 42.01 52.74
N ASP H 92 0.29 42.61 52.96
CA ASP H 92 -0.65 42.06 53.94
C ASP H 92 -1.49 40.90 53.40
N LYS H 93 -0.96 40.07 52.50
CA LYS H 93 -1.83 39.07 51.87
C LYS H 93 -1.02 38.05 51.08
N LYS H 94 -1.58 36.84 51.01
CA LYS H 94 -1.06 35.76 50.17
C LYS H 94 -1.39 36.08 48.72
N ASN H 95 -0.37 36.36 47.90
CA ASN H 95 -0.56 36.89 46.55
C ASN H 95 -0.57 35.76 45.54
N ILE H 96 -1.77 35.34 45.12
CA ILE H 96 -1.96 34.32 44.10
C ILE H 96 -2.36 34.99 42.80
N ALA H 97 -1.61 34.77 41.73
CA ALA H 97 -2.01 35.31 40.45
C ALA H 97 -3.15 34.48 39.86
N SER H 98 -3.84 35.07 38.87
CA SER H 98 -4.99 34.39 38.29
C SER H 98 -4.59 33.08 37.63
N PHE H 99 -3.50 33.10 36.85
CA PHE H 99 -3.13 31.95 36.03
C PHE H 99 -2.69 30.75 36.87
N GLU H 100 -2.37 30.95 38.14
CA GLU H 100 -1.88 29.86 38.97
C GLU H 100 -2.83 29.51 40.10
N PHE H 101 -4.04 30.07 40.11
CA PHE H 101 -4.95 29.82 41.22
C PHE H 101 -5.33 28.34 41.30
N ILE H 102 -5.63 27.72 40.16
CA ILE H 102 -5.97 26.30 40.18
C ILE H 102 -4.78 25.49 40.66
N SER H 103 -3.60 25.74 40.09
CA SER H 103 -2.39 25.04 40.49
C SER H 103 -2.14 25.13 41.99
N TYR H 104 -2.10 26.35 42.54
CA TYR H 104 -1.79 26.50 43.95
C TYR H 104 -2.80 25.78 44.84
N ILE H 105 -4.09 25.98 44.57
CA ILE H 105 -5.13 25.40 45.43
C ILE H 105 -5.07 23.88 45.38
N LEU H 106 -4.98 23.30 44.19
CA LEU H 106 -4.96 21.85 44.10
C LEU H 106 -3.63 21.27 44.58
N ALA H 107 -2.57 22.08 44.58
CA ALA H 107 -1.30 21.61 45.09
C ALA H 107 -1.26 21.61 46.62
N THR H 108 -2.02 22.48 47.25
CA THR H 108 -1.87 22.77 48.67
C THR H 108 -2.98 22.23 49.56
N TYR H 109 -4.22 22.18 49.09
CA TYR H 109 -5.35 21.87 49.96
C TYR H 109 -6.08 20.61 49.53
N GLU H 110 -6.91 20.11 50.42
CA GLU H 110 -7.63 18.85 50.25
C GLU H 110 -9.14 19.01 50.15
N THR H 111 -9.74 19.89 50.95
CA THR H 111 -11.19 20.01 51.03
C THR H 111 -11.64 21.43 50.73
N VAL H 112 -12.95 21.59 50.54
CA VAL H 112 -13.49 22.91 50.27
C VAL H 112 -13.46 23.76 51.52
N ASP H 113 -13.86 23.19 52.67
CA ASP H 113 -13.77 23.94 53.91
C ASP H 113 -12.35 24.41 54.19
N GLN H 114 -11.35 23.60 53.81
CA GLN H 114 -9.95 24.03 53.92
C GLN H 114 -9.70 25.31 53.13
N VAL H 115 -10.16 25.34 51.88
CA VAL H 115 -9.93 26.49 51.00
C VAL H 115 -10.61 27.73 51.56
N LYS H 116 -11.80 27.56 52.15
CA LYS H 116 -12.50 28.68 52.78
C LYS H 116 -11.67 29.29 53.90
N GLU H 117 -11.41 28.49 54.94
CA GLU H 117 -10.57 28.89 56.06
C GLU H 117 -9.24 29.51 55.65
N ASN H 118 -8.78 29.27 54.42
CA ASN H 118 -7.47 29.71 53.98
C ASN H 118 -7.49 30.82 52.95
N LEU H 119 -8.66 31.18 52.42
CA LEU H 119 -8.72 32.29 51.50
C LEU H 119 -8.87 33.63 52.23
N THR H 120 -9.05 33.60 53.55
CA THR H 120 -9.32 34.80 54.30
C THR H 120 -8.17 35.80 54.24
N ASP H 121 -6.99 35.38 53.80
CA ASP H 121 -5.82 36.25 53.77
C ASP H 121 -5.21 36.29 52.38
N VAL H 122 -6.04 36.13 51.35
CA VAL H 122 -5.57 35.93 49.99
C VAL H 122 -5.93 37.16 49.16
N ASN H 123 -5.04 37.51 48.23
CA ASN H 123 -5.29 38.52 47.21
C ASN H 123 -5.04 37.88 45.85
N ILE H 124 -5.97 38.07 44.93
CA ILE H 124 -5.80 37.58 43.57
C ILE H 124 -5.05 38.66 42.81
N SER H 125 -3.74 38.46 42.64
CA SER H 125 -2.86 39.48 42.08
C SER H 125 -3.13 39.70 40.59
N ASP H 126 -2.75 40.87 40.09
CA ASP H 126 -2.84 41.18 38.68
C ASP H 126 -1.60 40.77 37.90
N VAL H 127 -0.85 39.78 38.40
CA VAL H 127 0.34 39.30 37.70
C VAL H 127 -0.07 38.50 36.47
N SER H 128 0.52 38.83 35.32
CA SER H 128 0.29 38.07 34.09
C SER H 128 1.36 36.99 33.92
N PHE H 129 1.20 36.17 32.89
CA PHE H 129 2.14 35.08 32.64
C PHE H 129 3.35 35.54 31.84
N SER H 130 3.12 35.97 30.60
CA SER H 130 4.15 36.52 29.73
C SER H 130 3.78 37.95 29.37
N LYS H 131 4.53 38.53 28.44
CA LYS H 131 4.01 39.70 27.75
C LYS H 131 3.10 39.27 26.62
N ASN H 132 3.32 38.06 26.10
CA ASN H 132 2.43 37.43 25.12
C ASN H 132 1.32 36.61 25.77
N THR H 133 1.21 36.63 27.10
CA THR H 133 0.16 35.90 27.82
C THR H 133 -0.37 36.74 28.99
N PRO H 134 -1.06 37.85 28.70
CA PRO H 134 -1.63 38.68 29.77
C PRO H 134 -2.88 38.03 30.34
N ALA H 135 -3.14 38.33 31.61
CA ALA H 135 -4.03 37.50 32.43
C ALA H 135 -5.48 37.71 32.02
N SER H 136 -6.13 36.64 31.60
CA SER H 136 -7.56 36.71 31.34
C SER H 136 -8.34 36.79 32.65
N GLU H 137 -9.56 37.29 32.57
CA GLU H 137 -10.38 37.49 33.76
C GLU H 137 -11.18 36.23 34.04
N LEU H 138 -11.14 35.77 35.30
CA LEU H 138 -11.73 34.49 35.66
C LEU H 138 -12.36 34.57 37.03
N HIS H 139 -13.25 33.61 37.28
CA HIS H 139 -13.66 33.24 38.62
C HIS H 139 -13.67 31.72 38.65
N TRP H 140 -13.75 31.16 39.85
CA TRP H 140 -13.50 29.74 40.04
C TRP H 140 -14.67 29.09 40.76
N LEU H 141 -14.95 27.85 40.40
CA LEU H 141 -15.81 26.96 41.16
C LEU H 141 -14.92 25.91 41.84
N VAL H 142 -15.13 25.70 43.13
CA VAL H 142 -14.32 24.77 43.91
C VAL H 142 -15.27 23.78 44.58
N GLY H 143 -15.15 22.50 44.21
CA GLY H 143 -15.92 21.45 44.84
C GLY H 143 -15.03 20.33 45.34
N ASP H 144 -15.61 19.49 46.20
CA ASP H 144 -14.92 18.31 46.72
C ASP H 144 -15.94 17.18 46.88
N LYS H 145 -15.51 16.06 47.46
CA LYS H 145 -16.32 14.85 47.57
C LYS H 145 -17.36 14.91 48.67
N THR H 146 -17.51 16.03 49.37
CA THR H 146 -18.66 16.17 50.27
C THR H 146 -19.93 16.49 49.52
N GLY H 147 -19.84 16.84 48.24
CA GLY H 147 -20.99 17.28 47.48
C GLY H 147 -21.30 18.76 47.64
N LYS H 148 -20.42 19.52 48.26
CA LYS H 148 -20.63 20.94 48.42
C LYS H 148 -19.60 21.67 47.57
N SER H 149 -19.86 22.94 47.30
CA SER H 149 -18.90 23.73 46.53
C SER H 149 -18.96 25.17 46.99
N ILE H 150 -17.98 25.94 46.53
CA ILE H 150 -17.90 27.38 46.79
C ILE H 150 -17.51 28.07 45.49
N VAL H 151 -17.83 29.35 45.41
CA VAL H 151 -17.51 30.19 44.25
C VAL H 151 -16.53 31.27 44.71
N VAL H 152 -15.48 31.48 43.94
CA VAL H 152 -14.42 32.41 44.30
C VAL H 152 -14.40 33.50 43.24
N GLU H 153 -14.69 34.73 43.67
CA GLU H 153 -14.78 35.87 42.77
C GLU H 153 -13.98 37.03 43.33
N SER H 154 -13.16 37.63 42.49
CA SER H 154 -12.48 38.89 42.80
C SER H 154 -13.04 39.95 41.87
N ASP H 155 -13.69 40.96 42.44
CA ASP H 155 -14.23 42.09 41.68
C ASP H 155 -13.84 43.41 42.32
N GLU H 156 -14.48 44.50 41.89
CA GLU H 156 -14.12 45.85 42.35
C GLU H 156 -14.04 45.92 43.87
N LYS H 157 -14.93 45.21 44.56
CA LYS H 157 -15.00 45.25 46.00
C LYS H 157 -14.15 44.17 46.67
N GLY H 158 -13.23 43.55 45.93
CA GLY H 158 -12.29 42.63 46.56
C GLY H 158 -12.54 41.16 46.32
N LEU H 159 -12.12 40.32 47.26
CA LEU H 159 -12.23 38.87 47.12
C LEU H 159 -13.46 38.38 47.86
N HIS H 160 -14.28 37.57 47.17
CA HIS H 160 -15.49 37.02 47.76
C HIS H 160 -15.50 35.51 47.58
N VAL H 161 -15.92 34.82 48.63
CA VAL H 161 -16.05 33.37 48.62
C VAL H 161 -17.48 33.07 49.05
N TYR H 162 -18.27 32.50 48.14
CA TYR H 162 -19.66 32.19 48.43
C TYR H 162 -19.85 30.68 48.50
N ASP H 163 -20.63 30.25 49.48
CA ASP H 163 -21.21 28.92 49.45
C ASP H 163 -22.12 28.78 48.24
N ASN H 164 -21.98 27.66 47.53
CA ASN H 164 -22.76 27.46 46.31
C ASN H 164 -23.85 26.43 46.50
N PRO H 165 -25.10 26.84 46.76
CA PRO H 165 -26.16 25.85 47.01
C PRO H 165 -26.57 25.02 45.79
N VAL H 166 -26.19 25.39 44.57
CA VAL H 166 -26.69 24.70 43.39
C VAL H 166 -25.61 23.97 42.61
N ASN H 167 -24.34 24.12 43.02
CA ASN H 167 -23.24 23.30 42.52
C ASN H 167 -23.04 23.49 41.01
N ALA H 168 -23.24 24.72 40.55
CA ALA H 168 -23.05 25.09 39.16
C ALA H 168 -22.51 26.51 39.09
N LEU H 169 -21.85 26.83 37.99
CA LEU H 169 -21.31 28.17 37.76
C LEU H 169 -21.22 28.41 36.26
N THR H 170 -21.45 29.64 35.85
CA THR H 170 -21.17 30.01 34.47
C THR H 170 -20.32 31.28 34.45
N ASN H 171 -20.84 32.34 33.84
CA ASN H 171 -20.04 33.54 33.63
C ASN H 171 -20.62 34.72 34.43
N ALA H 172 -20.78 35.89 33.81
CA ALA H 172 -21.41 37.03 34.50
C ALA H 172 -22.90 36.77 34.70
N PRO H 173 -23.55 37.48 35.63
CA PRO H 173 -23.04 38.54 36.53
C PRO H 173 -22.43 37.98 37.80
N LEU H 174 -22.32 38.83 38.80
CA LEU H 174 -21.81 38.43 40.11
C LEU H 174 -22.64 37.30 40.68
N PHE H 175 -21.99 36.42 41.44
CA PHE H 175 -22.66 35.19 41.85
C PHE H 175 -23.94 35.45 42.63
N PRO H 176 -24.02 36.43 43.55
CA PRO H 176 -25.31 36.69 44.19
C PRO H 176 -26.40 37.07 43.21
N GLN H 177 -26.06 37.71 42.08
CA GLN H 177 -27.07 38.03 41.09
C GLN H 177 -27.51 36.79 40.33
N GLN H 178 -26.58 35.86 40.09
CA GLN H 178 -26.96 34.59 39.47
C GLN H 178 -27.97 33.85 40.33
N LEU H 179 -27.72 33.79 41.64
CA LEU H 179 -28.63 33.12 42.56
C LEU H 179 -30.01 33.78 42.58
N THR H 180 -30.04 35.10 42.73
CA THR H 180 -31.32 35.81 42.74
C THR H 180 -32.13 35.49 41.49
N ASN H 181 -31.47 35.49 40.34
CA ASN H 181 -32.16 35.25 39.09
C ASN H 181 -32.82 33.87 39.07
N LEU H 182 -32.19 32.87 39.71
CA LEU H 182 -32.74 31.52 39.77
C LEU H 182 -34.16 31.52 40.30
N ALA H 183 -34.45 32.35 41.30
CA ALA H 183 -35.78 32.41 41.91
C ALA H 183 -36.86 32.87 40.94
N ASN H 184 -36.49 33.55 39.85
CA ASN H 184 -37.47 33.90 38.84
C ASN H 184 -38.09 32.66 38.18
N TYR H 185 -37.51 31.48 38.37
CA TYR H 185 -37.92 30.24 37.71
C TYR H 185 -38.53 29.27 38.71
N ALA H 186 -38.90 29.79 39.87
CA ALA H 186 -39.44 28.98 40.95
C ALA H 186 -40.65 28.14 40.55
N ALA H 187 -41.38 28.52 39.49
CA ALA H 187 -42.60 27.82 39.12
C ALA H 187 -42.37 26.71 38.09
N VAL H 188 -41.17 26.58 37.55
CA VAL H 188 -40.87 25.54 36.58
C VAL H 188 -40.95 24.17 37.25
N VAL H 189 -41.53 23.20 36.55
CA VAL H 189 -41.56 21.81 37.02
C VAL H 189 -41.32 20.89 35.84
N PRO H 190 -40.73 19.72 36.10
CA PRO H 190 -40.45 18.80 34.98
C PRO H 190 -41.70 18.22 34.32
N GLY H 191 -42.81 18.15 35.03
CA GLY H 191 -44.00 17.55 34.48
C GLY H 191 -45.04 18.57 34.09
N GLN H 192 -46.31 18.24 34.33
CA GLN H 192 -47.37 19.19 34.13
C GLN H 192 -47.72 19.88 35.44
N PRO H 193 -47.90 21.19 35.47
CA PRO H 193 -48.29 21.85 36.71
C PRO H 193 -49.77 21.68 36.95
N ASN H 194 -50.15 21.85 38.21
CA ASN H 194 -51.56 21.96 38.53
C ASN H 194 -52.08 23.27 37.96
N ASN H 195 -53.35 23.28 37.53
CA ASN H 195 -53.91 24.50 36.96
C ASN H 195 -54.38 25.43 38.08
N ASP H 196 -53.44 26.19 38.62
CA ASP H 196 -53.78 27.37 39.41
C ASP H 196 -53.61 28.66 38.61
N PHE H 197 -53.38 28.54 37.30
CA PHE H 197 -53.31 29.69 36.40
C PHE H 197 -54.70 30.25 36.13
N LEU H 198 -55.59 29.42 35.58
CA LEU H 198 -56.98 29.78 35.29
C LEU H 198 -57.86 28.71 35.91
N PRO H 199 -58.05 28.75 37.22
CA PRO H 199 -58.90 27.75 37.88
C PRO H 199 -60.31 27.81 37.29
N GLY H 200 -60.90 26.64 37.09
CA GLY H 200 -62.22 26.54 36.52
C GLY H 200 -62.23 26.39 35.03
N VAL H 201 -61.08 26.45 34.39
CA VAL H 201 -60.94 26.32 32.96
C VAL H 201 -60.08 25.10 32.67
N ASP H 202 -60.54 24.28 31.74
CA ASP H 202 -59.79 23.10 31.30
C ASP H 202 -58.84 23.53 30.19
N LEU H 203 -57.54 23.52 30.46
CA LEU H 203 -56.55 23.94 29.47
C LEU H 203 -56.15 22.80 28.55
N LYS H 204 -55.76 23.15 27.33
CA LYS H 204 -55.32 22.18 26.34
C LYS H 204 -53.89 21.77 26.67
N MET H 205 -53.74 20.83 27.60
CA MET H 205 -52.39 20.35 27.93
C MET H 205 -51.89 19.50 26.76
N TYR H 206 -51.50 20.19 25.69
CA TYR H 206 -51.29 19.59 24.38
C TYR H 206 -49.90 18.98 24.23
N SER H 207 -48.98 19.24 25.16
CA SER H 207 -47.64 18.72 25.07
C SER H 207 -47.23 18.22 26.45
N ARG H 208 -46.30 17.28 26.45
CA ARG H 208 -45.64 16.91 27.69
C ARG H 208 -44.75 18.04 28.16
N SER H 209 -44.43 18.00 29.46
CA SER H 209 -43.50 18.91 30.11
C SER H 209 -43.82 20.37 29.84
N LEU H 210 -45.11 20.72 29.87
CA LEU H 210 -45.47 22.13 29.79
C LEU H 210 -44.97 22.92 31.00
N GLY H 211 -44.64 22.23 32.08
CA GLY H 211 -43.97 22.89 33.19
C GLY H 211 -42.58 23.39 32.89
N THR H 212 -41.97 23.01 31.77
CA THR H 212 -40.67 23.59 31.40
C THR H 212 -40.78 24.60 30.27
N HIS H 213 -41.99 25.07 29.96
CA HIS H 213 -42.14 25.96 28.81
C HIS H 213 -41.27 27.21 28.93
N HIS H 214 -41.06 27.71 30.16
CA HIS H 214 -40.24 28.90 30.33
C HIS H 214 -38.82 28.60 30.78
N LEU H 215 -38.38 27.35 30.70
CA LEU H 215 -37.00 27.04 31.03
C LEU H 215 -36.07 27.65 29.97
N PRO H 216 -35.05 28.40 30.38
CA PRO H 216 -34.19 29.10 29.41
C PRO H 216 -33.38 28.16 28.53
N GLY H 217 -33.34 28.46 27.22
CA GLY H 217 -32.50 27.69 26.31
C GLY H 217 -31.37 28.44 25.63
N GLY H 218 -31.18 29.71 25.97
CA GLY H 218 -30.22 30.54 25.27
C GLY H 218 -28.79 30.18 25.60
N MET H 219 -27.90 30.86 24.89
CA MET H 219 -26.47 30.62 24.99
C MET H 219 -25.79 31.58 25.96
N ASP H 220 -26.53 32.55 26.47
CA ASP H 220 -25.97 33.55 27.37
C ASP H 220 -25.78 32.97 28.76
N SER H 221 -25.01 33.69 29.57
CA SER H 221 -24.49 33.15 30.82
C SER H 221 -25.62 32.82 31.80
N GLU H 222 -26.64 33.66 31.86
CA GLU H 222 -27.74 33.45 32.80
C GLU H 222 -28.65 32.30 32.39
N SER H 223 -28.94 32.17 31.09
CA SER H 223 -29.77 31.05 30.64
C SER H 223 -29.10 29.70 30.95
N ARG H 224 -27.84 29.56 30.55
CA ARG H 224 -27.15 28.28 30.77
C ARG H 224 -27.07 27.95 32.25
N PHE H 225 -26.86 28.97 33.10
CA PHE H 225 -26.83 28.74 34.54
C PHE H 225 -28.14 28.18 35.06
N VAL H 226 -29.27 28.79 34.63
CA VAL H 226 -30.57 28.36 35.13
C VAL H 226 -30.90 26.95 34.64
N LYS H 227 -30.68 26.70 33.35
CA LYS H 227 -30.99 25.36 32.81
C LYS H 227 -30.08 24.29 33.42
N VAL H 228 -28.79 24.56 33.57
CA VAL H 228 -27.93 23.49 34.07
C VAL H 228 -28.19 23.22 35.54
N CYS H 229 -28.59 24.24 36.31
CA CYS H 229 -29.01 24.00 37.69
C CYS H 229 -30.18 23.02 37.72
N PHE H 230 -31.15 23.25 36.83
CA PHE H 230 -32.32 22.37 36.70
C PHE H 230 -31.90 20.98 36.26
N ALA H 231 -31.09 20.88 35.22
CA ALA H 231 -30.66 19.58 34.71
C ALA H 231 -29.85 18.82 35.74
N LEU H 232 -28.93 19.51 36.41
CA LEU H 232 -28.14 18.87 37.46
C LEU H 232 -29.04 18.37 38.59
N ASN H 233 -30.02 19.19 39.00
CA ASN H 233 -30.84 18.86 40.16
C ASN H 233 -31.72 17.64 39.90
N HIS H 234 -32.22 17.47 38.70
CA HIS H 234 -33.19 16.42 38.46
C HIS H 234 -32.56 15.16 37.89
N ALA H 235 -31.23 15.17 37.72
CA ALA H 235 -30.53 14.06 37.11
C ALA H 235 -30.67 12.80 37.96
N PRO H 236 -30.41 11.63 37.39
CA PRO H 236 -30.53 10.41 38.19
C PRO H 236 -29.50 10.36 39.32
N LYS H 237 -29.86 9.63 40.38
CA LYS H 237 -29.03 9.35 41.54
C LYS H 237 -28.70 7.87 41.61
N ASP H 238 -27.76 7.52 42.50
CA ASP H 238 -27.44 6.13 42.87
C ASP H 238 -27.01 5.27 41.68
N SER H 239 -26.01 5.75 40.95
CA SER H 239 -25.58 5.10 39.73
C SER H 239 -24.11 4.74 39.83
N ASP H 240 -23.74 3.63 39.17
CA ASP H 240 -22.36 3.16 39.12
C ASP H 240 -21.57 4.03 38.15
N GLU H 241 -20.33 3.64 37.86
CA GLU H 241 -19.41 4.58 37.24
C GLU H 241 -19.86 4.99 35.84
N VAL H 242 -20.22 4.03 35.01
CA VAL H 242 -20.48 4.35 33.60
C VAL H 242 -21.81 5.06 33.44
N GLU H 243 -22.83 4.62 34.17
CA GLU H 243 -24.10 5.34 34.15
C GLU H 243 -23.91 6.79 34.60
N SER H 244 -23.17 6.98 35.70
CA SER H 244 -22.96 8.31 36.26
C SER H 244 -22.27 9.24 35.27
N VAL H 245 -21.23 8.74 34.61
CA VAL H 245 -20.51 9.57 33.65
C VAL H 245 -21.42 9.91 32.47
N THR H 246 -22.26 8.97 32.08
CA THR H 246 -23.11 9.16 30.90
C THR H 246 -24.12 10.28 31.13
N ASN H 247 -24.82 10.24 32.26
CA ASN H 247 -25.71 11.33 32.62
C ASN H 247 -24.97 12.65 32.73
N PHE H 248 -23.76 12.63 33.31
CA PHE H 248 -22.97 13.84 33.46
C PHE H 248 -22.80 14.56 32.14
N PHE H 249 -22.37 13.83 31.10
CA PHE H 249 -22.21 14.47 29.80
C PHE H 249 -23.54 14.94 29.26
N HIS H 250 -24.63 14.21 29.54
CA HIS H 250 -25.93 14.66 29.09
C HIS H 250 -26.34 15.97 29.78
N ILE H 251 -26.07 16.10 31.08
CA ILE H 251 -26.34 17.37 31.77
C ILE H 251 -25.68 18.53 31.03
N LEU H 252 -24.38 18.41 30.75
CA LEU H 252 -23.68 19.51 30.10
C LEU H 252 -24.01 19.62 28.62
N GLN H 253 -24.46 18.54 27.99
CA GLN H 253 -24.91 18.66 26.60
C GLN H 253 -26.17 19.49 26.51
N SER H 254 -26.97 19.49 27.56
CA SER H 254 -28.21 20.25 27.53
C SER H 254 -27.96 21.76 27.47
N VAL H 255 -26.78 22.26 27.87
CA VAL H 255 -26.47 23.68 27.76
C VAL H 255 -25.24 23.91 26.88
N GLU H 256 -25.05 23.05 25.88
CA GLU H 256 -23.94 23.22 24.97
C GLU H 256 -24.25 24.28 23.91
N GLN H 257 -23.19 24.86 23.36
CA GLN H 257 -23.32 25.91 22.35
C GLN H 257 -22.94 25.32 21.01
N VAL H 258 -23.92 25.18 20.14
CA VAL H 258 -23.69 24.71 18.79
C VAL H 258 -23.08 25.83 17.96
N LYS H 259 -22.26 25.46 16.98
CA LYS H 259 -21.66 26.41 16.08
C LYS H 259 -22.73 27.19 15.34
N GLY H 260 -22.68 28.52 15.44
CA GLY H 260 -23.63 29.38 14.77
C GLY H 260 -24.64 30.05 15.69
N MET H 261 -24.84 29.51 16.90
CA MET H 261 -25.84 30.03 17.82
C MET H 261 -25.34 31.14 18.74
N ASP H 262 -24.03 31.27 18.95
CA ASP H 262 -23.48 32.31 19.83
C ASP H 262 -22.47 33.11 19.01
N GLU H 263 -22.87 34.30 18.57
CA GLU H 263 -22.05 35.10 17.66
C GLU H 263 -21.27 36.14 18.46
N VAL H 264 -19.95 36.10 18.33
CA VAL H 264 -19.08 37.00 19.08
C VAL H 264 -18.22 37.88 18.17
N GLY H 265 -18.26 37.65 16.87
CA GLY H 265 -17.64 38.52 15.90
C GLY H 265 -18.27 38.24 14.56
N PRO H 266 -17.91 38.99 13.53
CA PRO H 266 -18.42 38.68 12.18
C PRO H 266 -18.03 37.27 11.74
N ASN H 267 -19.03 36.40 11.58
CA ASN H 267 -18.82 34.98 11.21
C ASN H 267 -17.83 34.28 12.13
N ILE H 268 -17.83 34.66 13.42
CA ILE H 268 -17.00 34.07 14.46
C ILE H 268 -17.92 33.66 15.61
N PHE H 269 -17.74 32.44 16.12
CA PHE H 269 -18.71 31.84 17.04
C PHE H 269 -18.07 31.17 18.25
N GLU H 270 -18.66 31.39 19.41
CA GLU H 270 -18.33 30.66 20.62
C GLU H 270 -19.13 29.36 20.62
N TYR H 271 -18.42 28.23 20.77
CA TYR H 271 -19.05 26.91 20.76
C TYR H 271 -18.35 26.04 21.78
N THR H 272 -19.01 24.93 22.14
CA THR H 272 -18.48 24.02 23.15
C THR H 272 -17.29 23.27 22.57
N MET H 273 -16.09 23.64 23.00
CA MET H 273 -14.89 23.07 22.39
C MET H 273 -14.59 21.68 22.94
N TYR H 274 -14.64 21.53 24.26
CA TYR H 274 -14.47 20.25 24.91
C TYR H 274 -15.39 20.20 26.12
N THR H 275 -15.61 18.98 26.60
CA THR H 275 -16.40 18.71 27.80
C THR H 275 -15.60 17.75 28.67
N SER H 276 -15.37 18.13 29.91
CA SER H 276 -14.50 17.39 30.81
C SER H 276 -15.30 16.92 32.02
N CYS H 277 -14.92 15.76 32.54
CA CYS H 277 -15.66 15.10 33.61
C CYS H 277 -14.66 14.32 34.44
N MET H 278 -14.60 14.60 35.73
CA MET H 278 -13.52 14.11 36.56
C MET H 278 -14.10 13.46 37.80
N ASN H 279 -13.89 12.16 37.95
CA ASN H 279 -14.31 11.44 39.14
C ASN H 279 -13.41 11.82 40.31
N LEU H 280 -13.99 12.40 41.36
CA LEU H 280 -13.17 12.90 42.45
C LEU H 280 -12.51 11.75 43.22
N GLU H 281 -13.23 10.64 43.41
CA GLU H 281 -12.71 9.53 44.20
C GLU H 281 -11.63 8.75 43.46
N LYS H 282 -11.80 8.57 42.15
CA LYS H 282 -10.97 7.66 41.38
C LYS H 282 -9.89 8.36 40.56
N GLY H 283 -9.85 9.68 40.56
CA GLY H 283 -8.81 10.37 39.81
C GLY H 283 -8.82 10.10 38.32
N ILE H 284 -9.98 9.77 37.75
CA ILE H 284 -10.13 9.55 36.30
C ILE H 284 -10.65 10.83 35.65
N LEU H 285 -10.14 11.14 34.46
CA LEU H 285 -10.64 12.24 33.67
C LEU H 285 -11.29 11.69 32.40
N TYR H 286 -12.62 11.74 32.34
CA TYR H 286 -13.37 11.47 31.12
C TYR H 286 -13.57 12.76 30.35
N PHE H 287 -13.45 12.69 29.02
CA PHE H 287 -13.61 13.88 28.21
C PHE H 287 -14.07 13.52 26.82
N ASN H 288 -14.66 14.50 26.13
CA ASN H 288 -14.77 14.49 24.66
C ASN H 288 -14.63 15.94 24.19
N CYS H 289 -14.96 16.17 22.92
CA CYS H 289 -14.73 17.48 22.32
C CYS H 289 -15.72 17.68 21.19
N TYR H 290 -15.74 18.89 20.62
CA TYR H 290 -16.77 19.21 19.65
C TYR H 290 -16.72 18.24 18.47
N ASP H 291 -15.52 17.82 18.09
CA ASP H 291 -15.39 17.04 16.88
C ASP H 291 -15.45 15.55 17.12
N ASP H 292 -15.29 15.09 18.35
CA ASP H 292 -15.32 13.66 18.68
C ASP H 292 -16.28 13.46 19.84
N SER H 293 -17.41 12.80 19.58
CA SER H 293 -18.41 12.61 20.63
C SER H 293 -18.11 11.39 21.52
N ARG H 294 -17.27 10.46 21.07
CA ARG H 294 -16.90 9.33 21.91
C ARG H 294 -16.14 9.81 23.14
N ILE H 295 -16.46 9.24 24.29
CA ILE H 295 -15.81 9.60 25.56
C ILE H 295 -14.47 8.87 25.68
N SER H 296 -13.39 9.63 25.87
CA SER H 296 -12.09 9.13 26.25
C SER H 296 -11.84 9.35 27.73
N ALA H 297 -10.88 8.61 28.26
CA ALA H 297 -10.57 8.61 29.69
C ALA H 297 -9.07 8.57 29.90
N VAL H 298 -8.62 9.21 30.98
CA VAL H 298 -7.22 9.18 31.42
C VAL H 298 -7.22 9.00 32.93
N ASP H 299 -6.66 7.89 33.40
CA ASP H 299 -6.59 7.64 34.84
C ASP H 299 -5.29 8.22 35.39
N MET H 300 -5.41 9.16 36.33
CA MET H 300 -4.24 9.73 37.00
C MET H 300 -3.38 8.65 37.64
N ASN H 301 -4.00 7.58 38.13
CA ASN H 301 -3.30 6.60 38.94
C ASN H 301 -2.66 5.49 38.11
N LYS H 302 -2.90 5.44 36.81
CA LYS H 302 -2.14 4.56 35.94
C LYS H 302 -0.86 5.28 35.53
N GLU H 303 -0.41 6.23 36.35
CA GLU H 303 0.88 6.90 36.15
C GLU H 303 1.64 6.91 37.46
N ASP H 304 2.90 7.36 37.38
CA ASP H 304 3.77 7.44 38.54
C ASP H 304 3.63 8.82 39.16
N LEU H 305 2.78 8.93 40.18
CA LEU H 305 2.47 10.23 40.75
C LEU H 305 3.69 10.89 41.39
N SER H 306 4.72 10.12 41.73
CA SER H 306 5.91 10.70 42.35
C SER H 306 6.97 11.11 41.35
N SER H 307 6.67 11.07 40.04
CA SER H 307 7.58 11.58 39.04
C SER H 307 7.68 13.10 39.15
N SER H 308 8.32 13.73 38.18
CA SER H 308 8.55 15.16 38.26
C SER H 308 8.42 15.89 36.93
N ASP H 309 8.11 15.20 35.85
CA ASP H 309 7.80 15.86 34.60
C ASP H 309 6.30 15.81 34.36
N LEU H 310 5.82 16.67 33.47
CA LEU H 310 4.41 16.67 33.14
C LEU H 310 4.10 15.50 32.21
N ILE H 311 2.95 14.87 32.43
CA ILE H 311 2.43 13.83 31.54
C ILE H 311 1.26 14.43 30.76
N VAL H 312 1.29 14.26 29.44
CA VAL H 312 0.46 15.02 28.52
C VAL H 312 -0.23 14.08 27.54
N PHE H 313 -1.49 14.38 27.19
CA PHE H 313 -2.28 13.59 26.25
C PHE H 313 -3.14 14.51 25.39
N ASP H 314 -3.43 14.05 24.17
CA ASP H 314 -4.29 14.80 23.27
C ASP H 314 -5.67 14.95 23.88
N LEU H 315 -6.30 16.10 23.63
CA LEU H 315 -7.67 16.39 24.04
C LEU H 315 -8.60 16.44 22.86
N PHE H 316 -8.23 17.17 21.81
CA PHE H 316 -9.04 17.28 20.61
C PHE H 316 -8.69 16.12 19.67
N LYS H 317 -9.71 15.36 19.29
CA LYS H 317 -9.54 14.18 18.46
C LYS H 317 -10.54 14.24 17.32
N LYS H 318 -10.28 13.43 16.30
CA LYS H 318 -11.19 13.31 15.17
C LYS H 318 -12.42 12.51 15.60
N GLN H 319 -13.47 12.59 14.79
CA GLN H 319 -14.69 11.85 15.09
C GLN H 319 -14.44 10.36 14.97
N ASP H 320 -14.61 9.64 16.08
CA ASP H 320 -14.27 8.21 16.17
C ASP H 320 -15.50 7.37 15.84
N ILE H 321 -15.77 7.26 14.54
CA ILE H 321 -16.99 6.58 14.08
C ILE H 321 -16.74 5.08 14.02
N SER H 322 -17.69 4.31 14.55
CA SER H 322 -17.63 2.85 14.56
C SER H 322 -18.49 2.34 13.41
N PHE H 323 -17.85 1.80 12.38
CA PHE H 323 -18.58 1.28 11.24
C PHE H 323 -19.00 -0.17 11.51
N ILE H 324 -20.25 -0.48 11.14
CA ILE H 324 -20.85 -1.76 11.52
C ILE H 324 -20.86 -2.77 10.37
N ASN H 325 -20.56 -2.36 9.14
CA ASN H 325 -20.48 -3.31 8.03
C ASN H 325 -19.57 -2.80 6.91
#